data_5L5G
#
_entry.id   5L5G
#
_cell.length_a   238.400
_cell.length_b   238.400
_cell.length_c   642.180
_cell.angle_alpha   90.00
_cell.angle_beta   90.00
_cell.angle_gamma   120.00
#
_symmetry.space_group_name_H-M   'P 32 2 1'
#
_entity_poly.entity_id   1
_entity_poly.type   'polypeptide(L)'
_entity_poly.pdbx_seq_one_letter_code
;ETGMPQYSTFHSENRDWTFNHLTVHRRTGAVYVGAINRVYKLTGNLTIQVAHKTGPEEDNKACYPPLIVQPCSEVLTLTN
NVNKLLIIDYSENRLLACGSLYQGVCKLLRLDDLFILVEPSHKKEHYLSSVNKTGTMYGVIVRSEGEDGKLFIGTAVDGK
QDYFPTLSSRKLPRDPESSAMLDYELHSDFVSSLIKIPSDTLALVSHFDIFYIYGFASGGFVYFLTVQPETPDGMAINSA
GDLFYTSRIVRLCKDDPKFHSYVSLPFGCTRAGVEYRLLQAAYLAKPGEALAQAFNISSDEDVLFAIFSKGQKQYHHPPD
DSALCAFPIRAINLQIKERLQSCYHGEGNLELNWLLGKDVQCTKAPVPIDDNFCGLDINQPLGGSTPVEGLTLYTTSRDR
LTSVASYVYNGYSVVFVGTKSGKLKKIRADGPPHGGVQYEMVSVFKDGSPILRDMAFSINQLYLYVMSERQVTRVPVESC
EQYTTCGECLSSGDPHCGWCALHNMCSRRDKCQRAWEANRFAASISQCMSLEVHPNSISVSDHSRLLSLVVNDAPNLSEG
IACAFGNLTEVEGQVSGSQVICISPGPKDVPVIPLDQDWFGLELQLRSKETGKIFVSTEFKFYNCSAHQLCLSCVNSAFR
CHWCKYRNLCTHDPTTCSFQEGRINVSEDCPQLVPTEEILIPVGEVKPITLKARNLPQPQSGQRGYECVLSIQGAVHRVP
ALRFNSSSVQCQNSSYQYDGMDISNLAVDFAVVWNGNFIIDNPQDLKVHLYKCAAQRESCGLCLKADHKFECGWCSGERR
CTLHQHCPSTSSPWLDWSSHNVKCSNPQITEILTVSGPPEGGTRVTIHGVNLGLDFSEIAHHVQVAGVPCTPIPGEYIIA
EQIVCEMGHAVIGTTSGPVRLCIGECKPEFMTKSHQQYTFVNPSVLSLSPIRGPESGGTMVTITGHYLGAGSSVAVYLGN
QTCEFYGRSMNEIVCVSPPSSNGLGPVPVSVSVDRARVDSSLQFEYIDDPRVQRIEPEWSITSGHTPLTITGFNLDVIQE
PRVRVKFNGKESVNVCTVVNTTTLTCLAPSLTSDYRPGLDTVERPDEFGFLFNNVQSLLIYNDTKFIYYPNPTFELLSPT
GILDQKPGSPIILKGKNLCPPASGGAKLNYTVMIGETPCTVTVSETQLLCEPPNLTGQHKVMVHVGGMVFSPGSVSVISD
GGSRTKHHHHHH
;
_entity_poly.pdbx_strand_id   A,B,C,D
#
# COMPACT_ATOMS: atom_id res chain seq x y z
N PRO A 5 16.47 42.26 -15.76
CA PRO A 5 15.40 41.40 -15.24
C PRO A 5 14.75 40.55 -16.32
N GLN A 6 15.45 40.33 -17.44
CA GLN A 6 14.84 39.69 -18.60
C GLN A 6 15.29 38.24 -18.83
N TYR A 7 14.32 37.33 -18.82
CA TYR A 7 14.57 35.91 -19.01
C TYR A 7 14.68 35.54 -20.48
N SER A 8 15.31 34.39 -20.76
CA SER A 8 15.35 33.85 -22.12
C SER A 8 13.95 33.54 -22.61
N THR A 9 13.64 33.96 -23.84
CA THR A 9 12.28 33.79 -24.38
C THR A 9 12.26 33.42 -25.87
N PHE A 10 11.20 32.76 -26.29
CA PHE A 10 10.99 32.41 -27.69
C PHE A 10 9.56 32.76 -28.13
N HIS A 11 9.44 33.49 -29.24
CA HIS A 11 8.14 33.92 -29.74
C HIS A 11 7.64 33.08 -30.92
N SER A 12 6.34 32.95 -31.05
CA SER A 12 5.74 32.25 -32.18
C SER A 12 5.97 33.02 -33.48
N GLU A 13 6.22 32.29 -34.57
CA GLU A 13 6.48 32.90 -35.87
C GLU A 13 5.32 33.78 -36.34
N ASN A 14 4.15 33.58 -35.75
CA ASN A 14 2.94 34.24 -36.22
C ASN A 14 1.90 34.34 -35.12
N ARG A 15 1.09 35.40 -35.16
CA ARG A 15 0.15 35.71 -34.08
C ARG A 15 -0.99 34.69 -33.95
N ASP A 16 -1.17 33.86 -34.97
CA ASP A 16 -2.25 32.87 -34.97
C ASP A 16 -1.71 31.47 -34.77
N TRP A 17 -0.40 31.31 -34.93
CA TRP A 17 0.24 30.01 -34.78
C TRP A 17 0.61 29.78 -33.32
N THR A 18 -0.42 29.61 -32.49
CA THR A 18 -0.24 29.56 -31.05
C THR A 18 0.47 28.30 -30.56
N PHE A 19 1.17 28.42 -29.44
CA PHE A 19 1.85 27.28 -28.83
C PHE A 19 0.85 26.36 -28.13
N ASN A 20 1.16 25.07 -28.14
CA ASN A 20 0.21 24.07 -27.63
C ASN A 20 0.78 23.21 -26.51
N HIS A 21 1.96 22.65 -26.75
CA HIS A 21 2.57 21.74 -25.79
C HIS A 21 4.07 21.95 -25.74
N LEU A 22 4.69 21.43 -24.68
CA LEU A 22 6.11 21.64 -24.45
C LEU A 22 6.71 20.48 -23.65
N THR A 23 7.90 20.05 -24.07
CA THR A 23 8.58 18.96 -23.40
C THR A 23 10.09 19.18 -23.50
N VAL A 24 10.82 18.77 -22.46
CA VAL A 24 12.27 18.94 -22.42
C VAL A 24 12.96 17.59 -22.33
N HIS A 25 13.95 17.35 -23.19
CA HIS A 25 14.64 16.07 -23.17
C HIS A 25 15.50 15.95 -21.91
N ARG A 26 15.11 15.03 -21.02
CA ARG A 26 15.73 14.89 -19.71
C ARG A 26 17.25 14.82 -19.78
N ARG A 27 17.77 14.21 -20.83
CA ARG A 27 19.21 14.00 -20.93
C ARG A 27 19.94 15.10 -21.70
N THR A 28 19.34 15.58 -22.79
CA THR A 28 20.01 16.56 -23.63
C THR A 28 19.71 18.00 -23.22
N GLY A 29 18.56 18.21 -22.60
CA GLY A 29 18.12 19.56 -22.27
C GLY A 29 17.46 20.22 -23.46
N ALA A 30 17.42 19.50 -24.59
CA ALA A 30 16.74 20.00 -25.77
C ALA A 30 15.28 20.34 -25.44
N VAL A 31 14.82 21.46 -25.96
CA VAL A 31 13.47 21.92 -25.69
C VAL A 31 12.59 21.77 -26.93
N TYR A 32 11.51 21.01 -26.81
CA TYR A 32 10.60 20.79 -27.95
C TYR A 32 9.25 21.44 -27.71
N VAL A 33 8.84 22.27 -28.67
CA VAL A 33 7.59 23.01 -28.56
C VAL A 33 6.60 22.57 -29.63
N GLY A 34 5.43 22.11 -29.20
CA GLY A 34 4.38 21.72 -30.12
C GLY A 34 3.46 22.89 -30.37
N ALA A 35 3.46 23.38 -31.61
CA ALA A 35 2.71 24.58 -31.95
C ALA A 35 1.85 24.39 -33.20
N ILE A 36 0.94 25.32 -33.41
CA ILE A 36 0.14 25.32 -34.62
C ILE A 36 1.04 25.45 -35.84
N ASN A 37 0.91 24.50 -36.77
CA ASN A 37 1.66 24.50 -38.02
C ASN A 37 3.17 24.30 -37.86
N ARG A 38 3.64 24.13 -36.63
CA ARG A 38 5.07 23.97 -36.37
C ARG A 38 5.40 23.05 -35.20
N VAL A 39 6.48 22.30 -35.35
CA VAL A 39 7.12 21.63 -34.23
C VAL A 39 8.53 22.20 -34.13
N TYR A 40 8.86 22.80 -32.99
CA TYR A 40 10.17 23.43 -32.82
C TYR A 40 11.11 22.64 -31.93
N LYS A 41 12.38 22.59 -32.33
CA LYS A 41 13.44 22.11 -31.46
C LYS A 41 14.31 23.32 -31.09
N LEU A 42 14.53 23.52 -29.79
CA LEU A 42 15.34 24.66 -29.33
C LEU A 42 16.43 24.26 -28.35
N THR A 43 17.43 25.13 -28.23
CA THR A 43 18.51 24.95 -27.27
C THR A 43 18.04 25.32 -25.88
N GLY A 44 18.87 25.04 -24.88
CA GLY A 44 18.53 25.37 -23.51
C GLY A 44 18.08 26.80 -23.34
N ASN A 45 18.76 27.73 -24.01
CA ASN A 45 18.43 29.15 -23.89
C ASN A 45 17.40 29.60 -24.92
N LEU A 46 16.72 28.63 -25.52
CA LEU A 46 15.61 28.89 -26.43
C LEU A 46 16.04 29.51 -27.76
N THR A 47 17.13 28.99 -28.31
CA THR A 47 17.56 29.35 -29.66
C THR A 47 17.09 28.27 -30.61
N ILE A 48 16.26 28.64 -31.59
CA ILE A 48 15.68 27.64 -32.49
C ILE A 48 16.74 26.92 -33.31
N GLN A 49 16.66 25.60 -33.36
CA GLN A 49 17.57 24.80 -34.17
C GLN A 49 16.84 24.21 -35.38
N VAL A 50 15.70 23.58 -35.13
CA VAL A 50 14.88 23.05 -36.22
C VAL A 50 13.44 23.54 -36.12
N ALA A 51 12.89 23.96 -37.25
CA ALA A 51 11.49 24.31 -37.33
C ALA A 51 10.78 23.36 -38.29
N HIS A 52 10.16 22.31 -37.74
CA HIS A 52 9.46 21.34 -38.57
C HIS A 52 8.04 21.82 -38.91
N LYS A 53 7.74 21.88 -40.19
CA LYS A 53 6.45 22.37 -40.66
C LYS A 53 5.41 21.26 -40.68
N THR A 54 4.20 21.58 -40.24
CA THR A 54 3.13 20.59 -40.15
C THR A 54 1.85 21.13 -40.79
N GLY A 55 1.89 22.38 -41.22
CA GLY A 55 0.76 23.03 -41.85
C GLY A 55 1.10 24.44 -42.26
N PRO A 56 0.10 25.22 -42.71
CA PRO A 56 -1.30 24.77 -42.87
C PRO A 56 -1.48 23.93 -44.12
N GLU A 57 -2.62 23.26 -44.21
CA GLU A 57 -3.00 22.51 -45.40
C GLU A 57 -4.50 22.62 -45.61
N GLU A 58 -4.90 22.58 -46.88
CA GLU A 58 -6.30 22.57 -47.24
C GLU A 58 -6.96 21.35 -46.63
N ASP A 59 -8.11 21.55 -46.00
CA ASP A 59 -8.81 20.46 -45.34
C ASP A 59 -10.25 20.85 -45.03
N ASN A 60 -11.00 19.87 -44.53
CA ASN A 60 -12.36 20.09 -44.07
C ASN A 60 -12.63 18.98 -43.06
N LYS A 61 -13.16 19.33 -41.89
CA LYS A 61 -13.38 18.32 -40.86
C LYS A 61 -14.48 17.32 -41.24
N ALA A 62 -15.32 17.71 -42.20
CA ALA A 62 -16.35 16.82 -42.73
C ALA A 62 -15.74 15.72 -43.60
N CYS A 63 -14.48 15.91 -43.99
CA CYS A 63 -13.81 14.96 -44.87
C CYS A 63 -13.30 13.74 -44.11
N TYR A 64 -14.09 12.67 -44.14
CA TYR A 64 -13.69 11.41 -43.50
C TYR A 64 -14.11 10.23 -44.35
N PRO A 65 -13.16 9.32 -44.64
CA PRO A 65 -11.73 9.37 -44.28
C PRO A 65 -11.05 10.63 -44.82
N PRO A 66 -9.86 10.94 -44.29
CA PRO A 66 -9.11 12.16 -44.63
C PRO A 66 -8.75 12.24 -46.11
N LEU A 67 -8.28 13.41 -46.53
CA LEU A 67 -7.84 13.64 -47.91
C LEU A 67 -6.70 12.72 -48.31
N ILE A 68 -5.91 12.29 -47.35
CA ILE A 68 -4.76 11.43 -47.63
C ILE A 68 -5.18 9.98 -47.81
N VAL A 69 -6.47 9.70 -47.66
CA VAL A 69 -7.01 8.36 -47.85
C VAL A 69 -8.07 8.35 -48.95
N GLN A 70 -8.86 9.42 -48.99
CA GLN A 70 -9.96 9.55 -49.93
C GLN A 70 -10.02 10.96 -50.49
N PRO A 71 -10.42 11.09 -51.76
CA PRO A 71 -10.76 12.40 -52.30
C PRO A 71 -12.03 12.88 -51.62
N CYS A 72 -12.15 14.18 -51.36
CA CYS A 72 -13.33 14.70 -50.69
C CYS A 72 -14.15 15.60 -51.59
N SER A 73 -15.48 15.54 -51.43
CA SER A 73 -16.39 16.36 -52.20
C SER A 73 -16.63 17.71 -51.53
N GLU A 74 -16.42 17.75 -50.22
CA GLU A 74 -16.59 18.97 -49.45
C GLU A 74 -15.62 20.05 -49.93
N VAL A 75 -16.04 21.31 -49.81
CA VAL A 75 -15.17 22.43 -50.15
C VAL A 75 -14.05 22.58 -49.12
N LEU A 76 -12.82 22.70 -49.59
CA LEU A 76 -11.65 22.76 -48.72
C LEU A 76 -11.27 24.18 -48.32
N THR A 77 -10.74 24.33 -47.11
CA THR A 77 -10.24 25.60 -46.63
C THR A 77 -8.83 25.40 -46.10
N LEU A 78 -7.96 26.39 -46.31
CA LEU A 78 -6.64 26.37 -45.70
C LEU A 78 -6.84 26.24 -44.19
N THR A 79 -6.37 25.14 -43.63
CA THR A 79 -6.64 24.81 -42.24
C THR A 79 -5.38 24.76 -41.38
N ASN A 80 -5.46 25.36 -40.19
CA ASN A 80 -4.36 25.29 -39.25
C ASN A 80 -4.25 23.91 -38.61
N ASN A 81 -3.02 23.41 -38.51
CA ASN A 81 -2.76 22.13 -37.87
C ASN A 81 -2.36 22.29 -36.40
N VAL A 82 -3.31 22.07 -35.50
CA VAL A 82 -3.08 22.21 -34.07
C VAL A 82 -2.30 21.02 -33.51
N ASN A 83 -1.23 21.30 -32.76
CA ASN A 83 -0.55 20.23 -32.03
C ASN A 83 -1.44 19.72 -30.91
N LYS A 84 -1.68 18.42 -30.90
CA LYS A 84 -2.64 17.81 -29.99
C LYS A 84 -1.95 16.87 -29.04
N LEU A 85 -0.74 16.47 -29.40
CA LEU A 85 0.04 15.56 -28.59
C LEU A 85 1.51 15.68 -28.94
N LEU A 86 2.34 15.71 -27.91
CA LEU A 86 3.79 15.85 -28.08
C LEU A 86 4.48 15.04 -27.01
N ILE A 87 5.10 13.92 -27.41
CA ILE A 87 5.68 13.02 -26.43
C ILE A 87 7.04 12.49 -26.89
N ILE A 88 8.02 12.58 -26.01
CA ILE A 88 9.34 12.03 -26.29
C ILE A 88 9.33 10.53 -26.04
N ASP A 89 9.78 9.77 -27.04
CA ASP A 89 9.92 8.33 -26.92
C ASP A 89 11.39 8.03 -26.64
N TYR A 90 11.76 8.07 -25.38
CA TYR A 90 13.16 8.04 -24.98
C TYR A 90 13.91 6.80 -25.44
N SER A 91 13.28 5.64 -25.31
CA SER A 91 13.92 4.39 -25.72
C SER A 91 14.42 4.43 -27.16
N GLU A 92 13.67 5.10 -28.03
CA GLU A 92 13.95 5.09 -29.46
C GLU A 92 14.39 6.43 -30.02
N ASN A 93 14.87 7.32 -29.16
CA ASN A 93 15.38 8.61 -29.59
C ASN A 93 14.52 9.28 -30.65
N ARG A 94 13.22 9.30 -30.42
CA ARG A 94 12.30 9.93 -31.36
C ARG A 94 11.20 10.70 -30.63
N LEU A 95 10.39 11.42 -31.39
CA LEU A 95 9.34 12.26 -30.83
C LEU A 95 8.02 12.02 -31.55
N LEU A 96 6.95 11.83 -30.78
CA LEU A 96 5.63 11.62 -31.35
C LEU A 96 4.84 12.92 -31.38
N ALA A 97 4.41 13.33 -32.56
CA ALA A 97 3.64 14.56 -32.72
C ALA A 97 2.37 14.30 -33.52
N CYS A 98 1.23 14.64 -32.95
CA CYS A 98 -0.05 14.40 -33.61
C CYS A 98 -0.83 15.70 -33.69
N GLY A 99 -1.30 16.05 -34.89
CA GLY A 99 -2.03 17.29 -35.10
C GLY A 99 -3.53 17.08 -35.16
N SER A 100 -4.26 18.14 -35.51
CA SER A 100 -5.70 18.05 -35.71
C SER A 100 -6.02 17.87 -37.21
N LEU A 101 -5.00 18.08 -38.02
CA LEU A 101 -5.14 18.02 -39.47
C LEU A 101 -5.45 16.59 -39.93
N TYR A 102 -6.28 16.46 -40.96
CA TYR A 102 -6.63 15.15 -41.52
C TYR A 102 -7.12 14.16 -40.47
N GLN A 103 -8.10 14.57 -39.67
CA GLN A 103 -8.72 13.68 -38.70
C GLN A 103 -7.74 13.20 -37.62
N GLY A 104 -6.67 13.95 -37.40
CA GLY A 104 -5.78 13.69 -36.29
C GLY A 104 -4.74 12.61 -36.51
N VAL A 105 -4.09 12.63 -37.66
CA VAL A 105 -3.00 11.71 -37.97
C VAL A 105 -1.74 12.06 -37.15
N CYS A 106 -0.84 11.09 -36.98
CA CYS A 106 0.37 11.30 -36.19
C CYS A 106 1.66 11.16 -37.00
N LYS A 107 2.75 11.72 -36.46
CA LYS A 107 4.07 11.61 -37.07
C LYS A 107 5.07 11.17 -36.02
N LEU A 108 6.09 10.43 -36.45
CA LEU A 108 7.26 10.18 -35.61
C LEU A 108 8.44 10.96 -36.17
N LEU A 109 9.09 11.75 -35.32
CA LEU A 109 10.21 12.57 -35.75
C LEU A 109 11.48 12.18 -35.01
N ARG A 110 12.61 12.23 -35.72
CA ARG A 110 13.90 11.96 -35.10
C ARG A 110 14.27 13.16 -34.24
N LEU A 111 14.79 12.90 -33.04
CA LEU A 111 15.04 13.96 -32.07
C LEU A 111 16.04 15.02 -32.53
N ASP A 112 17.10 14.60 -33.22
CA ASP A 112 18.18 15.50 -33.58
C ASP A 112 17.83 16.50 -34.68
N ASP A 113 17.06 16.07 -35.67
CA ASP A 113 16.77 16.92 -36.82
C ASP A 113 15.27 17.03 -37.15
N LEU A 114 14.45 16.32 -36.39
CA LEU A 114 13.01 16.31 -36.61
C LEU A 114 12.64 15.83 -38.00
N PHE A 115 13.49 14.97 -38.57
CA PHE A 115 13.22 14.35 -39.86
C PHE A 115 12.16 13.26 -39.69
N ILE A 116 11.13 13.30 -40.53
CA ILE A 116 10.01 12.37 -40.42
C ILE A 116 10.45 10.92 -40.60
N LEU A 117 10.23 10.10 -39.56
CA LEU A 117 10.58 8.69 -39.61
C LEU A 117 9.44 7.88 -40.22
N VAL A 118 8.22 8.25 -39.89
CA VAL A 118 7.05 7.53 -40.37
C VAL A 118 5.80 8.31 -40.03
N GLU A 119 4.72 8.06 -40.78
CA GLU A 119 3.44 8.71 -40.55
C GLU A 119 2.30 7.76 -40.87
N PRO A 120 1.99 6.85 -39.93
CA PRO A 120 0.92 5.86 -40.07
C PRO A 120 -0.37 6.51 -40.57
N SER A 121 -0.94 5.99 -41.65
CA SER A 121 -2.12 6.63 -42.26
C SER A 121 -2.96 5.74 -43.16
N HIS A 122 -2.81 4.42 -43.05
CA HIS A 122 -3.60 3.51 -43.87
C HIS A 122 -4.75 2.86 -43.09
N LYS A 123 -4.58 2.68 -41.79
CA LYS A 123 -5.62 2.07 -40.97
C LYS A 123 -6.53 3.09 -40.32
N LYS A 124 -7.78 2.70 -40.08
CA LYS A 124 -8.78 3.57 -39.47
C LYS A 124 -8.28 4.21 -38.18
N GLU A 125 -7.73 3.40 -37.28
CA GLU A 125 -7.32 3.91 -35.97
C GLU A 125 -6.09 4.81 -36.02
N HIS A 126 -5.40 4.83 -37.17
CA HIS A 126 -4.27 5.74 -37.35
C HIS A 126 -4.72 7.20 -37.27
N TYR A 127 -6.03 7.42 -37.29
CA TYR A 127 -6.59 8.76 -37.16
C TYR A 127 -7.28 8.90 -35.82
N LEU A 128 -6.73 9.78 -34.98
CA LEU A 128 -7.07 9.80 -33.55
C LEU A 128 -8.33 10.55 -33.20
N SER A 129 -8.63 11.61 -33.95
CA SER A 129 -9.72 12.52 -33.61
C SER A 129 -9.66 13.79 -34.45
N SER A 130 -10.82 14.32 -34.83
CA SER A 130 -10.89 15.52 -35.64
C SER A 130 -10.94 16.78 -34.78
N VAL A 131 -11.06 16.61 -33.48
CA VAL A 131 -11.09 17.73 -32.54
C VAL A 131 -9.89 18.65 -32.74
N ASN A 132 -10.14 19.95 -32.88
CA ASN A 132 -9.06 20.92 -33.07
C ASN A 132 -8.84 21.85 -31.87
N LYS A 133 -9.26 21.39 -30.70
CA LYS A 133 -9.11 22.17 -29.48
C LYS A 133 -8.10 21.52 -28.53
N THR A 134 -7.15 22.31 -28.08
CA THR A 134 -6.10 21.81 -27.19
C THR A 134 -6.66 21.48 -25.80
N GLY A 135 -5.92 20.69 -25.04
CA GLY A 135 -6.31 20.34 -23.69
C GLY A 135 -7.42 19.31 -23.63
N THR A 136 -7.50 18.48 -24.66
CA THR A 136 -8.56 17.48 -24.75
C THR A 136 -7.99 16.09 -25.02
N MET A 137 -6.72 16.05 -25.39
CA MET A 137 -6.03 14.80 -25.67
C MET A 137 -4.77 14.66 -24.83
N TYR A 138 -4.53 13.45 -24.33
CA TYR A 138 -3.27 13.17 -23.63
C TYR A 138 -2.82 11.72 -23.85
N GLY A 139 -1.52 11.52 -23.96
CA GLY A 139 -0.97 10.19 -24.17
C GLY A 139 0.10 9.82 -23.16
N VAL A 140 0.31 8.51 -23.01
CA VAL A 140 1.39 7.99 -22.18
C VAL A 140 2.05 6.81 -22.88
N ILE A 141 3.36 6.92 -23.09
CA ILE A 141 4.15 5.82 -23.64
C ILE A 141 4.63 4.90 -22.52
N VAL A 142 4.44 3.60 -22.71
CA VAL A 142 4.87 2.63 -21.72
C VAL A 142 5.66 1.51 -22.39
N ARG A 143 6.96 1.44 -22.08
CA ARG A 143 7.80 0.39 -22.63
C ARG A 143 8.75 -0.19 -21.58
N SER A 144 8.43 -1.40 -21.10
CA SER A 144 9.32 -2.11 -20.20
C SER A 144 10.60 -2.52 -20.93
N GLU A 145 11.27 -3.55 -20.42
CA GLU A 145 12.52 -4.00 -21.03
C GLU A 145 12.29 -5.01 -22.15
N GLY A 146 11.42 -5.98 -21.90
CA GLY A 146 11.19 -7.06 -22.84
C GLY A 146 10.11 -6.78 -23.85
N GLU A 147 9.53 -5.58 -23.80
CA GLU A 147 8.47 -5.20 -24.72
C GLU A 147 8.96 -4.19 -25.75
N ASP A 148 8.39 -4.23 -26.95
CA ASP A 148 8.79 -3.35 -28.03
C ASP A 148 8.22 -1.94 -27.87
N GLY A 149 7.14 -1.81 -27.11
CA GLY A 149 6.56 -0.51 -26.84
C GLY A 149 5.05 -0.46 -26.88
N LYS A 150 4.48 0.49 -26.14
CA LYS A 150 3.04 0.62 -26.00
C LYS A 150 2.66 2.08 -25.84
N LEU A 151 1.55 2.50 -26.46
CA LEU A 151 1.07 3.87 -26.29
C LEU A 151 -0.38 3.94 -25.86
N PHE A 152 -0.61 4.55 -24.70
CA PHE A 152 -1.96 4.80 -24.22
C PHE A 152 -2.38 6.19 -24.65
N ILE A 153 -3.58 6.32 -25.19
CA ILE A 153 -4.06 7.61 -25.65
C ILE A 153 -5.54 7.83 -25.40
N GLY A 154 -5.85 8.97 -24.77
CA GLY A 154 -7.23 9.34 -24.52
C GLY A 154 -7.54 10.65 -25.20
N THR A 155 -8.74 10.78 -25.75
CA THR A 155 -9.10 11.95 -26.54
C THR A 155 -10.60 12.21 -26.61
N ALA A 156 -10.97 13.49 -26.60
CA ALA A 156 -12.33 13.88 -26.94
C ALA A 156 -12.58 13.45 -28.38
N VAL A 157 -13.82 13.11 -28.73
CA VAL A 157 -14.09 12.57 -30.06
C VAL A 157 -15.04 13.43 -30.89
N ASP A 158 -15.64 14.43 -30.26
CA ASP A 158 -16.46 15.39 -30.99
C ASP A 158 -17.74 14.78 -31.54
N GLY A 159 -18.24 13.73 -30.90
CA GLY A 159 -19.49 13.09 -31.30
C GLY A 159 -19.30 12.02 -32.36
N LYS A 160 -18.11 11.95 -32.95
CA LYS A 160 -17.78 10.94 -33.92
C LYS A 160 -17.43 9.63 -33.22
N GLN A 161 -18.38 9.12 -32.43
CA GLN A 161 -18.11 7.98 -31.56
C GLN A 161 -17.75 6.69 -32.32
N ASP A 162 -18.11 6.62 -33.58
CA ASP A 162 -17.78 5.44 -34.39
C ASP A 162 -16.48 5.64 -35.15
N TYR A 163 -16.05 6.88 -35.26
CA TYR A 163 -14.80 7.21 -35.94
C TYR A 163 -13.60 6.98 -35.03
N PHE A 164 -13.78 7.33 -33.76
CA PHE A 164 -12.65 7.39 -32.82
C PHE A 164 -13.00 6.85 -31.44
N PRO A 165 -12.16 5.95 -30.92
CA PRO A 165 -12.29 5.54 -29.52
C PRO A 165 -11.89 6.72 -28.62
N THR A 166 -12.51 6.80 -27.44
CA THR A 166 -12.17 7.87 -26.49
C THR A 166 -10.90 7.55 -25.72
N LEU A 167 -10.64 6.26 -25.52
CA LEU A 167 -9.42 5.79 -24.86
C LEU A 167 -8.98 4.49 -25.51
N SER A 168 -7.68 4.34 -25.73
CA SER A 168 -7.17 3.11 -26.33
C SER A 168 -5.68 2.92 -26.14
N SER A 169 -5.21 1.71 -26.39
CA SER A 169 -3.81 1.38 -26.33
C SER A 169 -3.31 0.94 -27.71
N ARG A 170 -2.16 1.46 -28.12
CA ARG A 170 -1.62 1.17 -29.45
C ARG A 170 -0.21 0.59 -29.37
N LYS A 171 0.20 -0.07 -30.45
CA LYS A 171 1.54 -0.60 -30.55
C LYS A 171 2.53 0.51 -30.88
N LEU A 172 3.62 0.59 -30.11
CA LEU A 172 4.73 1.48 -30.44
C LEU A 172 6.00 0.68 -30.63
N PRO A 173 6.08 -0.08 -31.75
CA PRO A 173 7.22 -0.95 -31.99
C PRO A 173 8.52 -0.16 -32.07
N ARG A 174 9.62 -0.76 -31.64
CA ARG A 174 10.91 -0.08 -31.71
C ARG A 174 11.27 0.27 -33.15
N ASP A 175 10.89 -0.60 -34.08
CA ASP A 175 11.15 -0.36 -35.50
C ASP A 175 10.13 0.62 -36.08
N PRO A 176 10.63 1.79 -36.52
CA PRO A 176 9.77 2.85 -37.08
C PRO A 176 8.99 2.37 -38.30
N GLU A 177 9.60 1.48 -39.08
CA GLU A 177 9.00 1.00 -40.32
C GLU A 177 8.15 -0.25 -40.11
N SER A 178 7.77 -0.50 -38.86
CA SER A 178 6.86 -1.59 -38.58
C SER A 178 5.50 -1.29 -39.18
N SER A 179 4.88 -2.31 -39.77
CA SER A 179 3.57 -2.13 -40.40
C SER A 179 2.48 -1.98 -39.35
N ALA A 180 2.78 -2.41 -38.13
CA ALA A 180 1.79 -2.38 -37.05
C ALA A 180 1.92 -1.13 -36.18
N MET A 181 2.74 -0.17 -36.61
CA MET A 181 2.92 1.07 -35.86
C MET A 181 1.60 1.79 -35.63
N LEU A 182 1.30 2.03 -34.35
CA LEU A 182 0.07 2.71 -33.94
C LEU A 182 -1.20 1.90 -34.18
N ASP A 183 -1.04 0.60 -34.47
CA ASP A 183 -2.18 -0.29 -34.54
C ASP A 183 -2.70 -0.54 -33.13
N TYR A 184 -3.99 -0.88 -33.01
CA TYR A 184 -4.54 -1.27 -31.72
C TYR A 184 -3.68 -2.37 -31.14
N GLU A 185 -3.46 -2.34 -29.83
CA GLU A 185 -2.72 -3.39 -29.16
C GLU A 185 -3.49 -4.71 -29.29
N LEU A 186 -4.81 -4.60 -29.23
CA LEU A 186 -5.69 -5.73 -29.46
C LEU A 186 -6.94 -5.23 -30.18
N HIS A 187 -7.37 -5.97 -31.18
CA HIS A 187 -8.53 -5.57 -31.98
C HIS A 187 -9.34 -6.76 -32.47
N SER A 188 -10.50 -6.97 -31.84
CA SER A 188 -11.45 -7.99 -32.28
C SER A 188 -12.85 -7.40 -32.19
N ASP A 189 -13.86 -8.20 -32.51
CA ASP A 189 -15.23 -7.70 -32.54
C ASP A 189 -15.72 -7.19 -31.18
N PHE A 190 -15.46 -7.97 -30.13
CA PHE A 190 -16.01 -7.65 -28.81
C PHE A 190 -14.94 -7.52 -27.73
N VAL A 191 -13.68 -7.69 -28.12
CA VAL A 191 -12.57 -7.53 -27.18
C VAL A 191 -11.43 -6.77 -27.84
N SER A 192 -11.31 -5.49 -27.50
CA SER A 192 -10.25 -4.66 -28.05
C SER A 192 -9.65 -3.78 -26.97
N SER A 193 -8.45 -3.29 -27.23
CA SER A 193 -7.78 -2.37 -26.32
C SER A 193 -8.28 -0.97 -26.59
N LEU A 194 -9.56 -0.74 -26.35
CA LEU A 194 -10.18 0.55 -26.63
C LEU A 194 -11.52 0.69 -25.92
N ILE A 195 -11.90 1.94 -25.65
CA ILE A 195 -13.21 2.24 -25.10
C ILE A 195 -13.90 3.19 -26.08
N LYS A 196 -15.13 2.86 -26.45
CA LYS A 196 -15.90 3.73 -27.33
C LYS A 196 -17.09 4.33 -26.60
N ILE A 197 -17.34 5.62 -26.85
CA ILE A 197 -18.50 6.27 -26.28
C ILE A 197 -19.78 5.75 -26.94
N PRO A 198 -20.68 5.13 -26.16
CA PRO A 198 -21.92 4.58 -26.72
C PRO A 198 -22.73 5.61 -27.48
N SER A 199 -23.32 5.18 -28.59
CA SER A 199 -24.18 6.04 -29.39
C SER A 199 -25.35 6.58 -28.57
N ASP A 200 -25.95 5.73 -27.74
CA ASP A 200 -27.09 6.12 -26.93
C ASP A 200 -26.77 7.25 -25.96
N THR A 201 -25.51 7.35 -25.55
CA THR A 201 -25.11 8.38 -24.59
C THR A 201 -25.07 9.75 -25.26
N LEU A 202 -24.61 9.80 -26.50
CA LEU A 202 -24.57 11.06 -27.24
C LEU A 202 -25.99 11.48 -27.62
N ALA A 203 -26.83 10.50 -27.94
CA ALA A 203 -28.22 10.78 -28.25
C ALA A 203 -28.92 11.38 -27.03
N LEU A 204 -28.78 10.70 -25.89
CA LEU A 204 -29.34 11.19 -24.64
C LEU A 204 -28.81 12.58 -24.33
N VAL A 205 -27.49 12.70 -24.26
CA VAL A 205 -26.84 13.95 -23.88
C VAL A 205 -25.80 14.40 -24.90
N SER A 206 -25.94 15.64 -25.35
CA SER A 206 -24.95 16.26 -26.22
C SER A 206 -24.88 17.71 -25.80
N HIS A 207 -23.73 18.35 -25.97
CA HIS A 207 -22.57 17.78 -26.68
C HIS A 207 -21.69 16.94 -25.77
N PHE A 208 -22.16 15.77 -25.35
CA PHE A 208 -21.38 14.91 -24.48
C PHE A 208 -20.03 14.56 -25.09
N ASP A 209 -18.98 14.67 -24.28
CA ASP A 209 -17.65 14.29 -24.70
C ASP A 209 -16.77 14.08 -23.46
N ILE A 210 -15.59 13.49 -23.67
CA ILE A 210 -14.67 13.26 -22.57
C ILE A 210 -13.35 13.93 -22.84
N PHE A 211 -12.97 14.85 -21.97
CA PHE A 211 -11.74 15.61 -22.16
C PHE A 211 -10.63 15.04 -21.28
N TYR A 212 -9.51 14.73 -21.91
CA TYR A 212 -8.35 14.16 -21.22
C TYR A 212 -7.32 15.23 -20.89
N ILE A 213 -7.30 15.66 -19.64
CA ILE A 213 -6.49 16.78 -19.20
C ILE A 213 -5.03 16.39 -18.98
N TYR A 214 -4.84 15.22 -18.38
CA TYR A 214 -3.51 14.76 -18.01
C TYR A 214 -3.46 13.24 -17.94
N GLY A 215 -2.25 12.69 -18.02
CA GLY A 215 -2.05 11.26 -17.91
C GLY A 215 -0.66 10.95 -17.39
N PHE A 216 -0.50 9.82 -16.72
CA PHE A 216 0.81 9.46 -16.18
C PHE A 216 0.93 7.96 -15.85
N ALA A 217 2.17 7.47 -15.80
CA ALA A 217 2.45 6.11 -15.39
C ALA A 217 3.03 6.09 -13.98
N SER A 218 2.47 5.24 -13.13
CA SER A 218 2.96 5.10 -11.77
C SER A 218 2.84 3.64 -11.33
N GLY A 219 3.97 3.02 -11.01
CA GLY A 219 3.97 1.61 -10.66
C GLY A 219 3.53 0.75 -11.83
N GLY A 220 2.60 -0.17 -11.58
CA GLY A 220 2.13 -1.05 -12.64
C GLY A 220 0.86 -0.57 -13.32
N PHE A 221 0.62 0.75 -13.29
CA PHE A 221 -0.61 1.29 -13.86
C PHE A 221 -0.37 2.53 -14.69
N VAL A 222 -1.34 2.85 -15.55
CA VAL A 222 -1.42 4.14 -16.20
C VAL A 222 -2.66 4.85 -15.68
N TYR A 223 -2.59 6.17 -15.61
CA TYR A 223 -3.69 6.96 -15.08
C TYR A 223 -4.05 8.09 -16.04
N PHE A 224 -5.34 8.30 -16.23
CA PHE A 224 -5.81 9.43 -17.01
C PHE A 224 -6.77 10.25 -16.18
N LEU A 225 -6.62 11.57 -16.25
CA LEU A 225 -7.49 12.49 -15.53
C LEU A 225 -8.39 13.17 -16.54
N THR A 226 -9.70 13.01 -16.37
CA THR A 226 -10.66 13.49 -17.34
C THR A 226 -11.71 14.42 -16.77
N VAL A 227 -12.31 15.21 -17.64
CA VAL A 227 -13.51 15.97 -17.34
C VAL A 227 -14.56 15.60 -18.37
N GLN A 228 -15.81 15.44 -17.93
CA GLN A 228 -16.90 15.13 -18.84
C GLN A 228 -18.23 15.52 -18.22
N PRO A 229 -19.23 15.84 -19.07
CA PRO A 229 -20.57 16.17 -18.58
C PRO A 229 -21.17 14.98 -17.84
N GLU A 230 -21.97 15.26 -16.83
CA GLU A 230 -22.60 14.20 -16.06
C GLU A 230 -23.88 13.76 -16.77
N THR A 231 -24.28 12.51 -16.56
CA THR A 231 -25.47 11.97 -17.21
C THR A 231 -26.58 11.67 -16.22
N PRO A 232 -27.85 11.87 -16.65
CA PRO A 232 -29.04 11.53 -15.87
C PRO A 232 -29.10 10.06 -15.50
N ASP A 242 -29.00 23.73 -16.34
CA ASP A 242 -27.54 23.82 -16.23
C ASP A 242 -26.86 22.48 -16.48
N LEU A 243 -25.62 22.53 -16.97
CA LEU A 243 -24.87 21.33 -17.28
C LEU A 243 -23.81 21.10 -16.21
N PHE A 244 -23.83 19.93 -15.61
CA PHE A 244 -22.84 19.57 -14.59
C PHE A 244 -21.77 18.65 -15.16
N TYR A 245 -20.52 18.92 -14.82
CA TYR A 245 -19.40 18.12 -15.28
C TYR A 245 -18.76 17.35 -14.13
N THR A 246 -18.10 16.25 -14.47
CA THR A 246 -17.40 15.44 -13.48
C THR A 246 -15.95 15.21 -13.88
N SER A 247 -15.05 15.40 -12.92
CA SER A 247 -13.63 15.14 -13.11
C SER A 247 -13.30 13.77 -12.52
N ARG A 248 -12.60 12.94 -13.29
CA ARG A 248 -12.36 11.57 -12.86
C ARG A 248 -10.92 11.09 -13.01
N ILE A 249 -10.58 10.09 -12.21
CA ILE A 249 -9.34 9.34 -12.37
C ILE A 249 -9.67 8.01 -13.04
N VAL A 250 -9.09 7.78 -14.22
CA VAL A 250 -9.27 6.52 -14.93
C VAL A 250 -7.98 5.71 -14.84
N ARG A 251 -8.06 4.51 -14.29
CA ARG A 251 -6.87 3.67 -14.17
C ARG A 251 -6.92 2.40 -15.03
N LEU A 252 -5.76 2.02 -15.56
CA LEU A 252 -5.60 0.78 -16.29
C LEU A 252 -4.26 0.17 -15.91
N CYS A 253 -4.18 -1.16 -15.93
CA CYS A 253 -2.91 -1.84 -15.76
C CYS A 253 -2.05 -1.65 -17.00
N LYS A 254 -0.75 -1.50 -16.81
CA LYS A 254 0.17 -1.35 -17.94
C LYS A 254 0.07 -2.53 -18.90
N ASP A 255 -0.28 -3.70 -18.37
CA ASP A 255 -0.38 -4.90 -19.19
C ASP A 255 -1.79 -5.49 -19.14
N ASP A 256 -2.63 -5.07 -20.08
CA ASP A 256 -4.04 -5.46 -20.10
C ASP A 256 -4.73 -5.11 -21.43
N PRO A 257 -4.39 -5.86 -22.48
CA PRO A 257 -4.95 -5.64 -23.83
C PRO A 257 -6.47 -5.60 -23.83
N LYS A 258 -7.10 -6.35 -22.93
CA LYS A 258 -8.55 -6.47 -22.92
C LYS A 258 -9.24 -5.27 -22.27
N PHE A 259 -8.46 -4.40 -21.64
CA PHE A 259 -9.01 -3.23 -20.94
C PHE A 259 -10.00 -3.65 -19.85
N HIS A 260 -9.83 -4.86 -19.34
CA HIS A 260 -10.67 -5.35 -18.24
C HIS A 260 -10.37 -4.65 -16.93
N SER A 261 -9.21 -4.01 -16.83
CA SER A 261 -8.79 -3.37 -15.60
C SER A 261 -9.37 -1.96 -15.43
N TYR A 262 -10.14 -1.52 -16.42
CA TYR A 262 -10.71 -0.19 -16.43
C TYR A 262 -11.52 0.12 -15.17
N VAL A 263 -11.14 1.20 -14.48
CA VAL A 263 -11.89 1.66 -13.32
C VAL A 263 -11.82 3.19 -13.24
N SER A 264 -12.92 3.81 -12.81
CA SER A 264 -13.07 5.26 -12.89
C SER A 264 -13.76 5.86 -11.66
N LEU A 265 -13.06 6.74 -10.96
CA LEU A 265 -13.62 7.41 -9.78
C LEU A 265 -13.55 8.93 -9.92
N PRO A 266 -14.53 9.63 -9.34
CA PRO A 266 -14.49 11.09 -9.30
C PRO A 266 -13.36 11.52 -8.38
N PHE A 267 -12.89 12.75 -8.51
CA PHE A 267 -11.98 13.31 -7.51
C PHE A 267 -12.01 14.82 -7.50
N GLY A 268 -11.48 15.39 -6.43
CA GLY A 268 -11.50 16.83 -6.24
C GLY A 268 -11.02 17.13 -4.84
N CYS A 269 -11.33 18.31 -4.33
CA CYS A 269 -10.90 18.68 -3.00
C CYS A 269 -11.78 19.79 -2.44
N THR A 270 -11.68 20.02 -1.14
CA THR A 270 -12.54 20.96 -0.45
C THR A 270 -11.75 21.76 0.57
N ARG A 271 -12.09 23.03 0.72
CA ARG A 271 -11.57 23.85 1.79
C ARG A 271 -12.41 25.10 2.02
N ALA A 272 -12.62 25.42 3.30
CA ALA A 272 -13.30 26.66 3.67
C ALA A 272 -14.67 26.80 3.01
N GLY A 273 -15.43 25.71 2.98
CA GLY A 273 -16.79 25.73 2.47
C GLY A 273 -16.88 25.84 0.97
N VAL A 274 -15.83 25.48 0.25
CA VAL A 274 -15.85 25.48 -1.21
C VAL A 274 -15.40 24.16 -1.80
N GLU A 275 -16.24 23.57 -2.65
CA GLU A 275 -15.89 22.33 -3.34
C GLU A 275 -15.22 22.63 -4.67
N TYR A 276 -14.01 22.10 -4.86
CA TYR A 276 -13.29 22.27 -6.12
C TYR A 276 -13.33 20.98 -6.94
N ARG A 277 -14.14 20.97 -7.99
CA ARG A 277 -14.44 19.73 -8.70
C ARG A 277 -14.12 19.75 -10.20
N LEU A 278 -13.82 20.92 -10.73
CA LEU A 278 -13.48 21.04 -12.16
C LEU A 278 -11.98 21.00 -12.40
N LEU A 279 -11.49 19.88 -12.91
CA LEU A 279 -10.06 19.70 -13.15
C LEU A 279 -9.54 20.65 -14.23
N GLN A 280 -8.43 21.32 -13.91
CA GLN A 280 -7.83 22.30 -14.81
C GLN A 280 -6.46 21.83 -15.30
N ALA A 281 -5.70 21.19 -14.40
CA ALA A 281 -4.33 20.80 -14.71
C ALA A 281 -3.78 19.85 -13.66
N ALA A 282 -2.68 19.16 -14.00
CA ALA A 282 -2.07 18.22 -13.06
C ALA A 282 -0.61 17.90 -13.40
N TYR A 283 0.08 17.26 -12.45
CA TYR A 283 1.51 16.99 -12.58
C TYR A 283 1.94 15.97 -11.51
N LEU A 284 2.59 14.90 -11.95
CA LEU A 284 3.09 13.89 -11.02
C LEU A 284 4.46 14.31 -10.51
N ALA A 285 4.66 14.24 -9.19
CA ALA A 285 5.96 14.55 -8.60
C ALA A 285 6.19 13.74 -7.33
N LYS A 286 7.28 14.04 -6.64
CA LYS A 286 7.56 13.42 -5.33
C LYS A 286 7.05 14.33 -4.22
N PRO A 287 6.77 13.74 -3.04
CA PRO A 287 6.07 14.40 -1.94
C PRO A 287 6.85 15.54 -1.29
N GLY A 288 8.13 15.33 -1.03
CA GLY A 288 8.84 16.19 -0.10
C GLY A 288 8.56 15.71 1.32
N GLU A 289 9.45 16.02 2.25
CA GLU A 289 9.36 15.45 3.59
C GLU A 289 8.04 15.74 4.31
N ALA A 290 7.62 17.00 4.29
CA ALA A 290 6.41 17.41 5.01
C ALA A 290 5.16 16.65 4.56
N LEU A 291 4.98 16.50 3.25
CA LEU A 291 3.82 15.80 2.70
C LEU A 291 3.93 14.29 2.89
N ALA A 292 5.16 13.78 2.78
CA ALA A 292 5.39 12.35 2.98
C ALA A 292 4.91 11.94 4.36
N GLN A 293 5.21 12.78 5.35
CA GLN A 293 4.77 12.52 6.71
C GLN A 293 3.26 12.72 6.80
N ALA A 294 2.78 13.81 6.20
CA ALA A 294 1.35 14.12 6.20
C ALA A 294 0.53 13.00 5.55
N PHE A 295 1.10 12.37 4.53
CA PHE A 295 0.39 11.32 3.81
C PHE A 295 0.75 9.90 4.27
N ASN A 296 1.72 9.79 5.18
CA ASN A 296 2.15 8.48 5.65
C ASN A 296 2.64 7.63 4.48
N ILE A 297 3.60 8.18 3.72
CA ILE A 297 4.17 7.45 2.59
C ILE A 297 5.67 7.68 2.52
N SER A 298 6.37 6.81 1.81
CA SER A 298 7.79 6.99 1.58
C SER A 298 8.05 8.24 0.75
N SER A 299 9.21 8.86 0.96
CA SER A 299 9.54 10.12 0.30
C SER A 299 9.78 9.97 -1.20
N ASP A 300 9.86 8.73 -1.67
CA ASP A 300 10.08 8.49 -3.10
C ASP A 300 8.86 7.84 -3.74
N GLU A 301 7.70 7.99 -3.11
CA GLU A 301 6.44 7.57 -3.72
C GLU A 301 5.83 8.74 -4.49
N ASP A 302 4.92 8.42 -5.39
CA ASP A 302 4.39 9.44 -6.30
C ASP A 302 3.23 10.24 -5.71
N VAL A 303 3.23 11.54 -5.99
CA VAL A 303 2.12 12.41 -5.58
C VAL A 303 1.57 13.17 -6.78
N LEU A 304 0.25 13.18 -6.91
CA LEU A 304 -0.39 13.89 -7.99
C LEU A 304 -0.79 15.29 -7.56
N PHE A 305 -0.14 16.28 -8.16
CA PHE A 305 -0.49 17.68 -7.89
C PHE A 305 -1.47 18.16 -8.95
N ALA A 306 -2.59 18.73 -8.51
CA ALA A 306 -3.69 19.07 -9.41
C ALA A 306 -4.32 20.42 -9.12
N ILE A 307 -4.74 21.10 -10.19
CA ILE A 307 -5.51 22.34 -10.09
C ILE A 307 -6.99 22.06 -10.36
N PHE A 308 -7.86 22.54 -9.47
CA PHE A 308 -9.31 22.46 -9.67
C PHE A 308 -9.96 23.82 -9.54
N SER A 309 -10.99 24.07 -10.35
CA SER A 309 -11.83 25.24 -10.18
C SER A 309 -13.05 24.91 -9.33
N LYS A 310 -13.60 25.92 -8.66
CA LYS A 310 -14.81 25.76 -7.86
C LYS A 310 -15.96 25.13 -8.64
N GLY A 311 -16.70 24.23 -7.99
CA GLY A 311 -17.94 23.73 -8.54
C GLY A 311 -17.79 22.66 -9.60
N GLN A 312 -18.88 22.41 -10.33
CA GLN A 312 -18.90 21.40 -11.37
C GLN A 312 -19.55 21.93 -12.64
N LYS A 313 -19.56 23.25 -12.80
CA LYS A 313 -20.19 23.89 -13.96
C LYS A 313 -19.23 24.88 -14.63
N GLN A 314 -19.66 25.40 -15.78
CA GLN A 314 -18.87 26.39 -16.51
C GLN A 314 -17.54 25.82 -17.00
N TYR A 315 -17.59 24.63 -17.58
CA TYR A 315 -16.37 23.98 -18.05
C TYR A 315 -15.54 24.82 -19.01
N HIS A 316 -16.21 25.54 -19.90
CA HIS A 316 -15.51 26.33 -20.92
C HIS A 316 -14.96 27.65 -20.39
N HIS A 317 -15.56 28.13 -19.30
CA HIS A 317 -15.03 29.33 -18.62
C HIS A 317 -15.10 29.13 -17.11
N PRO A 318 -14.19 28.31 -16.58
CA PRO A 318 -14.17 27.90 -15.17
C PRO A 318 -14.06 29.10 -14.24
N PRO A 319 -14.72 29.02 -13.07
CA PRO A 319 -14.67 30.09 -12.06
C PRO A 319 -13.23 30.46 -11.70
N ASP A 320 -13.00 31.71 -11.37
CA ASP A 320 -11.66 32.16 -10.98
C ASP A 320 -11.23 31.47 -9.69
N ASP A 321 -12.20 31.24 -8.81
CA ASP A 321 -11.95 30.58 -7.54
C ASP A 321 -11.40 29.18 -7.79
N SER A 322 -10.13 28.97 -7.47
CA SER A 322 -9.46 27.73 -7.82
C SER A 322 -8.46 27.27 -6.75
N ALA A 323 -8.08 26.00 -6.82
CA ALA A 323 -7.30 25.37 -5.76
C ALA A 323 -6.19 24.47 -6.29
N LEU A 324 -5.11 24.37 -5.53
CA LEU A 324 -4.04 23.41 -5.76
C LEU A 324 -4.19 22.28 -4.76
N CYS A 325 -4.27 21.05 -5.24
CA CYS A 325 -4.49 19.89 -4.38
C CYS A 325 -3.47 18.79 -4.63
N ALA A 326 -3.34 17.89 -3.66
CA ALA A 326 -2.37 16.82 -3.75
C ALA A 326 -3.02 15.46 -3.46
N PHE A 327 -2.75 14.50 -4.32
CA PHE A 327 -3.28 13.15 -4.17
C PHE A 327 -2.12 12.15 -4.16
N PRO A 328 -1.93 11.47 -3.03
CA PRO A 328 -0.92 10.40 -3.01
C PRO A 328 -1.41 9.26 -3.88
N ILE A 329 -0.56 8.77 -4.77
CA ILE A 329 -0.94 7.65 -5.63
C ILE A 329 -1.43 6.48 -4.80
N ARG A 330 -0.79 6.27 -3.65
CA ARG A 330 -1.15 5.17 -2.75
C ARG A 330 -2.58 5.31 -2.25
N ALA A 331 -2.95 6.52 -1.84
CA ALA A 331 -4.32 6.78 -1.39
C ALA A 331 -5.31 6.52 -2.53
N ILE A 332 -4.90 6.79 -3.75
CA ILE A 332 -5.76 6.55 -4.91
C ILE A 332 -5.94 5.05 -5.14
N ASN A 333 -4.83 4.32 -5.17
CA ASN A 333 -4.87 2.88 -5.40
C ASN A 333 -5.71 2.18 -4.33
N LEU A 334 -5.59 2.65 -3.09
CA LEU A 334 -6.33 2.08 -1.99
C LEU A 334 -7.84 2.25 -2.19
N GLN A 335 -8.25 3.46 -2.52
CA GLN A 335 -9.68 3.72 -2.73
C GLN A 335 -10.21 2.93 -3.93
N ILE A 336 -9.33 2.67 -4.89
CA ILE A 336 -9.71 1.83 -6.03
C ILE A 336 -9.84 0.37 -5.60
N LYS A 337 -8.88 -0.10 -4.82
CA LYS A 337 -8.96 -1.47 -4.31
C LYS A 337 -10.24 -1.70 -3.50
N GLU A 338 -10.53 -0.78 -2.59
CA GLU A 338 -11.71 -0.89 -1.73
C GLU A 338 -12.97 -0.96 -2.58
N ARG A 339 -12.95 -0.25 -3.70
CA ARG A 339 -14.09 -0.24 -4.61
C ARG A 339 -14.22 -1.60 -5.29
N LEU A 340 -13.10 -2.12 -5.79
CA LEU A 340 -13.06 -3.44 -6.40
C LEU A 340 -13.56 -4.50 -5.42
N GLN A 341 -13.07 -4.44 -4.20
CA GLN A 341 -13.43 -5.42 -3.17
C GLN A 341 -14.94 -5.41 -2.90
N SER A 342 -15.49 -4.24 -2.63
CA SER A 342 -16.91 -4.14 -2.29
C SER A 342 -17.78 -4.62 -3.45
N CYS A 343 -17.32 -4.39 -4.67
CA CYS A 343 -18.04 -4.82 -5.85
C CYS A 343 -18.01 -6.34 -6.00
N TYR A 344 -16.83 -6.92 -5.81
CA TYR A 344 -16.66 -8.36 -5.88
C TYR A 344 -17.23 -9.05 -4.64
N HIS A 345 -17.91 -8.29 -3.81
CA HIS A 345 -18.67 -8.85 -2.70
C HIS A 345 -20.15 -8.77 -3.01
N GLY A 346 -20.46 -8.18 -4.16
CA GLY A 346 -21.84 -8.10 -4.63
C GLY A 346 -22.56 -6.84 -4.18
N GLU A 347 -21.81 -5.86 -3.70
CA GLU A 347 -22.39 -4.64 -3.16
C GLU A 347 -22.56 -3.54 -4.20
N GLY A 348 -23.80 -3.12 -4.42
CA GLY A 348 -24.10 -2.01 -5.31
C GLY A 348 -24.00 -2.31 -6.80
N ASN A 349 -23.87 -1.24 -7.58
CA ASN A 349 -23.77 -1.35 -9.03
C ASN A 349 -22.39 -0.92 -9.51
N LEU A 350 -22.15 -1.06 -10.81
CA LEU A 350 -20.88 -0.63 -11.39
C LEU A 350 -20.82 0.89 -11.46
N GLU A 351 -21.97 1.51 -11.70
CA GLU A 351 -22.11 2.97 -11.64
C GLU A 351 -21.23 3.72 -12.64
N LEU A 352 -21.42 3.43 -13.93
CA LEU A 352 -20.72 4.14 -14.99
C LEU A 352 -21.68 4.27 -16.17
N ASN A 353 -22.71 5.08 -15.97
CA ASN A 353 -23.84 5.16 -16.89
C ASN A 353 -23.50 5.56 -18.33
N TRP A 354 -22.58 6.50 -18.51
CA TRP A 354 -22.24 6.97 -19.85
C TRP A 354 -21.72 5.84 -20.72
N LEU A 355 -21.16 4.81 -20.09
CA LEU A 355 -20.56 3.71 -20.83
C LEU A 355 -21.46 2.48 -20.80
N LEU A 356 -21.85 2.07 -19.60
CA LEU A 356 -22.72 0.90 -19.43
C LEU A 356 -24.13 1.20 -19.91
N GLY A 357 -24.48 2.47 -19.94
CA GLY A 357 -25.78 2.90 -20.42
C GLY A 357 -26.89 2.77 -19.39
N LYS A 358 -26.76 1.80 -18.50
CA LYS A 358 -27.81 1.49 -17.55
C LYS A 358 -27.24 1.12 -16.18
N ASP A 359 -28.13 0.73 -15.26
CA ASP A 359 -27.71 0.21 -13.97
C ASP A 359 -27.33 -1.26 -14.08
N VAL A 360 -26.07 -1.57 -13.76
CA VAL A 360 -25.59 -2.93 -13.77
C VAL A 360 -25.09 -3.32 -12.39
N GLN A 361 -25.69 -4.37 -11.82
CA GLN A 361 -25.35 -4.78 -10.47
C GLN A 361 -24.00 -5.49 -10.40
N CYS A 362 -23.23 -5.18 -9.37
CA CYS A 362 -21.98 -5.87 -9.12
C CYS A 362 -22.23 -7.36 -8.90
N THR A 363 -21.29 -8.19 -9.33
CA THR A 363 -21.43 -9.63 -9.19
C THR A 363 -20.49 -10.17 -8.12
N LYS A 364 -21.07 -10.77 -7.08
CA LYS A 364 -20.27 -11.38 -6.03
C LYS A 364 -19.51 -12.58 -6.54
N ALA A 365 -18.20 -12.61 -6.28
CA ALA A 365 -17.36 -13.73 -6.69
C ALA A 365 -16.15 -13.80 -5.76
N PRO A 366 -15.87 -15.00 -5.25
CA PRO A 366 -14.77 -15.24 -4.30
C PRO A 366 -13.40 -15.05 -4.93
N VAL A 367 -13.13 -13.86 -5.45
CA VAL A 367 -11.85 -13.56 -6.06
C VAL A 367 -11.07 -12.60 -5.17
N PRO A 368 -9.84 -12.99 -4.79
CA PRO A 368 -9.00 -12.13 -3.96
C PRO A 368 -8.53 -10.93 -4.75
N ILE A 369 -8.77 -9.72 -4.23
CA ILE A 369 -8.35 -8.51 -4.91
C ILE A 369 -6.98 -8.05 -4.43
N ASP A 370 -5.97 -8.40 -5.20
CA ASP A 370 -4.58 -8.07 -4.89
C ASP A 370 -4.33 -6.58 -5.14
N ASP A 371 -3.16 -6.10 -4.73
CA ASP A 371 -2.77 -4.74 -5.05
C ASP A 371 -2.65 -4.58 -6.57
N ASN A 372 -2.18 -5.63 -7.24
CA ASN A 372 -2.01 -5.60 -8.68
C ASN A 372 -3.07 -6.40 -9.44
N PHE A 373 -4.30 -6.36 -8.93
CA PHE A 373 -5.42 -6.98 -9.61
C PHE A 373 -5.72 -6.24 -10.91
N CYS A 374 -5.77 -6.97 -12.02
CA CYS A 374 -5.94 -6.34 -13.32
C CYS A 374 -7.28 -6.66 -13.99
N GLY A 375 -8.27 -7.01 -13.17
CA GLY A 375 -9.62 -7.21 -13.67
C GLY A 375 -9.90 -8.57 -14.31
N LEU A 376 -11.18 -8.87 -14.45
CA LEU A 376 -11.63 -10.07 -15.15
C LEU A 376 -12.75 -9.67 -16.09
N ASP A 377 -13.51 -10.63 -16.59
CA ASP A 377 -14.63 -10.34 -17.49
C ASP A 377 -15.78 -9.65 -16.75
N ILE A 378 -16.05 -10.11 -15.53
CA ILE A 378 -17.13 -9.55 -14.74
C ILE A 378 -16.72 -8.22 -14.10
N ASN A 379 -17.72 -7.47 -13.62
CA ASN A 379 -17.47 -6.25 -12.87
C ASN A 379 -16.51 -5.29 -13.56
N GLN A 380 -16.70 -5.10 -14.86
CA GLN A 380 -15.88 -4.18 -15.64
C GLN A 380 -16.57 -3.82 -16.95
N PRO A 381 -16.42 -2.56 -17.40
CA PRO A 381 -15.68 -1.48 -16.73
C PRO A 381 -16.34 -1.09 -15.42
N LEU A 382 -15.59 -0.44 -14.53
CA LEU A 382 -16.10 -0.11 -13.22
C LEU A 382 -16.03 1.40 -12.92
N GLY A 383 -17.17 1.95 -12.50
CA GLY A 383 -17.24 3.35 -12.11
C GLY A 383 -17.33 3.52 -10.61
N GLY A 384 -18.11 4.50 -10.17
CA GLY A 384 -18.22 4.81 -8.74
C GLY A 384 -18.67 6.24 -8.54
N SER A 385 -19.27 6.52 -7.39
CA SER A 385 -19.83 7.85 -7.12
C SER A 385 -19.06 8.62 -6.04
N THR A 386 -18.52 7.93 -5.06
CA THR A 386 -17.81 8.58 -3.96
C THR A 386 -16.42 9.03 -4.39
N PRO A 387 -16.17 10.35 -4.32
CA PRO A 387 -14.95 11.01 -4.80
C PRO A 387 -13.69 10.69 -4.01
N VAL A 388 -12.56 10.71 -4.70
CA VAL A 388 -11.26 10.64 -4.04
C VAL A 388 -10.91 12.06 -3.60
N GLU A 389 -10.86 12.28 -2.30
CA GLU A 389 -10.58 13.62 -1.77
C GLU A 389 -9.08 13.88 -1.68
N GLY A 390 -8.66 15.02 -2.22
CA GLY A 390 -7.26 15.41 -2.15
C GLY A 390 -7.03 16.37 -1.00
N LEU A 391 -5.75 16.59 -0.69
CA LEU A 391 -5.38 17.57 0.33
C LEU A 391 -5.23 18.94 -0.32
N THR A 392 -6.06 19.90 0.08
CA THR A 392 -5.98 21.24 -0.48
C THR A 392 -4.77 21.97 0.10
N LEU A 393 -3.87 22.41 -0.78
CA LEU A 393 -2.64 23.08 -0.37
C LEU A 393 -2.74 24.61 -0.39
N TYR A 394 -3.51 25.12 -1.34
CA TYR A 394 -3.54 26.56 -1.59
C TYR A 394 -4.73 26.93 -2.47
N THR A 395 -5.31 28.11 -2.24
CA THR A 395 -6.43 28.58 -3.06
C THR A 395 -6.29 30.06 -3.43
N THR A 396 -6.90 30.44 -4.55
CA THR A 396 -6.95 31.83 -4.95
C THR A 396 -8.39 32.19 -5.32
N SER A 397 -8.70 33.49 -5.31
CA SER A 397 -10.06 33.94 -5.51
C SER A 397 -10.32 34.62 -6.85
N ARG A 398 -9.28 35.18 -7.47
CA ARG A 398 -9.48 36.00 -8.66
C ARG A 398 -8.52 35.67 -9.80
N ASP A 399 -7.23 35.51 -9.47
CA ASP A 399 -6.25 35.16 -10.48
C ASP A 399 -6.23 33.66 -10.68
N ARG A 400 -7.23 33.17 -11.42
CA ARG A 400 -7.46 31.73 -11.60
C ARG A 400 -6.19 30.95 -11.94
N LEU A 401 -5.96 29.88 -11.19
CA LEU A 401 -4.83 29.00 -11.43
C LEU A 401 -5.06 28.19 -12.71
N THR A 402 -4.01 28.03 -13.51
CA THR A 402 -4.15 27.41 -14.83
C THR A 402 -3.18 26.24 -15.10
N SER A 403 -2.08 26.17 -14.36
CA SER A 403 -1.10 25.11 -14.56
C SER A 403 -0.34 24.79 -13.29
N VAL A 404 0.43 23.70 -13.34
CA VAL A 404 1.15 23.22 -12.17
C VAL A 404 2.34 22.35 -12.53
N ALA A 405 3.41 22.52 -11.77
CA ALA A 405 4.61 21.69 -11.85
C ALA A 405 5.23 21.71 -10.48
N SER A 406 6.00 20.67 -10.14
CA SER A 406 6.55 20.58 -8.80
C SER A 406 7.84 19.77 -8.77
N TYR A 407 8.68 20.07 -7.78
CA TYR A 407 9.84 19.23 -7.54
C TYR A 407 10.31 19.39 -6.10
N VAL A 408 11.32 18.61 -5.71
CA VAL A 408 11.78 18.64 -4.34
C VAL A 408 13.18 19.23 -4.24
N TYR A 409 13.31 20.30 -3.47
CA TYR A 409 14.61 20.88 -3.17
C TYR A 409 14.89 20.79 -1.68
N ASN A 410 15.98 20.11 -1.32
CA ASN A 410 16.37 19.98 0.09
C ASN A 410 15.23 19.49 0.98
N GLY A 411 14.46 18.53 0.48
CA GLY A 411 13.35 17.96 1.23
C GLY A 411 12.08 18.80 1.22
N TYR A 412 12.15 19.96 0.56
CA TYR A 412 10.97 20.82 0.45
C TYR A 412 10.27 20.63 -0.88
N SER A 413 8.97 20.37 -0.82
CA SER A 413 8.18 20.34 -2.05
C SER A 413 7.88 21.76 -2.50
N VAL A 414 8.41 22.13 -3.65
CA VAL A 414 8.17 23.44 -4.24
C VAL A 414 7.20 23.29 -5.41
N VAL A 415 6.06 23.97 -5.34
CA VAL A 415 5.04 23.85 -6.38
C VAL A 415 4.89 25.15 -7.16
N PHE A 416 5.02 25.05 -8.47
CA PHE A 416 4.87 26.21 -9.34
C PHE A 416 3.48 26.20 -9.98
N VAL A 417 2.75 27.30 -9.83
CA VAL A 417 1.40 27.36 -10.35
C VAL A 417 1.18 28.57 -11.26
N GLY A 418 0.83 28.31 -12.52
CA GLY A 418 0.56 29.37 -13.46
C GLY A 418 -0.81 29.98 -13.23
N THR A 419 -0.99 31.21 -13.68
CA THR A 419 -2.27 31.90 -13.52
C THR A 419 -2.78 32.42 -14.85
N LYS A 420 -4.07 32.75 -14.91
CA LYS A 420 -4.69 33.20 -16.15
C LYS A 420 -4.15 34.56 -16.59
N SER A 421 -3.46 35.27 -15.70
CA SER A 421 -2.94 36.59 -16.04
C SER A 421 -1.44 36.59 -16.31
N GLY A 422 -0.86 35.41 -16.45
CA GLY A 422 0.55 35.30 -16.79
C GLY A 422 1.50 35.34 -15.60
N LYS A 423 0.95 35.15 -14.41
CA LYS A 423 1.74 35.11 -13.19
C LYS A 423 2.14 33.67 -12.85
N LEU A 424 3.29 33.52 -12.23
CA LEU A 424 3.76 32.23 -11.75
C LEU A 424 3.92 32.28 -10.22
N LYS A 425 3.18 31.45 -9.51
CA LYS A 425 3.27 31.41 -8.05
C LYS A 425 4.23 30.32 -7.59
N LYS A 426 5.04 30.64 -6.58
CA LYS A 426 5.90 29.64 -5.96
C LYS A 426 5.33 29.27 -4.59
N ILE A 427 4.83 28.05 -4.47
CA ILE A 427 4.22 27.58 -3.24
C ILE A 427 5.11 26.57 -2.54
N ARG A 428 5.37 26.77 -1.26
CA ARG A 428 6.10 25.78 -0.47
C ARG A 428 5.09 24.86 0.20
N ALA A 429 5.18 23.57 -0.11
CA ALA A 429 4.20 22.63 0.42
C ALA A 429 4.56 22.12 1.82
N ASP A 430 3.64 22.33 2.76
CA ASP A 430 3.72 21.73 4.08
C ASP A 430 2.37 21.08 4.32
N GLY A 431 2.33 20.00 5.09
CA GLY A 431 1.06 19.35 5.37
C GLY A 431 0.10 20.25 6.13
N PRO A 432 -0.93 19.66 6.76
CA PRO A 432 -1.82 20.43 7.63
C PRO A 432 -1.03 21.11 8.75
N PRO A 433 -1.61 22.11 9.41
CA PRO A 433 -2.95 22.64 9.14
C PRO A 433 -2.96 23.68 8.01
N HIS A 434 -1.78 24.16 7.63
CA HIS A 434 -1.69 25.23 6.64
C HIS A 434 -1.83 24.73 5.21
N GLY A 435 -1.16 23.63 4.89
CA GLY A 435 -1.28 23.00 3.58
C GLY A 435 -0.24 23.47 2.58
N GLY A 436 -0.14 24.78 2.39
CA GLY A 436 0.81 25.34 1.46
C GLY A 436 0.95 26.83 1.67
N VAL A 437 2.09 27.38 1.28
CA VAL A 437 2.34 28.79 1.47
C VAL A 437 3.00 29.38 0.24
N GLN A 438 2.39 30.42 -0.31
CA GLN A 438 2.98 31.13 -1.42
C GLN A 438 4.04 32.08 -0.91
N TYR A 439 5.29 31.87 -1.31
CA TYR A 439 6.36 32.72 -0.84
C TYR A 439 6.83 33.70 -1.90
N GLU A 440 6.29 33.54 -3.11
CA GLU A 440 6.60 34.46 -4.20
C GLU A 440 5.65 34.32 -5.38
N MET A 441 5.41 35.44 -6.06
CA MET A 441 4.69 35.43 -7.33
C MET A 441 5.42 36.27 -8.35
N VAL A 442 5.82 35.64 -9.45
CA VAL A 442 6.53 36.32 -10.51
C VAL A 442 5.56 36.74 -11.61
N SER A 443 5.81 37.90 -12.22
CA SER A 443 5.07 38.29 -13.40
C SER A 443 5.85 37.80 -14.61
N VAL A 444 5.37 36.76 -15.27
CA VAL A 444 6.14 36.16 -16.37
C VAL A 444 5.82 36.75 -17.74
N PHE A 445 4.54 36.91 -18.05
CA PHE A 445 4.15 37.46 -19.35
C PHE A 445 3.57 38.86 -19.24
N LYS A 446 4.25 39.83 -19.84
CA LYS A 446 3.86 41.23 -19.72
C LYS A 446 2.50 41.51 -20.37
N ASP A 447 2.12 40.70 -21.36
CA ASP A 447 0.85 40.92 -22.05
C ASP A 447 -0.32 40.34 -21.28
N GLY A 448 -0.01 39.71 -20.15
CA GLY A 448 -1.03 39.14 -19.29
C GLY A 448 -1.63 37.85 -19.82
N SER A 449 -0.98 37.24 -20.80
CA SER A 449 -1.46 35.98 -21.39
C SER A 449 -1.45 34.85 -20.37
N PRO A 450 -2.52 34.06 -20.33
CA PRO A 450 -2.61 32.92 -19.40
C PRO A 450 -1.47 31.93 -19.60
N ILE A 451 -1.03 31.32 -18.50
CA ILE A 451 0.00 30.30 -18.56
C ILE A 451 -0.60 28.96 -18.96
N LEU A 452 -0.03 28.31 -19.98
CA LEU A 452 -0.54 27.03 -20.45
C LEU A 452 -0.15 25.89 -19.52
N ARG A 453 -0.76 24.73 -19.74
CA ARG A 453 -0.59 23.58 -18.86
C ARG A 453 0.84 23.02 -18.82
N ASP A 454 1.49 22.91 -19.98
CA ASP A 454 2.80 22.30 -20.06
C ASP A 454 3.92 23.18 -19.51
N MET A 455 4.47 22.79 -18.37
CA MET A 455 5.67 23.41 -17.83
C MET A 455 6.67 22.30 -17.57
N ALA A 456 7.95 22.58 -17.78
CA ALA A 456 8.98 21.56 -17.58
C ALA A 456 10.31 22.17 -17.13
N PHE A 457 11.02 21.43 -16.29
CA PHE A 457 12.30 21.87 -15.74
C PHE A 457 13.45 21.62 -16.70
N SER A 458 14.47 22.48 -16.65
CA SER A 458 15.74 22.16 -17.27
C SER A 458 16.28 20.91 -16.59
N ILE A 459 17.27 20.26 -17.21
CA ILE A 459 17.73 18.96 -16.72
C ILE A 459 18.18 18.95 -15.26
N ASN A 460 18.70 20.07 -14.78
CA ASN A 460 19.14 20.17 -13.39
C ASN A 460 18.28 21.09 -12.54
N GLN A 461 17.06 21.34 -13.02
CA GLN A 461 16.04 22.05 -12.25
C GLN A 461 16.42 23.47 -11.80
N LEU A 462 17.34 24.11 -12.52
CA LEU A 462 17.65 25.50 -12.23
C LEU A 462 16.61 26.43 -12.86
N TYR A 463 15.98 25.95 -13.93
CA TYR A 463 15.00 26.75 -14.65
C TYR A 463 13.68 26.01 -14.79
N LEU A 464 12.59 26.75 -14.96
CA LEU A 464 11.30 26.18 -15.30
C LEU A 464 10.81 26.81 -16.59
N TYR A 465 10.62 25.99 -17.61
CA TYR A 465 10.08 26.49 -18.88
C TYR A 465 8.58 26.62 -18.79
N VAL A 466 8.09 27.79 -19.16
CA VAL A 466 6.68 28.13 -19.04
C VAL A 466 6.22 28.78 -20.35
N MET A 467 4.97 28.54 -20.74
CA MET A 467 4.51 29.01 -22.04
C MET A 467 3.14 29.68 -22.00
N SER A 468 2.97 30.66 -22.88
CA SER A 468 1.65 31.19 -23.21
C SER A 468 1.33 30.77 -24.65
N GLU A 469 0.19 31.19 -25.18
CA GLU A 469 -0.15 30.88 -26.55
C GLU A 469 0.85 31.50 -27.54
N ARG A 470 1.51 32.58 -27.11
CA ARG A 470 2.36 33.35 -28.00
C ARG A 470 3.85 33.24 -27.66
N GLN A 471 4.19 32.56 -26.58
CA GLN A 471 5.53 32.71 -26.02
C GLN A 471 5.98 31.58 -25.10
N VAL A 472 7.24 31.17 -25.27
CA VAL A 472 7.89 30.26 -24.33
C VAL A 472 8.98 31.02 -23.58
N THR A 473 8.97 30.91 -22.26
CA THR A 473 9.92 31.66 -21.42
C THR A 473 10.62 30.78 -20.37
N ARG A 474 11.93 30.93 -20.29
CA ARG A 474 12.72 30.18 -19.31
C ARG A 474 12.82 30.96 -18.01
N VAL A 475 12.14 30.48 -16.97
CA VAL A 475 12.07 31.19 -15.70
C VAL A 475 12.94 30.54 -14.63
N PRO A 476 13.90 31.29 -14.10
CA PRO A 476 14.76 30.81 -13.00
C PRO A 476 13.91 30.35 -11.82
N VAL A 477 14.16 29.12 -11.37
CA VAL A 477 13.50 28.57 -10.20
C VAL A 477 13.68 29.47 -8.97
N GLU A 478 14.26 29.94 -8.74
CA GLU A 478 14.69 30.78 -7.63
C GLU A 478 15.28 32.09 -8.10
N SER A 479 15.01 33.16 -7.34
CA SER A 479 15.63 34.46 -7.59
C SER A 479 16.08 35.07 -6.26
N CYS A 480 16.77 34.27 -5.46
CA CYS A 480 17.17 34.64 -4.10
C CYS A 480 17.88 36.00 -4.01
N GLU A 481 18.60 36.38 -5.06
CA GLU A 481 19.35 37.64 -5.08
C GLU A 481 18.48 38.86 -4.83
N GLN A 482 17.16 38.68 -4.89
CA GLN A 482 16.22 39.79 -4.69
C GLN A 482 16.17 40.24 -3.24
N TYR A 483 16.59 39.36 -2.34
CA TYR A 483 16.64 39.69 -0.92
C TYR A 483 18.01 40.27 -0.58
N THR A 484 18.01 41.49 -0.06
CA THR A 484 19.24 42.27 0.05
C THR A 484 19.82 42.32 1.46
N THR A 485 19.07 41.83 2.45
CA THR A 485 19.60 41.71 3.81
C THR A 485 19.40 40.29 4.32
N CYS A 486 20.35 39.84 5.13
CA CYS A 486 20.26 38.52 5.75
C CYS A 486 18.86 38.30 6.34
N GLY A 487 18.30 39.36 6.91
CA GLY A 487 16.98 39.30 7.50
C GLY A 487 15.88 38.97 6.50
N GLU A 488 15.85 39.71 5.39
CA GLU A 488 14.87 39.46 4.33
C GLU A 488 15.05 38.07 3.75
N CYS A 489 16.29 37.74 3.42
CA CYS A 489 16.64 36.46 2.83
C CYS A 489 16.13 35.28 3.67
N LEU A 490 16.48 35.29 4.95
CA LEU A 490 16.18 34.14 5.80
C LEU A 490 14.81 34.18 6.49
N SER A 491 13.96 35.10 6.05
CA SER A 491 12.58 35.15 6.54
C SER A 491 11.60 35.21 5.37
N SER A 492 12.13 35.08 4.15
CA SER A 492 11.30 35.05 2.95
C SER A 492 10.41 33.82 2.96
N GLY A 493 10.96 32.71 3.46
CA GLY A 493 10.25 31.46 3.48
C GLY A 493 10.56 30.65 2.24
N ASP A 494 11.58 31.08 1.50
CA ASP A 494 11.97 30.44 0.26
C ASP A 494 13.03 29.38 0.53
N PRO A 495 12.67 28.09 0.35
CA PRO A 495 13.51 26.94 0.68
C PRO A 495 14.86 26.97 -0.03
N HIS A 496 14.95 27.71 -1.14
CA HIS A 496 16.20 27.76 -1.89
C HIS A 496 17.20 28.78 -1.32
N CYS A 497 16.71 29.72 -0.53
CA CYS A 497 17.50 30.91 -0.19
C CYS A 497 18.23 30.86 1.16
N GLY A 498 19.55 31.03 1.11
CA GLY A 498 20.34 31.23 2.30
C GLY A 498 21.11 32.53 2.19
N TRP A 499 21.80 32.92 3.27
CA TRP A 499 22.58 34.16 3.25
C TRP A 499 24.08 33.91 3.14
N CYS A 500 24.68 34.41 2.06
CA CYS A 500 26.10 34.27 1.82
C CYS A 500 26.81 35.41 2.54
N ALA A 501 27.30 35.13 3.73
CA ALA A 501 27.77 36.15 4.67
C ALA A 501 28.77 37.16 4.12
N LEU A 502 29.90 36.66 3.60
CA LEU A 502 30.99 37.56 3.21
C LEU A 502 30.74 38.28 1.90
N HIS A 503 29.89 37.72 1.06
CA HIS A 503 29.56 38.36 -0.21
C HIS A 503 28.29 39.21 -0.08
N ASN A 504 27.72 39.23 1.11
CA ASN A 504 26.54 40.03 1.39
C ASN A 504 25.46 39.76 0.33
N MET A 505 25.11 38.49 0.19
CA MET A 505 24.28 38.05 -0.93
C MET A 505 23.31 36.93 -0.54
N CYS A 506 22.07 37.03 -0.99
CA CYS A 506 21.10 35.96 -0.80
C CYS A 506 21.14 35.01 -1.99
N SER A 507 21.46 33.74 -1.75
CA SER A 507 21.63 32.78 -2.84
C SER A 507 21.43 31.33 -2.42
N ARG A 508 21.51 30.44 -3.41
CA ARG A 508 21.56 29.00 -3.16
C ARG A 508 22.90 28.68 -2.50
N ARG A 509 22.93 27.63 -1.69
CA ARG A 509 24.17 27.23 -1.03
C ARG A 509 25.30 27.03 -2.03
N ASP A 510 25.02 26.28 -3.09
CA ASP A 510 26.02 25.96 -4.11
C ASP A 510 26.41 27.18 -4.94
N LYS A 511 25.67 28.27 -4.76
CA LYS A 511 26.02 29.55 -5.39
C LYS A 511 26.88 30.44 -4.48
N CYS A 512 27.02 30.04 -3.21
CA CYS A 512 27.82 30.82 -2.27
C CYS A 512 29.23 30.27 -2.15
N GLN A 513 30.20 31.08 -2.54
CA GLN A 513 31.61 30.67 -2.50
C GLN A 513 32.08 30.41 -1.07
N ARG A 514 32.75 29.28 -0.87
CA ARG A 514 33.29 28.90 0.44
C ARG A 514 32.19 28.62 1.47
N ALA A 515 31.02 28.23 0.98
CA ALA A 515 29.86 28.05 1.85
C ALA A 515 30.11 26.99 2.91
N TRP A 516 31.04 26.09 2.62
CA TRP A 516 31.31 24.97 3.52
C TRP A 516 32.23 25.37 4.68
N GLU A 517 32.74 26.59 4.64
CA GLU A 517 33.62 27.09 5.69
C GLU A 517 32.84 27.81 6.80
N ALA A 518 33.43 27.87 7.98
CA ALA A 518 32.73 28.39 9.16
C ALA A 518 31.94 29.67 8.90
N ASN A 519 30.65 29.61 9.16
CA ASN A 519 29.79 30.79 9.18
C ASN A 519 29.73 31.59 7.88
N ARG A 520 30.11 30.95 6.77
CA ARG A 520 30.04 31.61 5.47
C ARG A 520 28.63 31.62 4.91
N PHE A 521 27.79 30.70 5.39
CA PHE A 521 26.43 30.55 4.87
C PHE A 521 25.42 30.37 6.00
N ALA A 522 24.51 31.33 6.14
CA ALA A 522 23.49 31.24 7.17
C ALA A 522 22.20 30.66 6.59
N ALA A 523 21.70 29.59 7.22
CA ALA A 523 20.47 28.95 6.78
C ALA A 523 19.32 29.33 7.69
N SER A 524 19.64 30.03 8.77
CA SER A 524 18.63 30.40 9.76
C SER A 524 18.81 31.85 10.20
N ILE A 525 17.70 32.53 10.39
CA ILE A 525 17.70 33.92 10.84
C ILE A 525 18.63 34.15 12.04
N SER A 526 18.71 33.16 12.93
CA SER A 526 19.56 33.28 14.11
C SER A 526 21.05 33.29 13.78
N GLN A 527 21.38 32.89 12.55
CA GLN A 527 22.78 32.83 12.11
C GLN A 527 23.20 34.12 11.40
N CYS A 528 22.30 35.09 11.36
CA CYS A 528 22.64 36.40 10.80
C CYS A 528 23.59 37.13 11.73
N MET A 529 25.06 37.72 10.33
CA MET A 529 26.05 38.39 11.15
C MET A 529 25.53 39.71 11.69
N SER A 530 26.06 40.10 12.84
CA SER A 530 25.85 41.44 13.37
C SER A 530 27.20 41.97 13.82
N LEU A 531 27.31 43.28 13.96
CA LEU A 531 28.59 43.90 14.30
C LEU A 531 28.48 44.75 15.56
N GLU A 532 29.31 44.45 16.55
CA GLU A 532 29.35 45.22 17.80
C GLU A 532 30.62 46.06 17.89
N VAL A 533 30.45 47.34 18.17
CA VAL A 533 31.57 48.27 18.26
C VAL A 533 31.64 48.89 19.65
N HIS A 534 32.85 48.96 20.21
CA HIS A 534 33.05 49.71 21.44
C HIS A 534 34.33 50.54 21.40
N PRO A 535 34.19 51.86 21.62
CA PRO A 535 32.90 52.50 21.88
C PRO A 535 32.09 52.62 20.58
N ASN A 536 30.78 52.83 20.70
CA ASN A 536 29.94 52.97 19.51
C ASN A 536 29.79 54.43 19.10
N SER A 537 30.50 55.31 19.80
CA SER A 537 30.51 56.73 19.49
C SER A 537 31.72 57.41 20.14
N ILE A 538 32.30 58.38 19.45
CA ILE A 538 33.43 59.13 19.97
C ILE A 538 33.30 60.63 19.73
N SER A 539 33.95 61.40 20.58
CA SER A 539 34.04 62.84 20.38
C SER A 539 34.77 63.08 19.07
N VAL A 540 34.32 64.08 18.32
CA VAL A 540 34.99 64.44 17.07
C VAL A 540 36.45 64.83 17.30
N SER A 541 36.74 65.41 18.46
CA SER A 541 38.09 65.82 18.81
C SER A 541 38.95 64.62 19.22
N ASP A 542 38.29 63.52 19.54
CA ASP A 542 38.99 62.32 19.99
C ASP A 542 39.32 61.41 18.81
N HIS A 543 40.19 61.92 17.92
CA HIS A 543 40.50 61.21 16.69
C HIS A 543 41.54 60.11 16.89
N SER A 544 41.73 59.29 15.86
CA SER A 544 42.71 58.22 15.89
C SER A 544 42.52 57.30 17.10
N ARG A 545 41.26 57.05 17.46
CA ARG A 545 40.94 56.12 18.52
C ARG A 545 41.08 54.68 18.04
N LEU A 546 41.40 53.78 18.97
CA LEU A 546 41.32 52.36 18.70
C LEU A 546 39.91 51.89 19.05
N LEU A 547 39.27 51.19 18.12
CA LEU A 547 37.93 50.66 18.38
C LEU A 547 37.96 49.14 18.41
N SER A 548 37.09 48.55 19.22
CA SER A 548 36.99 47.10 19.27
C SER A 548 35.71 46.65 18.56
N LEU A 549 35.90 45.99 17.42
CA LEU A 549 34.79 45.47 16.62
C LEU A 549 34.66 43.97 16.85
N VAL A 550 33.45 43.52 17.18
CA VAL A 550 33.21 42.09 17.29
C VAL A 550 32.17 41.66 16.25
N VAL A 551 32.49 40.62 15.49
CA VAL A 551 31.58 40.09 14.48
C VAL A 551 30.89 38.83 14.97
N ASN A 552 29.60 38.92 15.24
CA ASN A 552 28.83 37.77 15.66
C ASN A 552 28.50 36.84 14.49
N ASP A 553 28.58 35.53 14.73
CA ASP A 553 28.20 34.55 13.72
C ASP A 553 29.04 34.70 12.47
N ALA A 554 30.31 35.05 12.66
CA ALA A 554 31.22 35.28 11.54
C ALA A 554 31.94 34.00 11.12
N PRO A 555 32.46 33.99 9.88
CA PRO A 555 33.33 32.93 9.39
C PRO A 555 34.77 33.32 9.67
N ASN A 556 35.71 32.51 9.24
CA ASN A 556 37.12 32.87 9.35
C ASN A 556 37.37 34.23 8.71
N LEU A 557 37.85 35.18 9.51
CA LEU A 557 38.21 36.50 9.01
C LEU A 557 39.71 36.62 8.83
N SER A 558 40.43 35.56 9.19
CA SER A 558 41.90 35.62 9.29
C SER A 558 42.60 36.03 8.00
N GLU A 559 41.92 35.94 6.87
CA GLU A 559 42.51 36.34 5.59
C GLU A 559 42.82 37.83 5.59
N GLY A 560 42.07 38.58 6.37
CA GLY A 560 42.26 40.02 6.45
C GLY A 560 40.94 40.79 6.49
N ILE A 561 40.94 41.89 7.23
CA ILE A 561 39.78 42.75 7.33
C ILE A 561 40.20 44.22 7.24
N ALA A 562 39.38 45.03 6.58
CA ALA A 562 39.60 46.46 6.54
C ALA A 562 38.34 47.16 7.03
N CYS A 563 38.53 48.26 7.75
CA CYS A 563 37.40 49.05 8.25
C CYS A 563 37.16 50.24 7.36
N ALA A 564 35.91 50.43 6.97
CA ALA A 564 35.52 51.57 6.16
C ALA A 564 34.58 52.47 6.95
N PHE A 565 35.00 53.71 7.17
CA PHE A 565 34.17 54.69 7.86
C PHE A 565 33.43 55.50 6.82
N GLY A 566 32.21 55.06 6.48
CA GLY A 566 31.46 55.68 5.40
C GLY A 566 32.37 55.89 4.20
N ASN A 567 32.31 57.09 3.62
CA ASN A 567 33.20 57.46 2.52
C ASN A 567 34.57 57.92 3.03
N LEU A 568 34.60 58.31 4.30
CA LEU A 568 35.74 59.02 4.87
C LEU A 568 37.06 58.26 4.83
N THR A 569 37.03 56.99 5.18
CA THR A 569 38.26 56.27 5.50
C THR A 569 38.17 54.77 5.23
N GLU A 570 39.31 54.17 4.91
CA GLU A 570 39.42 52.72 4.92
C GLU A 570 40.83 52.32 5.36
N VAL A 571 40.91 51.71 6.54
CA VAL A 571 42.20 51.30 7.09
C VAL A 571 42.21 49.80 7.39
N GLU A 572 43.39 49.21 7.28
CA GLU A 572 43.54 47.78 7.56
C GLU A 572 43.34 47.51 9.04
N GLY A 573 42.45 46.56 9.35
CA GLY A 573 42.18 46.20 10.73
C GLY A 573 43.08 45.08 11.20
N GLN A 574 43.20 44.97 12.52
CA GLN A 574 43.93 43.86 13.13
C GLN A 574 42.92 42.79 13.54
N VAL A 575 43.16 41.56 13.11
CA VAL A 575 42.20 40.48 13.34
C VAL A 575 42.66 39.41 14.33
N SER A 576 41.82 39.17 15.34
CA SER A 576 42.03 38.09 16.29
C SER A 576 40.69 37.39 16.48
N GLY A 577 40.53 36.23 15.85
CA GLY A 577 39.25 35.52 15.88
C GLY A 577 38.16 36.38 15.27
N SER A 578 37.05 36.53 16.00
CA SER A 578 35.94 37.34 15.54
C SER A 578 36.06 38.78 16.02
N GLN A 579 37.24 39.16 16.51
CA GLN A 579 37.46 40.51 16.97
C GLN A 579 38.33 41.29 15.99
N VAL A 580 37.89 42.50 15.66
CA VAL A 580 38.66 43.38 14.80
C VAL A 580 38.95 44.68 15.52
N ILE A 581 40.18 45.16 15.38
CA ILE A 581 40.58 46.43 15.98
C ILE A 581 41.01 47.38 14.87
N CYS A 582 40.47 48.61 14.91
CA CYS A 582 40.75 49.57 13.86
C CYS A 582 40.91 50.97 14.38
N ILE A 583 41.69 51.77 13.67
CA ILE A 583 41.94 53.15 14.04
C ILE A 583 40.90 54.06 13.40
N SER A 584 40.27 54.90 14.21
CA SER A 584 39.26 55.82 13.73
C SER A 584 39.89 56.95 12.93
N PRO A 585 39.09 57.64 12.11
CA PRO A 585 39.61 58.68 11.22
C PRO A 585 40.48 59.71 11.92
N GLY A 586 41.49 60.19 11.22
CA GLY A 586 42.37 61.23 11.73
C GLY A 586 41.77 62.61 11.55
N PRO A 587 42.39 63.63 12.16
CA PRO A 587 41.90 65.01 12.23
C PRO A 587 41.38 65.53 10.90
N LYS A 588 42.15 65.36 9.83
CA LYS A 588 41.75 65.82 8.51
C LYS A 588 40.48 65.12 8.01
N ASP A 589 40.29 63.88 8.42
CA ASP A 589 39.25 63.04 7.82
C ASP A 589 37.95 62.92 8.62
N VAL A 590 37.94 63.37 9.86
CA VAL A 590 36.73 63.31 10.67
C VAL A 590 35.65 64.19 10.05
N PRO A 591 34.38 63.79 10.17
CA PRO A 591 33.27 64.53 9.60
C PRO A 591 33.04 65.84 10.31
N VAL A 592 32.36 66.78 9.66
CA VAL A 592 31.94 68.01 10.31
C VAL A 592 30.48 67.89 10.72
N ILE A 593 30.15 68.39 11.90
CA ILE A 593 28.80 68.25 12.45
C ILE A 593 27.89 69.42 12.08
N PRO A 594 26.68 69.12 11.61
CA PRO A 594 25.64 70.12 11.34
C PRO A 594 24.96 70.59 12.64
N LEU A 595 25.06 71.88 12.95
CA LEU A 595 24.47 72.41 14.16
C LEU A 595 22.98 72.68 13.95
N ASP A 598 24.70 68.35 16.76
CA ASP A 598 25.29 67.75 17.96
C ASP A 598 26.10 66.50 17.63
N TRP A 599 25.60 65.70 16.68
CA TRP A 599 26.28 64.48 16.29
C TRP A 599 26.19 64.23 14.80
N PHE A 600 26.82 63.15 14.37
CA PHE A 600 26.86 62.80 12.95
C PHE A 600 27.12 61.31 12.83
N GLY A 601 26.14 60.59 12.29
CA GLY A 601 26.26 59.15 12.16
C GLY A 601 26.74 58.73 10.79
N LEU A 602 27.37 57.56 10.73
CA LEU A 602 27.76 56.95 9.47
C LEU A 602 27.85 55.44 9.65
N GLU A 603 27.93 54.71 8.54
CA GLU A 603 28.04 53.26 8.60
C GLU A 603 29.50 52.84 8.64
N LEU A 604 29.88 52.17 9.72
CA LEU A 604 31.20 51.58 9.84
C LEU A 604 31.11 50.17 9.24
N GLN A 605 32.00 49.88 8.30
CA GLN A 605 31.90 48.67 7.51
C GLN A 605 33.19 47.88 7.49
N LEU A 606 33.04 46.56 7.42
CA LEU A 606 34.18 45.67 7.27
C LEU A 606 34.24 45.10 5.86
N ARG A 607 35.42 45.20 5.23
CA ARG A 607 35.64 44.57 3.94
C ARG A 607 36.52 43.35 4.12
N SER A 608 36.06 42.21 3.59
CA SER A 608 36.84 40.98 3.60
C SER A 608 37.98 41.07 2.61
N LYS A 609 39.20 40.79 3.06
CA LYS A 609 40.34 40.78 2.16
C LYS A 609 40.34 39.54 1.28
N GLU A 610 39.70 38.47 1.76
CA GLU A 610 39.60 37.24 1.01
C GLU A 610 38.77 37.44 -0.26
N THR A 611 37.64 38.14 -0.12
CA THR A 611 36.69 38.28 -1.21
C THR A 611 36.69 39.69 -1.82
N GLY A 612 37.06 40.68 -1.01
CA GLY A 612 37.10 42.06 -1.46
C GLY A 612 35.79 42.79 -1.24
N LYS A 613 34.86 42.13 -0.56
CA LYS A 613 33.51 42.66 -0.40
C LYS A 613 33.20 43.14 1.02
N ILE A 614 32.50 44.27 1.12
CA ILE A 614 31.89 44.69 2.37
C ILE A 614 30.79 43.70 2.70
N PHE A 615 30.80 43.16 3.92
CA PHE A 615 29.85 42.11 4.28
C PHE A 615 29.06 42.36 5.58
N VAL A 616 29.52 43.34 6.36
CA VAL A 616 28.79 43.73 7.57
C VAL A 616 28.94 45.22 7.83
N SER A 617 28.03 45.76 8.63
CA SER A 617 28.04 47.18 8.92
C SER A 617 27.29 47.46 10.22
N THR A 618 27.51 48.64 10.77
CA THR A 618 26.75 49.10 11.92
C THR A 618 26.95 50.61 12.05
N GLU A 619 26.05 51.27 12.77
CA GLU A 619 26.14 52.72 12.90
C GLU A 619 27.24 53.15 13.86
N PHE A 620 27.99 54.15 13.45
CA PHE A 620 29.02 54.76 14.30
C PHE A 620 28.81 56.27 14.28
N LYS A 621 28.78 56.88 15.46
CA LYS A 621 28.43 58.29 15.58
C LYS A 621 29.55 59.13 16.17
N PHE A 622 29.76 60.30 15.58
CA PHE A 622 30.70 61.28 16.10
C PHE A 622 29.91 62.40 16.77
N TYR A 623 30.38 62.86 17.93
CA TYR A 623 29.67 63.92 18.63
C TYR A 623 30.55 65.10 19.00
N ASN A 624 29.90 66.24 19.25
CA ASN A 624 30.57 67.49 19.56
C ASN A 624 30.04 68.02 20.89
N CYS A 625 31.29 66.76 21.89
CA CYS A 625 30.86 67.43 23.11
C CYS A 625 30.91 68.96 22.96
N SER A 626 31.90 69.45 22.21
CA SER A 626 32.07 70.88 22.00
C SER A 626 30.83 71.50 21.33
N ALA A 627 30.02 70.65 20.71
CA ALA A 627 28.80 71.11 20.05
C ALA A 627 27.84 71.75 21.04
N HIS A 628 27.91 71.32 22.29
CA HIS A 628 27.08 71.89 23.34
C HIS A 628 27.80 73.08 23.97
N GLN A 629 27.09 74.19 24.15
CA GLN A 629 27.71 75.40 24.68
C GLN A 629 26.96 75.96 25.88
N LEU A 630 26.08 75.15 26.44
CA LEU A 630 25.41 75.47 27.69
C LEU A 630 25.50 74.25 28.59
N CYS A 631 25.60 74.47 29.90
CA CYS A 631 25.78 73.39 30.85
C CYS A 631 24.69 72.31 30.70
N LEU A 632 23.43 72.73 30.77
CA LEU A 632 22.30 71.81 30.67
C LEU A 632 22.35 71.01 29.38
N SER A 633 22.71 71.67 28.28
CA SER A 633 22.82 71.02 26.99
C SER A 633 23.92 69.95 27.01
N CYS A 634 25.09 70.33 27.49
CA CYS A 634 26.24 69.42 27.58
C CYS A 634 25.92 68.21 28.45
N VAL A 635 25.40 68.47 29.64
CA VAL A 635 25.13 67.41 30.61
C VAL A 635 24.09 66.41 30.10
N ASN A 636 23.04 66.90 29.48
CA ASN A 636 21.94 66.05 29.04
C ASN A 636 22.20 65.37 27.70
N SER A 637 23.38 65.57 27.15
CA SER A 637 23.77 64.91 25.92
C SER A 637 23.52 63.41 26.05
N ALA A 638 23.23 62.76 24.94
CA ALA A 638 23.06 61.32 24.92
C ALA A 638 24.40 60.62 25.13
N PHE A 639 25.47 61.35 24.83
CA PHE A 639 26.83 60.81 24.97
C PHE A 639 27.50 61.33 26.25
N ARG A 640 28.63 60.73 26.59
CA ARG A 640 29.35 61.08 27.82
C ARG A 640 30.11 62.42 27.70
N CYS A 641 29.44 63.49 28.08
CA CYS A 641 30.05 64.82 28.03
C CYS A 641 30.11 65.43 29.43
N HIS A 642 31.07 66.32 29.65
CA HIS A 642 31.24 66.97 30.93
C HIS A 642 31.35 68.47 30.76
N TRP A 643 30.63 69.22 31.58
CA TRP A 643 30.72 70.66 31.55
C TRP A 643 31.82 71.17 32.47
N CYS A 644 32.76 71.92 31.91
CA CYS A 644 33.81 72.55 32.70
C CYS A 644 33.32 73.89 33.21
N LYS A 645 32.91 73.90 34.48
CA LYS A 645 32.32 75.08 35.11
C LYS A 645 33.09 76.36 34.80
N TYR A 646 34.38 76.37 35.11
CA TYR A 646 35.20 77.57 34.97
C TYR A 646 35.63 77.86 33.54
N ARG A 647 36.12 76.85 32.84
CA ARG A 647 36.52 77.03 31.45
C ARG A 647 35.30 77.33 30.58
N ASN A 648 34.12 77.13 31.14
CA ASN A 648 32.88 77.42 30.45
C ASN A 648 32.78 76.73 29.09
N LEU A 649 32.96 75.40 29.08
CA LEU A 649 32.82 74.62 27.85
C LEU A 649 32.45 73.16 28.12
N CYS A 650 31.95 72.50 27.08
CA CYS A 650 31.60 71.09 27.18
C CYS A 650 32.75 70.24 26.60
N THR A 651 33.07 69.14 27.28
CA THR A 651 34.20 68.30 26.87
C THR A 651 33.89 66.83 27.10
N HIS A 652 34.68 65.96 26.47
CA HIS A 652 34.57 64.53 26.69
C HIS A 652 35.60 64.10 27.74
N ASP A 653 36.65 64.91 27.88
CA ASP A 653 37.77 64.58 28.75
C ASP A 653 37.80 65.48 29.99
N PRO A 654 37.25 64.99 31.10
CA PRO A 654 37.08 65.76 32.34
C PRO A 654 38.40 66.30 32.89
N THR A 655 39.51 65.66 32.55
CA THR A 655 40.82 66.10 33.05
C THR A 655 41.30 67.38 32.38
N THR A 656 40.48 67.94 31.48
CA THR A 656 40.84 69.17 30.81
C THR A 656 40.10 70.36 31.40
N CYS A 657 39.18 70.11 32.33
CA CYS A 657 38.59 71.18 33.12
C CYS A 657 39.73 71.86 33.89
N SER A 658 39.55 73.15 34.20
CA SER A 658 40.60 73.92 34.85
C SER A 658 40.95 73.40 36.23
N PHE A 659 39.94 73.25 37.08
CA PHE A 659 40.12 72.65 38.39
C PHE A 659 39.17 71.45 38.53
N GLN A 660 39.58 70.49 39.35
CA GLN A 660 38.76 69.32 39.62
C GLN A 660 37.38 69.74 40.11
N GLU A 661 37.31 70.91 40.73
CA GLU A 661 36.05 71.45 41.25
C GLU A 661 35.13 71.95 40.13
N GLY A 662 35.69 72.15 38.94
CA GLY A 662 34.92 72.69 37.83
C GLY A 662 34.06 71.67 37.11
N ARG A 663 34.31 70.38 37.34
CA ARG A 663 33.60 69.32 36.65
C ARG A 663 32.14 69.23 37.05
N ILE A 664 31.25 69.34 36.05
CA ILE A 664 29.82 69.14 36.26
C ILE A 664 29.30 68.03 35.36
N ASN A 665 28.62 67.06 35.94
CA ASN A 665 28.15 65.88 35.20
C ASN A 665 26.64 65.81 35.08
N VAL A 666 25.95 66.31 36.10
CA VAL A 666 24.49 66.27 36.13
C VAL A 666 23.94 67.68 36.02
N SER A 667 22.74 67.80 35.44
CA SER A 667 22.13 69.10 35.22
C SER A 667 21.69 69.76 36.52
N GLU A 668 21.46 68.95 37.55
CA GLU A 668 20.97 69.45 38.82
C GLU A 668 21.83 70.58 39.38
N ASP A 669 23.14 70.49 39.16
CA ASP A 669 24.05 71.53 39.63
C ASP A 669 24.63 72.36 38.47
N CYS A 670 23.76 72.72 37.53
CA CYS A 670 24.13 73.63 36.46
C CYS A 670 23.79 75.06 36.84
N PRO A 671 24.80 75.16 37.46
CA PRO A 671 24.51 76.52 37.93
C PRO A 671 23.51 77.23 37.04
N GLN A 672 23.19 79.05 37.47
CA GLN A 672 22.02 79.55 36.79
C GLN A 672 21.45 80.67 37.61
N LEU A 673 20.59 81.51 36.98
CA LEU A 673 19.98 82.57 37.72
C LEU A 673 18.54 82.23 37.97
N VAL A 674 18.13 82.26 39.26
CA VAL A 674 16.79 81.95 39.65
C VAL A 674 15.96 83.21 39.63
N PRO A 675 14.70 83.04 39.33
CA PRO A 675 13.79 84.16 39.26
C PRO A 675 13.28 84.64 40.59
N THR A 676 12.90 85.93 40.65
CA THR A 676 12.31 86.53 41.80
C THR A 676 11.13 87.29 41.26
N GLU A 677 10.42 88.04 42.14
CA GLU A 677 9.30 88.80 41.65
C GLU A 677 9.88 89.73 40.63
N GLU A 678 9.05 90.15 39.64
CA GLU A 678 9.50 90.90 38.50
C GLU A 678 10.39 92.04 38.91
N ILE A 679 11.46 92.26 38.11
CA ILE A 679 12.40 93.31 38.41
C ILE A 679 11.92 94.55 37.75
N LEU A 680 11.47 95.53 38.56
CA LEU A 680 10.94 96.75 38.04
C LEU A 680 12.00 97.80 38.14
N ILE A 681 12.27 98.50 37.02
CA ILE A 681 13.27 99.54 37.07
C ILE A 681 12.74 100.79 36.43
N PRO A 682 12.68 101.86 37.19
CA PRO A 682 12.26 103.13 36.66
C PRO A 682 13.40 103.76 35.93
N VAL A 683 13.11 104.56 34.88
CA VAL A 683 14.20 105.20 34.18
C VAL A 683 14.58 106.43 34.94
N GLY A 684 15.91 106.66 35.06
CA GLY A 684 16.41 107.86 35.67
C GLY A 684 16.37 107.79 37.17
N GLU A 685 16.32 106.57 37.76
CA GLU A 685 16.34 106.50 39.20
C GLU A 685 17.44 105.58 39.62
N VAL A 686 18.17 105.96 40.69
CA VAL A 686 19.26 105.14 41.16
C VAL A 686 18.69 104.01 41.95
N LYS A 687 18.94 102.75 41.52
CA LYS A 687 18.43 101.64 42.26
C LYS A 687 19.35 100.46 42.13
N PRO A 688 19.41 99.68 43.19
CA PRO A 688 20.14 98.44 43.17
C PRO A 688 19.25 97.34 42.67
N ILE A 689 19.82 96.27 42.06
CA ILE A 689 18.98 95.19 41.62
C ILE A 689 19.49 93.93 42.23
N THR A 690 18.81 93.43 43.28
CA THR A 690 19.27 92.24 43.90
C THR A 690 18.81 91.06 43.10
N LEU A 691 19.66 90.03 42.98
CA LEU A 691 19.27 88.84 42.27
C LEU A 691 19.55 87.65 43.11
N LYS A 692 18.87 86.53 42.78
CA LYS A 692 19.08 85.27 43.42
C LYS A 692 19.54 84.34 42.32
N ALA A 693 20.21 83.22 42.68
CA ALA A 693 20.74 82.32 41.69
C ALA A 693 21.21 81.08 42.40
N ARG A 694 21.92 80.18 41.67
CA ARG A 694 22.42 78.97 42.26
C ARG A 694 23.80 78.66 41.75
N ASN A 695 24.62 78.04 42.63
CA ASN A 695 25.93 77.55 42.32
C ASN A 695 26.78 78.54 41.58
N LEU A 696 26.82 79.80 42.04
CA LEU A 696 27.68 80.78 41.44
C LEU A 696 29.09 80.44 41.84
N PRO A 697 30.00 80.44 40.88
CA PRO A 697 31.37 80.08 41.12
C PRO A 697 32.17 81.15 41.79
N GLN A 698 33.20 80.76 42.58
CA GLN A 698 34.08 81.76 43.12
C GLN A 698 35.14 81.90 42.10
N PRO A 699 35.30 83.09 41.61
CA PRO A 699 36.27 83.35 40.58
C PRO A 699 37.59 82.87 41.06
N GLN A 700 38.34 82.16 40.20
CA GLN A 700 39.61 81.61 40.58
C GLN A 700 40.69 82.54 40.17
N SER A 701 41.95 82.08 40.32
CA SER A 701 43.08 82.92 40.05
C SER A 701 43.02 83.39 38.63
N GLY A 702 43.36 84.69 38.44
CA GLY A 702 43.43 85.28 37.15
C GLY A 702 42.05 85.55 36.63
N GLN A 703 41.03 85.50 37.51
CA GLN A 703 39.70 85.71 37.03
C GLN A 703 39.08 86.87 37.73
N ARG A 704 38.34 87.70 36.99
CA ARG A 704 37.74 88.89 37.53
C ARG A 704 36.38 88.59 38.09
N GLY A 705 35.71 89.64 38.61
CA GLY A 705 34.43 89.54 39.27
C GLY A 705 33.28 89.68 38.30
N TYR A 706 32.07 89.83 38.87
CA TYR A 706 30.80 89.83 38.18
C TYR A 706 30.33 91.19 37.78
N GLU A 707 29.59 91.24 36.65
CA GLU A 707 29.00 92.46 36.15
C GLU A 707 27.64 92.13 35.62
N CYS A 708 26.77 93.16 35.51
CA CYS A 708 25.49 92.91 34.91
C CYS A 708 25.43 93.73 33.66
N VAL A 709 25.05 93.08 32.55
CA VAL A 709 24.99 93.77 31.29
C VAL A 709 23.56 93.85 30.88
N LEU A 710 23.10 95.07 30.54
CA LEU A 710 21.74 95.25 30.13
C LEU A 710 21.75 95.45 28.65
N SER A 711 20.96 94.65 27.92
CA SER A 711 20.97 94.80 26.50
C SER A 711 19.82 95.69 26.13
N ILE A 712 20.12 96.99 26.04
CA ILE A 712 19.15 97.98 25.65
C ILE A 712 19.66 98.49 24.34
N GLN A 713 18.78 98.52 23.32
CA GLN A 713 19.19 98.89 22.00
C GLN A 713 19.78 100.27 22.05
N GLY A 714 19.12 101.20 22.76
CA GLY A 714 19.60 102.54 22.80
C GLY A 714 20.92 102.60 23.48
N ALA A 715 21.04 101.97 24.67
CA ALA A 715 22.31 102.01 25.32
C ALA A 715 22.44 100.79 26.18
N VAL A 716 23.63 100.16 26.14
CA VAL A 716 23.89 99.00 26.93
C VAL A 716 24.72 99.43 28.09
N HIS A 717 24.29 99.07 29.32
CA HIS A 717 25.00 99.55 30.48
C HIS A 717 25.76 98.42 31.09
N ARG A 718 27.01 98.70 31.51
CA ARG A 718 27.81 97.71 32.17
C ARG A 718 27.97 98.14 33.61
N VAL A 719 27.40 97.36 34.54
CA VAL A 719 27.51 97.70 35.93
C VAL A 719 28.11 96.54 36.66
N PRO A 720 29.14 96.79 37.42
CA PRO A 720 29.80 95.75 38.16
C PRO A 720 28.96 95.33 39.32
N ALA A 721 29.12 94.07 39.79
CA ALA A 721 28.28 93.59 40.84
C ALA A 721 29.10 92.79 41.81
N LEU A 722 28.50 92.40 42.96
CA LEU A 722 29.23 91.63 43.92
C LEU A 722 28.50 90.33 44.14
N ARG A 723 29.25 89.19 44.18
CA ARG A 723 28.55 87.97 44.45
C ARG A 723 28.75 87.69 45.90
N PHE A 724 27.65 87.76 46.67
CA PHE A 724 27.68 87.59 48.09
C PHE A 724 28.02 86.18 48.41
N ASN A 725 27.34 85.24 47.73
CA ASN A 725 27.58 83.84 47.98
C ASN A 725 27.12 83.12 46.76
N SER A 726 27.03 81.78 46.85
CA SER A 726 26.69 80.99 45.71
C SER A 726 25.32 81.34 45.21
N SER A 727 24.42 81.79 46.11
CA SER A 727 23.04 82.08 45.80
C SER A 727 22.66 83.52 45.47
N SER A 728 23.49 84.57 45.65
CA SER A 728 22.91 85.89 45.44
C SER A 728 23.86 86.83 44.73
N VAL A 729 23.29 87.84 44.02
CA VAL A 729 24.09 88.81 43.29
C VAL A 729 23.42 90.16 43.43
N GLN A 730 24.12 91.26 43.08
CA GLN A 730 23.49 92.56 43.14
C GLN A 730 24.29 93.57 42.35
N CYS A 731 23.62 94.22 41.37
CA CYS A 731 24.21 95.28 40.58
C CYS A 731 24.23 96.49 41.47
N GLN A 732 25.24 97.37 41.30
CA GLN A 732 25.35 98.50 42.17
C GLN A 732 24.47 99.63 41.72
N ASN A 733 24.25 100.59 42.63
CA ASN A 733 23.35 101.69 42.44
C ASN A 733 23.67 102.38 41.15
N SER A 734 22.66 102.47 40.26
CA SER A 734 22.82 103.12 39.00
C SER A 734 21.45 103.43 38.45
N SER A 735 21.39 104.29 37.40
CA SER A 735 20.14 104.67 36.78
C SER A 735 20.21 104.27 35.34
N TYR A 736 19.05 103.98 34.71
CA TYR A 736 19.04 103.48 33.37
C TYR A 736 18.08 104.29 32.53
N GLN A 737 18.29 104.32 31.19
CA GLN A 737 17.38 105.07 30.36
C GLN A 737 17.44 104.55 28.96
N TYR A 738 16.36 104.80 28.17
CA TYR A 738 16.34 104.47 26.78
C TYR A 738 15.73 105.63 26.04
N ASP A 739 16.12 105.82 24.77
CA ASP A 739 15.61 106.94 24.03
C ASP A 739 14.43 106.50 23.23
N GLY A 740 13.42 107.39 23.10
CA GLY A 740 12.27 107.07 22.29
C GLY A 740 10.99 107.52 22.94
N MET A 741 10.74 107.17 24.22
CA MET A 741 9.54 107.59 24.90
C MET A 741 8.35 107.03 24.17
N ASP A 742 8.60 106.01 23.32
CA ASP A 742 7.58 105.34 22.57
C ASP A 742 6.80 104.32 23.38
N ILE A 743 7.46 103.57 24.28
CA ILE A 743 6.79 102.51 24.98
C ILE A 743 7.04 102.65 26.45
N SER A 744 5.95 102.52 27.25
CA SER A 744 6.02 102.64 28.68
C SER A 744 6.76 101.48 29.28
N ASN A 745 6.39 100.24 28.91
CA ASN A 745 7.00 99.10 29.55
C ASN A 745 7.90 98.41 28.55
N LEU A 746 9.22 98.45 28.81
CA LEU A 746 10.15 97.82 27.92
C LEU A 746 10.91 96.77 28.67
N ALA A 747 10.70 95.48 28.31
CA ALA A 747 11.43 94.43 28.95
C ALA A 747 12.78 94.36 28.29
N VAL A 748 13.85 94.14 29.08
CA VAL A 748 15.16 94.10 28.49
C VAL A 748 15.89 92.87 28.92
N ASP A 749 16.56 92.19 27.97
CA ASP A 749 17.30 91.03 28.34
C ASP A 749 18.53 91.47 29.08
N PHE A 750 18.86 90.76 30.17
CA PHE A 750 20.06 91.11 30.89
C PHE A 750 20.92 89.89 30.93
N ALA A 751 22.25 90.10 30.86
CA ALA A 751 23.15 88.99 30.93
C ALA A 751 24.08 89.24 32.10
N VAL A 752 24.28 88.20 32.94
CA VAL A 752 25.16 88.31 34.07
C VAL A 752 26.45 87.69 33.65
N VAL A 753 27.54 88.49 33.69
CA VAL A 753 28.81 88.02 33.22
C VAL A 753 29.83 88.11 34.31
N TRP A 754 30.86 87.24 34.24
CA TRP A 754 31.97 87.35 35.13
C TRP A 754 33.20 87.04 34.33
N ASN A 755 34.35 87.59 34.76
CA ASN A 755 35.61 87.38 34.09
C ASN A 755 35.54 87.88 32.68
N GLY A 756 34.68 88.88 32.42
CA GLY A 756 34.69 89.59 31.17
C GLY A 756 33.75 89.02 30.14
N ASN A 757 33.75 87.71 29.93
CA ASN A 757 32.92 87.24 28.86
C ASN A 757 32.20 85.98 29.23
N PHE A 758 32.38 85.47 30.46
CA PHE A 758 31.69 84.25 30.79
C PHE A 758 30.31 84.64 31.19
N ILE A 759 29.29 84.20 30.43
CA ILE A 759 27.94 84.57 30.74
C ILE A 759 27.28 83.42 31.44
N ILE A 760 26.66 83.72 32.59
CA ILE A 760 25.98 82.75 33.40
C ILE A 760 24.70 82.41 32.70
N ASP A 761 24.27 81.14 32.77
CA ASP A 761 23.08 80.75 32.06
C ASP A 761 21.84 81.31 32.69
N ASN A 762 20.85 81.67 31.84
CA ASN A 762 19.60 82.19 32.31
C ASN A 762 18.48 81.41 31.64
N PRO A 763 18.09 80.31 32.24
CA PRO A 763 17.05 79.45 31.73
C PRO A 763 15.72 80.11 31.57
N GLN A 764 15.27 80.84 32.60
CA GLN A 764 14.01 81.54 32.65
C GLN A 764 14.08 82.68 31.70
N ASP A 765 15.32 83.12 31.38
CA ASP A 765 15.54 84.27 30.55
C ASP A 765 14.95 85.47 31.22
N LEU A 766 15.35 85.68 32.49
CA LEU A 766 14.86 86.77 33.29
C LEU A 766 15.23 88.07 32.67
N LYS A 767 14.29 89.04 32.71
CA LYS A 767 14.55 90.31 32.11
C LYS A 767 14.22 91.41 33.08
N VAL A 768 14.74 92.62 32.79
CA VAL A 768 14.49 93.75 33.62
C VAL A 768 13.53 94.64 32.89
N HIS A 769 12.46 95.08 33.58
CA HIS A 769 11.48 95.92 32.96
C HIS A 769 11.83 97.34 33.25
N LEU A 770 12.14 98.11 32.19
CA LEU A 770 12.41 99.51 32.38
C LEU A 770 11.13 100.22 32.08
N TYR A 771 10.57 100.91 33.09
CA TYR A 771 9.33 101.58 32.83
C TYR A 771 9.49 103.04 33.09
N LYS A 772 8.83 103.86 32.25
CA LYS A 772 8.86 105.28 32.45
C LYS A 772 7.46 105.68 32.81
N CYS A 773 7.42 106.42 33.72
CA CYS A 773 6.11 106.97 33.96
C CYS A 773 5.74 107.65 32.69
N ALA A 774 4.46 107.46 32.34
CA ALA A 774 3.88 107.52 31.03
C ALA A 774 4.48 108.40 29.99
N ALA A 775 5.19 107.72 29.07
CA ALA A 775 5.51 108.21 27.77
C ALA A 775 4.27 107.95 26.97
N GLN A 776 3.60 106.83 27.31
CA GLN A 776 2.40 106.28 26.74
C GLN A 776 1.11 106.91 27.18
N ARG A 777 0.98 107.36 28.44
CA ARG A 777 -0.35 107.73 28.89
C ARG A 777 -0.44 109.18 29.28
N GLU A 778 -1.19 109.92 28.46
CA GLU A 778 -1.52 111.32 28.53
C GLU A 778 -2.67 111.56 29.47
N SER A 779 -3.42 110.52 29.85
CA SER A 779 -4.61 110.76 30.61
C SER A 779 -4.62 109.96 31.88
N CYS A 780 -5.26 110.55 32.91
CA CYS A 780 -5.34 110.02 34.24
C CYS A 780 -5.90 108.64 34.24
N GLY A 781 -6.92 108.38 33.40
CA GLY A 781 -7.57 107.10 33.34
C GLY A 781 -6.62 106.02 32.91
N LEU A 782 -5.69 106.32 31.99
CA LEU A 782 -4.77 105.32 31.55
C LEU A 782 -3.75 104.92 32.58
N CYS A 783 -3.28 105.86 33.43
CA CYS A 783 -2.27 105.54 34.41
C CYS A 783 -2.76 104.62 35.48
N LEU A 784 -3.93 104.94 36.04
CA LEU A 784 -4.52 104.19 37.10
C LEU A 784 -4.91 102.85 36.54
N LYS A 785 -5.10 102.80 35.21
CA LYS A 785 -5.43 101.58 34.52
C LYS A 785 -4.27 100.62 34.62
N ALA A 786 -3.02 101.12 34.50
CA ALA A 786 -1.81 100.33 34.47
C ALA A 786 -1.58 99.67 35.80
N ASP A 787 -0.52 98.83 35.86
CA ASP A 787 -0.19 98.03 36.99
C ASP A 787 -0.02 98.84 38.24
N HIS A 788 -0.47 98.24 39.36
CA HIS A 788 -0.32 98.78 40.67
C HIS A 788 1.13 98.64 41.03
N LYS A 789 1.80 97.65 40.41
CA LYS A 789 3.17 97.33 40.69
C LYS A 789 4.07 98.50 40.39
N PHE A 790 3.85 99.17 39.26
CA PHE A 790 4.71 100.23 38.80
C PHE A 790 4.75 101.32 39.82
N GLU A 791 3.64 101.52 40.53
CA GLU A 791 3.48 102.55 41.53
C GLU A 791 3.38 103.86 40.84
N CYS A 792 3.28 103.83 39.50
CA CYS A 792 3.15 105.04 38.75
C CYS A 792 1.75 105.53 38.96
N GLY A 793 1.57 106.86 39.12
CA GLY A 793 0.26 107.39 39.37
C GLY A 793 0.15 108.78 38.79
N TRP A 794 -1.11 109.29 38.67
CA TRP A 794 -1.41 110.57 38.08
C TRP A 794 -1.21 111.69 39.06
N CYS A 795 -0.53 112.79 38.63
CA CYS A 795 -0.30 113.92 39.50
C CYS A 795 -1.02 115.12 38.94
N SER A 796 -2.00 115.65 39.68
CA SER A 796 -2.91 116.66 39.21
C SER A 796 -2.23 117.91 38.72
N GLY A 797 -1.36 118.54 39.54
CA GLY A 797 -0.85 119.83 39.18
C GLY A 797 -0.12 119.81 37.88
N GLU A 798 0.75 118.80 37.66
CA GLU A 798 1.52 118.73 36.44
C GLU A 798 0.63 118.51 35.27
N ARG A 799 -0.50 117.80 35.49
CA ARG A 799 -1.33 117.37 34.40
C ARG A 799 -0.57 116.29 33.69
N ARG A 800 0.33 115.62 34.45
CA ARG A 800 1.15 114.57 33.94
C ARG A 800 1.11 113.46 34.95
N CYS A 801 1.85 112.36 34.70
CA CYS A 801 1.72 111.19 35.53
C CYS A 801 3.09 110.65 35.86
N THR A 802 3.42 110.60 37.18
CA THR A 802 4.66 110.04 37.62
C THR A 802 4.51 109.61 39.06
N LEU A 803 5.57 108.99 39.61
CA LEU A 803 5.58 108.44 40.94
C LEU A 803 5.50 109.55 41.94
N HIS A 804 5.27 109.17 43.21
CA HIS A 804 5.17 110.10 44.29
C HIS A 804 6.49 110.80 44.39
N GLN A 805 7.59 110.05 44.19
CA GLN A 805 8.91 110.61 44.31
C GLN A 805 9.07 111.73 43.33
N HIS A 806 8.57 111.52 42.10
CA HIS A 806 8.68 112.43 41.00
C HIS A 806 7.79 113.64 41.10
N CYS A 807 6.70 113.61 41.90
CA CYS A 807 5.86 114.78 41.88
C CYS A 807 5.77 115.39 43.25
N PRO A 808 5.99 116.69 43.31
CA PRO A 808 6.01 117.45 44.54
C PRO A 808 4.68 117.46 45.23
N SER A 809 4.67 117.49 46.58
CA SER A 809 3.41 117.47 47.25
C SER A 809 3.09 118.84 47.73
N THR A 810 2.30 119.58 46.92
CA THR A 810 1.84 120.85 47.38
C THR A 810 0.91 120.49 48.48
N SER A 811 0.15 119.40 48.24
CA SER A 811 -0.78 118.89 49.19
C SER A 811 -0.66 117.39 49.18
N SER A 812 -1.38 116.72 50.09
CA SER A 812 -1.44 115.28 50.15
C SER A 812 -2.09 114.68 48.91
N PRO A 813 -2.82 115.37 48.05
CA PRO A 813 -3.48 114.67 46.96
C PRO A 813 -2.96 113.90 45.74
N TRP A 814 -1.66 113.84 45.24
CA TRP A 814 -1.21 113.05 44.08
C TRP A 814 -2.00 111.77 44.09
N LEU A 815 -2.62 111.43 42.94
CA LEU A 815 -3.61 110.39 43.01
C LEU A 815 -3.21 109.11 42.37
N ASP A 816 -3.50 108.00 43.09
CA ASP A 816 -3.28 106.68 42.60
C ASP A 816 -4.53 105.89 42.85
N TRP A 817 -4.91 105.02 41.90
CA TRP A 817 -6.09 104.24 42.09
C TRP A 817 -5.80 103.27 43.19
N SER A 818 -6.45 103.47 44.36
CA SER A 818 -6.15 102.61 45.47
C SER A 818 -6.47 101.20 45.06
N SER A 819 -7.77 100.85 45.10
CA SER A 819 -8.22 99.59 44.60
C SER A 819 -8.64 99.77 43.18
N HIS A 820 -9.13 100.99 42.89
CA HIS A 820 -9.71 101.38 41.64
C HIS A 820 -10.80 102.32 42.03
N ASN A 821 -10.92 102.58 43.35
CA ASN A 821 -11.98 103.45 43.79
C ASN A 821 -11.49 104.85 43.67
N VAL A 822 -11.04 105.22 42.45
CA VAL A 822 -10.59 106.56 42.24
C VAL A 822 -11.26 107.11 41.01
N LYS A 823 -12.11 108.14 41.20
CA LYS A 823 -12.77 108.75 40.08
C LYS A 823 -11.72 109.57 39.38
N CYS A 824 -11.85 109.70 38.05
CA CYS A 824 -10.86 110.36 37.26
C CYS A 824 -11.49 111.55 36.57
N SER A 825 -10.60 112.28 35.78
CA SER A 825 -11.24 113.49 35.33
C SER A 825 -11.28 113.64 33.83
N ASN A 826 -12.14 114.57 33.38
CA ASN A 826 -12.34 115.04 32.03
C ASN A 826 -12.48 113.96 31.00
N PRO A 827 -13.39 113.03 31.14
CA PRO A 827 -13.61 112.00 30.16
C PRO A 827 -13.94 112.60 28.82
N GLN A 828 -13.46 111.99 27.72
CA GLN A 828 -13.75 112.52 26.40
C GLN A 828 -14.12 111.39 25.48
N ILE A 829 -14.96 111.66 24.47
CA ILE A 829 -15.36 110.64 23.55
C ILE A 829 -14.80 110.99 22.20
N THR A 830 -13.96 110.10 21.64
CA THR A 830 -13.42 110.31 20.32
C THR A 830 -14.42 110.02 19.24
N GLU A 831 -15.00 108.80 19.24
CA GLU A 831 -15.87 108.40 18.15
C GLU A 831 -16.67 107.21 18.58
N ILE A 832 -17.87 107.01 17.98
CA ILE A 832 -18.70 105.89 18.33
C ILE A 832 -19.21 105.23 17.08
N LEU A 833 -19.30 103.88 17.09
CA LEU A 833 -19.78 103.07 16.02
C LEU A 833 -21.27 102.98 16.12
N THR A 834 -21.90 102.54 15.01
CA THR A 834 -23.31 102.64 14.77
C THR A 834 -23.70 104.07 14.98
N VAL A 835 -23.50 104.88 13.92
CA VAL A 835 -23.87 106.28 13.92
C VAL A 835 -25.36 106.38 14.00
N SER A 836 -26.08 105.49 13.28
CA SER A 836 -27.51 105.52 13.25
C SER A 836 -28.02 104.28 13.92
N GLY A 837 -29.33 104.26 14.27
CA GLY A 837 -29.91 103.10 14.90
C GLY A 837 -31.40 103.16 14.74
N PRO A 838 -32.05 102.04 15.01
CA PRO A 838 -33.49 101.97 14.93
C PRO A 838 -34.15 102.55 16.15
N PRO A 839 -35.33 103.11 16.00
CA PRO A 839 -36.06 103.72 17.09
C PRO A 839 -36.39 102.68 18.13
N GLU A 840 -36.61 101.42 17.74
CA GLU A 840 -37.00 100.40 18.66
C GLU A 840 -35.90 100.14 19.65
N GLY A 841 -34.63 100.33 19.25
CA GLY A 841 -33.54 100.11 20.16
C GLY A 841 -33.01 98.71 19.97
N GLY A 842 -32.15 98.27 20.91
CA GLY A 842 -31.54 96.96 20.88
C GLY A 842 -30.19 97.06 20.26
N THR A 843 -29.83 98.25 19.74
CA THR A 843 -28.58 98.44 19.05
C THR A 843 -27.43 98.34 20.00
N ARG A 844 -26.28 97.84 19.49
CA ARG A 844 -25.13 97.77 20.31
C ARG A 844 -24.26 98.92 19.91
N VAL A 845 -24.14 99.92 20.80
CA VAL A 845 -23.36 101.09 20.53
C VAL A 845 -21.95 100.84 21.00
N THR A 846 -20.96 101.20 20.16
CA THR A 846 -19.59 100.99 20.53
C THR A 846 -18.94 102.34 20.72
N ILE A 847 -18.70 102.72 21.99
CA ILE A 847 -18.18 104.03 22.29
C ILE A 847 -16.70 103.93 22.62
N HIS A 848 -15.86 104.76 21.95
CA HIS A 848 -14.44 104.74 22.22
C HIS A 848 -14.03 106.10 22.73
N GLY A 849 -13.38 106.16 23.91
CA GLY A 849 -12.98 107.40 24.53
C GLY A 849 -11.58 107.27 25.09
N VAL A 850 -11.02 108.38 25.65
CA VAL A 850 -9.72 108.43 26.30
C VAL A 850 -9.65 108.24 27.80
N ASN A 851 -10.48 108.98 28.58
CA ASN A 851 -10.34 108.98 30.02
C ASN A 851 -11.62 108.61 30.70
N LEU A 852 -11.91 107.30 30.73
CA LEU A 852 -13.15 106.83 31.30
C LEU A 852 -12.89 106.23 32.65
N GLY A 853 -13.91 105.56 33.22
CA GLY A 853 -13.81 104.96 34.54
C GLY A 853 -13.01 103.69 34.47
N LEU A 854 -12.37 103.34 35.61
CA LEU A 854 -11.57 102.16 35.80
C LEU A 854 -12.38 100.90 36.01
N ASP A 855 -13.58 101.01 36.62
CA ASP A 855 -14.39 99.85 36.93
C ASP A 855 -15.62 99.86 36.06
N PHE A 856 -16.21 98.67 35.83
CA PHE A 856 -17.42 98.53 35.08
C PHE A 856 -18.59 99.07 35.85
N SER A 857 -18.65 98.79 37.16
CA SER A 857 -19.80 99.10 37.96
C SER A 857 -20.10 100.56 37.96
N GLU A 858 -19.09 101.42 37.79
CA GLU A 858 -19.31 102.85 37.74
C GLU A 858 -19.93 103.29 36.46
N ILE A 859 -19.43 102.75 35.33
CA ILE A 859 -19.88 103.10 34.01
C ILE A 859 -21.29 102.62 33.84
N ALA A 860 -21.62 101.45 34.41
CA ALA A 860 -22.98 101.01 34.26
C ALA A 860 -23.87 102.07 34.86
N HIS A 861 -25.00 102.33 34.17
CA HIS A 861 -25.98 103.34 34.47
C HIS A 861 -25.46 104.71 34.14
N HIS A 862 -24.19 104.82 33.68
CA HIS A 862 -23.60 106.07 33.28
C HIS A 862 -24.11 106.50 31.95
N VAL A 863 -24.20 105.51 31.04
CA VAL A 863 -24.37 105.72 29.64
C VAL A 863 -25.78 106.11 29.34
N GLN A 864 -25.94 107.13 28.46
CA GLN A 864 -27.25 107.54 28.04
C GLN A 864 -27.14 108.13 26.66
N VAL A 865 -28.14 107.89 25.80
CA VAL A 865 -28.14 108.52 24.51
C VAL A 865 -29.20 109.56 24.59
N ALA A 866 -28.84 110.82 24.92
CA ALA A 866 -29.89 111.77 25.10
C ALA A 866 -30.59 111.27 26.33
N GLY A 867 -31.93 111.29 26.32
CA GLY A 867 -32.73 110.78 27.40
C GLY A 867 -32.64 109.28 27.54
N VAL A 868 -32.50 108.53 26.42
CA VAL A 868 -32.66 107.09 26.38
C VAL A 868 -31.61 106.38 27.19
N PRO A 869 -32.09 105.52 28.07
CA PRO A 869 -31.17 104.75 28.88
C PRO A 869 -30.47 103.69 28.10
N CYS A 870 -29.17 103.49 28.37
CA CYS A 870 -28.41 102.53 27.63
C CYS A 870 -27.72 101.63 28.62
N THR A 871 -27.75 100.30 28.41
CA THR A 871 -27.16 99.38 29.35
C THR A 871 -25.92 98.79 28.76
N PRO A 872 -24.81 98.99 29.46
CA PRO A 872 -23.53 98.50 29.00
C PRO A 872 -23.30 97.03 29.19
N ILE A 873 -22.38 96.44 28.41
CA ILE A 873 -22.11 95.03 28.51
C ILE A 873 -20.73 94.83 29.09
N PRO A 874 -20.66 93.97 30.07
CA PRO A 874 -19.41 93.71 30.75
C PRO A 874 -18.25 93.14 29.98
N GLY A 875 -18.46 92.06 29.20
CA GLY A 875 -17.36 91.40 28.55
C GLY A 875 -16.73 92.29 27.53
N GLU A 876 -17.58 93.00 26.78
CA GLU A 876 -17.24 93.84 25.67
C GLU A 876 -16.56 95.11 26.10
N TYR A 877 -16.60 95.43 27.40
CA TYR A 877 -16.10 96.68 27.93
C TYR A 877 -14.64 96.58 28.24
N ILE A 878 -13.85 97.49 27.61
CA ILE A 878 -12.42 97.59 27.81
C ILE A 878 -12.20 98.85 28.60
N ILE A 879 -11.60 98.70 29.80
CA ILE A 879 -11.46 99.76 30.77
C ILE A 879 -10.81 101.00 30.24
N ALA A 880 -11.53 102.12 30.42
CA ALA A 880 -11.18 103.48 30.13
C ALA A 880 -10.90 103.71 28.68
N GLU A 881 -10.84 102.66 27.83
CA GLU A 881 -10.72 102.84 26.41
C GLU A 881 -12.03 102.79 25.68
N GLN A 882 -12.90 101.81 26.01
CA GLN A 882 -14.06 101.58 25.18
C GLN A 882 -15.20 100.99 25.97
N ILE A 883 -16.44 101.39 25.59
CA ILE A 883 -17.63 100.89 26.24
C ILE A 883 -18.57 100.40 25.18
N VAL A 884 -19.07 99.15 25.33
CA VAL A 884 -20.06 98.65 24.42
C VAL A 884 -21.34 98.68 25.17
N CYS A 885 -22.39 99.30 24.59
CA CYS A 885 -23.60 99.48 25.34
C CYS A 885 -24.79 99.16 24.48
N GLU A 886 -25.88 98.68 25.12
CA GLU A 886 -27.08 98.30 24.42
C GLU A 886 -28.14 99.33 24.70
N MET A 887 -28.68 99.96 23.63
CA MET A 887 -29.66 101.01 23.76
C MET A 887 -31.02 100.42 23.99
N GLY A 888 -31.87 101.13 24.76
CA GLY A 888 -33.21 100.70 25.09
C GLY A 888 -34.21 101.27 24.12
N HIS A 889 -35.52 101.15 24.46
CA HIS A 889 -36.61 101.56 23.60
C HIS A 889 -36.65 103.06 23.49
N ALA A 890 -36.36 103.51 22.26
CA ALA A 890 -36.26 104.84 21.74
C ALA A 890 -37.49 105.60 21.34
N VAL A 891 -38.70 105.02 21.17
CA VAL A 891 -39.77 105.90 20.72
C VAL A 891 -39.91 107.03 21.73
N ILE A 892 -39.33 108.24 21.42
CA ILE A 892 -39.16 109.45 22.18
C ILE A 892 -39.35 110.56 21.19
N GLY A 893 -39.41 111.81 21.68
CA GLY A 893 -39.68 112.95 20.83
C GLY A 893 -38.57 113.26 19.85
N THR A 894 -37.29 113.19 20.28
CA THR A 894 -36.22 113.66 19.44
C THR A 894 -35.81 112.65 18.40
N THR A 895 -35.40 113.17 17.22
CA THR A 895 -34.87 112.40 16.12
C THR A 895 -33.47 111.96 16.41
N SER A 896 -32.64 112.87 16.96
CA SER A 896 -31.26 112.51 17.22
C SER A 896 -30.85 113.14 18.51
N GLY A 897 -29.83 112.56 19.18
CA GLY A 897 -29.40 113.09 20.44
C GLY A 897 -27.95 112.73 20.65
N PRO A 898 -27.29 113.53 21.45
CA PRO A 898 -25.90 113.30 21.77
C PRO A 898 -25.74 112.22 22.79
N VAL A 899 -24.54 111.61 22.86
CA VAL A 899 -24.29 110.52 23.76
C VAL A 899 -23.58 111.05 24.97
N ARG A 900 -23.99 110.57 26.17
CA ARG A 900 -23.42 111.06 27.40
C ARG A 900 -22.90 109.92 28.23
N LEU A 901 -21.74 110.15 28.86
CA LEU A 901 -21.05 109.23 29.73
C LEU A 901 -20.87 109.94 31.03
N CYS A 902 -21.31 109.28 32.12
CA CYS A 902 -21.21 109.82 33.44
C CYS A 902 -20.32 108.86 34.18
N ILE A 903 -19.09 109.24 34.57
CA ILE A 903 -18.11 108.29 35.06
C ILE A 903 -18.64 107.47 36.20
N GLY A 904 -19.46 108.07 37.07
CA GLY A 904 -19.97 107.37 38.21
C GLY A 904 -20.93 108.34 38.83
N GLU A 905 -20.56 109.62 38.90
CA GLU A 905 -21.47 110.63 39.33
C GLU A 905 -21.53 111.60 38.21
N CYS A 906 -22.71 112.20 37.97
CA CYS A 906 -22.78 113.07 36.83
C CYS A 906 -22.35 114.42 37.25
N LYS A 907 -21.06 114.54 37.62
CA LYS A 907 -20.53 115.80 38.05
C LYS A 907 -20.20 116.61 36.84
N PRO A 908 -20.14 117.90 37.01
CA PRO A 908 -19.86 118.78 35.90
C PRO A 908 -18.53 118.59 35.25
N GLU A 909 -17.49 118.21 36.02
CA GLU A 909 -16.18 117.92 35.49
C GLU A 909 -16.15 116.56 34.84
N PHE A 910 -16.92 115.63 35.44
CA PHE A 910 -17.04 114.22 35.23
C PHE A 910 -17.85 113.77 34.04
N MET A 911 -18.43 114.66 33.22
CA MET A 911 -19.26 114.16 32.14
C MET A 911 -18.63 114.37 30.78
N THR A 912 -18.96 113.47 29.81
CA THR A 912 -18.46 113.60 28.47
C THR A 912 -19.62 113.57 27.52
N LYS A 913 -19.55 114.38 26.44
CA LYS A 913 -20.60 114.47 25.45
C LYS A 913 -19.99 114.18 24.12
N SER A 914 -20.71 113.45 23.24
CA SER A 914 -20.17 113.04 21.97
C SER A 914 -20.07 114.22 21.04
N HIS A 915 -19.00 114.24 20.22
CA HIS A 915 -18.73 115.32 19.30
C HIS A 915 -19.81 115.38 18.27
N GLN A 916 -20.20 114.21 17.73
CA GLN A 916 -21.25 114.13 16.75
C GLN A 916 -22.35 113.35 17.41
N GLN A 917 -23.61 113.54 16.96
CA GLN A 917 -24.73 112.94 17.65
C GLN A 917 -25.24 111.72 16.93
N TYR A 918 -25.86 110.82 17.72
CA TYR A 918 -26.42 109.55 17.31
C TYR A 918 -27.77 109.83 16.70
N THR A 919 -28.07 109.18 15.55
CA THR A 919 -29.32 109.49 14.89
C THR A 919 -30.23 108.31 14.93
N PHE A 920 -31.54 108.57 15.20
CA PHE A 920 -32.53 107.53 15.26
C PHE A 920 -33.32 107.60 13.98
N VAL A 921 -33.64 106.42 13.41
CA VAL A 921 -34.40 106.41 12.20
C VAL A 921 -35.25 105.18 12.20
N PRO B 5 -35.23 19.76 36.53
CA PRO B 5 -35.98 18.52 36.27
C PRO B 5 -37.47 18.67 36.54
N GLN B 6 -37.97 19.90 36.55
CA GLN B 6 -39.35 20.15 36.97
C GLN B 6 -40.32 20.47 35.84
N TYR B 7 -41.36 19.65 35.72
CA TYR B 7 -42.37 19.80 34.68
C TYR B 7 -43.43 20.82 35.07
N SER B 8 -44.15 21.34 34.07
CA SER B 8 -45.29 22.21 34.32
C SER B 8 -46.38 21.48 35.09
N THR B 9 -46.92 22.12 36.12
CA THR B 9 -47.89 21.46 37.00
C THR B 9 -49.01 22.40 37.47
N PHE B 10 -50.17 21.82 37.78
CA PHE B 10 -51.31 22.56 38.31
C PHE B 10 -51.89 21.85 39.52
N HIS B 11 -52.05 22.58 40.63
CA HIS B 11 -52.57 22.01 41.87
C HIS B 11 -54.04 22.34 42.12
N SER B 12 -54.74 21.44 42.79
CA SER B 12 -56.14 21.69 43.18
C SER B 12 -56.24 22.82 44.19
N GLU B 13 -57.27 23.64 44.07
CA GLU B 13 -57.48 24.77 44.97
C GLU B 13 -57.61 24.33 46.43
N ASN B 14 -57.89 23.05 46.64
CA ASN B 14 -58.18 22.56 47.98
C ASN B 14 -57.90 21.06 48.09
N ARG B 15 -57.51 20.62 49.28
CA ARG B 15 -57.06 19.25 49.49
C ARG B 15 -58.17 18.21 49.34
N ASP B 16 -59.42 18.65 49.34
CA ASP B 16 -60.57 17.75 49.25
C ASP B 16 -61.22 17.84 47.88
N TRP B 17 -60.89 18.89 47.13
CA TRP B 17 -61.47 19.12 45.82
C TRP B 17 -60.64 18.39 44.76
N THR B 18 -60.71 17.06 44.80
CA THR B 18 -59.84 16.22 44.00
C THR B 18 -60.17 16.28 42.50
N PHE B 19 -59.15 16.05 41.67
CA PHE B 19 -59.33 16.01 40.22
C PHE B 19 -59.99 14.71 39.79
N ASN B 20 -60.80 14.79 38.73
CA ASN B 20 -61.59 13.65 38.32
C ASN B 20 -61.33 13.21 36.88
N HIS B 21 -61.37 14.17 35.96
CA HIS B 21 -61.23 13.87 34.55
C HIS B 21 -60.43 14.96 33.85
N LEU B 22 -59.95 14.66 32.65
CA LEU B 22 -59.08 15.57 31.92
C LEU B 22 -59.21 15.35 30.41
N THR B 23 -59.28 16.45 29.67
CA THR B 23 -59.37 16.38 28.23
C THR B 23 -58.65 17.57 27.61
N VAL B 24 -58.06 17.37 26.44
CA VAL B 24 -57.32 18.43 25.76
C VAL B 24 -57.94 18.72 24.40
N HIS B 25 -58.19 19.99 24.11
CA HIS B 25 -58.81 20.35 22.83
C HIS B 25 -57.82 20.11 21.69
N ARG B 26 -58.13 19.14 20.85
CA ARG B 26 -57.22 18.69 19.79
C ARG B 26 -56.68 19.85 18.94
N ARG B 27 -57.51 20.88 18.75
CA ARG B 27 -57.13 21.98 17.86
C ARG B 27 -56.49 23.15 18.60
N THR B 28 -57.02 23.49 19.77
CA THR B 28 -56.53 24.66 20.50
C THR B 28 -55.40 24.33 21.47
N GLY B 29 -55.36 23.09 21.94
CA GLY B 29 -54.40 22.71 22.95
C GLY B 29 -54.89 23.09 24.34
N ALA B 30 -56.06 23.73 24.40
CA ALA B 30 -56.65 24.08 25.68
C ALA B 30 -56.82 22.84 26.53
N VAL B 31 -56.52 22.96 27.81
CA VAL B 31 -56.59 21.84 28.74
C VAL B 31 -57.76 22.01 29.70
N TYR B 32 -58.68 21.05 29.70
CA TYR B 32 -59.86 21.11 30.56
C TYR B 32 -59.81 20.03 31.65
N VAL B 33 -59.94 20.47 32.89
CA VAL B 33 -59.86 19.56 34.03
C VAL B 33 -61.19 19.50 34.76
N GLY B 34 -61.75 18.29 34.88
CA GLY B 34 -62.98 18.09 35.61
C GLY B 34 -62.67 17.73 37.04
N ALA B 35 -63.03 18.61 37.96
CA ALA B 35 -62.69 18.42 39.37
C ALA B 35 -63.89 18.60 40.28
N ILE B 36 -63.73 18.18 41.53
CA ILE B 36 -64.75 18.40 42.54
C ILE B 36 -64.99 19.90 42.73
N ASN B 37 -66.24 20.30 42.58
CA ASN B 37 -66.65 21.69 42.75
C ASN B 37 -66.09 22.68 41.73
N ARG B 38 -65.31 22.18 40.77
CA ARG B 38 -64.69 23.04 39.77
C ARG B 38 -64.54 22.40 38.40
N VAL B 39 -64.72 23.20 37.36
CA VAL B 39 -64.28 22.84 36.01
C VAL B 39 -63.24 23.88 35.59
N TYR B 40 -62.03 23.43 35.29
CA TYR B 40 -60.96 24.35 34.96
C TYR B 40 -60.62 24.36 33.46
N LYS B 41 -60.35 25.55 32.94
CA LYS B 41 -59.75 25.70 31.62
C LYS B 41 -58.34 26.22 31.81
N LEU B 42 -57.36 25.55 31.22
CA LEU B 42 -55.96 25.96 31.36
C LEU B 42 -55.24 26.07 30.02
N THR B 43 -54.14 26.82 30.03
CA THR B 43 -53.28 26.96 28.86
C THR B 43 -52.42 25.72 28.71
N GLY B 44 -51.70 25.63 27.60
CA GLY B 44 -50.82 24.50 27.35
C GLY B 44 -49.88 24.22 28.51
N ASN B 45 -49.33 25.27 29.12
CA ASN B 45 -48.39 25.11 30.22
C ASN B 45 -49.07 25.10 31.58
N LEU B 46 -50.39 24.90 31.56
CA LEU B 46 -51.18 24.71 32.77
C LEU B 46 -51.33 25.99 33.61
N THR B 47 -51.56 27.10 32.92
CA THR B 47 -51.91 28.35 33.57
C THR B 47 -53.42 28.53 33.53
N ILE B 48 -54.05 28.61 34.70
CA ILE B 48 -55.51 28.67 34.74
C ILE B 48 -56.06 29.93 34.07
N GLN B 49 -57.06 29.73 33.21
CA GLN B 49 -57.72 30.84 32.54
C GLN B 49 -59.12 31.06 33.10
N VAL B 50 -59.90 29.98 33.17
CA VAL B 50 -61.23 30.04 33.76
C VAL B 50 -61.41 28.97 34.82
N ALA B 51 -61.99 29.38 35.95
CA ALA B 51 -62.37 28.42 36.98
C ALA B 51 -63.88 28.45 37.16
N HIS B 52 -64.57 27.51 36.51
CA HIS B 52 -66.02 27.43 36.61
C HIS B 52 -66.45 26.67 37.87
N LYS B 53 -67.27 27.31 38.68
CA LYS B 53 -67.72 26.73 39.94
C LYS B 53 -68.95 25.86 39.74
N THR B 54 -68.97 24.71 40.42
CA THR B 54 -70.05 23.74 40.26
C THR B 54 -70.56 23.30 41.62
N GLY B 55 -69.90 23.76 42.68
CA GLY B 55 -70.26 23.42 44.05
C GLY B 55 -69.35 24.11 45.04
N PRO B 56 -69.47 23.76 46.33
CA PRO B 56 -70.44 22.79 46.85
C PRO B 56 -71.84 23.39 46.96
N GLU B 57 -72.83 22.54 47.15
CA GLU B 57 -74.20 22.97 47.40
C GLU B 57 -74.85 22.03 48.39
N GLU B 58 -75.78 22.58 49.18
CA GLU B 58 -76.57 21.79 50.10
C GLU B 58 -77.35 20.74 49.32
N ASP B 59 -77.31 19.51 49.78
CA ASP B 59 -78.00 18.42 49.09
C ASP B 59 -78.14 17.20 49.98
N ASN B 60 -78.85 16.21 49.48
CA ASN B 60 -79.00 14.92 50.14
C ASN B 60 -79.32 13.92 49.03
N LYS B 61 -78.61 12.79 49.01
CA LYS B 61 -78.83 11.83 47.94
C LYS B 61 -80.20 11.16 48.02
N ALA B 62 -80.83 11.23 49.20
CA ALA B 62 -82.17 10.72 49.38
C ALA B 62 -83.21 11.62 48.70
N CYS B 63 -82.78 12.83 48.34
CA CYS B 63 -83.68 13.80 47.74
C CYS B 63 -83.90 13.52 46.26
N TYR B 64 -85.01 12.84 45.95
CA TYR B 64 -85.37 12.56 44.57
C TYR B 64 -86.87 12.69 44.37
N PRO B 65 -87.30 13.48 43.36
CA PRO B 65 -86.46 14.29 42.46
C PRO B 65 -85.60 15.30 43.22
N PRO B 66 -84.59 15.85 42.54
CA PRO B 66 -83.61 16.77 43.14
C PRO B 66 -84.25 18.03 43.70
N LEU B 67 -83.47 18.80 44.47
CA LEU B 67 -83.92 20.06 45.04
C LEU B 67 -84.34 21.07 43.98
N ILE B 68 -83.76 20.95 42.79
CA ILE B 68 -84.06 21.88 41.71
C ILE B 68 -85.37 21.54 41.01
N VAL B 69 -86.01 20.45 41.45
CA VAL B 69 -87.29 20.03 40.89
C VAL B 69 -88.36 19.98 41.99
N GLN B 70 -87.94 19.55 43.18
CA GLN B 70 -88.85 19.39 44.31
C GLN B 70 -88.19 19.88 45.58
N PRO B 71 -88.99 20.45 46.49
CA PRO B 71 -88.51 20.72 47.84
C PRO B 71 -88.30 19.38 48.54
N CYS B 72 -87.28 19.27 49.38
CA CYS B 72 -87.01 18.00 50.06
C CYS B 72 -87.22 18.11 51.57
N SER B 73 -87.72 17.02 52.16
CA SER B 73 -87.94 16.98 53.59
C SER B 73 -86.71 16.50 54.33
N GLU B 74 -85.83 15.77 53.63
CA GLU B 74 -84.59 15.27 54.20
C GLU B 74 -83.71 16.44 54.65
N VAL B 75 -82.93 16.19 55.71
CA VAL B 75 -81.96 17.19 56.17
C VAL B 75 -80.81 17.34 55.18
N LEU B 76 -80.48 18.58 54.83
CA LEU B 76 -79.46 18.85 53.82
C LEU B 76 -78.07 19.03 54.41
N THR B 77 -77.06 18.63 53.65
CA THR B 77 -75.68 18.82 54.03
C THR B 77 -74.93 19.49 52.89
N LEU B 78 -74.00 20.38 53.21
CA LEU B 78 -73.12 20.94 52.19
C LEU B 78 -72.42 19.77 51.50
N THR B 79 -72.70 19.61 50.20
CA THR B 79 -72.25 18.44 49.46
C THR B 79 -71.27 18.79 48.35
N ASN B 80 -70.21 18.01 48.23
CA ASN B 80 -69.26 18.18 47.14
C ASN B 80 -69.84 17.68 45.82
N ASN B 81 -69.63 18.46 44.76
CA ASN B 81 -70.06 18.07 43.43
C ASN B 81 -68.93 17.41 42.63
N VAL B 82 -68.96 16.08 42.56
CA VAL B 82 -67.95 15.30 41.85
C VAL B 82 -68.16 15.37 40.35
N ASN B 83 -67.10 15.68 39.59
CA ASN B 83 -67.16 15.58 38.14
C ASN B 83 -67.23 14.12 37.73
N LYS B 84 -68.26 13.78 36.96
CA LYS B 84 -68.56 12.39 36.63
C LYS B 84 -68.39 12.16 35.14
N LEU B 85 -68.40 13.25 34.39
CA LEU B 85 -68.27 13.17 32.95
C LEU B 85 -67.77 14.50 32.40
N LEU B 86 -66.82 14.44 31.49
CA LEU B 86 -66.23 15.62 30.88
C LEU B 86 -65.91 15.33 29.43
N ILE B 87 -66.67 15.91 28.52
CA ILE B 87 -66.52 15.59 27.10
C ILE B 87 -66.60 16.82 26.22
N ILE B 88 -65.63 16.98 25.33
CA ILE B 88 -65.64 18.07 24.38
C ILE B 88 -66.56 17.73 23.22
N ASP B 89 -67.49 18.63 22.93
CA ASP B 89 -68.38 18.48 21.80
C ASP B 89 -67.84 19.35 20.67
N TYR B 90 -66.93 18.77 19.88
CA TYR B 90 -66.15 19.54 18.92
C TYR B 90 -66.99 20.26 17.87
N SER B 91 -68.00 19.58 17.34
CA SER B 91 -68.86 20.17 16.32
C SER B 91 -69.45 21.51 16.77
N GLU B 92 -69.79 21.61 18.05
CA GLU B 92 -70.50 22.77 18.56
C GLU B 92 -69.69 23.63 19.53
N ASN B 93 -68.37 23.51 19.47
CA ASN B 93 -67.48 24.32 20.30
C ASN B 93 -67.96 24.48 21.74
N ARG B 94 -68.35 23.36 22.36
CA ARG B 94 -68.82 23.39 23.73
C ARG B 94 -68.31 22.18 24.51
N LEU B 95 -68.56 22.18 25.80
CA LEU B 95 -68.07 21.12 26.70
C LEU B 95 -69.20 20.60 27.58
N LEU B 96 -69.33 19.29 27.66
CA LEU B 96 -70.35 18.67 28.49
C LEU B 96 -69.76 18.26 29.84
N ALA B 97 -70.33 18.79 30.92
CA ALA B 97 -69.86 18.46 32.26
C ALA B 97 -71.03 18.04 33.15
N CYS B 98 -70.93 16.86 33.74
CA CYS B 98 -71.99 16.33 34.57
C CYS B 98 -71.44 15.96 35.94
N GLY B 99 -72.07 16.46 37.00
CA GLY B 99 -71.61 16.20 38.35
C GLY B 99 -72.41 15.11 39.05
N SER B 100 -72.16 14.93 40.35
CA SER B 100 -72.93 13.99 41.17
C SER B 100 -74.04 14.74 41.91
N LEU B 101 -73.94 16.07 41.91
CA LEU B 101 -74.87 16.92 42.61
C LEU B 101 -76.28 16.83 42.01
N TYR B 102 -77.29 16.90 42.86
CA TYR B 102 -78.69 16.87 42.39
C TYR B 102 -78.98 15.69 41.48
N GLN B 103 -78.65 14.48 41.93
CA GLN B 103 -78.97 13.27 41.17
C GLN B 103 -78.29 13.21 39.80
N GLY B 104 -77.20 13.94 39.64
CA GLY B 104 -76.38 13.82 38.44
C GLY B 104 -76.85 14.61 37.24
N VAL B 105 -77.22 15.87 37.45
CA VAL B 105 -77.61 16.75 36.36
C VAL B 105 -76.39 17.18 35.54
N CYS B 106 -76.61 17.62 34.30
CA CYS B 106 -75.51 18.00 33.41
C CYS B 106 -75.54 19.48 33.01
N LYS B 107 -74.40 19.98 32.56
CA LYS B 107 -74.27 21.34 32.05
C LYS B 107 -73.58 21.33 30.70
N LEU B 108 -73.92 22.28 29.84
CA LEU B 108 -73.14 22.55 28.64
C LEU B 108 -72.43 23.88 28.82
N LEU B 109 -71.11 23.88 28.60
CA LEU B 109 -70.33 25.10 28.77
C LEU B 109 -69.65 25.49 27.46
N ARG B 110 -69.56 26.80 27.23
CA ARG B 110 -68.87 27.30 26.05
C ARG B 110 -67.37 27.13 26.27
N LEU B 111 -66.66 26.68 25.24
CA LEU B 111 -65.24 26.34 25.38
C LEU B 111 -64.35 27.51 25.79
N ASP B 112 -64.61 28.69 25.25
CA ASP B 112 -63.73 29.83 25.47
C ASP B 112 -63.79 30.43 26.88
N ASP B 113 -64.99 30.47 27.47
CA ASP B 113 -65.16 31.13 28.77
C ASP B 113 -65.88 30.27 29.80
N LEU B 114 -66.28 29.07 29.40
CA LEU B 114 -67.01 28.15 30.27
C LEU B 114 -68.31 28.76 30.79
N PHE B 115 -68.88 29.66 30.00
CA PHE B 115 -70.18 30.25 30.33
C PHE B 115 -71.28 29.23 30.07
N ILE B 116 -72.17 29.04 31.06
CA ILE B 116 -73.22 28.04 30.96
C ILE B 116 -74.17 28.31 29.79
N LEU B 117 -74.24 27.37 28.86
CA LEU B 117 -75.13 27.49 27.71
C LEU B 117 -76.53 26.98 28.05
N VAL B 118 -76.58 25.90 28.82
CA VAL B 118 -77.84 25.27 29.17
C VAL B 118 -77.61 24.21 30.23
N GLU B 119 -78.65 23.90 30.99
CA GLU B 119 -78.57 22.88 32.03
C GLU B 119 -79.90 22.14 32.14
N PRO B 120 -80.14 21.18 31.23
CA PRO B 120 -81.36 20.37 31.19
C PRO B 120 -81.72 19.84 32.57
N SER B 121 -82.95 20.08 33.03
CA SER B 121 -83.31 19.69 34.40
C SER B 121 -84.81 19.57 34.65
N HIS B 122 -85.61 19.46 33.61
CA HIS B 122 -87.05 19.31 33.79
C HIS B 122 -87.55 17.88 33.60
N LYS B 123 -86.85 17.12 32.76
CA LYS B 123 -87.25 15.74 32.51
C LYS B 123 -86.52 14.74 33.40
N LYS B 124 -87.18 13.63 33.69
CA LYS B 124 -86.62 12.59 34.54
C LYS B 124 -85.22 12.16 34.11
N GLU B 125 -85.05 11.88 32.82
CA GLU B 125 -83.77 11.35 32.33
C GLU B 125 -82.67 12.40 32.31
N HIS B 126 -83.02 13.67 32.50
CA HIS B 126 -82.02 14.72 32.60
C HIS B 126 -81.12 14.51 33.83
N TYR B 127 -81.51 13.58 34.69
CA TYR B 127 -80.71 13.25 35.86
C TYR B 127 -80.12 11.86 35.70
N LEU B 128 -78.79 11.80 35.62
CA LEU B 128 -78.10 10.61 35.14
C LEU B 128 -77.88 9.52 36.18
N SER B 129 -77.69 9.92 37.43
CA SER B 129 -77.29 9.00 38.50
C SER B 129 -76.85 9.76 39.74
N SER B 130 -77.17 9.22 40.91
CA SER B 130 -76.81 9.85 42.17
C SER B 130 -75.44 9.38 42.67
N VAL B 131 -74.87 8.39 41.99
CA VAL B 131 -73.55 7.87 42.35
C VAL B 131 -72.51 9.00 42.43
N ASN B 132 -71.76 9.05 43.53
CA ASN B 132 -70.75 10.09 43.72
C ASN B 132 -69.32 9.56 43.67
N LYS B 133 -69.14 8.42 43.03
CA LYS B 133 -67.83 7.80 42.90
C LYS B 133 -67.33 7.83 41.46
N THR B 134 -66.11 8.33 41.27
CA THR B 134 -65.54 8.44 39.95
C THR B 134 -65.20 7.06 39.36
N GLY B 135 -65.03 7.01 38.05
CA GLY B 135 -64.66 5.78 37.38
C GLY B 135 -65.81 4.81 37.23
N THR B 136 -67.03 5.33 37.18
CA THR B 136 -68.22 4.51 37.10
C THR B 136 -69.11 4.95 35.95
N MET B 137 -68.84 6.13 35.42
CA MET B 137 -69.61 6.67 34.31
C MET B 137 -68.71 7.03 33.13
N TYR B 138 -69.17 6.72 31.92
CA TYR B 138 -68.47 7.15 30.72
C TYR B 138 -69.44 7.46 29.58
N GLY B 139 -69.12 8.48 28.79
CA GLY B 139 -69.95 8.86 27.66
C GLY B 139 -69.20 8.93 26.34
N VAL B 140 -69.95 8.84 25.25
CA VAL B 140 -69.41 9.01 23.92
C VAL B 140 -70.37 9.83 23.06
N ILE B 141 -69.88 10.95 22.53
CA ILE B 141 -70.65 11.77 21.62
C ILE B 141 -70.47 11.27 20.18
N VAL B 142 -71.58 11.10 19.47
CA VAL B 142 -71.53 10.64 18.09
C VAL B 142 -72.38 11.54 17.20
N ARG B 143 -71.73 12.29 16.30
CA ARG B 143 -72.44 13.15 15.38
C ARG B 143 -71.86 13.07 13.97
N SER B 144 -72.57 12.39 13.08
CA SER B 144 -72.20 12.35 11.67
C SER B 144 -72.38 13.73 11.04
N GLU B 145 -72.55 13.77 9.72
CA GLU B 145 -72.70 15.05 9.03
C GLU B 145 -74.15 15.50 8.97
N GLY B 146 -75.05 14.58 8.65
CA GLY B 146 -76.46 14.92 8.47
C GLY B 146 -77.28 14.83 9.74
N GLU B 147 -76.64 14.51 10.85
CA GLU B 147 -77.33 14.40 12.13
C GLU B 147 -77.00 15.56 13.05
N ASP B 148 -77.95 15.94 13.91
CA ASP B 148 -77.79 17.06 14.82
C ASP B 148 -76.92 16.70 16.02
N GLY B 149 -76.83 15.41 16.34
CA GLY B 149 -75.99 14.95 17.43
C GLY B 149 -76.60 13.87 18.31
N LYS B 150 -75.73 13.07 18.91
CA LYS B 150 -76.15 11.93 19.71
C LYS B 150 -75.18 11.72 20.87
N LEU B 151 -75.69 11.36 22.04
CA LEU B 151 -74.83 11.05 23.17
C LEU B 151 -75.12 9.70 23.80
N PHE B 152 -74.11 8.82 23.80
CA PHE B 152 -74.21 7.54 24.47
C PHE B 152 -73.63 7.69 25.87
N ILE B 153 -74.35 7.18 26.87
CA ILE B 153 -73.89 7.29 28.24
C ILE B 153 -74.20 6.05 29.07
N GLY B 154 -73.17 5.53 29.73
CA GLY B 154 -73.31 4.39 30.62
C GLY B 154 -72.90 4.77 32.04
N THR B 155 -73.63 4.27 33.02
CA THR B 155 -73.39 4.67 34.40
C THR B 155 -73.86 3.63 35.43
N ALA B 156 -73.10 3.51 36.51
CA ALA B 156 -73.58 2.78 37.69
C ALA B 156 -74.80 3.51 38.21
N VAL B 157 -75.75 2.79 38.80
CA VAL B 157 -77.02 3.42 39.20
C VAL B 157 -77.27 3.38 40.71
N ASP B 158 -76.44 2.63 41.43
CA ASP B 158 -76.51 2.62 42.88
C ASP B 158 -77.79 1.98 43.42
N GLY B 159 -78.37 1.06 42.65
CA GLY B 159 -79.56 0.35 43.07
C GLY B 159 -80.86 1.07 42.72
N LYS B 160 -80.74 2.33 42.32
CA LYS B 160 -81.89 3.11 41.90
C LYS B 160 -82.28 2.75 40.47
N GLN B 161 -82.58 1.46 40.25
CA GLN B 161 -82.77 0.94 38.90
C GLN B 161 -83.97 1.56 38.17
N ASP B 162 -84.90 2.14 38.91
CA ASP B 162 -86.06 2.78 38.30
C ASP B 162 -85.83 4.28 38.09
N TYR B 163 -84.83 4.81 38.78
CA TYR B 163 -84.49 6.22 38.66
C TYR B 163 -83.62 6.46 37.42
N PHE B 164 -82.73 5.53 37.14
CA PHE B 164 -81.69 5.74 36.14
C PHE B 164 -81.42 4.49 35.30
N PRO B 165 -81.41 4.66 33.97
CA PRO B 165 -80.95 3.58 33.09
C PRO B 165 -79.44 3.40 33.26
N THR B 166 -78.95 2.18 33.10
CA THR B 166 -77.52 1.91 33.21
C THR B 166 -76.78 2.29 31.93
N LEU B 167 -77.48 2.21 30.80
CA LEU B 167 -76.93 2.60 29.50
C LEU B 167 -78.05 3.21 28.66
N SER B 168 -77.75 4.30 27.96
CA SER B 168 -78.76 4.92 27.11
C SER B 168 -78.17 5.88 26.10
N SER B 169 -78.98 6.25 25.12
CA SER B 169 -78.61 7.21 24.09
C SER B 169 -79.50 8.44 24.18
N ARG B 170 -78.90 9.62 24.12
CA ARG B 170 -79.65 10.87 24.25
C ARG B 170 -79.44 11.78 23.05
N LYS B 171 -80.36 12.72 22.89
CA LYS B 171 -80.25 13.73 21.84
C LYS B 171 -79.23 14.80 22.23
N LEU B 172 -78.30 15.10 21.33
CA LEU B 172 -77.40 16.23 21.50
C LEU B 172 -77.56 17.21 20.36
N PRO B 173 -78.69 17.92 20.31
CA PRO B 173 -78.99 18.82 19.20
C PRO B 173 -77.94 19.92 19.10
N ARG B 174 -77.66 20.37 17.88
CA ARG B 174 -76.70 21.45 17.68
C ARG B 174 -77.13 22.71 18.42
N ASP B 175 -78.43 22.96 18.45
CA ASP B 175 -78.98 24.12 19.16
C ASP B 175 -79.03 23.88 20.66
N PRO B 176 -78.24 24.66 21.43
CA PRO B 176 -78.17 24.53 22.88
C PRO B 176 -79.52 24.72 23.56
N GLU B 177 -80.35 25.59 22.97
CA GLU B 177 -81.65 25.91 23.56
C GLU B 177 -82.76 25.01 23.06
N SER B 178 -82.38 23.86 22.49
CA SER B 178 -83.37 22.88 22.08
C SER B 178 -84.05 22.32 23.32
N SER B 179 -85.37 22.14 23.23
CA SER B 179 -86.14 21.62 24.35
C SER B 179 -85.88 20.14 24.55
N ALA B 180 -85.37 19.49 23.51
CA ALA B 180 -85.12 18.05 23.55
C ALA B 180 -83.68 17.70 23.94
N MET B 181 -82.92 18.71 24.38
CA MET B 181 -81.53 18.48 24.77
C MET B 181 -81.43 17.44 25.88
N LEU B 182 -80.66 16.39 25.60
CA LEU B 182 -80.44 15.29 26.54
C LEU B 182 -81.67 14.42 26.78
N ASP B 183 -82.69 14.58 25.94
CA ASP B 183 -83.84 13.69 25.95
C ASP B 183 -83.41 12.33 25.39
N TYR B 184 -84.11 11.27 25.80
CA TYR B 184 -83.87 9.96 25.21
C TYR B 184 -83.97 10.08 23.70
N GLU B 185 -83.12 9.37 22.99
CA GLU B 185 -83.17 9.35 21.54
C GLU B 185 -84.49 8.72 21.10
N LEU B 186 -84.92 7.72 21.87
CA LEU B 186 -86.21 7.08 21.67
C LEU B 186 -86.78 6.71 23.02
N HIS B 187 -88.07 6.98 23.23
CA HIS B 187 -88.70 6.70 24.51
C HIS B 187 -90.17 6.30 24.35
N SER B 188 -90.44 5.01 24.53
CA SER B 188 -91.80 4.48 24.55
C SER B 188 -91.90 3.45 25.67
N ASP B 189 -93.06 2.84 25.81
CA ASP B 189 -93.29 1.91 26.91
C ASP B 189 -92.36 0.70 26.88
N PHE B 190 -92.19 0.10 25.70
CA PHE B 190 -91.43 -1.15 25.60
C PHE B 190 -90.29 -1.07 24.59
N VAL B 191 -90.11 0.11 23.98
CA VAL B 191 -89.01 0.30 23.05
C VAL B 191 -88.38 1.67 23.28
N SER B 192 -87.23 1.68 23.94
CA SER B 192 -86.52 2.93 24.20
C SER B 192 -85.03 2.74 23.98
N SER B 193 -84.34 3.85 23.79
CA SER B 193 -82.89 3.85 23.63
C SER B 193 -82.25 3.82 25.01
N LEU B 194 -82.48 2.74 25.75
CA LEU B 194 -81.98 2.62 27.11
C LEU B 194 -82.02 1.18 27.60
N ILE B 195 -81.13 0.86 28.53
CA ILE B 195 -81.14 -0.43 29.20
C ILE B 195 -81.31 -0.18 30.69
N LYS B 196 -82.26 -0.88 31.30
CA LYS B 196 -82.47 -0.75 32.74
C LYS B 196 -82.11 -2.04 33.46
N ILE B 197 -81.44 -1.92 34.60
CA ILE B 197 -81.12 -3.08 35.41
C ILE B 197 -82.39 -3.62 36.05
N PRO B 198 -82.75 -4.87 35.75
CA PRO B 198 -83.97 -5.48 36.29
C PRO B 198 -84.01 -5.46 37.81
N SER B 199 -85.19 -5.19 38.35
CA SER B 199 -85.39 -5.20 39.80
C SER B 199 -85.02 -6.54 40.42
N ASP B 200 -85.39 -7.63 39.75
CA ASP B 200 -85.12 -8.97 40.27
C ASP B 200 -83.63 -9.25 40.42
N THR B 201 -82.81 -8.59 39.61
CA THR B 201 -81.37 -8.81 39.65
C THR B 201 -80.76 -8.18 40.89
N LEU B 202 -81.24 -7.00 41.27
CA LEU B 202 -80.77 -6.34 42.47
C LEU B 202 -81.25 -7.08 43.72
N ALA B 203 -82.48 -7.60 43.65
CA ALA B 203 -83.04 -8.39 44.73
C ALA B 203 -82.18 -9.64 44.94
N LEU B 204 -81.96 -10.37 43.86
CA LEU B 204 -81.13 -11.57 43.91
C LEU B 204 -79.74 -11.22 44.44
N VAL B 205 -79.08 -10.29 43.77
CA VAL B 205 -77.71 -9.92 44.11
C VAL B 205 -77.55 -8.43 44.34
N SER B 206 -76.98 -8.08 45.50
CA SER B 206 -76.65 -6.71 45.81
C SER B 206 -75.34 -6.76 46.58
N HIS B 207 -74.51 -5.72 46.48
CA HIS B 207 -74.85 -4.47 45.80
C HIS B 207 -74.56 -4.51 44.31
N PHE B 208 -75.35 -5.28 43.55
CA PHE B 208 -75.13 -5.39 42.12
C PHE B 208 -75.18 -4.03 41.43
N ASP B 209 -74.21 -3.80 40.56
CA ASP B 209 -74.17 -2.58 39.77
C ASP B 209 -73.26 -2.78 38.57
N ILE B 210 -73.31 -1.85 37.62
CA ILE B 210 -72.47 -1.94 36.43
C ILE B 210 -71.60 -0.69 36.32
N PHE B 211 -70.29 -0.89 36.35
CA PHE B 211 -69.37 0.22 36.29
C PHE B 211 -68.81 0.39 34.88
N TYR B 212 -68.93 1.60 34.36
CA TYR B 212 -68.47 1.91 33.01
C TYR B 212 -67.10 2.59 33.03
N ILE B 213 -66.06 1.80 32.73
CA ILE B 213 -64.68 2.25 32.86
C ILE B 213 -64.24 3.13 31.70
N TYR B 214 -64.65 2.73 30.49
CA TYR B 214 -64.22 3.41 29.29
C TYR B 214 -65.24 3.23 28.18
N GLY B 215 -65.18 4.09 27.17
CA GLY B 215 -66.06 4.01 26.02
C GLY B 215 -65.40 4.64 24.81
N PHE B 216 -65.74 4.18 23.61
CA PHE B 216 -65.17 4.74 22.40
C PHE B 216 -65.99 4.44 21.15
N ALA B 217 -65.80 5.27 20.11
CA ALA B 217 -66.42 5.03 18.82
C ALA B 217 -65.39 4.52 17.82
N SER B 218 -65.73 3.44 17.12
CA SER B 218 -64.85 2.87 16.10
C SER B 218 -65.69 2.32 14.96
N GLY B 219 -65.49 2.88 13.76
CA GLY B 219 -66.28 2.48 12.62
C GLY B 219 -67.74 2.83 12.82
N GLY B 220 -68.63 1.89 12.56
CA GLY B 220 -70.05 2.14 12.71
C GLY B 220 -70.62 1.72 14.06
N PHE B 221 -69.77 1.67 15.08
CA PHE B 221 -70.21 1.21 16.39
C PHE B 221 -69.71 2.09 17.52
N VAL B 222 -70.38 1.99 18.67
CA VAL B 222 -69.86 2.51 19.92
C VAL B 222 -69.57 1.33 20.84
N TYR B 223 -68.57 1.48 21.69
CA TYR B 223 -68.15 0.41 22.58
C TYR B 223 -68.05 0.93 24.01
N PHE B 224 -68.54 0.12 24.94
CA PHE B 224 -68.36 0.43 26.35
C PHE B 224 -67.70 -0.74 27.05
N LEU B 225 -66.75 -0.43 27.91
CA LEU B 225 -66.04 -1.44 28.67
C LEU B 225 -66.50 -1.35 30.12
N THR B 226 -67.06 -2.45 30.62
CA THR B 226 -67.67 -2.44 31.95
C THR B 226 -67.11 -3.49 32.88
N VAL B 227 -67.29 -3.25 34.17
CA VAL B 227 -67.06 -4.25 35.21
C VAL B 227 -68.35 -4.39 36.01
N GLN B 228 -68.72 -5.61 36.36
CA GLN B 228 -69.91 -5.84 37.17
C GLN B 228 -69.82 -7.19 37.87
N PRO B 229 -70.49 -7.32 39.02
CA PRO B 229 -70.52 -8.59 39.75
C PRO B 229 -71.19 -9.66 38.90
N GLU B 230 -70.74 -10.90 39.05
CA GLU B 230 -71.32 -12.00 38.29
C GLU B 230 -72.56 -12.52 39.01
N THR B 231 -73.49 -13.09 38.25
CA THR B 231 -74.73 -13.59 38.84
C THR B 231 -74.83 -15.11 38.76
N PRO B 232 -75.46 -15.73 39.78
CA PRO B 232 -75.73 -17.17 39.82
C PRO B 232 -76.60 -17.63 38.65
N ASP B 242 -67.33 -15.41 48.50
CA ASP B 242 -66.61 -14.41 47.72
C ASP B 242 -67.43 -13.89 46.54
N LEU B 243 -67.16 -12.65 46.14
CA LEU B 243 -67.87 -12.02 45.05
C LEU B 243 -66.99 -11.99 43.81
N PHE B 244 -67.49 -12.54 42.71
CA PHE B 244 -66.76 -12.54 41.45
C PHE B 244 -67.30 -11.47 40.51
N TYR B 245 -66.40 -10.75 39.85
CA TYR B 245 -66.78 -9.71 38.91
C TYR B 245 -66.40 -10.10 37.48
N THR B 246 -67.11 -9.51 36.52
CA THR B 246 -66.83 -9.76 35.12
C THR B 246 -66.63 -8.45 34.37
N SER B 247 -65.57 -8.41 33.54
CA SER B 247 -65.29 -7.27 32.68
C SER B 247 -65.78 -7.58 31.28
N ARG B 248 -66.52 -6.65 30.69
CA ARG B 248 -67.15 -6.91 29.41
C ARG B 248 -66.98 -5.80 28.37
N ILE B 249 -67.11 -6.21 27.11
CA ILE B 249 -67.22 -5.27 26.00
C ILE B 249 -68.69 -5.22 25.58
N VAL B 250 -69.29 -4.04 25.65
CA VAL B 250 -70.66 -3.83 25.22
C VAL B 250 -70.66 -3.04 23.91
N ARG B 251 -71.23 -3.60 22.85
CA ARG B 251 -71.26 -2.91 21.57
C ARG B 251 -72.67 -2.52 21.13
N LEU B 252 -72.78 -1.36 20.50
CA LEU B 252 -74.01 -0.89 19.89
C LEU B 252 -73.68 -0.23 18.55
N CYS B 253 -74.61 -0.31 17.59
CA CYS B 253 -74.46 0.43 16.35
C CYS B 253 -74.70 1.92 16.61
N LYS B 254 -73.94 2.77 15.93
CA LYS B 254 -74.11 4.21 16.08
C LYS B 254 -75.54 4.63 15.77
N ASP B 255 -76.21 3.90 14.88
CA ASP B 255 -77.57 4.24 14.49
C ASP B 255 -78.53 3.09 14.83
N ASP B 256 -79.13 3.16 16.02
CA ASP B 256 -79.98 2.08 16.52
C ASP B 256 -80.78 2.50 17.76
N PRO B 257 -81.78 3.38 17.56
CA PRO B 257 -82.63 3.88 18.66
C PRO B 257 -83.22 2.77 19.51
N LYS B 258 -83.49 1.62 18.90
CA LYS B 258 -84.17 0.54 19.60
C LYS B 258 -83.23 -0.27 20.49
N PHE B 259 -81.92 -0.02 20.37
CA PHE B 259 -80.93 -0.76 21.14
C PHE B 259 -81.01 -2.26 20.88
N HIS B 260 -81.50 -2.62 19.69
CA HIS B 260 -81.56 -4.02 19.29
C HIS B 260 -80.19 -4.61 18.99
N SER B 261 -79.21 -3.73 18.77
CA SER B 261 -77.86 -4.17 18.40
C SER B 261 -77.01 -4.56 19.61
N TYR B 262 -77.59 -4.41 20.81
CA TYR B 262 -76.87 -4.66 22.05
C TYR B 262 -76.26 -6.07 22.09
N VAL B 263 -74.96 -6.12 22.31
CA VAL B 263 -74.26 -7.40 22.48
C VAL B 263 -73.10 -7.23 23.47
N SER B 264 -72.87 -8.25 24.30
CA SER B 264 -71.94 -8.14 25.42
C SER B 264 -71.10 -9.40 25.63
N LEU B 265 -69.78 -9.24 25.53
CA LEU B 265 -68.86 -10.37 25.74
C LEU B 265 -67.83 -10.05 26.82
N PRO B 266 -67.40 -11.08 27.56
CA PRO B 266 -66.32 -10.91 28.53
C PRO B 266 -65.03 -10.65 27.79
N PHE B 267 -64.04 -10.07 28.46
CA PHE B 267 -62.70 -10.00 27.87
C PHE B 267 -61.63 -9.86 28.93
N GLY B 268 -60.39 -10.12 28.54
CA GLY B 268 -59.27 -10.10 29.44
C GLY B 268 -58.06 -10.65 28.72
N CYS B 269 -57.07 -11.08 29.49
CA CYS B 269 -55.85 -11.61 28.88
C CYS B 269 -55.12 -12.50 29.87
N THR B 270 -54.17 -13.27 29.34
CA THR B 270 -53.46 -14.25 30.14
C THR B 270 -51.98 -14.26 29.78
N ARG B 271 -51.13 -14.46 30.78
CA ARG B 271 -49.72 -14.70 30.56
C ARG B 271 -49.04 -15.33 31.77
N ALA B 272 -48.17 -16.30 31.51
CA ALA B 272 -47.36 -16.90 32.55
C ALA B 272 -48.20 -17.46 33.70
N GLY B 273 -49.30 -18.13 33.37
CA GLY B 273 -50.14 -18.77 34.36
C GLY B 273 -50.96 -17.83 35.21
N VAL B 274 -51.18 -16.62 34.72
CA VAL B 274 -52.03 -15.66 35.43
C VAL B 274 -53.13 -15.09 34.53
N GLU B 275 -54.37 -15.21 34.99
CA GLU B 275 -55.51 -14.63 34.27
C GLU B 275 -55.78 -13.21 34.75
N TYR B 276 -55.77 -12.26 33.81
CA TYR B 276 -56.08 -10.87 34.14
C TYR B 276 -57.47 -10.50 33.65
N ARG B 277 -58.42 -10.39 34.59
CA ARG B 277 -59.83 -10.28 34.23
C ARG B 277 -60.54 -9.04 34.78
N LEU B 278 -59.89 -8.31 35.68
CA LEU B 278 -60.49 -7.11 36.26
C LEU B 278 -60.03 -5.86 35.54
N LEU B 279 -60.93 -5.28 34.73
CA LEU B 279 -60.61 -4.09 33.95
C LEU B 279 -60.34 -2.88 34.84
N GLN B 280 -59.23 -2.20 34.56
CA GLN B 280 -58.81 -1.03 35.33
C GLN B 280 -58.86 0.24 34.50
N ALA B 281 -58.48 0.13 33.23
CA ALA B 281 -58.38 1.30 32.36
C ALA B 281 -58.22 0.89 30.90
N ALA B 282 -58.45 1.84 29.99
CA ALA B 282 -58.34 1.57 28.56
C ALA B 282 -58.15 2.82 27.71
N TYR B 283 -57.78 2.62 26.45
CA TYR B 283 -57.47 3.72 25.55
C TYR B 283 -57.40 3.21 24.10
N LEU B 284 -58.15 3.85 23.21
CA LEU B 284 -58.14 3.49 21.80
C LEU B 284 -56.98 4.20 21.10
N ALA B 285 -56.20 3.46 20.33
CA ALA B 285 -55.10 4.04 19.56
C ALA B 285 -54.85 3.28 18.26
N LYS B 286 -53.79 3.66 17.55
CA LYS B 286 -53.38 2.92 16.36
C LYS B 286 -52.30 1.90 16.73
N PRO B 287 -52.16 0.85 15.91
CA PRO B 287 -51.34 -0.33 16.24
C PRO B 287 -49.84 -0.06 16.29
N GLY B 288 -49.31 0.69 15.33
CA GLY B 288 -47.87 0.69 15.10
C GLY B 288 -47.52 -0.52 14.25
N GLU B 289 -46.41 -0.45 13.54
CA GLU B 289 -46.08 -1.48 12.55
C GLU B 289 -46.00 -2.90 13.12
N ALA B 290 -45.29 -3.06 14.24
CA ALA B 290 -45.09 -4.37 14.84
C ALA B 290 -46.40 -5.09 15.20
N LEU B 291 -47.33 -4.36 15.82
CA LEU B 291 -48.61 -4.93 16.22
C LEU B 291 -49.53 -5.14 15.02
N ALA B 292 -49.44 -4.23 14.05
CA ALA B 292 -50.25 -4.35 12.84
C ALA B 292 -49.95 -5.68 12.16
N GLN B 293 -48.67 -6.03 12.11
CA GLN B 293 -48.26 -7.28 11.53
C GLN B 293 -48.68 -8.43 12.44
N ALA B 294 -48.45 -8.25 13.73
CA ALA B 294 -48.81 -9.26 14.71
C ALA B 294 -50.31 -9.57 14.69
N PHE B 295 -51.12 -8.54 14.44
CA PHE B 295 -52.57 -8.70 14.43
C PHE B 295 -53.15 -8.90 13.03
N ASN B 296 -52.32 -8.81 12.00
CA ASN B 296 -52.80 -8.97 10.64
C ASN B 296 -53.87 -7.92 10.33
N ILE B 297 -53.53 -6.65 10.55
CA ILE B 297 -54.46 -5.56 10.27
C ILE B 297 -53.72 -4.38 9.66
N SER B 298 -54.46 -3.48 9.01
CA SER B 298 -53.88 -2.27 8.47
C SER B 298 -53.36 -1.39 9.61
N SER B 299 -52.33 -0.60 9.31
CA SER B 299 -51.68 0.22 10.32
C SER B 299 -52.54 1.39 10.79
N ASP B 300 -53.67 1.62 10.12
CA ASP B 300 -54.57 2.70 10.51
C ASP B 300 -55.90 2.17 11.02
N GLU B 301 -55.90 0.91 11.45
CA GLU B 301 -57.06 0.35 12.13
C GLU B 301 -56.92 0.54 13.63
N ASP B 302 -58.04 0.44 14.35
CA ASP B 302 -58.05 0.77 15.77
C ASP B 302 -57.62 -0.38 16.67
N VAL B 303 -56.85 -0.04 17.70
CA VAL B 303 -56.47 -1.02 18.70
C VAL B 303 -56.83 -0.54 20.10
N LEU B 304 -57.44 -1.42 20.88
CA LEU B 304 -57.82 -1.10 22.24
C LEU B 304 -56.74 -1.51 23.22
N PHE B 305 -56.11 -0.53 23.85
CA PHE B 305 -55.11 -0.80 24.88
C PHE B 305 -55.79 -0.76 26.25
N ALA B 306 -55.58 -1.82 27.04
CA ALA B 306 -56.30 -1.97 28.30
C ALA B 306 -55.44 -2.47 29.44
N ILE B 307 -55.74 -2.00 30.64
CA ILE B 307 -55.12 -2.49 31.87
C ILE B 307 -56.07 -3.42 32.60
N PHE B 308 -55.58 -4.60 33.00
CA PHE B 308 -56.35 -5.54 33.81
C PHE B 308 -55.57 -5.95 35.05
N SER B 309 -56.29 -6.14 36.16
CA SER B 309 -55.69 -6.74 37.35
C SER B 309 -55.95 -8.24 37.37
N LYS B 310 -55.07 -8.97 38.06
CA LYS B 310 -55.22 -10.42 38.22
C LYS B 310 -56.58 -10.81 38.77
N GLY B 311 -57.15 -11.89 38.24
CA GLY B 311 -58.33 -12.50 38.81
C GLY B 311 -59.65 -11.80 38.49
N GLN B 312 -60.67 -12.14 39.26
CA GLN B 312 -62.00 -11.57 39.06
C GLN B 312 -62.62 -11.16 40.39
N LYS B 313 -61.78 -10.89 41.39
CA LYS B 313 -62.24 -10.51 42.72
C LYS B 313 -61.54 -9.24 43.21
N GLN B 314 -61.99 -8.73 44.35
CA GLN B 314 -61.39 -7.55 44.96
C GLN B 314 -61.53 -6.32 44.07
N TYR B 315 -62.73 -6.09 43.55
CA TYR B 315 -62.97 -4.96 42.65
C TYR B 315 -62.57 -3.62 43.25
N HIS B 316 -62.84 -3.42 44.54
CA HIS B 316 -62.58 -2.15 45.18
C HIS B 316 -61.12 -1.94 45.56
N HIS B 317 -60.39 -3.04 45.71
CA HIS B 317 -58.95 -2.98 45.93
C HIS B 317 -58.24 -4.06 45.11
N PRO B 318 -58.15 -3.84 43.79
CA PRO B 318 -57.63 -4.82 42.82
C PRO B 318 -56.20 -5.22 43.16
N PRO B 319 -55.86 -6.50 42.91
CA PRO B 319 -54.50 -7.01 43.15
C PRO B 319 -53.44 -6.16 42.45
N ASP B 320 -52.26 -6.05 43.04
CA ASP B 320 -51.18 -5.28 42.43
C ASP B 320 -50.75 -5.90 41.12
N ASP B 321 -50.80 -7.23 41.07
CA ASP B 321 -50.44 -7.97 39.87
C ASP B 321 -51.35 -7.58 38.71
N SER B 322 -50.79 -6.86 37.74
CA SER B 322 -51.61 -6.28 36.68
C SER B 322 -50.92 -6.32 35.31
N ALA B 323 -51.70 -6.14 34.25
CA ALA B 323 -51.23 -6.34 32.90
C ALA B 323 -51.72 -5.27 31.92
N LEU B 324 -50.90 -5.01 30.90
CA LEU B 324 -51.28 -4.18 29.77
C LEU B 324 -51.56 -5.09 28.59
N CYS B 325 -52.75 -4.96 28.01
CA CYS B 325 -53.17 -5.83 26.91
C CYS B 325 -53.68 -5.04 25.72
N ALA B 326 -53.71 -5.70 24.56
CA ALA B 326 -54.12 -5.06 23.32
C ALA B 326 -55.18 -5.88 22.61
N PHE B 327 -56.26 -5.20 22.20
CA PHE B 327 -57.34 -5.86 21.47
C PHE B 327 -57.56 -5.13 20.15
N PRO B 328 -57.33 -5.82 19.03
CA PRO B 328 -57.66 -5.22 17.74
C PRO B 328 -59.17 -5.12 17.62
N ILE B 329 -59.68 -3.96 17.24
CA ILE B 329 -61.12 -3.79 17.08
C ILE B 329 -61.68 -4.85 16.13
N ARG B 330 -60.91 -5.16 15.10
CA ARG B 330 -61.31 -6.16 14.10
C ARG B 330 -61.51 -7.53 14.75
N ALA B 331 -60.56 -7.93 15.58
CA ALA B 331 -60.69 -9.21 16.29
C ALA B 331 -61.94 -9.21 17.18
N ILE B 332 -62.27 -8.06 17.74
CA ILE B 332 -63.47 -7.94 18.57
C ILE B 332 -64.73 -8.10 17.74
N ASN B 333 -64.81 -7.34 16.65
CA ASN B 333 -65.98 -7.40 15.78
C ASN B 333 -66.21 -8.79 15.24
N LEU B 334 -65.12 -9.48 14.92
CA LEU B 334 -65.20 -10.84 14.39
C LEU B 334 -65.81 -11.78 15.41
N GLN B 335 -65.31 -11.73 16.65
CA GLN B 335 -65.82 -12.62 17.69
C GLN B 335 -67.29 -12.29 18.00
N ILE B 336 -67.67 -11.03 17.81
CA ILE B 336 -69.07 -10.64 17.97
C ILE B 336 -69.91 -11.19 16.82
N LYS B 337 -69.41 -11.07 15.59
CA LYS B 337 -70.12 -11.63 14.44
C LYS B 337 -70.34 -13.13 14.60
N GLU B 338 -69.28 -13.85 14.95
CA GLU B 338 -69.36 -15.30 15.12
C GLU B 338 -70.41 -15.67 16.15
N ARG B 339 -70.54 -14.83 17.17
CA ARG B 339 -71.53 -15.05 18.22
C ARG B 339 -72.94 -14.85 17.66
N LEU B 340 -73.13 -13.74 16.94
CA LEU B 340 -74.40 -13.47 16.29
C LEU B 340 -74.80 -14.62 15.36
N GLN B 341 -73.85 -15.07 14.54
CA GLN B 341 -74.11 -16.13 13.58
C GLN B 341 -74.56 -17.41 14.27
N SER B 342 -73.79 -17.87 15.27
CA SER B 342 -74.12 -19.13 15.93
C SER B 342 -75.47 -19.05 16.62
N CYS B 343 -75.83 -17.86 17.10
CA CYS B 343 -77.11 -17.66 17.77
C CYS B 343 -78.25 -17.71 16.76
N TYR B 344 -78.07 -17.03 15.63
CA TYR B 344 -79.07 -17.03 14.57
C TYR B 344 -79.08 -18.35 13.81
N HIS B 345 -78.34 -19.33 14.32
CA HIS B 345 -78.42 -20.68 13.80
C HIS B 345 -79.14 -21.56 14.81
N GLY B 346 -79.51 -20.96 15.94
CA GLY B 346 -80.29 -21.64 16.96
C GLY B 346 -79.43 -22.33 18.00
N GLU B 347 -78.15 -21.97 18.06
CA GLU B 347 -77.21 -22.63 18.97
C GLU B 347 -77.10 -21.93 20.32
N GLY B 348 -77.44 -22.65 21.38
CA GLY B 348 -77.27 -22.15 22.73
C GLY B 348 -78.30 -21.12 23.17
N ASN B 349 -77.94 -20.38 24.22
CA ASN B 349 -78.80 -19.34 24.78
C ASN B 349 -78.21 -17.95 24.56
N LEU B 350 -78.96 -16.93 24.95
CA LEU B 350 -78.47 -15.56 24.84
C LEU B 350 -77.39 -15.29 25.89
N GLU B 351 -77.57 -15.91 27.06
CA GLU B 351 -76.55 -15.88 28.12
C GLU B 351 -76.23 -14.48 28.64
N LEU B 352 -77.26 -13.80 29.16
CA LEU B 352 -77.08 -12.49 29.77
C LEU B 352 -78.05 -12.38 30.94
N ASN B 353 -77.79 -13.19 31.96
CA ASN B 353 -78.71 -13.39 33.07
C ASN B 353 -79.12 -12.14 33.84
N TRP B 354 -78.17 -11.24 34.09
CA TRP B 354 -78.48 -10.04 34.86
C TRP B 354 -79.56 -9.20 34.21
N LEU B 355 -79.69 -9.33 32.90
CA LEU B 355 -80.66 -8.52 32.16
C LEU B 355 -81.89 -9.34 31.78
N LEU B 356 -81.65 -10.48 31.13
CA LEU B 356 -82.74 -11.36 30.70
C LEU B 356 -83.38 -12.04 31.91
N GLY B 357 -82.64 -12.14 33.00
CA GLY B 357 -83.14 -12.73 34.23
C GLY B 357 -83.09 -14.24 34.24
N LYS B 358 -83.22 -14.86 33.07
CA LYS B 358 -83.31 -16.30 32.98
C LYS B 358 -82.58 -16.83 31.76
N ASP B 359 -82.69 -18.14 31.53
CA ASP B 359 -82.14 -18.76 30.34
C ASP B 359 -83.08 -18.57 29.15
N VAL B 360 -82.61 -17.90 28.12
CA VAL B 360 -83.39 -17.69 26.91
C VAL B 360 -82.67 -18.30 25.72
N GLN B 361 -83.33 -19.24 25.05
CA GLN B 361 -82.72 -19.94 23.92
C GLN B 361 -82.63 -19.07 22.67
N CYS B 362 -81.50 -19.17 21.98
CA CYS B 362 -81.33 -18.49 20.71
C CYS B 362 -82.36 -18.99 19.71
N THR B 363 -82.82 -18.12 18.83
CA THR B 363 -83.82 -18.47 17.84
C THR B 363 -83.22 -18.56 16.45
N LYS B 364 -83.28 -19.75 15.84
CA LYS B 364 -82.76 -19.93 14.49
C LYS B 364 -83.61 -19.16 13.49
N ALA B 365 -82.95 -18.38 12.65
CA ALA B 365 -83.62 -17.62 11.60
C ALA B 365 -82.66 -17.36 10.47
N PRO B 366 -83.09 -17.63 9.22
CA PRO B 366 -82.27 -17.49 8.02
C PRO B 366 -81.94 -16.05 7.71
N VAL B 367 -81.28 -15.36 8.64
CA VAL B 367 -80.89 -13.97 8.45
C VAL B 367 -79.38 -13.88 8.26
N PRO B 368 -78.94 -13.27 7.15
CA PRO B 368 -77.51 -13.12 6.90
C PRO B 368 -76.91 -12.10 7.86
N ILE B 369 -75.85 -12.49 8.58
CA ILE B 369 -75.22 -11.58 9.52
C ILE B 369 -74.05 -10.85 8.86
N ASP B 370 -74.33 -9.63 8.44
CA ASP B 370 -73.35 -8.78 7.78
C ASP B 370 -72.32 -8.26 8.79
N ASP B 371 -71.27 -7.62 8.30
CA ASP B 371 -70.33 -6.95 9.19
C ASP B 371 -71.04 -5.83 9.95
N ASN B 372 -71.97 -5.16 9.29
CA ASN B 372 -72.72 -4.07 9.91
C ASN B 372 -74.15 -4.44 10.27
N PHE B 373 -74.33 -5.67 10.73
CA PHE B 373 -75.63 -6.11 11.22
C PHE B 373 -75.97 -5.38 12.52
N CYS B 374 -77.14 -4.76 12.57
CA CYS B 374 -77.51 -3.94 13.72
C CYS B 374 -78.67 -4.52 14.53
N GLY B 375 -78.86 -5.84 14.44
CA GLY B 375 -79.84 -6.52 15.27
C GLY B 375 -81.27 -6.45 14.78
N LEU B 376 -82.10 -7.33 15.32
CA LEU B 376 -83.53 -7.34 15.06
C LEU B 376 -84.24 -7.49 16.40
N ASP B 377 -85.53 -7.82 16.37
CA ASP B 377 -86.29 -8.01 17.61
C ASP B 377 -85.85 -9.27 18.35
N ILE B 378 -85.59 -10.34 17.61
CA ILE B 378 -85.17 -11.60 18.20
C ILE B 378 -83.70 -11.57 18.60
N ASN B 379 -83.31 -12.53 19.43
CA ASN B 379 -81.91 -12.71 19.79
C ASN B 379 -81.23 -11.43 20.27
N GLN B 380 -81.92 -10.67 21.12
CA GLN B 380 -81.37 -9.45 21.69
C GLN B 380 -82.15 -9.06 22.93
N PRO B 381 -81.45 -8.48 23.93
CA PRO B 381 -80.00 -8.27 23.97
C PRO B 381 -79.23 -9.59 23.98
N LEU B 382 -77.97 -9.54 23.60
CA LEU B 382 -77.18 -10.76 23.49
C LEU B 382 -75.92 -10.74 24.35
N GLY B 383 -75.76 -11.79 25.15
CA GLY B 383 -74.57 -11.94 25.98
C GLY B 383 -73.61 -12.99 25.42
N GLY B 384 -72.98 -13.75 26.32
CA GLY B 384 -72.00 -14.74 25.93
C GLY B 384 -71.05 -15.05 27.07
N SER B 385 -70.44 -16.23 27.04
CA SER B 385 -69.56 -16.66 28.13
C SER B 385 -68.08 -16.73 27.75
N THR B 386 -67.80 -17.07 26.50
CA THR B 386 -66.42 -17.21 26.05
C THR B 386 -65.77 -15.84 25.82
N PRO B 387 -64.68 -15.56 26.56
CA PRO B 387 -64.00 -14.26 26.60
C PRO B 387 -63.26 -13.91 25.32
N VAL B 388 -63.18 -12.60 25.04
CA VAL B 388 -62.31 -12.11 23.98
C VAL B 388 -60.91 -11.97 24.57
N GLU B 389 -59.98 -12.78 24.07
CA GLU B 389 -58.62 -12.77 24.60
C GLU B 389 -57.76 -11.70 23.93
N GLY B 390 -57.10 -10.89 24.75
CA GLY B 390 -56.21 -9.89 24.24
C GLY B 390 -54.77 -10.36 24.22
N LEU B 391 -53.91 -9.61 23.55
CA LEU B 391 -52.47 -9.90 23.55
C LEU B 391 -51.82 -9.20 24.72
N THR B 392 -51.26 -9.97 25.64
CA THR B 392 -50.58 -9.38 26.80
C THR B 392 -49.25 -8.78 26.37
N LEU B 393 -49.07 -7.49 26.61
CA LEU B 393 -47.85 -6.79 26.22
C LEU B 393 -46.82 -6.67 27.35
N TYR B 394 -47.31 -6.54 28.58
CA TYR B 394 -46.44 -6.23 29.71
C TYR B 394 -47.17 -6.47 31.03
N THR B 395 -46.45 -6.92 32.05
CA THR B 395 -47.03 -7.13 33.37
C THR B 395 -46.13 -6.62 34.49
N THR B 396 -46.77 -6.28 35.61
CA THR B 396 -46.03 -5.88 36.82
C THR B 396 -46.56 -6.65 38.01
N SER B 397 -45.77 -6.73 39.07
CA SER B 397 -46.12 -7.56 40.22
C SER B 397 -46.52 -6.77 41.47
N ARG B 398 -46.04 -5.53 41.59
CA ARG B 398 -46.22 -4.78 42.84
C ARG B 398 -46.72 -3.35 42.63
N ASP B 399 -46.12 -2.65 41.66
CA ASP B 399 -46.54 -1.28 41.37
C ASP B 399 -47.72 -1.32 40.41
N ARG B 400 -48.90 -1.61 40.96
CA ARG B 400 -50.11 -1.82 40.18
C ARG B 400 -50.34 -0.75 39.10
N LEU B 401 -50.57 -1.22 37.88
CA LEU B 401 -50.88 -0.33 36.76
C LEU B 401 -52.29 0.27 36.94
N THR B 402 -52.42 1.57 36.64
CA THR B 402 -53.68 2.26 36.91
C THR B 402 -54.26 3.04 35.71
N SER B 403 -53.44 3.33 34.71
CA SER B 403 -53.91 4.06 33.55
C SER B 403 -53.10 3.74 32.29
N VAL B 404 -53.58 4.21 31.15
CA VAL B 404 -52.96 3.90 29.88
C VAL B 404 -53.31 4.92 28.79
N ALA B 405 -52.30 5.22 27.98
CA ALA B 405 -52.45 6.06 26.79
C ALA B 405 -51.39 5.60 25.82
N SER B 406 -51.62 5.81 24.52
CA SER B 406 -50.69 5.32 23.53
C SER B 406 -50.72 6.14 22.26
N TYR B 407 -49.61 6.14 21.54
CA TYR B 407 -49.58 6.74 20.20
C TYR B 407 -48.44 6.14 19.38
N VAL B 408 -48.37 6.53 18.11
CA VAL B 408 -47.37 5.95 17.22
C VAL B 408 -46.32 6.98 16.83
N TYR B 409 -45.06 6.69 17.14
CA TYR B 409 -43.95 7.52 16.70
C TYR B 409 -43.05 6.71 15.78
N ASN B 410 -42.87 7.19 14.56
CA ASN B 410 -42.00 6.54 13.58
C ASN B 410 -42.31 5.04 13.44
N GLY B 411 -43.59 4.69 13.42
CA GLY B 411 -44.01 3.31 13.26
C GLY B 411 -43.95 2.49 14.55
N TYR B 412 -43.48 3.10 15.62
CA TYR B 412 -43.41 2.41 16.91
C TYR B 412 -44.59 2.77 17.78
N SER B 413 -45.28 1.75 18.28
CA SER B 413 -46.32 1.98 19.26
C SER B 413 -45.70 2.21 20.63
N VAL B 414 -45.88 3.42 21.15
CA VAL B 414 -45.39 3.79 22.48
C VAL B 414 -46.56 3.85 23.45
N VAL B 415 -46.50 3.03 24.49
CA VAL B 415 -47.59 2.96 25.46
C VAL B 415 -47.18 3.52 26.82
N PHE B 416 -47.95 4.49 27.30
CA PHE B 416 -47.70 5.09 28.60
C PHE B 416 -48.63 4.49 29.65
N VAL B 417 -48.06 3.99 30.73
CA VAL B 417 -48.87 3.35 31.76
C VAL B 417 -48.62 3.95 33.14
N GLY B 418 -49.68 4.49 33.74
CA GLY B 418 -49.57 5.04 35.08
C GLY B 418 -49.56 3.95 36.13
N THR B 419 -49.02 4.25 37.30
CA THR B 419 -48.97 3.29 38.39
C THR B 419 -49.57 3.87 39.67
N LYS B 420 -49.90 3.00 40.61
CA LYS B 420 -50.54 3.41 41.86
C LYS B 420 -49.62 4.27 42.72
N SER B 421 -48.32 4.26 42.41
CA SER B 421 -47.36 5.02 43.21
C SER B 421 -46.90 6.30 42.53
N GLY B 422 -47.58 6.69 41.46
CA GLY B 422 -47.27 7.94 40.78
C GLY B 422 -46.17 7.84 39.74
N LYS B 423 -45.85 6.61 39.33
CA LYS B 423 -44.86 6.39 38.29
C LYS B 423 -45.53 6.28 36.93
N LEU B 424 -44.80 6.71 35.90
CA LEU B 424 -45.25 6.57 34.52
C LEU B 424 -44.27 5.69 33.75
N LYS B 425 -44.76 4.57 33.23
CA LYS B 425 -43.92 3.65 32.46
C LYS B 425 -44.03 3.92 30.96
N LYS B 426 -42.89 3.88 30.27
CA LYS B 426 -42.89 3.98 28.82
C LYS B 426 -42.61 2.61 28.22
N ILE B 427 -43.61 2.03 27.58
CA ILE B 427 -43.49 0.69 27.00
C ILE B 427 -43.44 0.77 25.48
N ARG B 428 -42.45 0.12 24.89
CA ARG B 428 -42.41 0.02 23.43
C ARG B 428 -43.09 -1.27 23.01
N ALA B 429 -44.14 -1.15 22.22
CA ALA B 429 -44.92 -2.33 21.83
C ALA B 429 -44.34 -3.06 20.62
N ASP B 430 -44.01 -4.33 20.83
CA ASP B 430 -43.65 -5.23 19.73
C ASP B 430 -44.54 -6.46 19.90
N GLY B 431 -44.87 -7.14 18.81
CA GLY B 431 -45.69 -8.33 18.91
C GLY B 431 -45.01 -9.44 19.69
N PRO B 432 -45.49 -10.68 19.54
CA PRO B 432 -44.80 -11.82 20.15
C PRO B 432 -43.36 -11.91 19.64
N PRO B 433 -42.51 -12.67 20.35
CA PRO B 433 -42.84 -13.41 21.57
C PRO B 433 -42.74 -12.55 22.83
N HIS B 434 -42.14 -11.37 22.72
CA HIS B 434 -41.92 -10.51 23.88
C HIS B 434 -43.15 -9.72 24.29
N GLY B 435 -43.84 -9.15 23.31
CA GLY B 435 -45.08 -8.44 23.57
C GLY B 435 -44.89 -6.95 23.79
N GLY B 436 -44.03 -6.60 24.74
CA GLY B 436 -43.78 -5.21 25.05
C GLY B 436 -42.54 -5.08 25.92
N VAL B 437 -41.91 -3.91 25.87
CA VAL B 437 -40.69 -3.69 26.62
C VAL B 437 -40.71 -2.31 27.26
N GLN B 438 -40.54 -2.28 28.58
CA GLN B 438 -40.43 -1.02 29.28
C GLN B 438 -39.03 -0.48 29.12
N TYR B 439 -38.90 0.68 28.49
CA TYR B 439 -37.58 1.26 28.28
C TYR B 439 -37.32 2.43 29.20
N GLU B 440 -38.34 2.82 29.97
CA GLU B 440 -38.18 3.88 30.95
C GLU B 440 -39.34 3.95 31.94
N MET B 441 -39.04 4.36 33.16
CA MET B 441 -40.06 4.67 34.14
C MET B 441 -39.75 6.00 34.82
N VAL B 442 -40.66 6.95 34.69
CA VAL B 442 -40.51 8.26 35.28
C VAL B 442 -41.24 8.33 36.62
N SER B 443 -40.66 9.05 37.57
CA SER B 443 -41.36 9.34 38.81
C SER B 443 -42.07 10.67 38.62
N VAL B 444 -43.40 10.64 38.46
CA VAL B 444 -44.14 11.86 38.16
C VAL B 444 -44.63 12.61 39.39
N PHE B 445 -45.21 11.89 40.35
CA PHE B 445 -45.73 12.55 41.56
C PHE B 445 -44.92 12.20 42.79
N LYS B 446 -44.29 13.22 43.38
CA LYS B 446 -43.39 13.02 44.50
C LYS B 446 -44.12 12.47 45.73
N ASP B 447 -45.41 12.77 45.86
CA ASP B 447 -46.17 12.32 47.03
C ASP B 447 -46.63 10.88 46.89
N GLY B 448 -46.30 10.28 45.74
CA GLY B 448 -46.63 8.89 45.49
C GLY B 448 -48.10 8.65 45.18
N SER B 449 -48.83 9.72 44.86
CA SER B 449 -50.25 9.61 44.53
C SER B 449 -50.46 8.81 43.24
N PRO B 450 -51.45 7.90 43.26
CA PRO B 450 -51.75 7.08 42.09
C PRO B 450 -52.11 7.94 40.87
N ILE B 451 -51.73 7.47 39.69
CA ILE B 451 -52.06 8.15 38.44
C ILE B 451 -53.49 7.81 38.03
N LEU B 452 -54.30 8.84 37.75
CA LEU B 452 -55.70 8.63 37.37
C LEU B 452 -55.80 8.17 35.92
N ARG B 453 -57.01 7.73 35.54
CA ARG B 453 -57.25 7.14 34.23
C ARG B 453 -57.03 8.09 33.06
N ASP B 454 -57.51 9.33 33.19
CA ASP B 454 -57.46 10.28 32.08
C ASP B 454 -56.05 10.84 31.83
N MET B 455 -55.46 10.44 30.72
CA MET B 455 -54.22 11.02 30.25
C MET B 455 -54.45 11.47 28.82
N ALA B 456 -53.84 12.58 28.43
CA ALA B 456 -54.03 13.09 27.06
C ALA B 456 -52.79 13.83 26.55
N PHE B 457 -52.54 13.71 25.25
CA PHE B 457 -51.40 14.33 24.61
C PHE B 457 -51.65 15.79 24.27
N SER B 458 -50.60 16.60 24.28
CA SER B 458 -50.65 17.92 23.68
C SER B 458 -50.94 17.72 22.19
N ILE B 459 -51.34 18.77 21.50
CA ILE B 459 -51.81 18.64 20.12
C ILE B 459 -50.79 17.99 19.17
N ASN B 460 -49.51 18.19 19.45
CA ASN B 460 -48.46 17.60 18.61
C ASN B 460 -47.67 16.49 19.32
N GLN B 461 -48.27 15.94 20.37
CA GLN B 461 -47.74 14.76 21.06
C GLN B 461 -46.32 14.91 21.63
N LEU B 462 -45.90 16.13 21.92
CA LEU B 462 -44.61 16.33 22.58
C LEU B 462 -44.75 16.11 24.07
N TYR B 463 -45.96 16.29 24.59
CA TYR B 463 -46.21 16.15 26.02
C TYR B 463 -47.35 15.18 26.28
N LEU B 464 -47.35 14.59 27.47
CA LEU B 464 -48.49 13.80 27.93
C LEU B 464 -48.98 14.36 29.25
N TYR B 465 -50.23 14.82 29.27
CA TYR B 465 -50.83 15.33 30.49
C TYR B 465 -51.30 14.17 31.36
N VAL B 466 -50.88 14.20 32.63
CA VAL B 466 -51.14 13.13 33.56
C VAL B 466 -51.63 13.73 34.88
N MET B 467 -52.53 13.05 35.57
CA MET B 467 -53.13 13.64 36.76
C MET B 467 -53.19 12.67 37.96
N SER B 468 -53.07 13.25 39.14
CA SER B 468 -53.42 12.57 40.38
C SER B 468 -54.67 13.24 40.94
N GLU B 469 -55.13 12.80 42.11
CA GLU B 469 -56.30 13.45 42.72
C GLU B 469 -56.00 14.91 43.08
N ARG B 470 -54.73 15.23 43.27
CA ARG B 470 -54.34 16.54 43.77
C ARG B 470 -53.61 17.39 42.74
N GLN B 471 -53.34 16.84 41.56
CA GLN B 471 -52.36 17.47 40.67
C GLN B 471 -52.46 17.06 39.20
N VAL B 472 -52.33 18.05 38.32
CA VAL B 472 -52.17 17.79 36.90
C VAL B 472 -50.75 18.18 36.48
N THR B 473 -50.07 17.28 35.78
CA THR B 473 -48.67 17.50 35.39
C THR B 473 -48.41 17.22 33.91
N ARG B 474 -47.72 18.15 33.25
CA ARG B 474 -47.37 17.99 31.84
C ARG B 474 -46.03 17.28 31.71
N VAL B 475 -46.06 16.02 31.25
CA VAL B 475 -44.86 15.21 31.18
C VAL B 475 -44.35 15.05 29.75
N PRO B 476 -43.10 15.50 29.51
CA PRO B 476 -42.48 15.33 28.19
C PRO B 476 -42.46 13.87 27.77
N VAL B 477 -42.98 13.62 26.56
CA VAL B 477 -42.97 12.27 25.98
C VAL B 477 -41.55 11.69 25.93
N GLU B 478 -40.72 11.54 26.44
CA GLU B 478 -39.34 11.19 26.18
C GLU B 478 -38.36 12.03 26.99
N SER B 479 -37.28 11.40 27.43
CA SER B 479 -36.19 12.11 28.10
C SER B 479 -34.84 11.61 27.56
N CYS B 480 -34.74 11.56 26.23
CA CYS B 480 -33.58 10.99 25.55
C CYS B 480 -32.23 11.55 26.02
N GLU B 481 -32.22 12.80 26.46
CA GLU B 481 -31.00 13.46 26.90
C GLU B 481 -30.30 12.73 28.04
N GLN B 482 -30.99 11.76 28.65
CA GLN B 482 -30.43 11.00 29.77
C GLN B 482 -29.35 10.03 29.31
N TYR B 483 -29.36 9.70 28.02
CA TYR B 483 -28.34 8.83 27.45
C TYR B 483 -27.18 9.68 26.93
N THR B 484 -25.98 9.41 27.47
CA THR B 484 -24.85 10.31 27.27
C THR B 484 -23.84 9.83 26.25
N THR B 485 -23.97 8.58 25.80
CA THR B 485 -23.14 8.07 24.71
C THR B 485 -23.99 7.50 23.60
N CYS B 486 -23.54 7.64 22.37
CA CYS B 486 -24.22 7.09 21.22
C CYS B 486 -24.63 5.64 21.48
N GLY B 487 -23.77 4.90 22.18
CA GLY B 487 -24.02 3.53 22.53
C GLY B 487 -25.24 3.34 23.42
N GLU B 488 -25.29 4.09 24.52
CA GLU B 488 -26.43 4.03 25.44
C GLU B 488 -27.70 4.46 24.73
N CYS B 489 -27.62 5.58 24.03
CA CYS B 489 -28.76 6.15 23.32
C CYS B 489 -29.40 5.14 22.36
N LEU B 490 -28.58 4.55 21.49
CA LEU B 490 -29.10 3.70 20.43
C LEU B 490 -29.25 2.23 20.82
N SER B 491 -29.13 1.94 22.11
CA SER B 491 -29.39 0.59 22.59
C SER B 491 -30.36 0.62 23.78
N SER B 492 -30.90 1.80 24.07
CA SER B 492 -31.88 1.97 25.13
C SER B 492 -33.15 1.22 24.77
N GLY B 493 -33.49 1.23 23.49
CA GLY B 493 -34.70 0.60 23.02
C GLY B 493 -35.84 1.60 22.98
N ASP B 494 -35.50 2.87 23.13
CA ASP B 494 -36.50 3.95 23.16
C ASP B 494 -36.71 4.50 21.76
N PRO B 495 -37.91 4.26 21.19
CA PRO B 495 -38.26 4.59 19.81
C PRO B 495 -38.07 6.08 19.50
N HIS B 496 -38.07 6.92 20.53
CA HIS B 496 -37.94 8.35 20.31
C HIS B 496 -36.49 8.81 20.17
N CYS B 497 -35.55 7.98 20.62
CA CYS B 497 -34.16 8.43 20.80
C CYS B 497 -33.20 8.08 19.67
N GLY B 498 -32.57 9.11 19.12
CA GLY B 498 -31.46 8.94 18.19
C GLY B 498 -30.24 9.68 18.71
N TRP B 499 -29.10 9.52 18.03
CA TRP B 499 -27.88 10.19 18.44
C TRP B 499 -27.53 11.38 17.56
N CYS B 500 -27.49 12.56 18.15
CA CYS B 500 -27.15 13.78 17.44
C CYS B 500 -25.63 13.92 17.44
N ALA B 501 -25.01 13.48 16.35
CA ALA B 501 -23.56 13.28 16.29
C ALA B 501 -22.69 14.47 16.72
N LEU B 502 -22.89 15.62 16.09
CA LEU B 502 -22.00 16.76 16.30
C LEU B 502 -22.25 17.48 17.62
N HIS B 503 -23.46 17.35 18.14
CA HIS B 503 -23.79 17.97 19.41
C HIS B 503 -23.59 17.00 20.57
N ASN B 504 -23.16 15.79 20.25
CA ASN B 504 -22.90 14.78 21.26
C ASN B 504 -24.09 14.64 22.20
N MET B 505 -25.27 14.39 21.63
CA MET B 505 -26.51 14.47 22.37
C MET B 505 -27.53 13.41 21.92
N CYS B 506 -28.19 12.78 22.89
CA CYS B 506 -29.28 11.86 22.59
C CYS B 506 -30.61 12.60 22.57
N SER B 507 -31.30 12.61 21.43
CA SER B 507 -32.52 13.38 21.30
C SER B 507 -33.46 12.88 20.21
N ARG B 508 -34.62 13.52 20.11
CA ARG B 508 -35.54 13.31 19.00
C ARG B 508 -34.89 13.85 17.74
N ARG B 509 -35.24 13.27 16.59
CA ARG B 509 -34.70 13.74 15.32
C ARG B 509 -34.92 15.24 15.13
N ASP B 510 -36.16 15.68 15.34
CA ASP B 510 -36.54 17.07 15.15
C ASP B 510 -35.91 17.99 16.20
N LYS B 511 -35.30 17.39 17.21
CA LYS B 511 -34.54 18.15 18.21
C LYS B 511 -33.05 18.25 17.86
N CYS B 512 -32.61 17.51 16.85
CA CYS B 512 -31.21 17.53 16.44
C CYS B 512 -31.00 18.49 15.28
N GLN B 513 -30.20 19.52 15.51
CA GLN B 513 -29.92 20.53 14.49
C GLN B 513 -29.17 19.92 13.29
N ARG B 514 -29.64 20.22 12.08
CA ARG B 514 -29.02 19.74 10.84
C ARG B 514 -29.12 18.22 10.70
N ALA B 515 -30.14 17.63 11.31
CA ALA B 515 -30.28 16.17 11.33
C ALA B 515 -30.40 15.60 9.92
N TRP B 516 -30.86 16.43 8.99
CA TRP B 516 -31.11 15.97 7.63
C TRP B 516 -29.83 15.93 6.80
N GLU B 517 -28.73 16.41 7.36
CA GLU B 517 -27.45 16.42 6.67
C GLU B 517 -26.64 15.16 6.96
N ALA B 518 -25.73 14.82 6.06
CA ALA B 518 -25.00 13.56 6.13
C ALA B 518 -24.49 13.21 7.54
N ASN B 519 -24.91 12.07 8.04
CA ASN B 519 -24.36 11.49 9.26
C ASN B 519 -24.48 12.35 10.52
N ARG B 520 -25.39 13.32 10.49
CA ARG B 520 -25.62 14.17 11.65
C ARG B 520 -26.48 13.47 12.70
N PHE B 521 -27.24 12.47 12.27
CA PHE B 521 -28.17 11.78 13.17
C PHE B 521 -28.11 10.27 12.98
N ALA B 522 -27.69 9.55 14.01
CA ALA B 522 -27.62 8.11 13.95
C ALA B 522 -28.87 7.48 14.55
N ALA B 523 -29.53 6.63 13.76
CA ALA B 523 -30.74 5.95 14.22
C ALA B 523 -30.44 4.51 14.58
N SER B 524 -29.21 4.08 14.31
CA SER B 524 -28.81 2.71 14.55
C SER B 524 -27.42 2.64 15.18
N ILE B 525 -27.25 1.72 16.11
CA ILE B 525 -25.98 1.53 16.80
C ILE B 525 -24.80 1.45 15.81
N SER B 526 -25.03 0.86 14.65
CA SER B 526 -23.97 0.73 13.64
C SER B 526 -23.55 2.08 13.04
N GLN B 527 -24.36 3.10 13.27
CA GLN B 527 -24.08 4.44 12.72
C GLN B 527 -23.33 5.29 13.73
N CYS B 528 -22.99 4.71 14.88
CA CYS B 528 -22.17 5.42 15.86
C CYS B 528 -20.74 5.57 15.35
N MET B 529 -20.50 7.93 15.76
CA MET B 529 -19.18 8.15 15.19
C MET B 529 -18.09 7.59 16.07
N SER B 530 -16.97 7.22 15.44
CA SER B 530 -15.75 6.89 16.15
C SER B 530 -14.61 7.59 15.45
N LEU B 531 -13.49 7.75 16.14
CA LEU B 531 -12.37 8.51 15.60
C LEU B 531 -11.10 7.66 15.59
N GLU B 532 -10.50 7.51 14.41
CA GLU B 532 -9.24 6.78 14.27
C GLU B 532 -8.07 7.72 13.99
N VAL B 533 -7.01 7.59 14.77
CA VAL B 533 -5.83 8.44 14.63
C VAL B 533 -4.60 7.61 14.30
N HIS B 534 -3.80 8.08 13.35
CA HIS B 534 -2.51 7.47 13.09
C HIS B 534 -1.42 8.51 12.87
N PRO B 535 -0.34 8.44 13.68
CA PRO B 535 -0.19 7.45 14.74
C PRO B 535 -1.09 7.79 15.94
N ASN B 536 -1.36 6.82 16.80
CA ASN B 536 -2.18 7.08 17.97
C ASN B 536 -1.35 7.46 19.19
N SER B 537 -0.04 7.59 18.97
CA SER B 537 0.89 8.02 20.01
C SER B 537 2.19 8.51 19.40
N ILE B 538 2.78 9.52 19.99
CA ILE B 538 4.05 10.06 19.52
C ILE B 538 5.02 10.34 20.66
N SER B 539 6.31 10.31 20.34
CA SER B 539 7.32 10.72 21.29
C SER B 539 7.10 12.18 21.64
N VAL B 540 7.29 12.53 22.91
CA VAL B 540 7.15 13.92 23.34
C VAL B 540 8.12 14.84 22.59
N SER B 541 9.28 14.32 22.23
CA SER B 541 10.28 15.07 21.49
C SER B 541 9.91 15.23 20.02
N ASP B 542 8.99 14.40 19.56
CA ASP B 542 8.57 14.40 18.17
C ASP B 542 7.38 15.34 17.97
N HIS B 543 7.61 16.62 18.19
CA HIS B 543 6.55 17.62 18.15
C HIS B 543 6.20 18.06 16.73
N SER B 544 5.10 18.80 16.61
CA SER B 544 4.65 19.31 15.32
C SER B 544 4.53 18.21 14.27
N ARG B 545 4.06 17.04 14.70
CA ARG B 545 3.78 15.95 13.78
C ARG B 545 2.48 16.18 13.03
N LEU B 546 2.41 15.64 11.82
CA LEU B 546 1.15 15.56 11.10
C LEU B 546 0.46 14.27 11.49
N LEU B 547 -0.81 14.36 11.88
CA LEU B 547 -1.57 13.17 12.23
C LEU B 547 -2.71 12.96 11.25
N SER B 548 -3.05 11.71 11.00
CA SER B 548 -4.18 11.39 10.13
C SER B 548 -5.37 10.92 10.95
N LEU B 549 -6.41 11.76 10.99
CA LEU B 549 -7.63 11.46 11.70
C LEU B 549 -8.71 11.01 10.73
N VAL B 550 -9.32 9.87 11.02
CA VAL B 550 -10.46 9.41 10.22
C VAL B 550 -11.72 9.35 11.07
N VAL B 551 -12.80 9.96 10.59
CA VAL B 551 -14.07 9.96 11.30
C VAL B 551 -15.03 8.96 10.68
N ASN B 552 -15.30 7.87 11.39
CA ASN B 552 -16.24 6.87 10.92
C ASN B 552 -17.69 7.33 11.11
N ASP B 553 -18.54 7.03 10.12
CA ASP B 553 -19.96 7.33 10.21
C ASP B 553 -20.19 8.82 10.40
N ALA B 554 -19.35 9.63 9.76
CA ALA B 554 -19.43 11.08 9.91
C ALA B 554 -20.36 11.70 8.87
N PRO B 555 -20.83 12.92 9.15
CA PRO B 555 -21.57 13.74 8.20
C PRO B 555 -20.59 14.60 7.44
N ASN B 556 -21.09 15.46 6.56
CA ASN B 556 -20.23 16.43 5.89
C ASN B 556 -19.43 17.24 6.90
N LEU B 557 -18.11 17.15 6.82
CA LEU B 557 -17.23 17.93 7.68
C LEU B 557 -16.66 19.13 6.93
N SER B 558 -17.02 19.24 5.66
CA SER B 558 -16.38 20.21 4.76
C SER B 558 -16.49 21.66 5.21
N GLU B 559 -17.41 21.95 6.13
CA GLU B 559 -17.55 23.31 6.63
C GLU B 559 -16.30 23.75 7.39
N GLY B 560 -15.59 22.78 7.95
CA GLY B 560 -14.38 23.05 8.69
C GLY B 560 -14.27 22.20 9.94
N ILE B 561 -13.03 21.84 10.29
CA ILE B 561 -12.76 21.07 11.49
C ILE B 561 -11.53 21.64 12.20
N ALA B 562 -11.56 21.62 13.53
CA ALA B 562 -10.41 22.01 14.32
C ALA B 562 -10.08 20.88 15.28
N CYS B 563 -8.79 20.66 15.53
CA CYS B 563 -8.36 19.63 16.45
C CYS B 563 -8.00 20.25 17.79
N ALA B 564 -8.53 19.66 18.85
CA ALA B 564 -8.23 20.11 20.21
C ALA B 564 -7.48 19.02 20.95
N PHE B 565 -6.26 19.34 21.37
CA PHE B 565 -5.46 18.41 22.16
C PHE B 565 -5.67 18.72 23.63
N GLY B 566 -6.63 18.04 24.25
CA GLY B 566 -7.01 18.35 25.62
C GLY B 566 -7.14 19.86 25.79
N ASN B 567 -6.55 20.39 26.86
CA ASN B 567 -6.52 21.83 27.09
C ASN B 567 -5.39 22.49 26.31
N LEU B 568 -4.41 21.69 25.91
CA LEU B 568 -3.14 22.20 25.39
C LEU B 568 -3.24 23.05 24.13
N THR B 569 -4.05 22.60 23.17
CA THR B 569 -3.98 23.16 21.83
C THR B 569 -5.28 23.06 21.07
N GLU B 570 -5.50 24.01 20.16
CA GLU B 570 -6.56 23.88 19.16
C GLU B 570 -6.11 24.51 17.84
N VAL B 571 -5.92 23.66 16.83
CA VAL B 571 -5.46 24.13 15.54
C VAL B 571 -6.43 23.73 14.44
N GLU B 572 -6.52 24.55 13.40
CA GLU B 572 -7.40 24.26 12.29
C GLU B 572 -6.90 23.05 11.50
N GLY B 573 -7.78 22.08 11.30
CA GLY B 573 -7.45 20.87 10.56
C GLY B 573 -7.70 21.02 9.08
N GLN B 574 -7.05 20.17 8.29
CA GLN B 574 -7.30 20.11 6.86
C GLN B 574 -8.27 18.97 6.60
N VAL B 575 -9.36 19.26 5.89
CA VAL B 575 -10.42 18.27 5.67
C VAL B 575 -10.54 17.76 4.24
N SER B 576 -10.50 16.44 4.10
CA SER B 576 -10.75 15.77 2.83
C SER B 576 -11.69 14.60 3.12
N GLY B 577 -12.96 14.76 2.78
CA GLY B 577 -13.96 13.75 3.09
C GLY B 577 -14.04 13.51 4.60
N SER B 578 -13.95 12.25 5.00
CA SER B 578 -13.99 11.90 6.42
C SER B 578 -12.59 11.84 7.02
N GLN B 579 -11.62 12.39 6.30
CA GLN B 579 -10.24 12.42 6.81
C GLN B 579 -9.84 13.82 7.23
N VAL B 580 -9.26 13.91 8.42
CA VAL B 580 -8.75 15.17 8.94
C VAL B 580 -7.26 15.05 9.23
N ILE B 581 -6.52 16.08 8.85
CA ILE B 581 -5.10 16.12 9.13
C ILE B 581 -4.78 17.32 10.01
N CYS B 582 -4.03 17.10 11.08
CA CYS B 582 -3.75 18.15 12.03
C CYS B 582 -2.34 18.09 12.57
N ILE B 583 -1.82 19.25 12.94
CA ILE B 583 -0.48 19.37 13.49
C ILE B 583 -0.51 19.19 15.00
N SER B 584 0.34 18.31 15.51
CA SER B 584 0.41 18.05 16.95
C SER B 584 1.08 19.21 17.65
N PRO B 585 0.88 19.32 18.98
CA PRO B 585 1.38 20.45 19.75
C PRO B 585 2.87 20.71 19.53
N GLY B 586 3.25 21.99 19.56
CA GLY B 586 4.64 22.39 19.45
C GLY B 586 5.37 22.28 20.77
N PRO B 587 6.70 22.44 20.73
CA PRO B 587 7.61 22.24 21.87
C PRO B 587 7.10 22.87 23.16
N LYS B 588 6.69 24.13 23.10
CA LYS B 588 6.20 24.83 24.28
C LYS B 588 4.94 24.19 24.85
N ASP B 589 4.14 23.59 23.98
CA ASP B 589 2.79 23.16 24.38
C ASP B 589 2.63 21.68 24.70
N VAL B 590 3.64 20.86 24.37
CA VAL B 590 3.57 19.44 24.68
C VAL B 590 3.51 19.24 26.20
N PRO B 591 2.79 18.20 26.64
CA PRO B 591 2.63 17.93 28.07
C PRO B 591 3.93 17.44 28.69
N VAL B 592 4.05 17.56 30.01
CA VAL B 592 5.18 16.97 30.73
C VAL B 592 4.75 15.65 31.33
N ILE B 593 5.63 14.66 31.28
CA ILE B 593 5.31 13.31 31.73
C ILE B 593 5.68 13.09 33.19
N PRO B 594 4.76 12.52 33.98
CA PRO B 594 4.98 12.12 35.37
C PRO B 594 5.78 10.80 35.44
N LEU B 595 6.96 10.84 36.05
CA LEU B 595 7.78 9.64 36.15
C LEU B 595 7.32 8.78 37.32
N ASP B 598 6.14 7.44 32.18
CA ASP B 598 6.54 6.93 30.87
C ASP B 598 5.70 7.55 29.75
N TRP B 599 4.42 7.75 30.01
CA TRP B 599 3.54 8.34 29.01
C TRP B 599 2.52 9.28 29.63
N PHE B 600 1.70 9.88 28.78
CA PHE B 600 0.70 10.84 29.23
C PHE B 600 -0.40 10.89 28.18
N GLY B 601 -1.60 10.49 28.58
CA GLY B 601 -2.72 10.47 27.67
C GLY B 601 -3.60 11.70 27.78
N LEU B 602 -4.29 12.02 26.69
CA LEU B 602 -5.27 13.09 26.68
C LEU B 602 -6.29 12.83 25.58
N GLU B 603 -7.40 13.54 25.61
CA GLU B 603 -8.44 13.38 24.60
C GLU B 603 -8.20 14.32 23.44
N LEU B 604 -8.00 13.75 22.27
CA LEU B 604 -7.89 14.50 21.04
C LEU B 604 -9.30 14.67 20.49
N GLN B 605 -9.69 15.91 20.22
CA GLN B 605 -11.08 16.23 19.91
C GLN B 605 -11.22 17.03 18.63
N LEU B 606 -12.32 16.80 17.92
CA LEU B 606 -12.64 17.59 16.74
C LEU B 606 -13.81 18.53 17.03
N ARG B 607 -13.62 19.80 16.69
CA ARG B 607 -14.70 20.77 16.79
C ARG B 607 -15.22 21.09 15.39
N SER B 608 -16.53 20.98 15.22
CA SER B 608 -17.17 21.35 13.97
C SER B 608 -17.20 22.87 13.80
N LYS B 609 -16.72 23.37 12.67
CA LYS B 609 -16.78 24.80 12.42
C LYS B 609 -18.20 25.24 12.06
N GLU B 610 -18.99 24.30 11.54
CA GLU B 610 -20.38 24.59 11.19
C GLU B 610 -21.20 24.91 12.44
N THR B 611 -21.01 24.12 13.49
CA THR B 611 -21.83 24.23 14.69
C THR B 611 -21.07 24.85 15.87
N GLY B 612 -19.76 24.69 15.88
CA GLY B 612 -18.93 25.22 16.94
C GLY B 612 -18.74 24.24 18.09
N LYS B 613 -19.23 23.02 17.91
CA LYS B 613 -19.25 22.04 18.98
C LYS B 613 -18.24 20.89 18.78
N ILE B 614 -17.59 20.49 19.87
CA ILE B 614 -16.83 19.24 19.89
C ILE B 614 -17.82 18.09 19.78
N PHE B 615 -17.59 17.18 18.84
CA PHE B 615 -18.56 16.12 18.58
C PHE B 615 -17.97 14.71 18.57
N VAL B 616 -16.65 14.61 18.54
CA VAL B 616 -15.98 13.31 18.64
C VAL B 616 -14.65 13.44 19.36
N SER B 617 -14.15 12.32 19.86
CA SER B 617 -12.91 12.31 20.61
C SER B 617 -12.30 10.92 20.61
N THR B 618 -11.02 10.86 20.96
CA THR B 618 -10.34 9.58 21.16
C THR B 618 -9.05 9.84 21.92
N GLU B 619 -8.50 8.79 22.53
CA GLU B 619 -7.29 8.97 23.33
C GLU B 619 -6.05 9.14 22.46
N PHE B 620 -5.21 10.09 22.84
CA PHE B 620 -3.93 10.31 22.20
C PHE B 620 -2.86 10.39 23.28
N LYS B 621 -1.78 9.62 23.11
CA LYS B 621 -0.77 9.48 24.15
C LYS B 621 0.60 9.99 23.72
N PHE B 622 1.26 10.71 24.62
CA PHE B 622 2.63 11.14 24.42
C PHE B 622 3.55 10.27 25.27
N TYR B 623 4.69 9.85 24.71
CA TYR B 623 5.60 9.01 25.47
C TYR B 623 7.03 9.54 25.51
N ASN B 624 7.79 9.06 26.50
CA ASN B 624 9.15 9.49 26.72
C ASN B 624 10.06 8.27 26.74
N CYS B 625 10.61 7.84 25.18
CA CYS B 625 11.50 6.68 25.17
C CYS B 625 12.58 6.78 26.25
N SER B 626 13.02 8.01 26.51
CA SER B 626 14.06 8.25 27.52
C SER B 626 13.63 7.77 28.90
N ALA B 627 12.32 7.61 29.07
CA ALA B 627 11.76 7.16 30.35
C ALA B 627 12.26 5.76 30.70
N HIS B 628 12.59 4.97 29.68
CA HIS B 628 13.13 3.64 29.89
C HIS B 628 14.65 3.73 29.99
N GLN B 629 15.22 3.05 30.98
CA GLN B 629 16.66 3.13 31.20
C GLN B 629 17.31 1.74 31.29
N LEU B 630 16.57 0.73 30.84
CA LEU B 630 17.10 -0.61 30.71
C LEU B 630 16.69 -1.12 29.33
N CYS B 631 17.53 -1.94 28.72
CA CYS B 631 17.25 -2.43 27.37
C CYS B 631 15.88 -3.10 27.26
N LEU B 632 15.63 -4.08 28.13
CA LEU B 632 14.39 -4.83 28.10
C LEU B 632 13.19 -3.90 28.26
N SER B 633 13.31 -2.91 29.14
CA SER B 633 12.26 -1.94 29.36
C SER B 633 11.99 -1.13 28.10
N CYS B 634 13.06 -0.60 27.51
CA CYS B 634 12.96 0.20 26.29
C CYS B 634 12.34 -0.59 25.15
N VAL B 635 12.86 -1.78 24.91
CA VAL B 635 12.42 -2.61 23.80
C VAL B 635 10.95 -3.01 23.90
N ASN B 636 10.52 -3.38 25.10
CA ASN B 636 9.17 -3.87 25.32
C ASN B 636 8.13 -2.75 25.46
N SER B 637 8.58 -1.52 25.33
CA SER B 637 7.66 -0.38 25.37
C SER B 637 6.51 -0.61 24.41
N ALA B 638 5.35 -0.07 24.73
CA ALA B 638 4.19 -0.15 23.86
C ALA B 638 4.42 0.72 22.62
N PHE B 639 5.32 1.69 22.75
CA PHE B 639 5.62 2.61 21.65
C PHE B 639 6.92 2.22 20.96
N ARG B 640 7.18 2.85 19.81
CA ARG B 640 8.38 2.52 19.02
C ARG B 640 9.66 3.14 19.61
N CYS B 641 10.33 2.36 20.45
CA CYS B 641 11.56 2.81 21.07
C CYS B 641 12.72 1.90 20.68
N HIS B 642 13.93 2.44 20.69
CA HIS B 642 15.11 1.68 20.33
C HIS B 642 16.19 1.85 21.39
N TRP B 643 16.81 0.74 21.78
CA TRP B 643 17.90 0.79 22.73
C TRP B 643 19.23 0.97 22.01
N CYS B 644 19.96 2.03 22.38
CA CYS B 644 21.30 2.25 21.84
C CYS B 644 22.32 1.50 22.71
N LYS B 645 22.74 0.36 22.22
CA LYS B 645 23.64 -0.53 22.95
C LYS B 645 24.81 0.21 23.61
N TYR B 646 25.56 0.96 22.80
CA TYR B 646 26.76 1.62 23.28
C TYR B 646 26.49 2.90 24.08
N ARG B 647 25.62 3.76 23.54
CA ARG B 647 25.27 4.99 24.24
C ARG B 647 24.51 4.68 25.52
N ASN B 648 24.08 3.42 25.65
CA ASN B 648 23.37 2.97 26.83
C ASN B 648 22.15 3.84 27.17
N LEU B 649 21.26 4.01 26.19
CA LEU B 649 20.02 4.75 26.42
C LEU B 649 18.90 4.33 25.46
N CYS B 650 17.67 4.68 25.84
CA CYS B 650 16.51 4.40 25.01
C CYS B 650 16.14 5.64 24.20
N THR B 651 15.81 5.44 22.93
CA THR B 651 15.52 6.57 22.03
C THR B 651 14.40 6.23 21.06
N HIS B 652 13.81 7.25 20.45
CA HIS B 652 12.82 7.06 19.40
C HIS B 652 13.49 7.12 18.04
N ASP B 653 14.65 7.77 17.99
CA ASP B 653 15.35 8.02 16.73
C ASP B 653 16.63 7.18 16.64
N PRO B 654 16.55 6.02 15.97
CA PRO B 654 17.64 5.05 15.88
C PRO B 654 18.92 5.63 15.29
N THR B 655 18.81 6.71 14.51
CA THR B 655 19.98 7.31 13.88
C THR B 655 20.83 8.09 14.89
N THR B 656 20.42 8.09 16.15
CA THR B 656 21.18 8.77 17.19
C THR B 656 22.00 7.80 18.03
N CYS B 657 21.83 6.51 17.79
CA CYS B 657 22.73 5.51 18.35
C CYS B 657 24.13 5.81 17.85
N SER B 658 25.16 5.44 18.61
CA SER B 658 26.53 5.76 18.26
C SER B 658 26.98 5.10 16.97
N PHE B 659 26.80 3.78 16.90
CA PHE B 659 27.07 3.03 15.68
C PHE B 659 25.83 2.28 15.25
N GLN B 660 25.70 2.04 13.96
CA GLN B 660 24.59 1.28 13.42
C GLN B 660 24.49 -0.07 14.11
N GLU B 661 25.62 -0.58 14.59
CA GLU B 661 25.68 -1.86 15.28
C GLU B 661 25.08 -1.80 16.69
N GLY B 662 24.91 -0.59 17.21
CA GLY B 662 24.41 -0.41 18.56
C GLY B 662 22.89 -0.53 18.70
N ARG B 663 22.19 -0.47 17.57
CA ARG B 663 20.72 -0.50 17.58
C ARG B 663 20.16 -1.85 18.03
N ILE B 664 19.35 -1.82 19.08
CA ILE B 664 18.64 -3.01 19.54
C ILE B 664 17.13 -2.76 19.54
N ASN B 665 16.38 -3.64 18.90
CA ASN B 665 14.94 -3.45 18.74
C ASN B 665 14.12 -4.49 19.50
N VAL B 666 14.66 -5.70 19.60
CA VAL B 666 13.96 -6.79 20.28
C VAL B 666 14.69 -7.16 21.57
N SER B 667 13.94 -7.65 22.54
CA SER B 667 14.50 -7.98 23.85
C SER B 667 15.42 -9.19 23.78
N GLU B 668 15.20 -10.04 22.77
CA GLU B 668 15.97 -11.28 22.66
C GLU B 668 17.47 -11.04 22.69
N ASP B 669 17.91 -9.92 22.10
CA ASP B 669 19.33 -9.59 22.09
C ASP B 669 19.66 -8.42 23.01
N CYS B 670 19.06 -8.42 24.19
CA CYS B 670 19.38 -7.44 25.23
C CYS B 670 20.47 -7.97 26.15
N PRO B 671 22.18 -6.41 25.79
CA PRO B 671 23.34 -6.75 26.61
C PRO B 671 23.01 -6.67 28.11
N GLN B 672 23.07 -7.87 29.63
CA GLN B 672 22.61 -8.16 30.97
C GLN B 672 23.56 -9.14 31.59
N LEU B 673 23.52 -9.25 32.94
CA LEU B 673 24.38 -10.20 33.58
C LEU B 673 23.54 -11.36 34.05
N VAL B 674 23.93 -12.59 33.64
CA VAL B 674 23.23 -13.80 33.99
C VAL B 674 23.80 -14.33 35.28
N PRO B 675 22.94 -14.97 36.04
CA PRO B 675 23.34 -15.52 37.31
C PRO B 675 24.04 -16.84 37.22
N THR B 676 24.87 -17.14 38.24
CA THR B 676 25.56 -18.39 38.37
C THR B 676 25.36 -18.79 39.79
N GLU B 677 25.96 -19.91 40.23
CA GLU B 677 25.81 -20.30 41.60
C GLU B 677 26.35 -19.16 42.40
N GLU B 678 25.85 -18.99 43.64
CA GLU B 678 26.14 -17.84 44.46
C GLU B 678 27.61 -17.54 44.48
N ILE B 679 27.94 -16.23 44.43
CA ILE B 679 29.32 -15.81 44.41
C ILE B 679 29.74 -15.64 45.83
N LEU B 680 30.64 -16.55 46.29
CA LEU B 680 31.10 -16.51 47.65
C LEU B 680 32.45 -15.87 47.67
N ILE B 681 32.62 -14.85 48.55
CA ILE B 681 33.91 -14.22 48.63
C ILE B 681 34.34 -14.09 50.06
N PRO B 682 35.46 -14.70 50.39
CA PRO B 682 36.00 -14.59 51.73
C PRO B 682 36.71 -13.28 51.86
N VAL B 683 36.73 -12.69 53.07
CA VAL B 683 37.41 -11.44 53.24
C VAL B 683 38.87 -11.73 53.42
N GLY B 684 39.73 -10.92 52.76
CA GLY B 684 41.15 -11.03 52.93
C GLY B 684 41.74 -12.16 52.13
N GLU B 685 41.04 -12.63 51.07
CA GLU B 685 41.62 -13.68 50.27
C GLU B 685 41.62 -13.26 48.84
N VAL B 686 42.72 -13.54 48.12
CA VAL B 686 42.81 -13.16 46.74
C VAL B 686 42.02 -14.13 45.92
N LYS B 687 41.00 -13.64 45.19
CA LYS B 687 40.22 -14.55 44.38
C LYS B 687 39.69 -13.83 43.17
N PRO B 688 39.58 -14.57 42.09
CA PRO B 688 38.98 -14.06 40.89
C PRO B 688 37.50 -14.29 40.94
N ILE B 689 36.68 -13.47 40.25
CA ILE B 689 35.26 -13.71 40.26
C ILE B 689 34.80 -13.82 38.84
N THR B 690 34.56 -15.05 38.36
CA THR B 690 34.13 -15.21 37.00
C THR B 690 32.67 -14.93 36.93
N LEU B 691 32.22 -14.27 35.85
CA LEU B 691 30.82 -14.02 35.67
C LEU B 691 30.41 -14.45 34.30
N LYS B 692 29.08 -14.67 34.15
CA LYS B 692 28.49 -15.00 32.88
C LYS B 692 27.53 -13.89 32.59
N ALA B 693 27.15 -13.71 31.31
CA ALA B 693 26.27 -12.63 30.94
C ALA B 693 25.85 -12.83 29.51
N ARG B 694 25.18 -11.81 28.91
CA ARG B 694 24.74 -11.91 27.54
C ARG B 694 24.93 -10.61 26.82
N ASN B 695 25.23 -10.70 25.51
CA ASN B 695 25.34 -9.57 24.61
C ASN B 695 26.18 -8.46 25.16
N LEU B 696 27.37 -8.77 25.71
CA LEU B 696 28.27 -7.74 26.16
C LEU B 696 28.83 -7.08 24.94
N PRO B 697 28.85 -5.77 24.92
CA PRO B 697 29.32 -5.02 23.78
C PRO B 697 30.82 -4.96 23.68
N GLN B 698 31.35 -4.86 22.43
CA GLN B 698 32.76 -4.67 22.30
C GLN B 698 32.92 -3.19 22.31
N PRO B 699 33.69 -2.71 23.25
CA PRO B 699 33.89 -1.30 23.40
C PRO B 699 34.38 -0.75 22.09
N GLN B 700 33.81 0.39 21.66
CA GLN B 700 34.15 0.95 20.39
C GLN B 700 35.19 2.00 20.59
N SER B 701 35.50 2.73 19.51
CA SER B 701 36.56 3.69 19.55
C SER B 701 36.28 4.71 20.61
N GLY B 702 37.34 5.08 21.35
CA GLY B 702 37.26 6.09 22.36
C GLY B 702 36.59 5.53 23.58
N GLN B 703 36.47 4.19 23.67
CA GLN B 703 35.78 3.65 24.81
C GLN B 703 36.70 2.72 25.54
N ARG B 704 36.65 2.76 26.88
CA ARG B 704 37.52 1.96 27.71
C ARG B 704 36.88 0.63 27.99
N GLY B 705 37.60 -0.20 28.78
CA GLY B 705 37.21 -1.55 29.09
C GLY B 705 36.35 -1.61 30.33
N TYR B 706 36.14 -2.85 30.83
CA TYR B 706 35.24 -3.21 31.90
C TYR B 706 35.89 -3.23 33.25
N GLU B 707 35.08 -2.89 34.28
CA GLU B 707 35.52 -2.92 35.65
C GLU B 707 34.39 -3.45 36.48
N CYS B 708 34.71 -3.95 37.70
CA CYS B 708 33.66 -4.37 38.57
C CYS B 708 33.72 -3.50 39.77
N VAL B 709 32.56 -2.93 40.16
CA VAL B 709 32.51 -2.05 41.28
C VAL B 709 31.71 -2.71 42.35
N LEU B 710 32.28 -2.77 43.57
CA LEU B 710 31.59 -3.38 44.66
C LEU B 710 31.11 -2.29 45.55
N SER B 711 29.80 -2.28 45.86
CA SER B 711 29.30 -1.23 46.69
C SER B 711 29.28 -1.73 48.09
N ILE B 712 30.38 -1.46 48.82
CA ILE B 712 30.50 -1.82 50.19
C ILE B 712 30.56 -0.52 50.91
N GLN B 713 29.73 -0.36 51.96
CA GLN B 713 29.63 0.90 52.64
C GLN B 713 30.98 1.25 53.16
N GLY B 714 31.68 0.29 53.78
CA GLY B 714 32.97 0.59 54.35
C GLY B 714 33.93 0.99 53.29
N ALA B 715 34.02 0.19 52.20
CA ALA B 715 34.94 0.56 51.17
C ALA B 715 34.44 0.02 49.87
N VAL B 716 34.51 0.85 48.81
CA VAL B 716 34.07 0.43 47.52
C VAL B 716 35.31 0.14 46.72
N HIS B 717 35.38 -1.05 46.10
CA HIS B 717 36.58 -1.42 45.40
C HIS B 717 36.34 -1.37 43.93
N ARG B 718 37.33 -0.82 43.18
CA ARG B 718 37.24 -0.77 41.75
C ARG B 718 38.26 -1.72 41.20
N VAL B 719 37.80 -2.81 40.54
CA VAL B 719 38.73 -3.75 39.98
C VAL B 719 38.44 -3.87 38.52
N PRO B 720 39.45 -3.74 37.70
CA PRO B 720 39.28 -3.85 36.28
C PRO B 720 39.07 -5.27 35.89
N ALA B 721 38.39 -5.51 34.75
CA ALA B 721 38.08 -6.87 34.37
C ALA B 721 38.28 -7.02 32.88
N LEU B 722 38.21 -8.27 32.38
CA LEU B 722 38.38 -8.49 30.98
C LEU B 722 37.15 -9.15 30.44
N ARG B 723 36.64 -8.68 29.28
CA ARG B 723 35.49 -9.36 28.74
C ARG B 723 36.00 -10.29 27.69
N PHE B 724 35.87 -11.60 27.97
CA PHE B 724 36.38 -12.63 27.11
C PHE B 724 35.59 -12.63 25.84
N ASN B 725 34.26 -12.59 25.97
CA ASN B 725 33.41 -12.62 24.82
C ASN B 725 32.10 -12.04 25.23
N SER B 726 31.07 -12.16 24.37
CA SER B 726 29.81 -11.55 24.65
C SER B 726 29.21 -12.12 25.90
N SER B 727 29.54 -13.39 26.23
CA SER B 727 28.98 -14.08 27.37
C SER B 727 29.75 -14.10 28.68
N SER B 728 31.03 -13.67 28.79
CA SER B 728 31.67 -13.90 30.07
C SER B 728 32.53 -12.74 30.51
N VAL B 729 32.72 -12.59 31.85
CA VAL B 729 33.51 -11.52 32.39
C VAL B 729 34.30 -12.07 33.57
N GLN B 730 35.32 -11.33 34.07
CA GLN B 730 36.05 -11.80 35.22
C GLN B 730 36.84 -10.66 35.84
N CYS B 731 36.60 -10.39 37.14
CA CYS B 731 37.35 -9.41 37.89
C CYS B 731 38.67 -10.04 38.19
N GLN B 732 39.74 -9.24 38.28
CA GLN B 732 41.05 -9.80 38.49
C GLN B 732 41.29 -10.06 39.95
N ASN B 733 42.33 -10.89 40.22
CA ASN B 733 42.66 -11.34 41.54
C ASN B 733 42.78 -10.18 42.47
N SER B 734 41.98 -10.20 43.56
CA SER B 734 42.01 -9.16 44.54
C SER B 734 41.35 -9.68 45.79
N SER B 735 41.53 -8.95 46.93
CA SER B 735 40.96 -9.34 48.19
C SER B 735 40.06 -8.22 48.64
N TYR B 736 39.01 -8.56 49.44
CA TYR B 736 38.03 -7.57 49.82
C TYR B 736 37.83 -7.60 51.30
N GLN B 737 37.37 -6.47 51.90
CA GLN B 737 37.16 -6.47 53.32
C GLN B 737 36.17 -5.39 53.68
N TYR B 738 35.51 -5.55 54.85
CA TYR B 738 34.65 -4.54 55.38
C TYR B 738 34.92 -4.41 56.84
N ASP B 739 34.69 -3.21 57.41
CA ASP B 739 34.99 -3.00 58.79
C ASP B 739 33.74 -3.21 59.59
N GLY B 740 33.89 -3.79 60.80
CA GLY B 740 32.76 -3.98 61.67
C GLY B 740 32.78 -5.32 62.34
N MET B 741 32.95 -6.43 61.61
CA MET B 741 32.99 -7.74 62.19
C MET B 741 31.69 -8.01 62.88
N ASP B 742 30.66 -7.23 62.53
CA ASP B 742 29.33 -7.37 63.06
C ASP B 742 28.54 -8.49 62.44
N ILE B 743 28.66 -8.71 61.11
CA ILE B 743 27.84 -9.68 60.44
C ILE B 743 28.70 -10.60 59.64
N SER B 744 28.46 -11.92 59.76
CA SER B 744 29.20 -12.92 59.05
C SER B 744 28.93 -12.87 57.58
N ASN B 745 27.64 -12.85 57.18
CA ASN B 745 27.33 -12.91 55.77
C ASN B 745 26.79 -11.58 55.33
N LEU B 746 27.55 -10.87 54.48
CA LEU B 746 27.11 -9.58 54.01
C LEU B 746 27.00 -9.63 52.52
N ALA B 747 25.76 -9.51 51.99
CA ALA B 747 25.59 -9.48 50.57
C ALA B 747 25.88 -8.09 50.10
N VAL B 748 26.57 -7.94 48.95
CA VAL B 748 26.89 -6.62 48.49
C VAL B 748 26.48 -6.47 47.07
N ASP B 749 25.87 -5.30 46.74
CA ASP B 749 25.49 -5.08 45.38
C ASP B 749 26.73 -4.79 44.60
N PHE B 750 26.82 -5.37 43.38
CA PHE B 750 27.96 -5.09 42.56
C PHE B 750 27.45 -4.54 41.26
N ALA B 751 28.21 -3.59 40.68
CA ALA B 751 27.82 -3.05 39.41
C ALA B 751 28.95 -3.27 38.46
N VAL B 752 28.62 -3.76 37.25
CA VAL B 752 29.62 -4.01 36.24
C VAL B 752 29.57 -2.82 35.33
N VAL B 753 30.71 -2.10 35.19
CA VAL B 753 30.74 -0.90 34.42
C VAL B 753 31.78 -1.02 33.34
N TRP B 754 31.56 -0.26 32.24
CA TRP B 754 32.56 -0.17 31.21
C TRP B 754 32.55 1.24 30.73
N ASN B 755 33.70 1.71 30.22
CA ASN B 755 33.85 3.04 29.72
C ASN B 755 33.58 4.04 30.80
N GLY B 756 33.82 3.65 32.07
CA GLY B 756 33.84 4.59 33.16
C GLY B 756 32.52 4.70 33.86
N ASN B 757 31.40 4.86 33.12
CA ASN B 757 30.19 5.09 33.84
C ASN B 757 29.04 4.32 33.25
N PHE B 758 29.27 3.54 32.19
CA PHE B 758 28.16 2.83 31.62
C PHE B 758 27.98 1.59 32.44
N ILE B 759 26.83 1.47 33.12
CA ILE B 759 26.61 0.32 33.97
C ILE B 759 25.72 -0.63 33.24
N ILE B 760 26.17 -1.91 33.19
CA ILE B 760 25.45 -2.97 32.53
C ILE B 760 24.29 -3.31 33.41
N ASP B 761 23.13 -3.66 32.79
CA ASP B 761 21.97 -3.95 33.58
C ASP B 761 22.09 -5.25 34.32
N ASN B 762 21.52 -5.29 35.55
CA ASN B 762 21.53 -6.48 36.35
C ASN B 762 20.13 -6.75 36.82
N PRO B 763 19.36 -7.45 36.04
CA PRO B 763 17.98 -7.79 36.33
C PRO B 763 17.78 -8.57 37.59
N GLN B 764 18.58 -9.63 37.78
CA GLN B 764 18.54 -10.51 38.91
C GLN B 764 19.04 -9.75 40.09
N ASP B 765 19.82 -8.69 39.85
CA ASP B 765 20.45 -7.91 40.89
C ASP B 765 21.38 -8.82 41.64
N LEU B 766 22.28 -9.47 40.91
CA LEU B 766 23.23 -10.41 41.47
C LEU B 766 24.13 -9.68 42.41
N LYS B 767 24.45 -10.35 43.55
CA LYS B 767 25.28 -9.73 44.53
C LYS B 767 26.38 -10.66 44.92
N VAL B 768 27.43 -10.09 45.56
CA VAL B 768 28.55 -10.87 46.01
C VAL B 768 28.46 -10.97 47.49
N HIS B 769 28.58 -12.20 48.02
CA HIS B 769 28.49 -12.41 49.43
C HIS B 769 29.88 -12.38 49.99
N LEU B 770 30.15 -11.39 50.86
CA LEU B 770 31.43 -11.34 51.52
C LEU B 770 31.23 -11.98 52.84
N TYR B 771 31.95 -13.10 53.10
CA TYR B 771 31.75 -13.75 54.36
C TYR B 771 33.07 -13.82 55.07
N LYS B 772 33.02 -13.65 56.41
CA LYS B 772 34.20 -13.77 57.20
C LYS B 772 34.01 -14.98 58.05
N CYS B 773 36.01 -15.63 57.77
CA CYS B 773 35.92 -16.68 58.73
C CYS B 773 35.72 -16.01 60.04
N ALA B 774 34.81 -16.62 60.81
CA ALA B 774 34.03 -16.06 61.87
C ALA B 774 34.54 -14.89 62.64
N ALA B 775 33.96 -13.72 62.30
CA ALA B 775 33.93 -12.56 63.11
C ALA B 775 32.80 -12.82 64.07
N GLN B 776 31.76 -13.52 63.54
CA GLN B 776 30.52 -13.90 64.17
C GLN B 776 30.58 -15.11 65.07
N ARG B 777 31.41 -16.13 64.76
CA ARG B 777 31.27 -17.36 65.50
C ARG B 777 32.50 -17.72 66.27
N GLU B 778 32.36 -17.64 67.61
CA GLU B 778 33.31 -17.93 68.64
C GLU B 778 33.36 -19.40 68.94
N SER B 779 32.35 -20.18 68.50
CA SER B 779 32.30 -21.55 68.92
C SER B 779 32.22 -22.48 67.75
N CYS B 780 32.82 -23.68 67.94
CA CYS B 780 32.95 -24.70 66.94
C CYS B 780 31.62 -25.07 66.38
N GLY B 781 30.58 -25.13 67.22
CA GLY B 781 29.26 -25.53 66.80
C GLY B 781 28.70 -24.56 65.80
N LEU B 782 28.98 -23.25 65.96
CA LEU B 782 28.45 -22.29 65.03
C LEU B 782 29.08 -22.36 63.66
N CYS B 783 30.39 -22.67 63.56
CA CYS B 783 31.04 -22.71 62.27
C CYS B 783 30.55 -23.81 61.40
N LEU B 784 30.48 -25.02 61.96
CA LEU B 784 30.08 -26.19 61.25
C LEU B 784 28.63 -26.03 60.90
N LYS B 785 27.93 -25.18 61.68
CA LYS B 785 26.54 -24.89 61.45
C LYS B 785 26.39 -24.16 60.13
N ALA B 786 27.32 -23.23 59.82
CA ALA B 786 27.28 -22.38 58.65
C ALA B 786 27.44 -23.20 57.40
N ASP B 787 27.34 -22.50 56.24
CA ASP B 787 27.36 -23.10 54.94
C ASP B 787 28.60 -23.91 54.71
N HIS B 788 28.40 -25.03 53.99
CA HIS B 788 29.45 -25.89 53.55
C HIS B 788 30.18 -25.18 52.47
N LYS B 789 29.48 -24.24 51.78
CA LYS B 789 30.00 -23.52 50.66
C LYS B 789 31.19 -22.71 51.06
N PHE B 790 31.12 -22.04 52.22
CA PHE B 790 32.15 -21.12 52.65
C PHE B 790 33.44 -21.86 52.79
N GLU B 791 33.37 -23.14 53.18
CA GLU B 791 34.52 -23.99 53.39
C GLU B 791 35.18 -23.56 54.65
N CYS B 792 34.53 -22.63 55.38
CA CYS B 792 35.08 -22.19 56.63
C CYS B 792 34.88 -23.30 57.61
N GLY B 793 35.89 -23.55 58.48
CA GLY B 793 35.79 -24.64 59.43
C GLY B 793 36.56 -24.30 60.68
N TRP B 794 36.30 -25.06 61.77
CA TRP B 794 36.89 -24.84 63.07
C TRP B 794 38.26 -25.44 63.16
N CYS B 795 39.25 -24.68 63.71
CA CYS B 795 40.60 -25.17 63.85
C CYS B 795 40.94 -25.25 65.31
N SER B 796 41.19 -26.48 65.81
CA SER B 796 41.33 -26.76 67.22
C SER B 796 42.41 -25.95 67.89
N GLY B 797 43.66 -25.96 67.37
CA GLY B 797 44.74 -25.36 68.10
C GLY B 797 44.51 -23.91 68.37
N GLU B 798 44.05 -23.15 67.35
CA GLU B 798 43.85 -21.74 67.51
C GLU B 798 42.74 -21.48 68.48
N ARG B 799 41.76 -22.39 68.55
CA ARG B 799 40.58 -22.16 69.31
C ARG B 799 39.80 -21.12 68.57
N ARG B 800 40.04 -21.05 67.24
CA ARG B 800 39.40 -20.11 66.37
C ARG B 800 38.96 -20.87 65.16
N CYS B 801 38.35 -20.17 64.18
CA CYS B 801 37.76 -20.85 63.07
C CYS B 801 38.12 -20.17 61.77
N THR B 802 38.81 -20.90 60.87
CA THR B 802 39.16 -20.38 59.57
C THR B 802 39.37 -21.54 58.63
N LEU B 803 39.63 -21.21 57.35
CA LEU B 803 39.79 -22.18 56.29
C LEU B 803 41.03 -22.97 56.51
N HIS B 804 41.18 -24.06 55.74
CA HIS B 804 42.31 -24.93 55.82
C HIS B 804 43.51 -24.10 55.48
N GLN B 805 43.37 -23.22 54.47
CA GLN B 805 44.48 -22.42 54.03
C GLN B 805 44.99 -21.60 55.18
N HIS B 806 44.08 -21.03 55.97
CA HIS B 806 44.35 -20.15 57.07
C HIS B 806 44.90 -20.85 58.29
N CYS B 807 44.71 -22.18 58.46
CA CYS B 807 45.19 -22.74 59.70
C CYS B 807 46.21 -23.81 59.41
N PRO B 808 47.34 -23.72 60.08
CA PRO B 808 48.47 -24.61 59.92
C PRO B 808 48.14 -26.02 60.30
N SER B 809 48.73 -27.02 59.61
CA SER B 809 48.40 -28.37 59.95
C SER B 809 49.52 -28.95 60.76
N THR B 810 49.37 -28.90 62.09
CA THR B 810 50.32 -29.57 62.93
C THR B 810 50.07 -31.00 62.64
N SER B 811 48.77 -31.33 62.49
CA SER B 811 48.35 -32.66 62.18
C SER B 811 47.25 -32.54 61.18
N SER B 812 46.78 -33.70 60.67
CA SER B 812 45.68 -33.78 59.75
C SER B 812 44.37 -33.30 60.37
N PRO B 813 44.19 -33.17 61.68
CA PRO B 813 42.88 -32.81 62.18
C PRO B 813 41.99 -31.55 62.03
N TRP B 814 42.36 -30.30 61.53
CA TRP B 814 41.45 -29.14 61.39
C TRP B 814 40.11 -29.67 61.01
N LEU B 815 39.05 -29.25 61.74
CA LEU B 815 37.83 -29.96 61.58
C LEU B 815 36.75 -29.20 60.89
N ASP B 816 36.07 -29.92 59.97
CA ASP B 816 34.95 -29.40 59.25
C ASP B 816 33.86 -30.43 59.32
N TRP B 817 32.60 -29.98 59.47
CA TRP B 817 31.51 -30.91 59.53
C TRP B 817 31.40 -31.52 58.17
N SER B 818 31.73 -32.81 58.04
CA SER B 818 31.68 -33.41 56.74
C SER B 818 30.28 -33.32 56.24
N SER B 819 29.41 -34.23 56.72
CA SER B 819 28.02 -34.15 56.43
C SER B 819 27.35 -33.41 57.53
N HIS B 820 27.93 -33.52 58.74
CA HIS B 820 27.41 -33.02 59.97
C HIS B 820 27.78 -34.05 60.98
N ASN B 821 28.49 -35.10 60.51
CA ASN B 821 28.85 -36.15 61.42
C ASN B 821 30.10 -35.75 62.11
N VAL B 822 30.08 -34.55 62.74
CA VAL B 822 31.23 -34.10 63.46
C VAL B 822 30.82 -33.65 64.83
N LYS B 823 31.29 -34.38 65.86
CA LYS B 823 30.96 -34.02 67.21
C LYS B 823 31.78 -32.80 67.52
N CYS B 824 31.25 -31.92 68.38
CA CYS B 824 31.89 -30.67 68.66
C CYS B 824 32.21 -30.61 70.14
N PRO C 5 -76.38 -74.82 -9.35
CA PRO C 5 -75.26 -75.75 -9.12
C PRO C 5 -75.42 -76.53 -7.82
N GLN C 6 -76.64 -76.62 -7.29
CA GLN C 6 -76.84 -77.19 -5.96
C GLN C 6 -77.44 -78.59 -5.96
N TYR C 7 -76.72 -79.54 -5.37
CA TYR C 7 -77.15 -80.93 -5.30
C TYR C 7 -78.10 -81.16 -4.12
N SER C 8 -78.85 -82.25 -4.18
CA SER C 8 -79.70 -82.68 -3.07
C SER C 8 -78.85 -82.99 -1.85
N THR C 9 -79.25 -82.50 -0.68
CA THR C 9 -78.46 -82.66 0.52
C THR C 9 -79.31 -82.90 1.79
N PHE C 10 -78.71 -83.57 2.78
CA PHE C 10 -79.37 -83.80 4.06
C PHE C 10 -78.43 -83.47 5.21
N HIS C 11 -78.89 -82.65 6.15
CA HIS C 11 -78.07 -82.22 7.28
C HIS C 11 -78.39 -82.98 8.58
N SER C 12 -77.39 -83.14 9.43
CA SER C 12 -77.60 -83.75 10.73
C SER C 12 -78.46 -82.87 11.63
N GLU C 13 -79.33 -83.50 12.41
CA GLU C 13 -80.24 -82.77 13.31
C GLU C 13 -79.48 -81.91 14.32
N ASN C 14 -78.21 -82.20 14.50
CA ASN C 14 -77.42 -81.53 15.54
C ASN C 14 -75.93 -81.56 15.22
N ARG C 15 -75.21 -80.54 15.66
CA ARG C 15 -73.80 -80.36 15.30
C ARG C 15 -72.87 -81.42 15.89
N ASP C 16 -73.36 -82.17 16.87
CA ASP C 16 -72.55 -83.19 17.54
C ASP C 16 -72.99 -84.59 17.13
N TRP C 17 -74.16 -84.69 16.53
CA TRP C 17 -74.72 -85.96 16.10
C TRP C 17 -74.22 -86.31 14.71
N THR C 18 -72.92 -86.58 14.62
CA THR C 18 -72.25 -86.75 13.33
C THR C 18 -72.66 -88.02 12.60
N PHE C 19 -72.60 -87.97 11.27
CA PHE C 19 -72.90 -89.13 10.43
C PHE C 19 -71.76 -90.15 10.47
N ASN C 20 -72.11 -91.43 10.38
CA ASN C 20 -71.13 -92.49 10.55
C ASN C 20 -71.03 -93.42 9.35
N HIS C 21 -72.18 -93.92 8.89
CA HIS C 21 -72.21 -94.89 7.81
C HIS C 21 -73.39 -94.63 6.90
N LEU C 22 -73.35 -95.22 5.71
CA LEU C 22 -74.37 -94.98 4.70
C LEU C 22 -74.51 -96.18 3.77
N THR C 23 -75.75 -96.53 3.46
CA THR C 23 -76.03 -97.65 2.57
C THR C 23 -77.30 -97.37 1.78
N VAL C 24 -77.35 -97.83 0.54
CA VAL C 24 -78.51 -97.61 -0.33
C VAL C 24 -79.12 -98.94 -0.73
N HIS C 25 -80.43 -99.07 -0.58
CA HIS C 25 -81.10 -100.32 -0.92
C HIS C 25 -81.11 -100.52 -2.44
N ARG C 26 -80.36 -101.53 -2.90
CA ARG C 26 -80.14 -101.74 -4.32
C ARG C 26 -81.43 -101.77 -5.13
N ARG C 27 -82.50 -102.26 -4.53
CA ARG C 27 -83.76 -102.41 -5.25
C ARG C 27 -84.70 -101.22 -5.09
N THR C 28 -84.79 -100.67 -3.89
CA THR C 28 -85.74 -99.60 -3.62
C THR C 28 -85.15 -98.22 -3.85
N GLY C 29 -83.83 -98.10 -3.72
CA GLY C 29 -83.18 -96.80 -3.81
C GLY C 29 -83.25 -96.07 -2.48
N ALA C 30 -83.91 -96.68 -1.50
CA ALA C 30 -83.99 -96.10 -0.16
C ALA C 30 -82.58 -95.86 0.37
N VAL C 31 -82.40 -94.71 1.01
CA VAL C 31 -81.09 -94.32 1.53
C VAL C 31 -81.09 -94.40 3.05
N TYR C 32 -80.19 -95.20 3.61
CA TYR C 32 -80.10 -95.37 5.06
C TYR C 32 -78.81 -94.78 5.61
N VAL C 33 -78.94 -93.88 6.58
CA VAL C 33 -77.80 -93.20 7.17
C VAL C 33 -77.63 -93.59 8.64
N GLY C 34 -76.45 -94.12 8.97
CA GLY C 34 -76.13 -94.47 10.33
C GLY C 34 -75.44 -93.31 11.01
N ALA C 35 -76.09 -92.72 12.00
CA ALA C 35 -75.58 -91.53 12.65
C ALA C 35 -75.59 -91.65 14.16
N ILE C 36 -74.89 -90.73 14.82
CA ILE C 36 -74.91 -90.65 16.27
C ILE C 36 -76.33 -90.39 16.75
N ASN C 37 -76.81 -91.26 17.64
CA ASN C 37 -78.15 -91.13 18.24
C ASN C 37 -79.31 -91.29 17.26
N ARG C 38 -79.01 -91.55 15.98
CA ARG C 38 -80.06 -91.67 14.97
C ARG C 38 -79.74 -92.68 13.87
N VAL C 39 -80.77 -93.37 13.41
CA VAL C 39 -80.72 -94.11 12.16
C VAL C 39 -81.77 -93.50 11.25
N TYR C 40 -81.36 -93.00 10.09
CA TYR C 40 -82.29 -92.34 9.19
C TYR C 40 -82.63 -93.16 7.96
N LYS C 41 -83.90 -93.13 7.56
CA LYS C 41 -84.31 -93.63 6.26
C LYS C 41 -84.72 -92.44 5.41
N LEU C 42 -84.17 -92.34 4.21
CA LEU C 42 -84.47 -91.21 3.32
C LEU C 42 -84.84 -91.65 1.91
N THR C 43 -85.54 -90.77 1.20
CA THR C 43 -85.91 -90.99 -0.19
C THR C 43 -84.70 -90.76 -1.08
N GLY C 44 -84.84 -91.09 -2.36
CA GLY C 44 -83.77 -90.89 -3.32
C GLY C 44 -83.18 -89.49 -3.27
N ASN C 45 -84.04 -88.49 -3.15
CA ASN C 45 -83.59 -87.10 -3.13
C ASN C 45 -83.29 -86.60 -1.72
N LEU C 46 -83.16 -87.54 -0.79
CA LEU C 46 -82.73 -87.24 0.58
C LEU C 46 -83.78 -86.49 1.39
N THR C 47 -85.03 -86.92 1.25
CA THR C 47 -86.12 -86.44 2.10
C THR C 47 -86.35 -87.45 3.20
N ILE C 48 -86.19 -87.03 4.45
CA ILE C 48 -86.31 -87.96 5.56
C ILE C 48 -87.70 -88.57 5.68
N GLN C 49 -87.76 -89.89 5.83
CA GLN C 49 -89.02 -90.58 6.02
C GLN C 49 -89.16 -91.09 7.45
N VAL C 50 -88.13 -91.78 7.93
CA VAL C 50 -88.10 -92.25 9.31
C VAL C 50 -86.83 -91.82 10.02
N ALA C 51 -86.98 -91.33 11.24
CA ALA C 51 -85.84 -91.02 12.09
C ALA C 51 -85.89 -91.92 13.33
N HIS C 52 -85.14 -93.02 13.29
CA HIS C 52 -85.10 -93.94 14.42
C HIS C 52 -84.10 -93.49 15.47
N LYS C 53 -84.57 -93.34 16.70
CA LYS C 53 -83.74 -92.85 17.79
C LYS C 53 -82.98 -94.00 18.45
N THR C 54 -81.71 -93.75 18.76
CA THR C 54 -80.85 -94.79 19.35
C THR C 54 -80.12 -94.25 20.57
N GLY C 55 -80.31 -92.96 20.84
CA GLY C 55 -79.67 -92.30 21.97
C GLY C 55 -80.07 -90.84 22.03
N PRO C 56 -79.44 -90.07 22.94
CA PRO C 56 -78.43 -90.55 23.88
C PRO C 56 -79.05 -91.29 25.06
N GLU C 57 -78.21 -91.98 25.81
CA GLU C 57 -78.63 -92.65 27.04
C GLU C 57 -77.51 -92.57 28.06
N GLU C 58 -77.90 -92.52 29.34
CA GLU C 58 -76.95 -92.55 30.43
C GLU C 58 -76.16 -93.84 30.36
N ASP C 59 -74.83 -93.73 30.49
CA ASP C 59 -73.97 -94.90 30.40
C ASP C 59 -72.59 -94.60 30.94
N ASN C 60 -71.76 -95.63 31.01
CA ASN C 60 -70.38 -95.52 31.39
C ASN C 60 -69.67 -96.72 30.77
N LYS C 61 -68.55 -96.48 30.09
CA LYS C 61 -67.86 -97.58 29.43
C LYS C 61 -67.26 -98.59 30.41
N ALA C 62 -67.07 -98.15 31.65
CA ALA C 62 -66.60 -99.03 32.72
C ALA C 62 -67.68 -100.02 33.14
N CYS C 63 -68.91 -99.76 32.74
CA CYS C 63 -70.04 -100.60 33.12
C CYS C 63 -70.11 -101.86 32.28
N TYR C 64 -69.57 -102.96 32.80
CA TYR C 64 -69.64 -104.24 32.12
C TYR C 64 -69.87 -105.37 33.10
N PRO C 65 -70.88 -106.21 32.85
CA PRO C 65 -71.84 -106.13 31.74
C PRO C 65 -72.62 -104.82 31.73
N PRO C 66 -73.27 -104.51 30.60
CA PRO C 66 -73.97 -103.23 30.40
C PRO C 66 -75.10 -103.02 31.40
N LEU C 67 -75.64 -101.80 31.42
CA LEU C 67 -76.75 -101.44 32.30
C LEU C 67 -78.00 -102.27 32.03
N ILE C 68 -78.13 -102.77 30.80
CA ILE C 68 -79.30 -103.55 30.42
C ILE C 68 -79.18 -105.00 30.89
N VAL C 69 -78.06 -105.33 31.51
CA VAL C 69 -77.82 -106.67 32.04
C VAL C 69 -77.57 -106.62 33.55
N GLN C 70 -76.85 -105.58 33.97
CA GLN C 70 -76.48 -105.41 35.36
C GLN C 70 -76.63 -103.96 35.79
N PRO C 71 -77.01 -103.75 37.05
CA PRO C 71 -76.93 -102.40 37.63
C PRO C 71 -75.47 -102.03 37.76
N CYS C 72 -75.12 -100.77 37.55
CA CYS C 72 -73.72 -100.35 37.64
C CYS C 72 -73.48 -99.39 38.81
N SER C 73 -72.32 -99.52 39.43
CA SER C 73 -71.95 -98.67 40.54
C SER C 73 -71.27 -97.39 40.06
N GLU C 74 -70.69 -97.46 38.86
CA GLU C 74 -70.02 -96.31 38.26
C GLU C 74 -71.00 -95.16 38.06
N VAL C 75 -70.49 -93.94 38.14
CA VAL C 75 -71.30 -92.76 37.87
C VAL C 75 -71.64 -92.65 36.37
N LEU C 76 -72.91 -92.45 36.06
CA LEU C 76 -73.37 -92.43 34.67
C LEU C 76 -73.34 -91.04 34.05
N THR C 77 -73.08 -90.98 32.75
CA THR C 77 -73.13 -89.73 32.00
C THR C 77 -74.01 -89.92 30.78
N LEU C 78 -74.76 -88.88 30.42
CA LEU C 78 -75.50 -88.91 29.17
C LEU C 78 -74.51 -89.17 28.04
N THR C 79 -74.66 -90.31 27.37
CA THR C 79 -73.67 -90.76 26.40
C THR C 79 -74.23 -90.84 24.99
N ASN C 80 -73.44 -90.34 24.02
CA ASN C 80 -73.83 -90.45 22.62
C ASN C 80 -73.67 -91.88 22.12
N ASN C 81 -74.65 -92.34 21.35
CA ASN C 81 -74.61 -93.66 20.74
C ASN C 81 -74.10 -93.61 19.30
N VAL C 82 -72.83 -93.95 19.11
CA VAL C 82 -72.20 -93.92 17.80
C VAL C 82 -72.62 -95.12 16.96
N ASN C 83 -73.05 -94.88 15.72
CA ASN C 83 -73.29 -95.97 14.78
C ASN C 83 -71.96 -96.60 14.39
N LYS C 84 -71.85 -97.91 14.59
CA LYS C 84 -70.60 -98.63 14.42
C LYS C 84 -70.71 -99.62 13.28
N LEU C 85 -71.94 -99.95 12.92
CA LEU C 85 -72.19 -100.90 11.86
C LEU C 85 -73.59 -100.69 11.31
N LEU C 86 -73.69 -100.71 9.98
CA LEU C 86 -74.96 -100.52 9.30
C LEU C 86 -74.99 -101.39 8.06
N ILE C 87 -75.81 -102.43 8.09
CA ILE C 87 -75.82 -103.40 7.01
C ILE C 87 -77.22 -103.84 6.63
N ILE C 88 -77.53 -103.79 5.35
CA ILE C 88 -78.82 -104.27 4.86
C ILE C 88 -78.79 -105.78 4.73
N ASP C 89 -79.77 -106.44 5.34
CA ASP C 89 -79.93 -107.89 5.23
C ASP C 89 -81.00 -108.14 4.19
N TYR C 90 -80.60 -108.20 2.93
CA TYR C 90 -81.53 -108.21 1.80
C TYR C 90 -82.51 -109.38 1.83
N SER C 91 -82.00 -110.58 2.13
CA SER C 91 -82.85 -111.76 2.17
C SER C 91 -84.08 -111.58 3.06
N GLU C 92 -83.89 -110.86 4.17
CA GLU C 92 -84.93 -110.75 5.19
C GLU C 92 -85.51 -109.35 5.34
N ASN C 93 -85.35 -108.52 4.30
CA ASN C 93 -85.91 -107.17 4.30
C ASN C 93 -85.75 -106.44 5.63
N ARG C 94 -84.54 -106.49 6.19
CA ARG C 94 -84.27 -105.82 7.44
C ARG C 94 -82.90 -105.16 7.43
N LEU C 95 -82.60 -104.40 8.48
CA LEU C 95 -81.36 -103.65 8.57
C LEU C 95 -80.70 -103.88 9.93
N LEU C 96 -79.41 -104.17 9.91
CA LEU C 96 -78.65 -104.39 11.14
C LEU C 96 -77.92 -103.12 11.55
N ALA C 97 -78.20 -102.61 12.75
CA ALA C 97 -77.56 -101.41 13.25
C ALA C 97 -77.00 -101.64 14.64
N CYS C 98 -75.71 -101.39 14.80
CA CYS C 98 -75.04 -101.62 16.09
C CYS C 98 -74.34 -100.35 16.53
N GLY C 99 -74.61 -99.92 17.77
CA GLY C 99 -74.03 -98.70 18.29
C GLY C 99 -72.85 -98.95 19.21
N SER C 100 -72.35 -97.89 19.85
CA SER C 100 -71.29 -98.02 20.85
C SER C 100 -71.89 -98.08 22.25
N LEU C 101 -73.17 -97.76 22.35
CA LEU C 101 -73.88 -97.70 23.62
C LEU C 101 -74.00 -99.10 24.24
N TYR C 102 -73.90 -99.17 25.56
CA TYR C 102 -74.04 -100.44 26.28
C TYR C 102 -73.11 -101.53 25.74
N GLN C 103 -71.82 -101.23 25.63
CA GLN C 103 -70.84 -102.21 25.23
C GLN C 103 -71.06 -102.75 23.81
N GLY C 104 -71.77 -101.99 22.99
CA GLY C 104 -71.89 -102.31 21.57
C GLY C 104 -72.95 -103.33 21.22
N VAL C 105 -74.15 -103.18 21.80
CA VAL C 105 -75.28 -104.03 21.47
C VAL C 105 -75.82 -103.72 20.08
N CYS C 106 -76.55 -104.66 19.48
CA CYS C 106 -77.08 -104.48 18.13
C CYS C 106 -78.61 -104.49 18.07
N LYS C 107 -79.16 -103.95 16.98
CA LYS C 107 -80.59 -103.95 16.73
C LYS C 107 -80.87 -104.45 15.32
N LEU C 108 -82.00 -105.11 15.12
CA LEU C 108 -82.51 -105.39 13.79
C LEU C 108 -83.74 -104.52 13.54
N LEU C 109 -83.73 -103.79 12.43
CA LEU C 109 -84.82 -102.89 12.11
C LEU C 109 -85.49 -103.30 10.80
N ARG C 110 -86.81 -103.15 10.73
CA ARG C 110 -87.54 -103.42 9.51
C ARG C 110 -87.26 -102.28 8.52
N LEU C 111 -87.03 -102.63 7.26
CA LEU C 111 -86.61 -101.65 6.26
C LEU C 111 -87.61 -100.52 6.03
N ASP C 112 -88.90 -100.85 6.02
CA ASP C 112 -89.92 -99.87 5.64
C ASP C 112 -90.19 -98.79 6.70
N ASP C 113 -90.14 -99.16 7.98
CA ASP C 113 -90.48 -98.23 9.04
C ASP C 113 -89.43 -98.15 10.16
N LEU C 114 -88.37 -98.94 10.03
CA LEU C 114 -87.32 -98.99 11.04
C LEU C 114 -87.84 -99.37 12.41
N PHE C 115 -88.92 -100.14 12.43
CA PHE C 115 -89.48 -100.66 13.68
C PHE C 115 -88.59 -101.80 14.20
N ILE C 116 -88.22 -101.72 15.48
CA ILE C 116 -87.31 -102.70 16.07
C ILE C 116 -87.89 -104.12 16.03
N LEU C 117 -87.18 -105.02 15.35
CA LEU C 117 -87.61 -106.42 15.25
C LEU C 117 -87.09 -107.20 16.45
N VAL C 118 -85.86 -106.91 16.86
CA VAL C 118 -85.23 -107.63 17.95
C VAL C 118 -83.94 -106.94 18.34
N GLU C 119 -83.51 -107.15 19.58
CA GLU C 119 -82.27 -106.56 20.08
C GLU C 119 -81.58 -107.52 21.04
N PRO C 120 -80.87 -108.52 20.49
CA PRO C 120 -80.15 -109.54 21.27
C PRO C 120 -79.32 -108.89 22.38
N SER C 121 -79.50 -109.34 23.62
CA SER C 121 -78.83 -108.69 24.74
C SER C 121 -78.71 -109.54 26.02
N HIS C 122 -78.87 -110.85 25.90
CA HIS C 122 -78.75 -111.71 27.07
C HIS C 122 -77.43 -112.47 27.12
N LYS C 123 -76.85 -112.75 25.96
CA LYS C 123 -75.58 -113.48 25.91
C LYS C 123 -74.38 -112.54 25.84
N LYS C 124 -73.26 -113.00 26.38
CA LYS C 124 -72.03 -112.22 26.41
C LYS C 124 -71.65 -111.68 25.03
N GLU C 125 -71.66 -112.54 24.01
CA GLU C 125 -71.22 -112.13 22.68
C GLU C 125 -72.19 -111.19 21.98
N HIS C 126 -73.40 -111.04 22.53
CA HIS C 126 -74.35 -110.09 21.98
C HIS C 126 -73.83 -108.65 22.11
N TYR C 127 -72.75 -108.48 22.85
CA TYR C 127 -72.11 -107.18 23.00
C TYR C 127 -70.77 -107.17 22.27
N LEU C 128 -70.68 -106.35 21.24
CA LEU C 128 -69.60 -106.46 20.26
C LEU C 128 -68.30 -105.78 20.65
N SER C 129 -68.39 -104.68 21.39
CA SER C 129 -67.23 -103.85 21.68
C SER C 129 -67.67 -102.51 22.28
N SER C 130 -66.89 -102.00 23.21
CA SER C 130 -67.19 -100.72 23.87
C SER C 130 -66.56 -99.55 23.13
N VAL C 131 -65.74 -99.83 22.12
CA VAL C 131 -65.09 -98.80 21.32
C VAL C 131 -66.13 -97.82 20.74
N ASN C 132 -65.89 -96.52 20.94
CA ASN C 132 -66.81 -95.50 20.44
C ASN C 132 -66.24 -94.68 19.29
N LYS C 133 -65.28 -95.25 18.58
CA LYS C 133 -64.65 -94.57 17.45
C LYS C 133 -65.00 -95.26 16.13
N THR C 134 -65.46 -94.48 15.17
CA THR C 134 -65.86 -95.00 13.88
C THR C 134 -64.65 -95.48 13.08
N GLY C 135 -64.89 -96.30 12.07
CA GLY C 135 -63.82 -96.78 11.20
C GLY C 135 -62.96 -97.86 11.83
N THR C 136 -63.55 -98.60 12.77
CA THR C 136 -62.80 -99.62 13.49
C THR C 136 -63.53 -100.96 13.46
N MET C 137 -64.79 -100.92 13.03
CA MET C 137 -65.61 -102.12 12.95
C MET C 137 -66.19 -102.29 11.54
N TYR C 138 -66.19 -103.52 11.04
CA TYR C 138 -66.86 -103.82 9.78
C TYR C 138 -67.46 -105.22 9.78
N GLY C 139 -68.62 -105.37 9.14
CA GLY C 139 -69.28 -106.65 9.06
C GLY C 139 -69.63 -107.08 7.65
N VAL C 140 -69.83 -108.38 7.47
CA VAL C 140 -70.28 -108.94 6.20
C VAL C 140 -71.31 -110.02 6.45
N ILE C 141 -72.50 -109.85 5.87
CA ILE C 141 -73.54 -110.86 5.94
C ILE C 141 -73.38 -111.86 4.79
N VAL C 142 -73.43 -113.15 5.11
CA VAL C 142 -73.29 -114.19 4.12
C VAL C 142 -74.41 -115.21 4.27
N ARG C 143 -75.31 -115.26 3.28
CA ARG C 143 -76.40 -116.22 3.31
C ARG C 143 -76.62 -116.86 1.94
N SER C 144 -76.20 -118.11 1.78
CA SER C 144 -76.47 -118.86 0.56
C SER C 144 -77.96 -119.17 0.46
N GLU C 145 -78.31 -120.22 -0.28
CA GLU C 145 -79.71 -120.57 -0.48
C GLU C 145 -80.24 -121.48 0.62
N GLY C 146 -79.45 -122.51 0.97
CA GLY C 146 -79.88 -123.51 1.93
C GLY C 146 -79.54 -123.18 3.36
N GLU C 147 -78.94 -122.01 3.58
CA GLU C 147 -78.57 -121.59 4.93
C GLU C 147 -79.47 -120.48 5.44
N ASP C 148 -79.68 -120.44 6.75
CA ASP C 148 -80.55 -119.45 7.37
C ASP C 148 -79.89 -118.09 7.49
N GLY C 149 -78.56 -118.06 7.47
CA GLY C 149 -77.83 -116.81 7.52
C GLY C 149 -76.60 -116.81 8.41
N LYS C 150 -75.64 -115.95 8.07
CA LYS C 150 -74.36 -115.89 8.76
C LYS C 150 -73.85 -114.45 8.79
N LEU C 151 -73.26 -114.03 9.90
CA LEU C 151 -72.66 -112.69 9.96
C LEU C 151 -71.21 -112.71 10.43
N PHE C 152 -70.32 -112.21 9.57
CA PHE C 152 -68.92 -112.05 9.94
C PHE C 152 -68.71 -110.64 10.45
N ILE C 153 -68.02 -110.52 11.58
CA ILE C 153 -67.79 -109.20 12.17
C ILE C 153 -66.41 -109.06 12.78
N GLY C 154 -65.71 -108.00 12.40
CA GLY C 154 -64.40 -107.69 12.95
C GLY C 154 -64.43 -106.34 13.63
N THR C 155 -63.74 -106.21 14.76
CA THR C 155 -63.80 -104.99 15.55
C THR C 155 -62.59 -104.78 16.44
N ALA C 156 -62.18 -103.53 16.58
CA ALA C 156 -61.21 -103.15 17.62
C ALA C 156 -61.86 -103.46 18.96
N VAL C 157 -61.07 -103.82 19.96
CA VAL C 157 -61.63 -104.26 21.24
C VAL C 157 -61.26 -103.36 22.42
N ASP C 158 -60.33 -102.44 22.19
CA ASP C 158 -59.99 -101.45 23.21
C ASP C 158 -59.30 -102.06 24.43
N GLY C 159 -58.61 -103.18 24.23
CA GLY C 159 -57.87 -103.82 25.30
C GLY C 159 -58.70 -104.80 26.12
N LYS C 160 -60.01 -104.76 25.92
CA LYS C 160 -60.91 -105.68 26.59
C LYS C 160 -60.90 -107.04 25.88
N GLN C 161 -59.72 -107.64 25.80
CA GLN C 161 -59.54 -108.84 24.99
C GLN C 161 -60.36 -110.04 25.46
N ASP C 162 -60.79 -110.02 26.72
CA ASP C 162 -61.60 -111.11 27.25
C ASP C 162 -63.09 -110.81 27.12
N TYR C 163 -63.41 -109.55 26.91
CA TYR C 163 -64.79 -109.12 26.75
C TYR C 163 -65.28 -109.37 25.33
N PHE C 164 -64.39 -109.15 24.36
CA PHE C 164 -64.79 -109.12 22.95
C PHE C 164 -63.76 -109.79 22.05
N PRO C 165 -64.23 -110.70 21.18
CA PRO C 165 -63.36 -111.23 20.12
C PRO C 165 -63.09 -110.13 19.10
N THR C 166 -61.91 -110.16 18.47
CA THR C 166 -61.57 -109.17 17.46
C THR C 166 -62.21 -109.51 16.11
N LEU C 167 -62.41 -110.80 15.87
CA LEU C 167 -63.08 -111.28 14.65
C LEU C 167 -63.90 -112.51 15.00
N SER C 168 -65.11 -112.60 14.45
CA SER C 168 -65.96 -113.75 14.72
C SER C 168 -67.10 -113.89 13.72
N SER C 169 -67.72 -115.07 13.72
CA SER C 169 -68.88 -115.35 12.89
C SER C 169 -70.08 -115.64 13.77
N ARG C 170 -71.22 -115.05 13.43
CA ARG C 170 -72.44 -115.21 14.22
C ARG C 170 -73.60 -115.74 13.39
N LYS C 171 -74.59 -116.29 14.08
CA LYS C 171 -75.80 -116.77 13.43
C LYS C 171 -76.71 -115.59 13.07
N LEU C 172 -77.16 -115.54 11.82
CA LEU C 172 -78.19 -114.59 11.41
C LEU C 172 -79.41 -115.33 10.89
N PRO C 173 -80.16 -115.98 11.80
CA PRO C 173 -81.31 -116.79 11.40
C PRO C 173 -82.36 -115.94 10.69
N ARG C 174 -83.06 -116.53 9.73
CA ARG C 174 -84.11 -115.81 9.01
C ARG C 174 -85.19 -115.32 9.98
N ASP C 175 -85.48 -116.12 11.00
CA ASP C 175 -86.47 -115.76 12.01
C ASP C 175 -85.89 -114.77 13.02
N PRO C 176 -86.43 -113.54 13.05
CA PRO C 176 -85.97 -112.48 13.93
C PRO C 176 -86.06 -112.87 15.40
N GLU C 177 -87.07 -113.67 15.74
CA GLU C 177 -87.31 -114.06 17.12
C GLU C 177 -86.59 -115.35 17.50
N SER C 178 -85.59 -115.73 16.70
CA SER C 178 -84.77 -116.88 17.03
C SER C 178 -83.97 -116.57 18.29
N SER C 179 -83.87 -117.55 19.18
CA SER C 179 -83.14 -117.38 20.43
C SER C 179 -81.63 -117.35 20.18
N ALA C 180 -81.23 -117.88 19.04
CA ALA C 180 -79.81 -117.97 18.70
C ALA C 180 -79.32 -116.79 17.86
N MET C 181 -80.16 -115.77 17.70
CA MET C 181 -79.79 -114.59 16.91
C MET C 181 -78.52 -113.95 17.44
N LEU C 182 -77.54 -113.83 16.55
CA LEU C 182 -76.24 -113.23 16.87
C LEU C 182 -75.39 -114.07 17.84
N ASP C 183 -75.79 -115.31 18.04
CA ASP C 183 -74.95 -116.25 18.80
C ASP C 183 -73.75 -116.64 17.95
N TYR C 184 -72.66 -117.03 18.59
CA TYR C 184 -71.52 -117.55 17.87
C TYR C 184 -71.98 -118.67 16.95
N GLU C 185 -71.42 -118.73 15.76
CA GLU C 185 -71.73 -119.82 14.84
C GLU C 185 -71.27 -121.14 15.44
N LEU C 186 -70.15 -121.08 16.15
CA LEU C 186 -69.63 -122.22 16.88
C LEU C 186 -68.97 -121.71 18.16
N HIS C 187 -69.25 -122.38 19.27
CA HIS C 187 -68.71 -121.95 20.56
C HIS C 187 -68.41 -123.13 21.49
N SER C 188 -67.12 -123.43 21.64
CA SER C 188 -66.67 -124.43 22.59
C SER C 188 -65.41 -123.91 23.27
N ASP C 189 -64.83 -124.71 24.16
CA ASP C 189 -63.69 -124.27 24.93
C ASP C 189 -62.48 -123.90 24.07
N PHE C 190 -62.16 -124.74 23.10
CA PHE C 190 -60.94 -124.56 22.32
C PHE C 190 -61.20 -124.49 20.81
N VAL C 191 -62.47 -124.57 20.42
CA VAL C 191 -62.83 -124.46 19.02
C VAL C 191 -64.09 -123.61 18.87
N SER C 192 -63.90 -122.36 18.47
CA SER C 192 -65.01 -121.44 18.27
C SER C 192 -64.82 -120.64 17.00
N SER C 193 -65.92 -120.08 16.51
CA SER C 193 -65.89 -119.22 15.33
C SER C 193 -65.52 -117.82 15.76
N LEU C 194 -64.31 -117.65 16.28
CA LEU C 194 -63.85 -116.38 16.80
C LEU C 194 -62.34 -116.34 16.98
N ILE C 195 -61.78 -115.14 16.90
CA ILE C 195 -60.38 -114.93 17.18
C ILE C 195 -60.29 -113.93 18.33
N LYS C 196 -59.50 -114.27 19.35
CA LYS C 196 -59.31 -113.36 20.47
C LYS C 196 -57.87 -112.86 20.52
N ILE C 197 -57.70 -111.57 20.79
CA ILE C 197 -56.36 -111.01 20.95
C ILE C 197 -55.74 -111.51 22.25
N PRO C 198 -54.61 -112.22 22.15
CA PRO C 198 -53.95 -112.78 23.34
C PRO C 198 -53.62 -111.71 24.38
N SER C 199 -53.80 -112.07 25.64
CA SER C 199 -53.47 -111.18 26.74
C SER C 199 -52.01 -110.74 26.71
N ASP C 200 -51.12 -111.69 26.41
CA ASP C 200 -49.68 -111.41 26.38
C ASP C 200 -49.31 -110.36 25.34
N THR C 201 -50.11 -110.25 24.29
CA THR C 201 -49.82 -109.30 23.22
C THR C 201 -50.12 -107.87 23.67
N LEU C 202 -51.20 -107.69 24.43
CA LEU C 202 -51.55 -106.38 24.96
C LEU C 202 -50.57 -105.97 26.05
N ALA C 203 -50.13 -106.95 26.84
CA ALA C 203 -49.14 -106.71 27.87
C ALA C 203 -47.83 -106.24 27.22
N LEU C 204 -47.36 -107.00 26.25
CA LEU C 204 -46.15 -106.63 25.52
C LEU C 204 -46.31 -105.27 24.89
N VAL C 205 -47.34 -105.11 24.08
CA VAL C 205 -47.56 -103.87 23.33
C VAL C 205 -48.95 -103.30 23.57
N SER C 206 -49.00 -102.03 23.95
CA SER C 206 -50.26 -101.31 24.07
C SER C 206 -49.97 -99.89 23.61
N HIS C 207 -50.96 -99.20 23.06
CA HIS C 207 -52.35 -99.66 23.02
C HIS C 207 -52.63 -100.54 21.81
N PHE C 208 -52.10 -101.75 21.81
CA PHE C 208 -52.32 -102.66 20.68
C PHE C 208 -53.79 -102.91 20.43
N ASP C 209 -54.19 -102.84 19.17
CA ASP C 209 -55.55 -103.13 18.77
C ASP C 209 -55.60 -103.41 17.27
N ILE C 210 -56.73 -103.94 16.80
CA ILE C 210 -56.88 -104.24 15.38
C ILE C 210 -58.07 -103.49 14.82
N PHE C 211 -57.82 -102.62 13.85
CA PHE C 211 -58.88 -101.82 13.27
C PHE C 211 -59.34 -102.42 11.94
N TYR C 212 -60.64 -102.64 11.83
CA TYR C 212 -61.25 -103.22 10.64
C TYR C 212 -61.84 -102.15 9.72
N ILE C 213 -61.10 -101.82 8.66
CA ILE C 213 -61.44 -100.70 7.78
C ILE C 213 -62.54 -101.07 6.81
N TYR C 214 -62.45 -102.28 6.26
CA TYR C 214 -63.39 -102.72 5.22
C TYR C 214 -63.49 -104.24 5.22
N GLY C 215 -64.57 -104.74 4.62
CA GLY C 215 -64.79 -106.17 4.49
C GLY C 215 -65.66 -106.46 3.28
N PHE C 216 -65.50 -107.65 2.69
CA PHE C 216 -66.31 -108.01 1.53
C PHE C 216 -66.33 -109.51 1.27
N ALA C 217 -67.36 -109.96 0.55
CA ALA C 217 -67.46 -111.34 0.12
C ALA C 217 -67.15 -111.46 -1.37
N SER C 218 -66.27 -112.40 -1.71
CA SER C 218 -65.93 -112.65 -3.10
C SER C 218 -65.69 -114.14 -3.32
N GLY C 219 -66.49 -114.75 -4.19
CA GLY C 219 -66.40 -116.17 -4.42
C GLY C 219 -66.76 -116.94 -3.16
N GLY C 220 -65.94 -117.91 -2.79
CA GLY C 220 -66.21 -118.72 -1.61
C GLY C 220 -65.52 -118.22 -0.35
N PHE C 221 -65.20 -116.93 -0.30
CA PHE C 221 -64.46 -116.38 0.83
C PHE C 221 -65.03 -115.06 1.33
N VAL C 222 -64.70 -114.72 2.57
CA VAL C 222 -64.90 -113.37 3.07
C VAL C 222 -63.53 -112.76 3.31
N TYR C 223 -63.44 -111.44 3.16
CA TYR C 223 -62.17 -110.74 3.31
C TYR C 223 -62.34 -109.55 4.24
N PHE C 224 -61.37 -109.37 5.12
CA PHE C 224 -61.33 -108.19 5.97
C PHE C 224 -60.01 -107.48 5.79
N LEU C 225 -60.07 -106.16 5.70
CA LEU C 225 -58.88 -105.34 5.55
C LEU C 225 -58.64 -104.61 6.87
N THR C 226 -57.49 -104.84 7.47
CA THR C 226 -57.22 -104.30 8.80
C THR C 226 -55.95 -103.47 8.88
N VAL C 227 -55.90 -102.63 9.89
CA VAL C 227 -54.68 -101.94 10.29
C VAL C 227 -54.42 -102.25 11.76
N GLN C 228 -53.16 -102.50 12.11
CA GLN C 228 -52.80 -102.76 13.49
C GLN C 228 -51.32 -102.48 13.72
N PRO C 229 -50.96 -102.13 14.96
CA PRO C 229 -49.56 -101.88 15.31
C PRO C 229 -48.74 -103.15 15.10
N GLU C 230 -47.48 -103.00 14.71
CA GLU C 230 -46.61 -104.13 14.50
C GLU C 230 -46.00 -104.56 15.83
N THR C 231 -45.66 -105.83 15.94
CA THR C 231 -45.09 -106.36 17.18
C THR C 231 -43.63 -106.78 17.02
N PRO C 232 -42.82 -106.60 18.08
CA PRO C 232 -41.42 -107.03 18.13
C PRO C 232 -41.28 -108.55 17.94
N ASP C 242 -40.77 -94.85 17.88
CA ASP C 242 -41.90 -94.72 16.96
C ASP C 242 -42.71 -96.02 16.85
N LEU C 243 -43.99 -95.87 16.55
CA LEU C 243 -44.89 -97.01 16.42
C LEU C 243 -45.17 -97.29 14.96
N PHE C 244 -44.90 -98.52 14.53
CA PHE C 244 -45.16 -98.92 13.16
C PHE C 244 -46.45 -99.74 13.07
N TYR C 245 -47.26 -99.46 12.06
CA TYR C 245 -48.51 -100.19 11.84
C TYR C 245 -48.45 -101.02 10.57
N THR C 246 -49.26 -102.07 10.53
CA THR C 246 -49.33 -102.93 9.36
C THR C 246 -50.77 -103.07 8.87
N SER C 247 -50.96 -102.94 7.57
CA SER C 247 -52.25 -103.13 6.93
C SER C 247 -52.30 -104.54 6.32
N ARG C 248 -53.37 -105.26 6.60
CA ARG C 248 -53.44 -106.65 6.18
C ARG C 248 -54.74 -107.06 5.50
N ILE C 249 -54.65 -108.13 4.71
CA ILE C 249 -55.82 -108.81 4.18
C ILE C 249 -56.03 -110.08 4.98
N VAL C 250 -57.19 -110.20 5.62
CA VAL C 250 -57.54 -111.39 6.37
C VAL C 250 -58.62 -112.17 5.61
N ARG C 251 -58.33 -113.42 5.27
CA ARG C 251 -59.31 -114.22 4.52
C ARG C 251 -59.84 -115.40 5.33
N LEU C 252 -61.13 -115.69 5.12
CA LEU C 252 -61.77 -116.86 5.70
C LEU C 252 -62.71 -117.47 4.64
N CYS C 253 -62.89 -118.78 4.68
CA CYS C 253 -63.89 -119.42 3.84
C CYS C 253 -65.29 -119.10 4.38
N LYS C 254 -66.24 -118.91 3.48
CA LYS C 254 -67.62 -118.64 3.88
C LYS C 254 -68.16 -119.74 4.79
N ASP C 255 -67.68 -120.96 4.61
CA ASP C 255 -68.15 -122.09 5.39
C ASP C 255 -67.00 -122.72 6.17
N ASP C 256 -66.81 -122.26 7.42
CA ASP C 256 -65.69 -122.70 8.25
C ASP C 256 -65.84 -122.27 9.70
N PRO C 257 -66.78 -122.90 10.43
CA PRO C 257 -67.06 -122.59 11.84
C PRO C 257 -65.80 -122.60 12.70
N LYS C 258 -64.85 -123.45 12.36
CA LYS C 258 -63.65 -123.62 13.18
C LYS C 258 -62.63 -122.51 12.98
N PHE C 259 -62.84 -121.68 11.96
CA PHE C 259 -61.90 -120.59 11.66
C PHE C 259 -60.51 -121.14 11.34
N HIS C 260 -60.46 -122.37 10.88
CA HIS C 260 -59.18 -122.98 10.48
C HIS C 260 -58.63 -122.39 9.20
N SER C 261 -59.49 -121.71 8.43
CA SER C 261 -59.08 -121.16 7.14
C SER C 261 -58.40 -119.80 7.27
N TYR C 262 -58.29 -119.31 8.50
CA TYR C 262 -57.73 -117.99 8.76
C TYR C 262 -56.33 -117.83 8.17
N VAL C 263 -56.17 -116.80 7.33
CA VAL C 263 -54.86 -116.46 6.78
C VAL C 263 -54.75 -114.95 6.60
N SER C 264 -53.56 -114.40 6.84
CA SER C 264 -53.37 -112.96 6.92
C SER C 264 -52.05 -112.49 6.28
N LEU C 265 -52.17 -111.65 5.25
CA LEU C 265 -51.00 -111.11 4.57
C LEU C 265 -51.01 -109.59 4.57
N PRO C 266 -49.82 -108.97 4.61
CA PRO C 266 -49.72 -107.51 4.49
C PRO C 266 -50.09 -107.12 3.06
N PHE C 267 -50.46 -105.87 2.85
CA PHE C 267 -50.61 -105.37 1.48
C PHE C 267 -50.45 -103.86 1.42
N GLY C 268 -50.24 -103.37 0.20
CA GLY C 268 -50.00 -101.95 -0.02
C GLY C 268 -49.58 -101.76 -1.46
N CYS C 269 -48.95 -100.64 -1.74
CA CYS C 269 -48.51 -100.37 -3.10
C CYS C 269 -47.40 -99.35 -3.12
N THR C 270 -46.73 -99.23 -4.25
CA THR C 270 -45.56 -98.38 -4.38
C THR C 270 -45.57 -97.64 -5.71
N ARG C 271 -45.10 -96.39 -5.70
CA ARG C 271 -44.86 -95.66 -6.93
C ARG C 271 -43.95 -94.46 -6.69
N ALA C 272 -43.03 -94.25 -7.63
CA ALA C 272 -42.16 -93.08 -7.61
C ALA C 272 -41.40 -92.94 -6.31
N GLY C 273 -40.89 -94.05 -5.80
CA GLY C 273 -40.04 -94.03 -4.61
C GLY C 273 -40.80 -93.79 -3.31
N VAL C 274 -42.10 -94.05 -3.32
CA VAL C 274 -42.91 -93.92 -2.11
C VAL C 274 -43.72 -95.18 -1.81
N GLU C 275 -43.55 -95.72 -0.61
CA GLU C 275 -44.33 -96.88 -0.18
C GLU C 275 -45.61 -96.45 0.52
N TYR C 276 -46.74 -96.92 0.02
CA TYR C 276 -48.03 -96.61 0.63
C TYR C 276 -48.56 -97.82 1.39
N ARG C 277 -48.50 -97.78 2.72
CA ARG C 277 -48.74 -98.96 3.54
C ARG C 277 -49.85 -98.81 4.59
N LEU C 278 -50.32 -97.58 4.79
CA LEU C 278 -51.38 -97.33 5.76
C LEU C 278 -52.76 -97.29 5.11
N LEU C 279 -53.53 -98.35 5.31
CA LEU C 279 -54.86 -98.44 4.71
C LEU C 279 -55.82 -97.39 5.24
N GLN C 280 -56.50 -96.71 4.33
CA GLN C 280 -57.43 -95.65 4.68
C GLN C 280 -58.86 -96.02 4.31
N ALA C 281 -59.04 -96.71 3.18
CA ALA C 281 -60.36 -97.02 2.68
C ALA C 281 -60.30 -98.03 1.55
N ALA C 282 -61.44 -98.65 1.23
CA ALA C 282 -61.50 -99.65 0.17
C ALA C 282 -62.92 -99.88 -0.38
N TYR C 283 -63.00 -100.57 -1.51
CA TYR C 283 -64.25 -100.79 -2.21
C TYR C 283 -64.10 -101.87 -3.27
N LEU C 284 -64.96 -102.88 -3.22
CA LEU C 284 -64.92 -103.95 -4.22
C LEU C 284 -65.73 -103.53 -5.45
N ALA C 285 -65.15 -103.70 -6.63
CA ALA C 285 -65.86 -103.39 -7.88
C ALA C 285 -65.40 -104.31 -9.02
N LYS C 286 -65.89 -104.03 -10.22
CA LYS C 286 -65.43 -104.74 -11.41
C LYS C 286 -64.31 -103.95 -12.09
N PRO C 287 -63.47 -104.65 -12.86
CA PRO C 287 -62.22 -104.10 -13.40
C PRO C 287 -62.40 -103.00 -14.44
N GLY C 288 -63.32 -103.18 -15.37
CA GLY C 288 -63.32 -102.38 -16.59
C GLY C 288 -62.32 -102.99 -17.56
N GLU C 289 -62.51 -102.74 -18.85
CA GLU C 289 -61.72 -103.42 -19.87
C GLU C 289 -60.20 -103.23 -19.73
N ALA C 290 -59.76 -102.00 -19.53
CA ALA C 290 -58.34 -101.69 -19.45
C ALA C 290 -57.62 -102.46 -18.34
N LEU C 291 -58.22 -102.50 -17.15
CA LEU C 291 -57.63 -103.19 -16.01
C LEU C 291 -57.74 -104.70 -16.15
N ALA C 292 -58.84 -105.16 -16.73
CA ALA C 292 -59.04 -106.59 -16.95
C ALA C 292 -57.90 -107.14 -17.80
N GLN C 293 -57.52 -106.38 -18.82
CA GLN C 293 -56.40 -106.76 -19.68
C GLN C 293 -55.11 -106.62 -18.90
N ALA C 294 -54.97 -105.51 -18.19
CA ALA C 294 -53.77 -105.25 -17.39
C ALA C 294 -53.54 -106.34 -16.34
N PHE C 295 -54.63 -106.86 -15.79
CA PHE C 295 -54.54 -107.88 -14.74
C PHE C 295 -54.69 -109.30 -15.25
N ASN C 296 -54.98 -109.45 -16.55
CA ASN C 296 -55.17 -110.79 -17.12
C ASN C 296 -56.30 -111.52 -16.39
N ILE C 297 -57.47 -110.89 -16.34
CA ILE C 297 -58.63 -111.49 -15.70
C ILE C 297 -59.89 -111.19 -16.51
N SER C 298 -60.94 -111.97 -16.28
CA SER C 298 -62.23 -111.72 -16.90
C SER C 298 -62.80 -110.39 -16.43
N SER C 299 -63.60 -109.75 -17.29
CA SER C 299 -64.13 -108.43 -16.99
C SER C 299 -65.20 -108.45 -15.90
N ASP C 300 -65.62 -109.64 -15.49
CA ASP C 300 -66.61 -109.75 -14.43
C ASP C 300 -66.03 -110.39 -13.18
N GLU C 301 -64.72 -110.33 -13.04
CA GLU C 301 -64.06 -110.75 -11.81
C GLU C 301 -63.89 -109.54 -10.89
N ASP C 302 -63.67 -109.80 -9.61
CA ASP C 302 -63.67 -108.73 -8.62
C ASP C 302 -62.33 -108.03 -8.49
N VAL C 303 -62.38 -106.71 -8.33
CA VAL C 303 -61.18 -105.92 -8.07
C VAL C 303 -61.34 -105.08 -6.81
N LEU C 304 -60.33 -105.11 -5.96
CA LEU C 304 -60.35 -104.33 -4.73
C LEU C 304 -59.67 -102.99 -4.94
N PHE C 305 -60.46 -101.92 -4.86
CA PHE C 305 -59.92 -100.57 -4.95
C PHE C 305 -59.67 -100.04 -3.55
N ALA C 306 -58.45 -99.55 -3.31
CA ALA C 306 -58.04 -99.18 -1.95
C ALA C 306 -57.26 -97.87 -1.90
N ILE C 307 -57.46 -97.12 -0.82
CA ILE C 307 -56.67 -95.92 -0.54
C ILE C 307 -55.62 -96.24 0.55
N PHE C 308 -54.38 -95.86 0.30
CA PHE C 308 -53.30 -95.98 1.28
C PHE C 308 -52.58 -94.65 1.48
N SER C 309 -52.17 -94.38 2.71
CA SER C 309 -51.30 -93.24 2.99
C SER C 309 -49.84 -93.70 3.01
N LYS C 310 -48.93 -92.77 2.72
CA LYS C 310 -47.49 -93.04 2.75
C LYS C 310 -47.04 -93.65 4.09
N GLY C 311 -46.14 -94.63 4.02
CA GLY C 311 -45.46 -95.12 5.19
C GLY C 311 -46.27 -96.10 6.04
N GLN C 312 -45.80 -96.31 7.26
CA GLN C 312 -46.47 -97.23 8.18
C GLN C 312 -46.59 -96.62 9.58
N LYS C 313 -46.58 -95.29 9.64
CA LYS C 313 -46.66 -94.58 10.91
C LYS C 313 -47.75 -93.50 10.88
N GLN C 314 -48.01 -92.90 12.03
CA GLN C 314 -48.98 -91.82 12.14
C GLN C 314 -50.40 -92.30 11.80
N TYR C 315 -50.79 -93.44 12.38
CA TYR C 315 -52.09 -94.01 12.10
C TYR C 315 -53.26 -93.05 12.38
N HIS C 316 -53.16 -92.28 13.45
CA HIS C 316 -54.24 -91.39 13.85
C HIS C 316 -54.28 -90.10 13.04
N HIS C 317 -53.15 -89.72 12.46
CA HIS C 317 -53.09 -88.58 11.54
C HIS C 317 -52.21 -88.90 10.35
N PRO C 318 -52.73 -89.75 9.44
CA PRO C 318 -51.97 -90.26 8.29
C PRO C 318 -51.44 -89.15 7.40
N PRO C 319 -50.25 -89.34 6.82
CA PRO C 319 -49.63 -88.37 5.91
C PRO C 319 -50.59 -87.98 4.77
N ASP C 320 -50.50 -86.75 4.31
CA ASP C 320 -51.34 -86.29 3.20
C ASP C 320 -51.03 -87.08 1.95
N ASP C 321 -49.75 -87.41 1.78
CA ASP C 321 -49.29 -88.16 0.63
C ASP C 321 -49.99 -89.53 0.59
N SER C 322 -50.88 -89.70 -0.38
CA SER C 322 -51.72 -90.89 -0.42
C SER C 322 -51.97 -91.41 -1.84
N ALA C 323 -52.43 -92.66 -1.93
CA ALA C 323 -52.51 -93.34 -3.21
C ALA C 323 -53.80 -94.16 -3.36
N LEU C 324 -54.26 -94.27 -4.60
CA LEU C 324 -55.35 -95.18 -4.96
C LEU C 324 -54.75 -96.39 -5.66
N CYS C 325 -55.06 -97.58 -5.15
CA CYS C 325 -54.48 -98.82 -5.67
C CYS C 325 -55.54 -99.85 -5.99
N ALA C 326 -55.17 -100.82 -6.82
CA ALA C 326 -56.10 -101.85 -7.24
C ALA C 326 -55.51 -103.24 -7.04
N PHE C 327 -56.30 -104.13 -6.43
CA PHE C 327 -55.88 -105.50 -6.21
C PHE C 327 -56.91 -106.45 -6.81
N PRO C 328 -56.48 -107.22 -7.81
CA PRO C 328 -57.38 -108.25 -8.35
C PRO C 328 -57.56 -109.33 -7.30
N ILE C 329 -58.80 -109.72 -7.03
CA ILE C 329 -59.06 -110.76 -6.06
C ILE C 329 -58.28 -112.02 -6.41
N ARG C 330 -58.17 -112.31 -7.70
CA ARG C 330 -57.46 -113.49 -8.17
C ARG C 330 -55.99 -113.44 -7.78
N ALA C 331 -55.36 -112.28 -7.97
CA ALA C 331 -53.96 -112.12 -7.57
C ALA C 331 -53.80 -112.32 -6.06
N ILE C 332 -54.81 -111.92 -5.30
CA ILE C 332 -54.78 -112.10 -3.85
C ILE C 332 -54.88 -113.58 -3.49
N ASN C 333 -55.87 -114.26 -4.06
CA ASN C 333 -56.06 -115.68 -3.77
C ASN C 333 -54.83 -116.50 -4.14
N LEU C 334 -54.19 -116.12 -5.24
CA LEU C 334 -53.01 -116.83 -5.70
C LEU C 334 -51.88 -116.69 -4.69
N GLN C 335 -51.62 -115.48 -4.24
CA GLN C 335 -50.54 -115.25 -3.28
C GLN C 335 -50.84 -115.95 -1.95
N ILE C 336 -52.12 -116.10 -1.64
CA ILE C 336 -52.53 -116.84 -0.45
C ILE C 336 -52.29 -118.34 -0.66
N LYS C 337 -52.67 -118.84 -1.82
CA LYS C 337 -52.42 -120.25 -2.13
C LYS C 337 -50.95 -120.59 -2.06
N GLU C 338 -50.11 -119.77 -2.69
CA GLU C 338 -48.68 -119.99 -2.71
C GLU C 338 -48.12 -120.04 -1.30
N ARG C 339 -48.71 -119.24 -0.41
CA ARG C 339 -48.29 -119.19 0.97
C ARG C 339 -48.68 -120.49 1.68
N LEU C 340 -49.92 -120.92 1.47
CA LEU C 340 -50.39 -122.18 2.02
C LEU C 340 -49.51 -123.34 1.55
N GLN C 341 -49.22 -123.36 0.26
CA GLN C 341 -48.41 -124.44 -0.32
C GLN C 341 -47.03 -124.51 0.31
N SER C 342 -46.33 -123.38 0.34
CA SER C 342 -44.96 -123.37 0.87
C SER C 342 -44.94 -123.78 2.34
N CYS C 343 -46.00 -123.44 3.06
CA CYS C 343 -46.09 -123.77 4.47
C CYS C 343 -46.32 -125.28 4.65
N TYR C 344 -47.23 -125.82 3.86
CA TYR C 344 -47.53 -127.25 3.89
C TYR C 344 -46.42 -128.07 3.23
N HIS C 345 -45.32 -127.41 2.89
CA HIS C 345 -44.12 -128.09 2.43
C HIS C 345 -43.07 -128.03 3.53
N GLY C 346 -43.41 -127.37 4.63
CA GLY C 346 -42.55 -127.28 5.79
C GLY C 346 -41.59 -126.11 5.76
N GLU C 347 -41.87 -125.13 4.90
CA GLU C 347 -40.98 -123.99 4.72
C GLU C 347 -41.35 -122.81 5.62
N GLY C 348 -40.43 -122.42 6.49
CA GLY C 348 -40.59 -121.25 7.32
C GLY C 348 -41.54 -121.41 8.50
N ASN C 349 -42.00 -120.27 9.02
CA ASN C 349 -42.91 -120.25 10.16
C ASN C 349 -44.29 -119.74 9.75
N LEU C 350 -45.22 -119.76 10.68
CA LEU C 350 -46.56 -119.24 10.42
C LEU C 350 -46.53 -117.71 10.37
N GLU C 351 -45.67 -117.12 11.19
CA GLU C 351 -45.41 -115.67 11.14
C GLU C 351 -46.64 -114.81 11.43
N LEU C 352 -47.22 -115.00 12.61
CA LEU C 352 -48.34 -114.18 13.05
C LEU C 352 -48.21 -113.97 14.55
N ASN C 353 -47.19 -113.22 14.94
CA ASN C 353 -46.77 -113.10 16.33
C ASN C 353 -47.83 -112.58 17.30
N TRP C 354 -48.61 -111.60 16.88
CA TRP C 354 -49.61 -111.00 17.76
C TRP C 354 -50.63 -112.03 18.24
N LEU C 355 -50.82 -113.09 17.45
CA LEU C 355 -51.81 -114.10 17.78
C LEU C 355 -51.15 -115.36 18.32
N LEU C 356 -50.18 -115.89 17.58
CA LEU C 356 -49.46 -117.09 17.99
C LEU C 356 -48.55 -116.81 19.18
N GLY C 357 -48.18 -115.54 19.34
CA GLY C 357 -47.35 -115.13 20.45
C GLY C 357 -45.87 -115.38 20.24
N LYS C 358 -45.55 -116.42 19.47
CA LYS C 358 -44.16 -116.84 19.30
C LYS C 358 -43.89 -117.32 17.88
N ASP C 359 -42.68 -117.82 17.65
CA ASP C 359 -42.33 -118.43 16.38
C ASP C 359 -42.82 -119.86 16.32
N VAL C 360 -43.70 -120.15 15.36
CA VAL C 360 -44.21 -121.50 15.17
C VAL C 360 -43.87 -121.99 13.77
N GLN C 361 -43.14 -123.09 13.69
CA GLN C 361 -42.69 -123.62 12.41
C GLN C 361 -43.82 -124.28 11.62
N CYS C 362 -43.84 -124.03 10.32
CA CYS C 362 -44.79 -124.69 9.43
C CYS C 362 -44.57 -126.20 9.48
N THR C 363 -45.65 -126.95 9.33
CA THR C 363 -45.56 -128.40 9.38
C THR C 363 -45.77 -129.01 8.00
N LYS C 364 -44.77 -129.71 7.50
CA LYS C 364 -44.88 -130.37 6.20
C LYS C 364 -45.89 -131.50 6.26
N ALA C 365 -46.82 -131.51 5.31
CA ALA C 365 -47.83 -132.55 5.22
C ALA C 365 -48.30 -132.66 3.77
N PRO C 366 -48.34 -133.89 3.24
CA PRO C 366 -48.72 -134.18 1.86
C PRO C 366 -50.19 -133.89 1.58
N VAL C 367 -50.61 -132.64 1.80
CA VAL C 367 -51.98 -132.24 1.56
C VAL C 367 -52.05 -131.34 0.33
N PRO C 368 -52.88 -131.71 -0.65
CA PRO C 368 -53.04 -130.89 -1.86
C PRO C 368 -53.78 -129.60 -1.54
N ILE C 369 -53.18 -128.47 -1.89
CA ILE C 369 -53.82 -127.19 -1.62
C ILE C 369 -54.64 -126.72 -2.83
N ASP C 370 -55.95 -126.97 -2.75
CA ASP C 370 -56.88 -126.61 -3.81
C ASP C 370 -57.10 -125.10 -3.83
N ASP C 371 -57.79 -124.61 -4.84
CA ASP C 371 -58.20 -123.22 -4.87
C ASP C 371 -59.14 -122.92 -3.70
N ASN C 372 -59.98 -123.89 -3.36
CA ASN C 372 -60.93 -123.73 -2.27
C ASN C 372 -60.55 -124.51 -1.01
N PHE C 373 -59.26 -124.55 -0.74
CA PHE C 373 -58.76 -125.16 0.50
C PHE C 373 -59.19 -124.32 1.70
N CYS C 374 -59.84 -124.95 2.67
CA CYS C 374 -60.38 -124.22 3.81
C CYS C 374 -59.68 -124.53 5.13
N GLY C 375 -58.43 -124.99 5.04
CA GLY C 375 -57.62 -125.19 6.22
C GLY C 375 -57.86 -126.49 6.97
N LEU C 376 -56.91 -126.84 7.83
CA LEU C 376 -57.02 -127.98 8.72
C LEU C 376 -56.60 -127.54 10.11
N ASP C 377 -56.33 -128.49 11.01
CA ASP C 377 -55.90 -128.15 12.36
C ASP C 377 -54.48 -127.59 12.37
N ILE C 378 -53.61 -128.15 11.55
CA ILE C 378 -52.22 -127.69 11.48
C ILE C 378 -52.10 -126.41 10.67
N ASN C 379 -50.96 -125.75 10.79
CA ASN C 379 -50.64 -124.59 9.97
C ASN C 379 -51.75 -123.53 9.96
N GLN C 380 -52.30 -123.24 11.13
CA GLN C 380 -53.35 -122.22 11.25
C GLN C 380 -53.49 -121.78 12.70
N PRO C 381 -53.77 -120.48 12.92
CA PRO C 381 -53.92 -119.45 11.90
C PRO C 381 -52.60 -119.18 11.18
N LEU C 382 -52.67 -118.59 9.98
CA LEU C 382 -51.47 -118.39 9.18
C LEU C 382 -51.25 -116.92 8.83
N GLY C 383 -50.04 -116.44 9.10
CA GLY C 383 -49.64 -115.08 8.75
C GLY C 383 -48.71 -115.05 7.55
N GLY C 384 -47.75 -114.14 7.58
CA GLY C 384 -46.83 -113.95 6.47
C GLY C 384 -46.22 -112.56 6.49
N SER C 385 -45.06 -112.40 5.86
CA SER C 385 -44.35 -111.12 5.88
C SER C 385 -44.32 -110.41 4.54
N THR C 386 -44.26 -111.17 3.45
CA THR C 386 -44.18 -110.60 2.12
C THR C 386 -45.53 -110.05 1.65
N PRO C 387 -45.58 -108.74 1.38
CA PRO C 387 -46.82 -107.99 1.06
C PRO C 387 -47.42 -108.34 -0.29
N VAL C 388 -48.75 -108.22 -0.37
CA VAL C 388 -49.44 -108.29 -1.65
C VAL C 388 -49.37 -106.92 -2.27
N GLU C 389 -48.66 -106.80 -3.39
CA GLU C 389 -48.49 -105.51 -4.05
C GLU C 389 -49.65 -105.19 -4.99
N GLY C 390 -50.22 -104.00 -4.83
CA GLY C 390 -51.29 -103.57 -5.71
C GLY C 390 -50.76 -102.70 -6.84
N LEU C 391 -51.62 -102.46 -7.83
CA LEU C 391 -51.27 -101.55 -8.93
C LEU C 391 -51.65 -100.14 -8.54
N THR C 392 -50.66 -99.24 -8.44
CA THR C 392 -50.94 -97.86 -8.10
C THR C 392 -51.56 -97.14 -9.30
N LEU C 393 -52.76 -96.59 -9.11
CA LEU C 393 -53.48 -95.92 -10.18
C LEU C 393 -53.30 -94.39 -10.18
N TYR C 394 -53.16 -93.83 -8.99
CA TYR C 394 -53.16 -92.38 -8.84
C TYR C 394 -52.65 -91.97 -7.46
N THR C 395 -51.95 -90.85 -7.37
CA THR C 395 -51.46 -90.35 -6.09
C THR C 395 -51.66 -88.84 -5.95
N THR C 396 -51.76 -88.39 -4.70
CA THR C 396 -51.85 -86.96 -4.39
C THR C 396 -50.84 -86.62 -3.30
N SER C 397 -50.49 -85.34 -3.20
CA SER C 397 -49.43 -84.93 -2.28
C SER C 397 -49.93 -84.15 -1.06
N ARG C 398 -51.08 -83.50 -1.17
CA ARG C 398 -51.53 -82.58 -0.13
C ARG C 398 -52.99 -82.78 0.27
N ASP C 399 -53.87 -82.93 -0.71
CA ASP C 399 -55.28 -83.15 -0.42
C ASP C 399 -55.52 -84.63 -0.19
N ARG C 400 -55.17 -85.09 1.00
CA ARG C 400 -55.19 -86.51 1.36
C ARG C 400 -56.47 -87.21 0.95
N LEU C 401 -56.33 -88.34 0.26
CA LEU C 401 -57.46 -89.16 -0.15
C LEU C 401 -58.06 -89.86 1.08
N THR C 402 -59.39 -89.91 1.15
CA THR C 402 -60.06 -90.42 2.34
C THR C 402 -61.11 -91.51 2.07
N SER C 403 -61.59 -91.62 0.84
CA SER C 403 -62.59 -92.62 0.50
C SER C 403 -62.54 -93.03 -0.96
N VAL C 404 -63.27 -94.08 -1.30
CA VAL C 404 -63.24 -94.64 -2.64
C VAL C 404 -64.49 -95.43 -2.98
N ALA C 405 -64.94 -95.27 -4.22
CA ALA C 405 -66.03 -96.06 -4.79
C ALA C 405 -65.76 -96.13 -6.28
N SER C 406 -66.28 -97.16 -6.93
CA SER C 406 -65.99 -97.35 -8.35
C SER C 406 -67.09 -98.11 -9.06
N TYR C 407 -67.21 -97.88 -10.36
CA TYR C 407 -68.09 -98.68 -11.19
C TYR C 407 -67.66 -98.63 -12.65
N VAL C 408 -68.31 -99.40 -13.50
CA VAL C 408 -67.93 -99.48 -14.90
C VAL C 408 -68.97 -98.85 -15.79
N TYR C 409 -68.57 -97.84 -16.56
CA TYR C 409 -69.42 -97.24 -17.56
C TYR C 409 -68.81 -97.45 -18.94
N ASN C 410 -69.56 -98.10 -19.83
CA ASN C 410 -69.10 -98.35 -21.20
C ASN C 410 -67.70 -98.95 -21.26
N GLY C 411 -67.43 -99.91 -20.37
CA GLY C 411 -66.13 -100.57 -20.33
C GLY C 411 -65.03 -99.78 -19.64
N TYR C 412 -65.36 -98.57 -19.18
CA TYR C 412 -64.39 -97.74 -18.48
C TYR C 412 -64.59 -97.84 -16.97
N SER C 413 -63.50 -98.15 -16.26
CA SER C 413 -63.54 -98.12 -14.81
C SER C 413 -63.43 -96.66 -14.34
N VAL C 414 -64.50 -96.18 -13.71
CA VAL C 414 -64.52 -94.83 -13.16
C VAL C 414 -64.41 -94.92 -11.64
N VAL C 415 -63.36 -94.29 -11.08
CA VAL C 415 -63.13 -94.36 -9.65
C VAL C 415 -63.34 -93.00 -8.98
N PHE C 416 -64.20 -92.98 -7.98
CA PHE C 416 -64.47 -91.76 -7.23
C PHE C 416 -63.70 -91.76 -5.92
N VAL C 417 -62.93 -90.71 -5.69
CA VAL C 417 -62.10 -90.65 -4.49
C VAL C 417 -62.35 -89.37 -3.68
N GLY C 418 -62.79 -89.54 -2.44
CA GLY C 418 -63.01 -88.42 -1.55
C GLY C 418 -61.70 -87.88 -1.00
N THR C 419 -61.70 -86.61 -0.59
CA THR C 419 -60.52 -85.99 -0.03
C THR C 419 -60.81 -85.38 1.34
N LYS C 420 -59.76 -85.10 2.09
CA LYS C 420 -59.91 -84.56 3.44
C LYS C 420 -60.49 -83.15 3.43
N SER C 421 -60.51 -82.50 2.27
CA SER C 421 -61.01 -81.14 2.19
C SER C 421 -62.40 -81.06 1.56
N GLY C 422 -63.06 -82.20 1.40
CA GLY C 422 -64.42 -82.23 0.89
C GLY C 422 -64.51 -82.25 -0.63
N LYS C 423 -63.40 -82.56 -1.28
CA LYS C 423 -63.38 -82.68 -2.74
C LYS C 423 -63.62 -84.13 -3.17
N LEU C 424 -64.23 -84.29 -4.34
CA LEU C 424 -64.44 -85.60 -4.93
C LEU C 424 -63.72 -85.67 -6.28
N LYS C 425 -62.77 -86.59 -6.40
CA LYS C 425 -62.02 -86.75 -7.65
C LYS C 425 -62.64 -87.84 -8.52
N LYS C 426 -62.71 -87.58 -9.81
CA LYS C 426 -63.15 -88.59 -10.77
C LYS C 426 -61.94 -89.10 -11.55
N ILE C 427 -61.56 -90.35 -11.31
CA ILE C 427 -60.39 -90.94 -11.94
C ILE C 427 -60.81 -91.98 -12.97
N ARG C 428 -60.28 -91.87 -14.18
CA ARG C 428 -60.52 -92.90 -15.19
C ARG C 428 -59.39 -93.91 -15.13
N ALA C 429 -59.73 -95.17 -14.86
CA ALA C 429 -58.70 -96.19 -14.69
C ALA C 429 -58.24 -96.81 -16.01
N ASP C 430 -56.95 -96.70 -16.28
CA ASP C 430 -56.32 -97.41 -17.38
C ASP C 430 -55.12 -98.13 -16.76
N GLY C 431 -54.73 -99.26 -17.33
CA GLY C 431 -53.58 -99.99 -16.81
C GLY C 431 -52.30 -99.19 -16.93
N PRO C 432 -51.14 -99.86 -16.83
CA PRO C 432 -49.86 -99.20 -17.09
C PRO C 432 -49.82 -98.60 -18.49
N PRO C 433 -48.89 -97.68 -18.75
CA PRO C 433 -47.91 -97.18 -17.79
C PRO C 433 -48.44 -96.05 -16.92
N HIS C 434 -49.59 -95.49 -17.28
CA HIS C 434 -50.15 -94.34 -16.58
C HIS C 434 -50.87 -94.72 -15.29
N GLY C 435 -51.69 -95.76 -15.36
CA GLY C 435 -52.38 -96.27 -14.19
C GLY C 435 -53.76 -95.69 -13.99
N GLY C 436 -53.85 -94.37 -13.95
CA GLY C 436 -55.11 -93.70 -13.76
C GLY C 436 -54.99 -92.23 -14.08
N VAL C 437 -56.11 -91.61 -14.44
CA VAL C 437 -56.10 -90.21 -14.81
C VAL C 437 -57.29 -89.49 -14.20
N GLN C 438 -57.01 -88.43 -13.46
CA GLN C 438 -58.08 -87.60 -12.91
C GLN C 438 -58.57 -86.66 -13.98
N TYR C 439 -59.85 -86.80 -14.35
CA TYR C 439 -60.39 -85.95 -15.40
C TYR C 439 -61.31 -84.87 -14.83
N GLU C 440 -61.56 -84.95 -13.52
CA GLU C 440 -62.35 -83.92 -12.86
C GLU C 440 -62.25 -84.00 -11.34
N MET C 441 -62.35 -82.83 -10.70
CA MET C 441 -62.46 -82.76 -9.25
C MET C 441 -63.58 -81.80 -8.86
N VAL C 442 -64.58 -82.33 -8.16
CA VAL C 442 -65.72 -81.53 -7.72
C VAL C 442 -65.50 -81.06 -6.28
N SER C 443 -65.95 -79.85 -5.99
CA SER C 443 -65.98 -79.37 -4.61
C SER C 443 -67.35 -79.74 -4.05
N VAL C 444 -67.41 -80.74 -3.18
CA VAL C 444 -68.70 -81.21 -2.67
C VAL C 444 -69.17 -80.51 -1.39
N PHE C 445 -68.28 -80.36 -0.42
CA PHE C 445 -68.65 -79.73 0.83
C PHE C 445 -68.00 -78.37 1.02
N LYS C 446 -68.82 -77.32 1.06
CA LYS C 446 -68.33 -75.96 1.12
C LYS C 446 -67.55 -75.67 2.41
N ASP C 447 -67.86 -76.40 3.48
CA ASP C 447 -67.19 -76.16 4.76
C ASP C 447 -65.83 -76.85 4.82
N GLY C 448 -65.51 -77.57 3.75
CA GLY C 448 -64.23 -78.25 3.64
C GLY C 448 -64.13 -79.51 4.49
N SER C 449 -65.27 -80.01 4.96
CA SER C 449 -65.30 -81.23 5.78
C SER C 449 -64.83 -82.44 4.98
N PRO C 450 -63.98 -83.27 5.61
CA PRO C 450 -63.47 -84.48 4.95
C PRO C 450 -64.59 -85.42 4.52
N ILE C 451 -64.40 -86.10 3.39
CA ILE C 451 -65.35 -87.08 2.90
C ILE C 451 -65.18 -88.40 3.64
N LEU C 452 -66.28 -88.93 4.18
CA LEU C 452 -66.22 -90.19 4.93
C LEU C 452 -66.11 -91.39 3.99
N ARG C 453 -65.83 -92.55 4.57
CA ARG C 453 -65.56 -93.77 3.82
C ARG C 453 -66.75 -94.26 3.00
N ASP C 454 -67.95 -94.26 3.60
CA ASP C 454 -69.13 -94.82 2.94
C ASP C 454 -69.67 -93.94 1.81
N MET C 455 -69.50 -94.41 0.58
CA MET C 455 -70.13 -93.79 -0.57
C MET C 455 -70.90 -94.89 -1.30
N ALA C 456 -72.05 -94.53 -1.86
CA ALA C 456 -72.87 -95.53 -2.57
C ALA C 456 -73.65 -94.92 -3.72
N PHE C 457 -73.82 -95.71 -4.79
CA PHE C 457 -74.53 -95.26 -5.98
C PHE C 457 -76.04 -95.39 -5.83
N SER C 458 -76.78 -94.50 -6.49
CA SER C 458 -78.21 -94.72 -6.70
C SER C 458 -78.36 -96.01 -7.50
N ILE C 459 -79.57 -96.57 -7.52
CA ILE C 459 -79.77 -97.89 -8.11
C ILE C 459 -79.32 -98.01 -9.57
N ASN C 460 -79.40 -96.91 -10.31
CA ASN C 460 -78.96 -96.92 -11.71
C ASN C 460 -77.70 -96.10 -11.96
N GLN C 461 -76.95 -95.85 -10.89
CA GLN C 461 -75.62 -95.25 -10.98
C GLN C 461 -75.58 -93.86 -11.63
N LEU C 462 -76.68 -93.13 -11.60
CA LEU C 462 -76.65 -91.75 -12.09
C LEU C 462 -76.10 -90.81 -11.02
N TYR C 463 -76.22 -91.22 -9.76
CA TYR C 463 -75.75 -90.40 -8.65
C TYR C 463 -74.80 -91.18 -7.75
N LEU C 464 -73.95 -90.45 -7.03
CA LEU C 464 -73.13 -91.04 -5.99
C LEU C 464 -73.39 -90.32 -4.69
N TYR C 465 -73.88 -91.06 -3.69
CA TYR C 465 -74.12 -90.48 -2.38
C TYR C 465 -72.81 -90.40 -1.59
N VAL C 466 -72.54 -89.23 -1.07
CA VAL C 466 -71.29 -88.95 -0.39
C VAL C 466 -71.60 -88.22 0.92
N MET C 467 -70.80 -88.47 1.95
CA MET C 467 -71.12 -87.89 3.26
C MET C 467 -69.92 -87.29 3.98
N SER C 468 -70.19 -86.24 4.74
CA SER C 468 -69.26 -85.74 5.74
C SER C 468 -69.85 -86.04 7.12
N GLU C 469 -69.17 -85.61 8.18
CA GLU C 469 -69.69 -85.82 9.52
C GLU C 469 -71.03 -85.08 9.73
N ARG C 470 -71.24 -84.03 8.95
CA ARG C 470 -72.38 -83.14 9.16
C ARG C 470 -73.42 -83.23 8.04
N GLN C 471 -73.14 -83.99 7.00
CA GLN C 471 -73.92 -83.84 5.77
C GLN C 471 -73.86 -85.03 4.81
N VAL C 472 -75.02 -85.38 4.25
CA VAL C 472 -75.10 -86.34 3.16
C VAL C 472 -75.50 -85.59 1.89
N THR C 473 -74.77 -85.83 0.81
CA THR C 473 -75.01 -85.11 -0.45
C THR C 473 -75.06 -86.05 -1.66
N ARG C 474 -76.09 -85.88 -2.49
CA ARG C 474 -76.24 -86.67 -3.70
C ARG C 474 -75.53 -86.00 -4.87
N VAL C 475 -74.42 -86.60 -5.31
CA VAL C 475 -73.59 -86.01 -6.35
C VAL C 475 -73.75 -86.71 -7.69
N PRO C 476 -74.18 -85.97 -8.71
CA PRO C 476 -74.31 -86.52 -10.08
C PRO C 476 -72.98 -87.11 -10.54
N VAL C 477 -73.03 -88.35 -10.99
CA VAL C 477 -71.86 -89.03 -11.55
C VAL C 477 -71.25 -88.23 -12.70
N GLU C 478 -71.92 -87.45 -13.03
CA GLU C 478 -71.49 -86.78 -14.25
C GLU C 478 -72.07 -85.37 -14.36
N SER C 479 -71.26 -84.46 -14.91
CA SER C 479 -71.72 -83.12 -15.21
C SER C 479 -71.22 -82.69 -16.60
N CYS C 480 -71.41 -83.59 -17.57
CA CYS C 480 -70.89 -83.41 -18.92
C CYS C 480 -71.21 -82.05 -19.57
N GLU C 481 -72.36 -81.48 -19.19
CA GLU C 481 -72.79 -80.21 -19.76
C GLU C 481 -71.79 -79.08 -19.55
N GLN C 482 -70.80 -79.30 -18.69
CA GLN C 482 -69.79 -78.29 -18.39
C GLN C 482 -68.83 -78.08 -19.55
N TYR C 483 -68.75 -79.07 -20.44
CA TYR C 483 -67.91 -78.97 -21.62
C TYR C 483 -68.73 -78.39 -22.78
N THR C 484 -68.26 -77.26 -23.31
CA THR C 484 -69.08 -76.45 -24.21
C THR C 484 -68.70 -76.61 -25.68
N THR C 485 -67.59 -77.27 -25.97
CA THR C 485 -67.22 -77.59 -27.34
C THR C 485 -66.95 -79.07 -27.49
N CYS C 486 -67.28 -79.61 -28.67
CA CYS C 486 -67.02 -81.00 -28.97
C CYS C 486 -65.60 -81.39 -28.58
N GLY C 487 -64.66 -80.45 -28.79
CA GLY C 487 -63.27 -80.67 -28.45
C GLY C 487 -63.03 -80.89 -26.97
N GLU C 488 -63.56 -79.99 -26.15
CA GLU C 488 -63.43 -80.10 -24.69
C GLU C 488 -64.11 -81.38 -24.20
N CYS C 489 -65.33 -81.60 -24.66
CA CYS C 489 -66.13 -82.75 -24.27
C CYS C 489 -65.39 -84.06 -24.52
N LEU C 490 -64.91 -84.25 -25.74
CA LEU C 490 -64.32 -85.53 -26.13
C LEU C 490 -62.82 -85.66 -25.85
N SER C 491 -62.28 -84.72 -25.08
CA SER C 491 -60.89 -84.83 -24.65
C SER C 491 -60.79 -84.61 -23.13
N SER C 492 -61.94 -84.53 -22.48
CA SER C 492 -61.99 -84.40 -21.02
C SER C 492 -61.44 -85.66 -20.37
N GLY C 493 -61.73 -86.81 -20.99
CA GLY C 493 -61.31 -88.08 -20.45
C GLY C 493 -62.41 -88.68 -19.58
N ASP C 494 -63.59 -88.08 -19.64
CA ASP C 494 -64.73 -88.50 -18.83
C ASP C 494 -65.56 -89.53 -19.58
N PRO C 495 -65.55 -90.79 -19.09
CA PRO C 495 -66.17 -91.93 -19.76
C PRO C 495 -67.65 -91.73 -20.00
N HIS C 496 -68.28 -90.83 -19.26
CA HIS C 496 -69.72 -90.60 -19.41
C HIS C 496 -70.04 -89.64 -20.56
N CYS C 497 -69.07 -88.85 -20.99
CA CYS C 497 -69.33 -87.70 -21.86
C CYS C 497 -69.13 -87.94 -23.35
N GLY C 498 -70.18 -87.69 -24.13
CA GLY C 498 -70.09 -87.64 -25.57
C GLY C 498 -70.59 -86.31 -26.08
N TRP C 499 -70.46 -86.07 -27.38
CA TRP C 499 -70.93 -84.81 -27.96
C TRP C 499 -72.23 -84.96 -28.75
N CYS C 500 -73.27 -84.27 -28.29
CA CYS C 500 -74.56 -84.31 -28.96
C CYS C 500 -74.55 -83.26 -30.06
N ALA C 501 -74.27 -83.70 -31.28
CA ALA C 501 -73.95 -82.82 -32.40
C ALA C 501 -74.96 -81.68 -32.67
N LEU C 502 -76.22 -82.03 -32.89
CA LEU C 502 -77.21 -81.05 -33.32
C LEU C 502 -77.69 -80.14 -32.21
N HIS C 503 -77.56 -80.60 -30.96
CA HIS C 503 -77.96 -79.77 -29.83
C HIS C 503 -76.77 -79.03 -29.25
N ASN C 504 -75.61 -79.22 -29.87
CA ASN C 504 -74.40 -78.53 -29.44
C ASN C 504 -74.20 -78.67 -27.93
N MET C 505 -74.17 -79.93 -27.48
CA MET C 505 -74.22 -80.22 -26.04
C MET C 505 -73.38 -81.43 -25.67
N CYS C 506 -72.63 -81.32 -24.57
CA CYS C 506 -71.89 -82.45 -24.03
C CYS C 506 -72.76 -83.21 -23.02
N SER C 507 -73.04 -84.48 -23.29
CA SER C 507 -73.94 -85.24 -22.43
C SER C 507 -73.73 -86.75 -22.49
N ARG C 508 -74.49 -87.47 -21.67
CA ARG C 508 -74.57 -88.92 -21.76
C ARG C 508 -75.29 -89.28 -23.05
N ARG C 509 -74.99 -90.45 -23.60
CA ARG C 509 -75.64 -90.88 -24.83
C ARG C 509 -77.16 -90.86 -24.70
N ASP C 510 -77.65 -91.46 -23.63
CA ASP C 510 -79.09 -91.56 -23.39
C ASP C 510 -79.72 -90.21 -23.09
N LYS C 511 -78.88 -89.19 -22.89
CA LYS C 511 -79.37 -87.82 -22.73
C LYS C 511 -79.40 -87.05 -24.05
N CYS C 512 -78.83 -87.63 -25.10
CA CYS C 512 -78.79 -86.97 -26.40
C CYS C 512 -79.94 -87.47 -27.29
N GLN C 513 -80.82 -86.56 -27.65
CA GLN C 513 -81.97 -86.90 -28.49
C GLN C 513 -81.55 -87.37 -29.88
N ARG C 514 -82.11 -88.49 -30.34
CA ARG C 514 -81.82 -89.05 -31.66
C ARG C 514 -80.37 -89.53 -31.78
N ALA C 515 -79.78 -89.89 -30.65
CA ALA C 515 -78.36 -90.27 -30.63
C ALA C 515 -78.08 -91.47 -31.51
N TRP C 516 -79.11 -92.28 -31.77
CA TRP C 516 -78.95 -93.50 -32.53
C TRP C 516 -78.93 -93.24 -34.03
N GLU C 517 -79.21 -92.00 -34.43
CA GLU C 517 -79.23 -91.64 -35.85
C GLU C 517 -77.86 -91.14 -36.32
N ALA C 518 -77.62 -91.24 -37.62
CA ALA C 518 -76.31 -90.96 -38.18
C ALA C 518 -75.66 -89.68 -37.62
N ASN C 519 -74.47 -89.85 -37.04
CA ASN C 519 -73.63 -88.73 -36.66
C ASN C 519 -74.24 -87.74 -35.67
N ARG C 520 -75.28 -88.16 -34.96
CA ARG C 520 -75.91 -87.32 -33.96
C ARG C 520 -75.10 -87.29 -32.66
N PHE C 521 -74.28 -88.31 -32.45
CA PHE C 521 -73.52 -88.44 -31.21
C PHE C 521 -72.07 -88.84 -31.48
N ALA C 522 -71.14 -87.96 -31.14
CA ALA C 522 -69.73 -88.26 -31.31
C ALA C 522 -69.11 -88.79 -30.03
N ALA C 523 -68.50 -89.98 -30.12
CA ALA C 523 -67.86 -90.61 -28.97
C ALA C 523 -66.36 -90.43 -29.03
N SER C 524 -65.88 -89.89 -30.15
CA SER C 524 -64.45 -89.73 -30.37
C SER C 524 -64.14 -88.36 -30.96
N ILE C 525 -63.04 -87.77 -30.52
CA ILE C 525 -62.60 -86.47 -31.00
C ILE C 525 -62.61 -86.40 -32.54
N SER C 526 -62.27 -87.50 -33.20
CA SER C 526 -62.24 -87.54 -34.66
C SER C 526 -63.63 -87.39 -35.29
N GLN C 527 -64.67 -87.57 -34.48
CA GLN C 527 -66.04 -87.50 -34.96
C GLN C 527 -66.62 -86.11 -34.79
N CYS C 528 -65.80 -85.18 -34.31
CA CYS C 528 -66.22 -83.79 -34.19
C CYS C 528 -66.34 -83.17 -35.58
N MET C 529 -66.66 -80.36 -35.42
CA MET C 529 -66.94 -79.73 -36.70
C MET C 529 -66.20 -78.42 -36.85
N SER C 530 -65.91 -78.04 -38.09
CA SER C 530 -65.44 -76.72 -38.42
C SER C 530 -66.22 -76.24 -39.62
N LEU C 531 -66.22 -74.93 -39.85
CA LEU C 531 -67.02 -74.35 -40.91
C LEU C 531 -66.15 -73.53 -41.86
N GLU C 532 -66.19 -73.87 -43.15
CA GLU C 532 -65.45 -73.13 -44.17
C GLU C 532 -66.40 -72.32 -45.06
N VAL C 533 -66.11 -71.04 -45.22
CA VAL C 533 -66.93 -70.15 -46.02
C VAL C 533 -66.14 -69.55 -47.17
N HIS C 534 -66.74 -69.53 -48.35
CA HIS C 534 -66.13 -68.81 -49.47
C HIS C 534 -67.17 -68.01 -50.25
N PRO C 535 -66.94 -66.70 -50.39
CA PRO C 535 -65.77 -66.02 -49.81
C PRO C 535 -65.94 -65.86 -48.30
N ASN C 536 -64.85 -65.62 -47.59
CA ASN C 536 -64.93 -65.42 -46.14
C ASN C 536 -65.08 -63.96 -45.76
N SER C 537 -65.22 -63.11 -46.78
CA SER C 537 -65.43 -61.68 -46.60
C SER C 537 -65.97 -61.06 -47.87
N ILE C 538 -66.87 -60.09 -47.72
CA ILE C 538 -67.44 -59.38 -48.86
C ILE C 538 -67.50 -57.88 -48.64
N SER C 539 -67.49 -57.13 -49.74
CA SER C 539 -67.70 -55.69 -49.68
C SER C 539 -69.09 -55.45 -49.13
N VAL C 540 -69.22 -54.43 -48.28
CA VAL C 540 -70.51 -54.06 -47.72
C VAL C 540 -71.52 -53.71 -48.82
N SER C 541 -71.03 -53.16 -49.93
CA SER C 541 -71.87 -52.80 -51.06
C SER C 541 -72.29 -54.02 -51.87
N ASP C 542 -71.57 -55.12 -51.68
CA ASP C 542 -71.81 -56.34 -52.43
C ASP C 542 -72.79 -57.23 -51.68
N HIS C 543 -74.03 -56.75 -51.54
CA HIS C 543 -75.04 -57.44 -50.75
C HIS C 543 -75.72 -58.56 -51.52
N SER C 544 -76.50 -59.36 -50.80
CA SER C 544 -77.23 -60.47 -51.40
C SER C 544 -76.33 -61.40 -52.19
N ARG C 545 -75.12 -61.62 -51.69
CA ARG C 545 -74.20 -62.58 -52.29
C ARG C 545 -74.58 -64.00 -51.95
N LEU C 546 -74.25 -64.93 -52.84
CA LEU C 546 -74.34 -66.33 -52.55
C LEU C 546 -73.02 -66.77 -51.93
N LEU C 547 -73.08 -67.44 -50.78
CA LEU C 547 -71.87 -67.94 -50.14
C LEU C 547 -71.86 -69.46 -50.12
N SER C 548 -70.67 -70.04 -50.21
CA SER C 548 -70.54 -71.49 -50.13
C SER C 548 -69.98 -71.89 -48.77
N LEU C 549 -70.82 -72.53 -47.97
CA LEU C 549 -70.46 -73.01 -46.64
C LEU C 549 -70.19 -74.51 -46.69
N VAL C 550 -69.04 -74.93 -46.19
CA VAL C 550 -68.76 -76.35 -46.07
C VAL C 550 -68.59 -76.73 -44.60
N VAL C 551 -69.31 -77.77 -44.17
CA VAL C 551 -69.22 -78.24 -42.80
C VAL C 551 -68.36 -79.51 -42.71
N ASN C 552 -67.18 -79.38 -42.12
CA ASN C 552 -66.30 -80.51 -41.94
C ASN C 552 -66.77 -81.41 -40.79
N ASP C 553 -66.66 -82.72 -40.98
CA ASP C 553 -66.98 -83.68 -39.92
C ASP C 553 -68.43 -83.53 -39.48
N ALA C 554 -69.30 -83.22 -40.42
CA ALA C 554 -70.71 -82.99 -40.11
C ALA C 554 -71.52 -84.27 -40.19
N PRO C 555 -72.69 -84.28 -39.55
CA PRO C 555 -73.68 -85.36 -39.67
C PRO C 555 -74.62 -85.01 -40.78
N ASN C 556 -75.63 -85.85 -41.01
CA ASN C 556 -76.66 -85.53 -41.97
C ASN C 556 -77.28 -84.15 -41.68
N LEU C 557 -77.17 -83.24 -42.64
CA LEU C 557 -77.77 -81.92 -42.51
C LEU C 557 -79.06 -81.83 -43.31
N SER C 558 -79.40 -82.92 -44.01
CA SER C 558 -80.48 -82.91 -45.00
C SER C 558 -81.84 -82.50 -44.43
N GLU C 559 -82.00 -82.54 -43.11
CA GLU C 559 -83.25 -82.14 -42.50
C GLU C 559 -83.53 -80.65 -42.73
N GLY C 560 -82.46 -79.89 -42.90
CA GLY C 560 -82.56 -78.46 -43.14
C GLY C 560 -81.52 -77.67 -42.38
N ILE C 561 -81.07 -76.58 -42.99
CA ILE C 561 -80.10 -75.68 -42.36
C ILE C 561 -80.50 -74.23 -42.60
N ALA C 562 -80.27 -73.38 -41.61
CA ALA C 562 -80.49 -71.95 -41.76
C ALA C 562 -79.21 -71.22 -41.39
N CYS C 563 -78.92 -70.14 -42.10
CA CYS C 563 -77.74 -69.35 -41.82
C CYS C 563 -78.11 -68.12 -41.01
N ALA C 564 -77.37 -67.89 -39.93
CA ALA C 564 -77.59 -66.72 -39.09
C ALA C 564 -76.36 -65.82 -39.16
N PHE C 565 -76.57 -64.60 -39.64
CA PHE C 565 -75.50 -63.61 -39.69
C PHE C 565 -75.57 -62.75 -38.43
N GLY C 566 -74.82 -63.15 -37.40
CA GLY C 566 -74.92 -62.50 -36.11
C GLY C 566 -76.37 -62.28 -35.73
N ASN C 567 -76.70 -61.07 -35.29
CA ASN C 567 -78.09 -60.70 -35.00
C ASN C 567 -78.84 -60.30 -36.26
N LEU C 568 -78.10 -59.93 -37.29
CA LEU C 568 -78.63 -59.27 -38.46
C LEU C 568 -79.69 -60.05 -39.23
N THR C 569 -79.42 -61.34 -39.45
CA THR C 569 -80.19 -62.09 -40.43
C THR C 569 -80.27 -63.58 -40.12
N GLU C 570 -81.35 -64.21 -40.55
CA GLU C 570 -81.43 -65.67 -40.59
C GLU C 570 -82.25 -66.12 -41.79
N VAL C 571 -81.58 -66.75 -42.74
CA VAL C 571 -82.24 -67.20 -43.95
C VAL C 571 -82.05 -68.70 -44.15
N GLU C 572 -83.03 -69.33 -44.78
CA GLU C 572 -82.96 -70.76 -45.05
C GLU C 572 -81.88 -71.07 -46.08
N GLY C 573 -80.98 -71.98 -45.74
CA GLY C 573 -79.91 -72.37 -46.63
C GLY C 573 -80.31 -73.52 -47.53
N GLN C 574 -79.58 -73.66 -48.63
CA GLN C 574 -79.76 -74.80 -49.54
C GLN C 574 -78.71 -75.85 -49.19
N VAL C 575 -79.15 -77.08 -48.96
CA VAL C 575 -78.25 -78.14 -48.51
C VAL C 575 -77.97 -79.24 -49.54
N SER C 576 -76.70 -79.47 -49.80
CA SER C 576 -76.25 -80.58 -50.63
C SER C 576 -75.08 -81.23 -49.93
N GLY C 577 -75.33 -82.38 -49.30
CA GLY C 577 -74.32 -83.05 -48.51
C GLY C 577 -73.83 -82.16 -47.37
N SER C 578 -72.52 -81.99 -47.27
CA SER C 578 -71.95 -81.14 -46.23
C SER C 578 -71.75 -79.71 -46.74
N GLN C 579 -72.37 -79.39 -47.86
CA GLN C 579 -72.28 -78.03 -48.40
C GLN C 579 -73.58 -77.27 -48.21
N VAL C 580 -73.45 -76.04 -47.72
CA VAL C 580 -74.59 -75.16 -47.54
C VAL C 580 -74.39 -73.88 -48.34
N ILE C 581 -75.44 -73.44 -49.01
CA ILE C 581 -75.39 -72.20 -49.75
C ILE C 581 -76.42 -71.22 -49.19
N CYS C 582 -75.99 -69.99 -48.93
CA CYS C 582 -76.87 -69.03 -48.30
C CYS C 582 -76.68 -67.63 -48.86
N ILE C 583 -77.75 -66.85 -48.82
CA ILE C 583 -77.74 -65.48 -49.30
C ILE C 583 -77.32 -64.52 -48.19
N SER C 584 -76.34 -63.68 -48.47
CA SER C 584 -75.85 -62.72 -47.48
C SER C 584 -76.85 -61.60 -47.28
N PRO C 585 -76.74 -60.87 -46.17
CA PRO C 585 -77.72 -59.84 -45.82
C PRO C 585 -77.97 -58.85 -46.95
N GLY C 586 -79.21 -58.38 -47.05
CA GLY C 586 -79.58 -57.36 -48.02
C GLY C 586 -79.24 -55.96 -47.55
N PRO C 587 -79.35 -54.98 -48.46
CA PRO C 587 -78.94 -53.59 -48.25
C PRO C 587 -79.37 -53.03 -46.90
N LYS C 588 -80.63 -53.21 -46.53
CA LYS C 588 -81.14 -52.71 -45.26
C LYS C 588 -80.45 -53.34 -44.06
N ASP C 589 -80.03 -54.60 -44.22
CA ASP C 589 -79.58 -55.40 -43.08
C ASP C 589 -78.07 -55.50 -42.90
N VAL C 590 -77.30 -55.07 -43.88
CA VAL C 590 -75.84 -55.11 -43.75
C VAL C 590 -75.39 -54.19 -42.63
N PRO C 591 -74.32 -54.56 -41.93
CA PRO C 591 -73.81 -53.79 -40.81
C PRO C 591 -73.19 -52.47 -41.27
N VAL C 592 -73.08 -51.51 -40.37
CA VAL C 592 -72.36 -50.28 -40.65
C VAL C 592 -70.96 -50.37 -40.06
N ILE C 593 -69.97 -49.87 -40.80
CA ILE C 593 -68.58 -49.99 -40.38
C ILE C 593 -68.10 -48.78 -39.58
N PRO C 594 -67.44 -49.05 -38.44
CA PRO C 594 -66.80 -48.01 -37.62
C PRO C 594 -65.48 -47.55 -38.22
N LEU C 595 -65.37 -46.27 -38.57
CA LEU C 595 -64.16 -45.75 -39.17
C LEU C 595 -63.12 -45.43 -38.09
N ASP C 598 -62.69 -49.86 -41.22
CA ASP C 598 -62.40 -50.50 -42.51
C ASP C 598 -63.22 -51.77 -42.71
N TRP C 599 -63.42 -52.52 -41.64
CA TRP C 599 -64.17 -53.76 -41.71
C TRP C 599 -65.03 -53.97 -40.48
N PHE C 600 -65.79 -55.06 -40.49
CA PHE C 600 -66.69 -55.39 -39.40
C PHE C 600 -66.95 -56.89 -39.42
N GLY C 601 -66.51 -57.57 -38.37
CA GLY C 601 -66.68 -59.01 -38.28
C GLY C 601 -67.90 -59.42 -37.50
N LEU C 602 -68.42 -60.60 -37.81
CA LEU C 602 -69.50 -61.21 -37.04
C LEU C 602 -69.45 -62.71 -37.19
N GLU C 603 -70.19 -63.42 -36.34
CA GLU C 603 -70.22 -64.87 -36.42
C GLU C 603 -71.34 -65.34 -37.34
N LEU C 604 -70.95 -66.04 -38.40
CA LEU C 604 -71.91 -66.67 -39.29
C LEU C 604 -72.20 -68.06 -38.73
N GLN C 605 -73.48 -68.35 -38.53
CA GLN C 605 -73.88 -69.55 -37.80
C GLN C 605 -74.88 -70.39 -38.58
N LEU C 606 -74.82 -71.70 -38.38
CA LEU C 606 -75.79 -72.61 -38.94
C LEU C 606 -76.70 -73.16 -37.86
N ARG C 607 -78.01 -73.08 -38.10
CA ARG C 607 -78.99 -73.68 -37.20
C ARG C 607 -79.55 -74.94 -37.86
N SER C 608 -79.51 -76.04 -37.11
CA SER C 608 -80.10 -77.30 -37.56
C SER C 608 -81.62 -77.22 -37.50
N LYS C 609 -82.29 -77.55 -38.61
CA LYS C 609 -83.74 -77.56 -38.60
C LYS C 609 -84.27 -78.80 -37.87
N GLU C 610 -83.47 -79.85 -37.83
CA GLU C 610 -83.84 -81.06 -37.13
C GLU C 610 -83.97 -80.82 -35.63
N THR C 611 -83.01 -80.09 -35.06
CA THR C 611 -82.95 -79.90 -33.61
C THR C 611 -83.35 -78.48 -33.19
N GLY C 612 -83.14 -77.52 -34.08
CA GLY C 612 -83.46 -76.13 -33.80
C GLY C 612 -82.30 -75.36 -33.18
N LYS C 613 -81.14 -76.02 -33.12
CA LYS C 613 -80.00 -75.45 -32.42
C LYS C 613 -78.88 -74.99 -33.35
N ILE C 614 -78.28 -73.85 -33.04
CA ILE C 614 -77.03 -73.44 -33.66
C ILE C 614 -75.94 -74.39 -33.19
N PHE C 615 -75.19 -74.95 -34.14
CA PHE C 615 -74.21 -75.99 -33.79
C PHE C 615 -72.80 -75.74 -34.34
N VAL C 616 -72.67 -74.79 -35.26
CA VAL C 616 -71.36 -74.40 -35.77
C VAL C 616 -71.33 -72.92 -36.11
N SER C 617 -70.13 -72.38 -36.19
CA SER C 617 -69.96 -70.96 -36.48
C SER C 617 -68.58 -70.69 -37.03
N THR C 618 -68.42 -69.53 -37.64
CA THR C 618 -67.11 -69.06 -38.09
C THR C 618 -67.19 -67.56 -38.36
N GLU C 619 -66.05 -66.89 -38.38
CA GLU C 619 -66.06 -65.45 -38.59
C GLU C 619 -66.32 -65.07 -40.04
N PHE C 620 -67.18 -64.08 -40.22
CA PHE C 620 -67.46 -63.51 -41.53
C PHE C 620 -67.34 -62.01 -41.45
N LYS C 621 -66.58 -61.42 -42.37
CA LYS C 621 -66.23 -60.00 -42.29
C LYS C 621 -66.78 -59.20 -43.47
N PHE C 622 -67.30 -58.02 -43.18
CA PHE C 622 -67.73 -57.08 -44.20
C PHE C 622 -66.70 -55.96 -44.28
N TYR C 623 -66.35 -55.53 -45.49
CA TYR C 623 -65.37 -54.46 -45.63
C TYR C 623 -65.85 -53.31 -46.51
N ASN C 624 -65.19 -52.16 -46.33
CA ASN C 624 -65.53 -50.93 -47.04
C ASN C 624 -64.30 -50.42 -47.76
N CYS C 625 -64.18 -51.19 -48.83
CA CYS C 625 -63.07 -50.67 -49.62
C CYS C 625 -63.04 -49.14 -49.61
N SER C 626 -64.22 -48.52 -49.59
CA SER C 626 -64.34 -47.07 -49.58
C SER C 626 -63.65 -46.46 -48.37
N ALA C 627 -63.42 -47.28 -47.35
CA ALA C 627 -62.76 -46.82 -46.13
C ALA C 627 -61.35 -46.33 -46.41
N HIS C 628 -60.73 -46.88 -47.46
CA HIS C 628 -59.40 -46.46 -47.86
C HIS C 628 -59.52 -45.30 -48.86
N GLN C 629 -58.72 -44.26 -48.66
CA GLN C 629 -58.81 -43.08 -49.51
C GLN C 629 -57.45 -42.68 -50.08
N LEU C 630 -56.50 -43.60 -49.99
CA LEU C 630 -55.21 -43.43 -50.65
C LEU C 630 -54.89 -44.73 -51.38
N CYS C 631 -54.21 -44.63 -52.51
CA CYS C 631 -53.92 -45.81 -53.32
C CYS C 631 -53.23 -46.92 -52.52
N LEU C 632 -52.12 -46.56 -51.88
CA LEU C 632 -51.34 -47.54 -51.11
C LEU C 632 -52.19 -48.20 -50.02
N SER C 633 -53.04 -47.41 -49.38
CA SER C 633 -53.94 -47.92 -48.35
C SER C 633 -54.92 -48.92 -48.94
N CYS C 634 -55.57 -48.54 -50.03
CA CYS C 634 -56.55 -49.39 -50.71
C CYS C 634 -55.92 -50.70 -51.18
N VAL C 635 -54.79 -50.58 -51.86
CA VAL C 635 -54.12 -51.75 -52.44
C VAL C 635 -53.67 -52.75 -51.39
N ASN C 636 -53.11 -52.25 -50.30
CA ASN C 636 -52.55 -53.10 -49.26
C ASN C 636 -53.59 -53.64 -48.28
N SER C 637 -54.85 -53.32 -48.52
CA SER C 637 -55.93 -53.83 -47.70
C SER C 637 -55.81 -55.35 -47.59
N ALA C 638 -56.28 -55.90 -46.48
CA ALA C 638 -56.28 -57.34 -46.29
C ALA C 638 -57.33 -57.98 -47.20
N PHE C 639 -58.31 -57.17 -47.61
CA PHE C 639 -59.38 -57.65 -48.47
C PHE C 639 -59.16 -57.23 -49.92
N ARG C 640 -59.95 -57.80 -50.83
CA ARG C 640 -59.79 -57.53 -52.25
C ARG C 640 -60.35 -56.17 -52.67
N CYS C 641 -59.48 -55.16 -52.66
CA CYS C 641 -59.87 -53.82 -53.03
C CYS C 641 -59.07 -53.35 -54.24
N HIS C 642 -59.64 -52.43 -55.02
CA HIS C 642 -58.97 -51.90 -56.20
C HIS C 642 -59.02 -50.39 -56.20
N TRP C 643 -57.89 -49.77 -56.50
CA TRP C 643 -57.82 -48.32 -56.60
C TRP C 643 -58.16 -47.86 -58.01
N CYS C 644 -59.17 -47.01 -58.14
CA CYS C 644 -59.51 -46.41 -59.42
C CYS C 644 -58.69 -45.14 -59.63
N LYS C 645 -57.63 -45.28 -60.42
CA LYS C 645 -56.67 -44.21 -60.67
C LYS C 645 -57.34 -42.86 -60.93
N TYR C 646 -58.23 -42.83 -61.91
CA TYR C 646 -58.86 -41.58 -62.34
C TYR C 646 -59.98 -41.12 -61.42
N ARG C 647 -60.89 -42.02 -61.08
CA ARG C 647 -61.99 -41.69 -60.19
C ARG C 647 -61.46 -41.36 -58.80
N ASN C 648 -60.18 -41.68 -58.57
CA ASN C 648 -59.54 -41.38 -57.30
C ASN C 648 -60.30 -41.95 -56.10
N LEU C 649 -60.59 -43.25 -56.12
CA LEU C 649 -61.25 -43.91 -55.00
C LEU C 649 -60.95 -45.40 -54.93
N CYS C 650 -61.18 -45.99 -53.76
CA CYS C 650 -61.00 -47.42 -53.56
C CYS C 650 -62.34 -48.14 -53.70
N THR C 651 -62.33 -49.27 -54.38
CA THR C 651 -63.56 -50.02 -54.65
C THR C 651 -63.34 -51.53 -54.59
N HIS C 652 -64.43 -52.28 -54.48
CA HIS C 652 -64.35 -53.73 -54.53
C HIS C 652 -64.65 -54.21 -55.95
N ASP C 653 -65.33 -53.36 -56.72
CA ASP C 653 -65.79 -53.71 -58.05
C ASP C 653 -65.02 -52.95 -59.13
N PRO C 654 -63.98 -53.57 -59.68
CA PRO C 654 -63.07 -52.95 -60.64
C PRO C 654 -63.77 -52.39 -61.88
N THR C 655 -64.94 -52.94 -62.21
CA THR C 655 -65.68 -52.49 -63.39
C THR C 655 -66.33 -51.12 -63.19
N THR C 656 -66.11 -50.53 -62.01
CA THR C 656 -66.67 -49.21 -61.73
C THR C 656 -65.61 -48.11 -61.85
N CYS C 657 -64.35 -48.52 -62.07
CA CYS C 657 -63.32 -47.56 -62.43
C CYS C 657 -63.74 -46.90 -63.74
N SER C 658 -63.28 -45.67 -63.97
CA SER C 658 -63.70 -44.91 -65.15
C SER C 658 -63.25 -45.55 -66.46
N PHE C 659 -61.95 -45.83 -66.55
CA PHE C 659 -61.41 -46.56 -67.69
C PHE C 659 -60.69 -47.81 -67.20
N GLN C 660 -60.65 -48.83 -68.05
CA GLN C 660 -59.95 -50.05 -67.75
C GLN C 660 -58.50 -49.76 -67.37
N GLU C 661 -57.97 -48.65 -67.90
CA GLU C 661 -56.60 -48.25 -67.63
C GLU C 661 -56.42 -47.67 -66.21
N GLY C 662 -57.53 -47.33 -65.57
CA GLY C 662 -57.49 -46.73 -64.25
C GLY C 662 -57.30 -47.71 -63.11
N ARG C 663 -57.50 -49.00 -63.39
CA ARG C 663 -57.43 -50.03 -62.35
C ARG C 663 -56.01 -50.22 -61.82
N ILE C 664 -55.84 -50.06 -60.51
CA ILE C 664 -54.57 -50.36 -59.86
C ILE C 664 -54.78 -51.39 -58.75
N ASN C 665 -53.98 -52.46 -58.79
CA ASN C 665 -54.15 -53.57 -57.86
C ASN C 665 -52.98 -53.71 -56.88
N VAL C 666 -51.79 -53.36 -57.34
CA VAL C 666 -50.58 -53.48 -56.53
C VAL C 666 -50.05 -52.09 -56.19
N SER C 667 -49.38 -51.97 -55.04
CA SER C 667 -48.88 -50.69 -54.57
C SER C 667 -47.73 -50.19 -55.43
N GLU C 668 -47.03 -51.11 -56.09
CA GLU C 668 -45.85 -50.77 -56.86
C GLU C 668 -46.14 -49.65 -57.87
N ASP C 669 -47.34 -49.65 -58.45
CA ASP C 669 -47.71 -48.62 -59.41
C ASP C 669 -48.75 -47.66 -58.84
N CYS C 670 -48.54 -47.25 -57.60
CA CYS C 670 -49.36 -46.22 -56.97
C CYS C 670 -48.74 -44.85 -57.16
N PRO C 671 -49.65 -43.90 -58.06
CA PRO C 671 -49.15 -42.54 -58.30
C PRO C 671 -48.86 -41.80 -57.00
N GLN C 672 -45.41 -42.13 -55.58
CA GLN C 672 -44.70 -41.95 -54.34
C GLN C 672 -43.67 -40.88 -54.54
N LEU C 673 -43.16 -40.30 -53.44
CA LEU C 673 -42.15 -39.28 -53.56
C LEU C 673 -40.83 -39.87 -53.15
N VAL C 674 -39.83 -39.78 -54.05
CA VAL C 674 -38.50 -40.30 -53.80
C VAL C 674 -37.67 -39.24 -53.14
N PRO C 675 -36.75 -39.68 -52.30
CA PRO C 675 -35.89 -38.78 -51.60
C PRO C 675 -34.73 -38.27 -52.39
N THR C 676 -34.23 -37.07 -52.01
CA THR C 676 -33.07 -36.46 -52.59
C THR C 676 -32.26 -36.01 -51.42
N GLU C 677 -31.12 -35.33 -51.67
CA GLU C 677 -30.34 -34.86 -50.57
C GLU C 677 -31.23 -33.96 -49.80
N GLU C 678 -30.98 -33.83 -48.48
CA GLU C 678 -31.85 -33.12 -47.57
C GLU C 678 -32.28 -31.80 -48.13
N ILE C 679 -33.58 -31.46 -47.92
CA ILE C 679 -34.11 -30.23 -48.43
C ILE C 679 -33.89 -29.18 -47.38
N LEU C 680 -32.98 -28.24 -47.68
CA LEU C 680 -32.66 -27.20 -46.74
C LEU C 680 -33.39 -25.96 -47.13
N ILE C 681 -34.12 -25.35 -46.17
CA ILE C 681 -34.83 -24.13 -46.48
C ILE C 681 -34.57 -23.09 -45.43
N PRO C 682 -34.00 -21.98 -45.86
CA PRO C 682 -33.77 -20.88 -44.96
C PRO C 682 -35.04 -20.13 -44.76
N VAL C 683 -35.25 -19.52 -43.57
CA VAL C 683 -36.45 -18.76 -43.36
C VAL C 683 -36.26 -17.41 -43.96
N GLY C 684 -37.30 -16.90 -44.65
CA GLY C 684 -37.29 -15.57 -45.19
C GLY C 684 -36.50 -15.48 -46.46
N GLU C 685 -36.29 -16.61 -47.18
CA GLU C 685 -35.59 -16.51 -48.43
C GLU C 685 -36.43 -17.15 -49.50
N VAL C 686 -36.46 -16.52 -50.70
CA VAL C 686 -37.24 -17.05 -51.78
C VAL C 686 -36.48 -18.19 -52.40
N LYS C 687 -37.07 -19.40 -52.40
CA LYS C 687 -36.37 -20.51 -53.00
C LYS C 687 -37.36 -21.50 -53.56
N PRO C 688 -36.96 -22.12 -54.64
CA PRO C 688 -37.74 -23.19 -55.22
C PRO C 688 -37.36 -24.49 -54.58
N ILE C 689 -38.26 -25.49 -54.54
CA ILE C 689 -37.90 -26.75 -53.96
C ILE C 689 -38.17 -27.82 -54.97
N THR C 690 -37.10 -28.32 -55.64
CA THR C 690 -37.33 -29.33 -56.64
C THR C 690 -37.46 -30.65 -55.95
N LEU C 691 -38.37 -31.50 -56.45
CA LEU C 691 -38.53 -32.81 -55.89
C LEU C 691 -38.47 -33.83 -56.98
N LYS C 692 -38.19 -35.09 -56.59
CA LYS C 692 -38.19 -36.21 -57.47
C LYS C 692 -39.24 -37.14 -56.95
N ALA C 693 -39.75 -38.06 -57.79
CA ALA C 693 -40.80 -38.95 -57.38
C ALA C 693 -41.00 -39.99 -58.45
N ARG C 694 -42.07 -40.80 -58.33
CA ARG C 694 -42.33 -41.83 -59.31
C ARG C 694 -43.81 -41.92 -59.60
N ASN C 695 -44.13 -42.26 -60.87
CA ASN C 695 -45.48 -42.52 -61.33
C ASN C 695 -46.45 -41.47 -60.92
N LEU C 696 -46.12 -40.18 -61.09
CA LEU C 696 -47.05 -39.13 -60.80
C LEU C 696 -48.09 -39.14 -61.88
N PRO C 697 -49.34 -39.07 -61.50
CA PRO C 697 -50.44 -39.13 -62.44
C PRO C 697 -50.67 -37.85 -63.18
N GLN C 698 -51.18 -37.95 -64.44
CA GLN C 698 -51.55 -36.74 -65.13
C GLN C 698 -52.96 -36.51 -64.74
N PRO C 699 -53.21 -35.38 -64.15
CA PRO C 699 -54.53 -35.06 -63.69
C PRO C 699 -55.47 -35.20 -64.84
N GLN C 700 -56.63 -35.86 -64.60
CA GLN C 700 -57.58 -36.09 -65.64
C GLN C 700 -58.61 -35.02 -65.63
N SER C 701 -59.65 -35.21 -66.45
CA SER C 701 -60.66 -34.20 -66.60
C SER C 701 -61.29 -33.91 -65.28
N GLY C 702 -61.52 -32.61 -65.03
CA GLY C 702 -62.18 -32.16 -63.83
C GLY C 702 -61.22 -32.23 -62.68
N GLN C 703 -59.92 -32.37 -62.96
CA GLN C 703 -59.01 -32.48 -61.85
C GLN C 703 -57.99 -31.38 -61.94
N ARG C 704 -57.63 -30.80 -60.78
CA ARG C 704 -56.70 -29.70 -60.73
C ARG C 704 -55.29 -30.20 -60.61
N GLY C 705 -54.34 -29.25 -60.52
CA GLY C 705 -52.93 -29.51 -60.49
C GLY C 705 -52.43 -29.71 -59.08
N TYR C 706 -51.08 -29.74 -58.95
CA TYR C 706 -50.34 -30.07 -57.76
C TYR C 706 -49.99 -28.87 -56.93
N GLU C 707 -49.93 -29.09 -55.59
CA GLU C 707 -49.54 -28.08 -54.65
C GLU C 707 -48.68 -28.72 -53.61
N CYS C 708 -47.88 -27.91 -52.89
CA CYS C 708 -47.12 -28.46 -51.80
C CYS C 708 -47.61 -27.82 -50.55
N VAL C 709 -47.93 -28.63 -49.53
CA VAL C 709 -48.44 -28.12 -48.30
C VAL C 709 -47.41 -28.37 -47.25
N LEU C 710 -47.04 -27.31 -46.50
CA LEU C 710 -46.07 -27.45 -45.46
C LEU C 710 -46.80 -27.41 -44.17
N SER C 711 -46.59 -28.43 -43.31
CA SER C 711 -47.30 -28.44 -42.07
C SER C 711 -46.42 -27.83 -41.03
N ILE C 712 -46.56 -26.52 -40.84
CA ILE C 712 -45.83 -25.78 -39.86
C ILE C 712 -46.86 -25.34 -38.88
N GLN C 713 -46.63 -25.59 -37.58
CA GLN C 713 -47.61 -25.30 -36.58
C GLN C 713 -47.93 -23.84 -36.65
N GLY C 714 -46.90 -22.98 -36.74
CA GLY C 714 -47.14 -21.57 -36.75
C GLY C 714 -47.92 -21.18 -37.97
N ALA C 715 -47.48 -21.64 -39.16
CA ALA C 715 -48.23 -21.28 -40.32
C ALA C 715 -48.05 -22.35 -41.34
N VAL C 716 -49.16 -22.73 -42.01
CA VAL C 716 -49.11 -23.73 -43.03
C VAL C 716 -49.18 -23.02 -44.34
N HIS C 717 -48.22 -23.31 -45.25
CA HIS C 717 -48.21 -22.58 -46.49
C HIS C 717 -48.67 -23.47 -47.60
N ARG C 718 -49.49 -22.90 -48.51
CA ARG C 718 -49.95 -23.64 -49.65
C ARG C 718 -49.31 -23.03 -50.87
N VAL C 719 -48.43 -23.80 -51.55
CA VAL C 719 -47.79 -23.28 -52.72
C VAL C 719 -48.07 -24.22 -53.86
N PRO C 720 -48.53 -23.69 -54.96
CA PRO C 720 -48.83 -24.50 -56.11
C PRO C 720 -47.57 -24.94 -56.78
N ALA C 721 -47.61 -26.08 -57.49
CA ALA C 721 -46.41 -26.60 -58.10
C ALA C 721 -46.73 -27.11 -59.47
N LEU C 722 -45.68 -27.47 -60.23
CA LEU C 722 -45.89 -27.98 -61.56
C LEU C 722 -45.31 -29.36 -61.66
N ARG C 723 -46.05 -30.32 -62.26
CA ARG C 723 -45.45 -31.61 -62.40
C ARG C 723 -44.92 -31.70 -63.79
N PHE C 724 -43.58 -31.75 -63.90
CA PHE C 724 -42.90 -31.75 -65.16
C PHE C 724 -43.19 -33.02 -65.87
N ASN C 725 -43.07 -34.15 -65.16
CA ASN C 725 -43.29 -35.43 -65.73
C ASN C 725 -43.60 -36.37 -64.62
N SER C 726 -43.63 -37.67 -64.92
CA SER C 726 -44.02 -38.64 -63.93
C SER C 726 -43.05 -38.63 -62.77
N SER C 727 -41.78 -38.26 -63.03
CA SER C 727 -40.73 -38.26 -62.03
C SER C 727 -40.41 -36.99 -61.29
N SER C 728 -40.90 -35.77 -61.64
CA SER C 728 -40.37 -34.62 -60.93
C SER C 728 -41.42 -33.61 -60.60
N VAL C 729 -41.19 -32.82 -59.52
CA VAL C 729 -42.12 -31.80 -59.09
C VAL C 729 -41.33 -30.60 -58.63
N GLN C 730 -41.99 -29.42 -58.45
CA GLN C 730 -41.28 -28.27 -57.95
C GLN C 730 -42.25 -27.23 -57.46
N CYS C 731 -42.10 -26.82 -56.18
CA CYS C 731 -42.88 -25.77 -55.58
C CYS C 731 -42.31 -24.48 -56.11
N GLN C 732 -43.16 -23.45 -56.28
CA GLN C 732 -42.69 -22.23 -56.87
C GLN C 732 -42.04 -21.36 -55.84
N ASN C 733 -41.28 -20.35 -56.33
CA ASN C 733 -40.49 -19.47 -55.51
C ASN C 733 -41.33 -18.88 -54.43
N SER C 734 -40.91 -19.10 -53.16
CA SER C 734 -41.61 -18.57 -52.04
C SER C 734 -40.69 -18.60 -50.85
N SER C 735 -41.07 -17.88 -49.76
CA SER C 735 -40.27 -17.83 -48.56
C SER C 735 -41.11 -18.36 -47.43
N TYR C 736 -40.46 -18.94 -46.39
CA TYR C 736 -41.20 -19.59 -45.33
C TYR C 736 -40.71 -19.08 -44.00
N GLN C 737 -41.56 -19.15 -42.95
CA GLN C 737 -41.13 -18.70 -41.66
C GLN C 737 -41.95 -19.35 -40.59
N TYR C 738 -41.39 -19.40 -39.35
CA TYR C 738 -42.12 -19.88 -38.21
C TYR C 738 -41.84 -18.96 -37.07
N ASP C 739 -42.79 -18.83 -36.12
CA ASP C 739 -42.60 -17.92 -35.03
C ASP C 739 -42.05 -18.67 -33.86
N GLY C 740 -41.16 -18.02 -33.09
CA GLY C 740 -40.61 -18.64 -31.91
C GLY C 740 -39.15 -18.38 -31.76
N MET C 741 -38.32 -18.62 -32.81
CA MET C 741 -36.91 -18.37 -32.72
C MET C 741 -36.33 -19.23 -31.64
N ASP C 742 -37.08 -20.27 -31.23
CA ASP C 742 -36.67 -21.21 -30.23
C ASP C 742 -35.70 -22.26 -30.74
N ILE C 743 -35.90 -22.77 -31.97
CA ILE C 743 -35.09 -23.86 -32.45
C ILE C 743 -34.53 -23.51 -33.80
N SER C 744 -33.21 -23.75 -33.99
CA SER C 744 -32.54 -23.46 -35.23
C SER C 744 -32.99 -24.37 -36.32
N ASN C 745 -33.01 -25.70 -36.07
CA ASN C 745 -33.33 -26.62 -37.12
C ASN C 745 -34.67 -27.23 -36.84
N LEU C 746 -35.68 -26.91 -37.68
CA LEU C 746 -37.00 -27.45 -37.49
C LEU C 746 -37.39 -28.23 -38.70
N ALA C 747 -37.53 -29.57 -38.55
CA ALA C 747 -37.95 -30.38 -39.65
C ALA C 747 -39.45 -30.26 -39.75
N VAL C 748 -39.99 -30.17 -40.98
CA VAL C 748 -41.41 -30.02 -41.12
C VAL C 748 -41.94 -31.04 -42.07
N ASP C 749 -43.08 -31.67 -41.72
CA ASP C 749 -43.67 -32.62 -42.62
C ASP C 749 -44.28 -31.87 -43.75
N PHE C 750 -44.09 -32.37 -44.99
CA PHE C 750 -44.72 -31.72 -46.10
C PHE C 750 -45.57 -32.74 -46.79
N ALA C 751 -46.72 -32.28 -47.33
CA ALA C 751 -47.58 -33.19 -48.05
C ALA C 751 -47.74 -32.63 -49.43
N VAL C 752 -47.61 -33.50 -50.45
CA VAL C 752 -47.78 -33.10 -51.82
C VAL C 752 -49.16 -33.50 -52.21
N VAL C 753 -49.98 -32.51 -52.61
CA VAL C 753 -51.36 -32.77 -52.91
C VAL C 753 -51.67 -32.37 -54.31
N TRP C 754 -52.69 -33.02 -54.92
CA TRP C 754 -53.17 -32.60 -56.20
C TRP C 754 -54.66 -32.76 -56.17
N ASN C 755 -55.36 -31.94 -56.97
CA ASN C 755 -56.80 -31.97 -57.05
C ASN C 755 -57.40 -31.65 -55.72
N GLY C 756 -56.68 -30.88 -54.88
CA GLY C 756 -57.25 -30.32 -53.69
C GLY C 756 -57.03 -31.17 -52.47
N ASN C 757 -57.28 -32.49 -52.54
CA ASN C 757 -57.18 -33.22 -51.32
C ASN C 757 -56.51 -34.55 -51.53
N PHE C 758 -56.10 -34.87 -52.77
CA PHE C 758 -55.48 -36.14 -52.95
C PHE C 758 -54.04 -36.00 -52.55
N ILE C 759 -53.61 -36.72 -51.50
CA ILE C 759 -52.27 -36.58 -51.04
C ILE C 759 -51.48 -37.75 -51.54
N ILE C 760 -50.33 -37.45 -52.18
CA ILE C 760 -49.44 -38.43 -52.73
C ILE C 760 -48.74 -39.09 -51.58
N ASP C 761 -48.48 -40.41 -51.67
CA ASP C 761 -47.87 -41.10 -50.57
C ASP C 761 -46.42 -40.73 -50.41
N ASN C 762 -45.97 -40.67 -49.12
CA ASN C 762 -44.60 -40.35 -48.83
C ASN C 762 -44.08 -41.39 -47.88
N PRO C 763 -43.57 -42.47 -48.41
CA PRO C 763 -43.03 -43.58 -47.64
C PRO C 763 -41.89 -43.21 -46.72
N GLN C 764 -40.90 -42.47 -47.25
CA GLN C 764 -39.73 -42.03 -46.55
C GLN C 764 -40.15 -41.01 -45.56
N ASP C 765 -41.32 -40.37 -45.79
CA ASP C 765 -41.80 -39.30 -44.97
C ASP C 765 -40.81 -38.18 -45.02
N LEU C 766 -40.49 -37.75 -46.26
CA LEU C 766 -39.53 -36.70 -46.50
C LEU C 766 -40.03 -35.42 -45.90
N LYS C 767 -39.10 -34.65 -45.29
CA LYS C 767 -39.47 -33.43 -44.65
C LYS C 767 -38.58 -32.33 -45.11
N VAL C 768 -39.04 -31.08 -44.87
CA VAL C 768 -38.28 -29.92 -45.25
C VAL C 768 -37.73 -29.33 -43.99
N HIS C 769 -36.42 -29.03 -43.98
CA HIS C 769 -35.79 -28.47 -42.81
C HIS C 769 -35.79 -26.99 -42.96
N LEU C 770 -36.50 -26.29 -42.05
CA LEU C 770 -36.48 -24.86 -42.06
C LEU C 770 -35.45 -24.46 -41.06
N TYR C 771 -34.38 -23.77 -41.52
CA TYR C 771 -33.39 -23.38 -40.57
C TYR C 771 -33.23 -21.90 -40.58
N LYS C 772 -32.99 -21.33 -39.39
CA LYS C 772 -32.76 -19.92 -39.30
C LYS C 772 -31.34 -19.76 -38.86
N CYS C 773 -30.55 -20.51 -39.35
CA CYS C 773 -29.27 -20.17 -38.80
C CYS C 773 -29.53 -19.89 -37.37
N ALA C 774 -28.60 -20.38 -36.54
CA ALA C 774 -28.73 -20.74 -35.16
C ALA C 774 -29.71 -20.02 -34.31
N ALA C 775 -30.83 -20.74 -34.05
CA ALA C 775 -31.71 -20.51 -32.96
C ALA C 775 -31.04 -21.17 -31.79
N GLN C 776 -30.35 -22.30 -32.11
CA GLN C 776 -29.62 -23.19 -31.23
C GLN C 776 -28.24 -22.73 -30.84
N ARG C 777 -27.48 -22.03 -31.71
CA ARG C 777 -26.10 -21.84 -31.37
C ARG C 777 -25.74 -20.39 -31.24
N GLU C 778 -25.45 -20.00 -29.99
CA GLU C 778 -25.04 -18.72 -29.50
C GLU C 778 -23.57 -18.50 -29.70
N SER C 779 -22.79 -19.55 -29.97
CA SER C 779 -21.36 -19.37 -30.00
C SER C 779 -20.77 -19.86 -31.29
N CYS C 780 -19.69 -19.19 -31.70
CA CYS C 780 -18.99 -19.39 -32.94
C CYS C 780 -18.59 -20.82 -33.09
N GLY C 781 -18.12 -21.46 -31.99
CA GLY C 781 -17.67 -22.82 -32.02
C GLY C 781 -18.76 -23.77 -32.41
N LEU C 782 -20.00 -23.50 -31.96
CA LEU C 782 -21.09 -24.40 -32.31
C LEU C 782 -21.48 -24.33 -33.76
N CYS C 783 -21.42 -23.16 -34.40
CA CYS C 783 -21.84 -23.05 -35.79
C CYS C 783 -20.94 -23.78 -36.73
N LEU C 784 -19.63 -23.57 -36.57
CA LEU C 784 -18.64 -24.17 -37.42
C LEU C 784 -18.65 -25.64 -37.17
N LYS C 785 -19.14 -26.02 -35.97
CA LYS C 785 -19.27 -27.42 -35.60
C LYS C 785 -20.30 -28.09 -36.48
N ALA C 786 -21.40 -27.38 -36.81
CA ALA C 786 -22.51 -27.91 -37.57
C ALA C 786 -22.10 -28.21 -38.98
N ASP C 787 -23.05 -28.78 -39.76
CA ASP C 787 -22.83 -29.24 -41.11
C ASP C 787 -22.32 -28.14 -41.99
N HIS C 788 -21.41 -28.54 -42.90
CA HIS C 788 -20.87 -27.71 -43.92
C HIS C 788 -21.96 -27.48 -44.92
N LYS C 789 -22.91 -28.43 -44.98
CA LYS C 789 -23.99 -28.41 -45.94
C LYS C 789 -24.84 -27.19 -45.76
N PHE C 790 -25.17 -26.85 -44.50
CA PHE C 790 -26.07 -25.77 -44.21
C PHE C 790 -25.55 -24.49 -44.77
N GLU C 791 -24.21 -24.35 -44.79
CA GLU C 791 -23.53 -23.19 -45.27
C GLU C 791 -23.70 -22.11 -44.25
N CYS C 792 -24.28 -22.46 -43.09
CA CYS C 792 -24.46 -21.50 -42.05
C CYS C 792 -23.11 -21.25 -41.45
N GLY C 793 -22.80 -19.98 -41.11
CA GLY C 793 -21.50 -19.66 -40.57
C GLY C 793 -21.60 -18.49 -39.63
N TRP C 794 -20.56 -18.28 -38.81
CA TRP C 794 -20.50 -17.25 -37.79
C TRP C 794 -20.13 -15.91 -38.39
N CYS C 795 -20.86 -14.83 -38.01
CA CYS C 795 -20.57 -13.51 -38.52
C CYS C 795 -20.15 -12.63 -37.38
N SER C 796 -18.90 -12.15 -37.40
CA SER C 796 -18.28 -11.46 -36.28
C SER C 796 -19.03 -10.26 -35.82
N GLY C 797 -19.36 -9.31 -36.72
CA GLY C 797 -19.90 -8.04 -36.28
C GLY C 797 -21.18 -8.23 -35.51
N GLU C 798 -22.10 -9.07 -36.02
CA GLU C 798 -23.37 -9.25 -35.38
C GLU C 798 -23.18 -9.91 -34.05
N ARG C 799 -22.14 -10.75 -33.92
CA ARG C 799 -21.98 -11.57 -32.76
C ARG C 799 -23.04 -12.61 -32.81
N ARG C 800 -23.50 -12.91 -34.06
CA ARG C 800 -24.52 -13.88 -34.32
C ARG C 800 -24.05 -14.71 -35.47
N CYS C 801 -24.88 -15.67 -35.91
CA CYS C 801 -24.44 -16.63 -36.89
C CYS C 801 -25.49 -16.81 -37.96
N THR C 802 -25.14 -16.49 -39.22
CA THR C 802 -26.03 -16.69 -40.33
C THR C 802 -25.22 -16.81 -41.59
N LEU C 803 -25.91 -17.07 -42.72
CA LEU C 803 -25.29 -17.29 -44.01
C LEU C 803 -24.68 -16.02 -44.49
N HIS C 804 -23.88 -16.13 -45.56
CA HIS C 804 -23.21 -15.02 -46.15
C HIS C 804 -24.26 -14.08 -46.63
N GLN C 805 -25.36 -14.63 -47.18
CA GLN C 805 -26.41 -13.81 -47.73
C GLN C 805 -26.96 -12.93 -46.64
N HIS C 806 -27.15 -13.51 -45.45
CA HIS C 806 -27.74 -12.87 -44.31
C HIS C 806 -26.84 -11.86 -43.63
N CYS C 807 -25.50 -11.92 -43.82
CA CYS C 807 -24.71 -10.97 -43.07
C CYS C 807 -23.92 -10.09 -44.01
N PRO C 808 -24.01 -8.80 -43.79
CA PRO C 808 -23.38 -7.78 -44.60
C PRO C 808 -21.89 -7.88 -44.58
N SER C 809 -21.22 -7.55 -45.70
CA SER C 809 -19.79 -7.65 -45.70
C SER C 809 -19.21 -6.29 -45.56
N THR C 810 -18.86 -5.92 -44.31
CA THR C 810 -18.16 -4.70 -44.10
C THR C 810 -16.83 -4.97 -44.72
N SER C 811 -16.36 -6.21 -44.48
CA SER C 811 -15.10 -6.66 -45.01
C SER C 811 -15.31 -8.07 -45.48
N SER C 812 -14.28 -8.64 -46.12
CA SER C 812 -14.28 -10.01 -46.57
C SER C 812 -14.35 -11.00 -45.41
N PRO C 813 -14.10 -10.67 -44.15
CA PRO C 813 -14.10 -11.71 -43.13
C PRO C 813 -15.20 -12.63 -42.56
N TRP C 814 -16.59 -12.55 -42.76
CA TRP C 814 -17.58 -13.49 -42.21
C TRP C 814 -16.97 -14.85 -42.23
N LEU C 815 -17.00 -15.56 -41.09
CA LEU C 815 -16.17 -16.72 -41.01
C LEU C 815 -16.92 -18.02 -41.02
N ASP C 816 -16.38 -18.96 -41.80
CA ASP C 816 -16.88 -20.30 -41.89
C ASP C 816 -15.72 -21.22 -41.76
N TRP C 817 -15.91 -22.35 -41.04
CA TRP C 817 -14.84 -23.29 -40.89
C TRP C 817 -14.60 -23.89 -42.24
N SER C 818 -13.45 -23.57 -42.87
CA SER C 818 -13.22 -24.08 -44.19
C SER C 818 -13.23 -25.57 -44.10
N SER C 819 -12.09 -26.15 -43.65
CA SER C 819 -12.02 -27.55 -43.40
C SER C 819 -12.34 -27.79 -41.96
N HIS C 820 -11.99 -26.78 -41.12
CA HIS C 820 -12.07 -26.80 -39.70
C HIS C 820 -10.88 -26.02 -39.26
N ASN C 821 -10.11 -25.50 -40.24
CA ASN C 821 -8.94 -24.78 -39.88
C ASN C 821 -9.32 -23.38 -39.58
N VAL C 822 -10.29 -23.21 -38.65
CA VAL C 822 -10.70 -21.90 -38.29
C VAL C 822 -10.70 -21.78 -36.79
N LYS C 823 -9.81 -20.92 -36.27
CA LYS C 823 -9.75 -20.71 -34.85
C LYS C 823 -10.95 -19.89 -34.50
N CYS C 824 -11.48 -20.09 -33.28
CA CYS C 824 -12.70 -19.45 -32.87
C CYS C 824 -12.40 -18.59 -31.66
N SER C 825 -11.38 -16.80 -30.30
CA SER C 825 -10.99 -15.78 -29.34
C SER C 825 -11.80 -15.79 -28.07
N ASN C 826 -11.24 -15.09 -27.05
CA ASN C 826 -11.81 -14.80 -25.77
C ASN C 826 -12.38 -15.98 -25.03
N PRO C 827 -11.64 -17.04 -24.84
CA PRO C 827 -12.12 -18.19 -24.11
C PRO C 827 -12.54 -17.80 -22.72
N GLN C 828 -13.62 -18.41 -22.18
CA GLN C 828 -14.07 -18.09 -20.86
C GLN C 828 -14.41 -19.35 -20.12
N ILE C 829 -14.26 -19.34 -18.78
CA ILE C 829 -14.55 -20.51 -17.99
C ILE C 829 -15.74 -20.19 -17.13
N THR C 830 -16.84 -20.95 -17.29
CA THR C 830 -18.00 -20.78 -16.46
C THR C 830 -17.82 -21.36 -15.09
N GLU C 831 -17.47 -22.66 -15.00
CA GLU C 831 -17.41 -23.32 -13.72
C GLU C 831 -16.62 -24.59 -13.86
N ILE C 832 -16.01 -25.07 -12.76
CA ILE C 832 -15.24 -26.28 -12.80
C ILE C 832 -15.60 -27.15 -11.62
N LEU C 833 -15.64 -28.48 -11.84
CA LEU C 833 -15.95 -29.49 -10.85
C LEU C 833 -14.68 -29.83 -10.14
N THR C 834 -14.82 -30.49 -8.96
CA THR C 834 -13.80 -30.69 -7.99
C THR C 834 -13.22 -29.34 -7.68
N VAL C 835 -13.89 -28.61 -6.77
CA VAL C 835 -13.46 -27.32 -6.31
C VAL C 835 -12.18 -27.49 -5.54
N SER C 836 -12.09 -28.57 -4.74
CA SER C 836 -10.93 -28.81 -3.94
C SER C 836 -10.26 -30.06 -4.44
N GLY C 837 -8.99 -30.28 -4.01
CA GLY C 837 -8.27 -31.46 -4.44
C GLY C 837 -7.13 -31.71 -3.49
N PRO C 838 -6.56 -32.88 -3.56
CA PRO C 838 -5.44 -33.23 -2.73
C PRO C 838 -4.15 -32.67 -3.27
N PRO C 839 -3.21 -32.35 -2.40
CA PRO C 839 -1.94 -31.79 -2.79
C PRO C 839 -1.18 -32.76 -3.65
N GLU C 840 -1.36 -34.07 -3.45
CA GLU C 840 -0.61 -35.06 -4.18
C GLU C 840 -0.98 -35.01 -5.63
N GLY C 841 -2.23 -34.62 -5.95
CA GLY C 841 -2.63 -34.55 -7.34
C GLY C 841 -3.32 -35.82 -7.73
N GLY C 842 -3.52 -36.00 -9.05
CA GLY C 842 -4.17 -37.17 -9.60
C GLY C 842 -5.63 -36.87 -9.81
N THR C 843 -6.09 -35.70 -9.35
CA THR C 843 -7.49 -35.35 -9.42
C THR C 843 -7.90 -35.14 -10.85
N ARG C 844 -9.18 -35.46 -11.14
CA ARG C 844 -9.67 -35.24 -12.46
C ARG C 844 -10.50 -34.00 -12.39
N VAL C 845 -9.99 -32.91 -12.99
CA VAL C 845 -10.66 -31.64 -12.99
C VAL C 845 -11.58 -31.57 -14.16
N THR C 846 -12.83 -31.12 -13.94
CA THR C 846 -13.76 -31.03 -15.04
C THR C 846 -14.04 -29.57 -15.30
N ILE C 847 -13.50 -29.02 -16.40
CA ILE C 847 -13.62 -27.62 -16.67
C ILE C 847 -14.65 -27.40 -17.75
N HIS C 848 -15.63 -26.51 -17.51
CA HIS C 848 -16.64 -26.23 -18.50
C HIS C 848 -16.56 -24.77 -18.89
N GLY C 849 -16.42 -24.48 -20.21
CA GLY C 849 -16.28 -23.12 -20.69
C GLY C 849 -17.11 -22.94 -21.94
N VAL C 850 -17.14 -21.69 -22.50
CA VAL C 850 -17.83 -21.33 -23.72
C VAL C 850 -17.07 -21.36 -25.03
N ASN C 851 -15.87 -20.72 -25.08
CA ASN C 851 -15.18 -20.54 -26.34
C ASN C 851 -13.79 -21.08 -26.26
N LEU C 852 -13.66 -22.41 -26.38
CA LEU C 852 -12.37 -23.04 -26.25
C LEU C 852 -11.88 -23.45 -27.61
N GLY C 853 -10.79 -24.24 -27.66
CA GLY C 853 -10.19 -24.67 -28.90
C GLY C 853 -11.01 -25.77 -29.52
N LEU C 854 -10.93 -25.89 -30.86
CA LEU C 854 -11.59 -26.87 -31.68
C LEU C 854 -10.94 -28.22 -31.65
N ASP C 855 -9.59 -28.28 -31.48
CA ASP C 855 -8.87 -29.54 -31.50
C ASP C 855 -8.36 -29.84 -30.13
N PHE C 856 -8.12 -31.14 -29.84
CA PHE C 856 -7.57 -31.59 -28.59
C PHE C 856 -6.12 -31.19 -28.49
N SER C 857 -5.36 -31.35 -29.59
CA SER C 857 -3.93 -31.19 -29.56
C SER C 857 -3.54 -29.81 -29.12
N GLU C 858 -4.38 -28.80 -29.37
CA GLU C 858 -4.09 -27.45 -28.95
C GLU C 858 -4.26 -27.27 -27.47
N ILE C 859 -5.37 -27.81 -26.92
CA ILE C 859 -5.70 -27.68 -25.54
C ILE C 859 -4.69 -28.43 -24.72
N ALA C 860 -4.21 -29.58 -25.22
CA ALA C 860 -3.23 -30.28 -24.45
C ALA C 860 -2.06 -29.36 -24.26
N HIS C 861 -1.50 -29.38 -23.03
CA HIS C 861 -0.42 -28.56 -22.55
C HIS C 861 -0.89 -27.14 -22.32
N HIS C 862 -2.18 -26.84 -22.60
CA HIS C 862 -2.77 -25.55 -22.36
C HIS C 862 -3.07 -25.36 -20.92
N VAL C 863 -3.60 -26.43 -20.30
CA VAL C 863 -4.23 -26.39 -19.01
C VAL C 863 -3.21 -26.30 -17.94
N GLN C 864 -3.46 -25.43 -16.95
CA GLN C 864 -2.58 -25.32 -15.82
C GLN C 864 -3.40 -24.85 -14.63
N VAL C 865 -3.09 -25.37 -13.42
CA VAL C 865 -3.76 -24.87 -12.26
C VAL C 865 -2.73 -24.06 -11.54
N ALA C 866 -2.72 -22.72 -11.78
CA ALA C 866 -1.66 -21.98 -11.19
C ALA C 866 -0.45 -22.47 -11.89
N GLY C 867 0.64 -22.71 -11.16
CA GLY C 867 1.86 -23.24 -11.72
C GLY C 867 1.72 -24.69 -12.16
N VAL C 868 0.89 -25.49 -11.46
CA VAL C 868 0.87 -26.93 -11.61
C VAL C 868 0.39 -27.35 -12.97
N PRO C 869 1.19 -28.19 -13.59
CA PRO C 869 0.83 -28.70 -14.90
C PRO C 869 -0.30 -29.68 -14.84
N CYS C 870 -1.24 -29.61 -15.80
CA CYS C 870 -2.37 -30.48 -15.79
C CYS C 870 -2.46 -31.12 -17.14
N THR C 871 -2.69 -32.45 -17.20
CA THR C 871 -2.74 -33.14 -18.46
C THR C 871 -4.15 -33.54 -18.76
N PRO C 872 -4.64 -33.09 -19.89
CA PRO C 872 -6.00 -33.35 -20.31
C PRO C 872 -6.22 -34.73 -20.86
N ILE C 873 -7.49 -35.21 -20.83
CA ILE C 873 -7.79 -36.53 -21.33
C ILE C 873 -8.61 -36.41 -22.59
N PRO C 874 -8.20 -37.14 -23.58
CA PRO C 874 -8.87 -37.10 -24.86
C PRO C 874 -10.30 -37.51 -24.97
N GLY C 875 -10.68 -38.69 -24.42
CA GLY C 875 -12.02 -39.18 -24.61
C GLY C 875 -13.02 -38.30 -23.95
N GLU C 876 -12.68 -37.84 -22.74
CA GLU C 876 -13.51 -37.06 -21.86
C GLU C 876 -13.69 -35.65 -22.35
N TYR C 877 -12.88 -35.22 -23.32
CA TYR C 877 -12.87 -33.85 -23.79
C TYR C 877 -13.90 -33.64 -24.86
N ILE C 878 -14.81 -32.67 -24.61
CA ILE C 878 -15.87 -32.28 -25.51
C ILE C 878 -15.47 -30.94 -26.06
N ILE C 879 -15.30 -30.84 -27.39
CA ILE C 879 -14.76 -29.70 -28.07
C ILE C 879 -15.47 -28.41 -27.75
N ALA C 880 -14.65 -27.43 -27.29
CA ALA C 880 -14.99 -26.06 -26.99
C ALA C 880 -16.01 -25.93 -25.91
N GLU C 881 -16.64 -27.04 -25.45
CA GLU C 881 -17.53 -26.96 -24.32
C GLU C 881 -16.87 -27.34 -23.02
N GLN C 882 -16.05 -28.43 -23.00
CA GLN C 882 -15.61 -28.95 -21.73
C GLN C 882 -14.29 -29.66 -21.87
N ILE C 883 -13.44 -29.55 -20.82
CA ILE C 883 -12.16 -30.19 -20.80
C ILE C 883 -12.03 -30.96 -19.51
N VAL C 884 -11.65 -32.25 -19.60
CA VAL C 884 -11.42 -33.02 -18.41
C VAL C 884 -9.94 -33.15 -18.32
N CYS C 885 -9.34 -32.80 -17.16
CA CYS C 885 -7.92 -32.78 -17.09
C CYS C 885 -7.45 -33.41 -15.80
N GLU C 886 -6.24 -34.01 -15.82
CA GLU C 886 -5.70 -34.68 -14.68
C GLU C 886 -4.57 -33.84 -14.12
N MET C 887 -4.67 -33.43 -12.85
CA MET C 887 -3.69 -32.58 -12.23
C MET C 887 -2.50 -33.39 -11.78
N GLY C 888 -1.30 -32.77 -11.81
CA GLY C 888 -0.05 -33.42 -11.45
C GLY C 888 0.27 -33.14 -10.00
N HIS C 889 1.52 -33.47 -9.60
CA HIS C 889 1.97 -33.35 -8.23
C HIS C 889 2.10 -31.92 -7.83
N ALA C 890 1.20 -31.54 -6.89
CA ALA C 890 0.97 -30.26 -6.26
C ALA C 890 1.82 -29.80 -5.14
N VAL C 891 2.66 -30.61 -4.45
CA VAL C 891 3.37 -29.99 -3.34
C VAL C 891 4.17 -28.82 -3.88
N ILE C 892 3.64 -27.56 -3.71
CA ILE C 892 4.05 -26.27 -4.21
C ILE C 892 3.75 -25.32 -3.08
N GLY C 893 4.21 -24.06 -3.21
CA GLY C 893 4.05 -23.08 -2.16
C GLY C 893 2.63 -22.67 -1.90
N THR C 894 1.81 -22.45 -2.96
CA THR C 894 0.51 -21.87 -2.76
C THR C 894 -0.50 -22.88 -2.32
N THR C 895 -1.45 -22.42 -1.48
CA THR C 895 -2.58 -23.17 -1.01
C THR C 895 -3.61 -23.32 -2.08
N SER C 896 -3.90 -22.22 -2.83
CA SER C 896 -4.91 -22.28 -3.85
C SER C 896 -4.46 -21.46 -5.01
N GLY C 897 -4.97 -21.78 -6.22
CA GLY C 897 -4.57 -21.06 -7.39
C GLY C 897 -5.67 -21.11 -8.41
N PRO C 898 -5.67 -20.12 -9.27
CA PRO C 898 -6.66 -20.06 -10.33
C PRO C 898 -6.32 -20.98 -11.45
N VAL C 899 -7.33 -21.35 -12.27
CA VAL C 899 -7.13 -22.28 -13.35
C VAL C 899 -6.97 -21.50 -14.63
N ARG C 900 -6.02 -21.93 -15.49
CA ARG C 900 -5.73 -21.23 -16.70
C ARG C 900 -5.81 -22.16 -17.87
N LEU C 901 -6.38 -21.64 -18.99
CA LEU C 901 -6.54 -22.33 -20.24
C LEU C 901 -5.89 -21.48 -21.27
N CYS C 902 -4.98 -22.09 -22.05
CA CYS C 902 -4.26 -21.42 -23.08
C CYS C 902 -4.66 -22.12 -24.36
N ILE C 903 -5.42 -21.48 -25.27
CA ILE C 903 -6.04 -22.18 -26.37
C ILE C 903 -5.05 -22.97 -27.18
N GLY C 904 -3.82 -22.44 -27.34
CA GLY C 904 -2.82 -23.11 -28.12
C GLY C 904 -1.60 -22.29 -27.92
N GLU C 905 -1.73 -20.96 -27.95
CA GLU C 905 -0.64 -20.09 -27.63
C GLU C 905 -1.13 -19.27 -26.48
N CYS C 906 -0.24 -18.92 -25.54
CA CYS C 906 -0.74 -18.21 -24.40
C CYS C 906 -0.72 -16.76 -24.72
N LYS C 907 -1.55 -16.37 -25.70
CA LYS C 907 -1.61 -15.00 -26.11
C LYS C 907 -2.48 -14.26 -25.14
N PRO C 908 -2.32 -12.97 -25.08
CA PRO C 908 -3.07 -12.17 -24.16
C PRO C 908 -4.55 -12.18 -24.38
N GLU C 909 -5.01 -12.27 -25.64
CA GLU C 909 -6.42 -12.36 -25.97
C GLU C 909 -6.94 -13.75 -25.71
N PHE C 910 -6.06 -14.73 -25.96
CA PHE C 910 -6.23 -16.16 -25.98
C PHE C 910 -6.28 -16.88 -24.66
N MET C 911 -6.18 -16.20 -23.50
CA MET C 911 -6.16 -16.95 -22.26
C MET C 911 -7.42 -16.75 -21.45
N THR C 912 -7.80 -17.80 -20.65
CA THR C 912 -8.95 -17.71 -19.79
C THR C 912 -8.53 -18.05 -18.40
N LYS C 913 -9.12 -17.36 -17.40
CA LYS C 913 -8.81 -17.56 -16.00
C LYS C 913 -10.10 -17.86 -15.30
N SER C 914 -10.06 -18.79 -14.33
CA SER C 914 -11.26 -19.22 -13.65
C SER C 914 -11.75 -18.14 -12.72
N HIS C 915 -13.10 -18.00 -12.62
CA HIS C 915 -13.73 -16.98 -11.82
C HIS C 915 -13.42 -17.23 -10.37
N GLN C 916 -13.52 -18.50 -9.93
CA GLN C 916 -13.23 -18.88 -8.57
C GLN C 916 -12.02 -19.78 -8.67
N GLN C 917 -11.23 -19.88 -7.59
CA GLN C 917 -9.99 -20.60 -7.66
C GLN C 917 -10.09 -21.96 -7.02
N TYR C 918 -9.24 -22.88 -7.50
CA TYR C 918 -9.13 -24.26 -7.09
C TYR C 918 -8.34 -24.31 -5.82
N THR C 919 -8.80 -25.10 -4.82
CA THR C 919 -8.13 -25.10 -3.55
C THR C 919 -7.47 -26.42 -3.31
N PHE C 920 -6.23 -26.39 -2.78
CA PHE C 920 -5.48 -27.58 -2.48
C PHE C 920 -5.55 -27.79 -1.00
N VAL C 921 -5.73 -29.05 -0.56
CA VAL C 921 -5.78 -29.33 0.84
C VAL C 921 -5.21 -30.69 1.06
N ASN C 922 -5.69 -31.13 2.08
CA ASN C 922 -5.20 -32.43 2.43
C ASN C 922 -6.19 -33.01 3.40
N PRO C 923 -6.94 -33.99 2.95
CA PRO C 923 -7.97 -34.57 3.78
C PRO C 923 -7.40 -35.36 4.91
N SER C 924 -8.12 -35.44 6.03
CA SER C 924 -7.64 -36.18 7.17
C SER C 924 -8.81 -36.86 7.82
N VAL C 925 -8.56 -37.97 8.55
CA VAL C 925 -9.62 -38.69 9.23
C VAL C 925 -9.19 -39.00 10.64
N LEU C 926 -10.03 -38.61 11.62
CA LEU C 926 -9.89 -38.81 13.05
C LEU C 926 -10.41 -40.11 13.59
N SER C 927 -11.61 -40.56 13.19
CA SER C 927 -12.20 -41.67 13.89
C SER C 927 -13.19 -42.41 13.04
N LEU C 928 -13.57 -43.63 13.51
CA LEU C 928 -14.54 -44.46 12.85
C LEU C 928 -15.65 -44.76 13.81
N SER C 929 -16.91 -44.70 13.29
CA SER C 929 -18.08 -44.88 14.09
C SER C 929 -18.12 -46.26 14.65
N PRO C 930 -18.15 -47.34 13.91
CA PRO C 930 -17.93 -48.56 14.63
C PRO C 930 -16.46 -48.81 14.56
N ILE C 931 -15.80 -49.03 15.71
CA ILE C 931 -14.41 -49.40 15.79
C ILE C 931 -14.29 -50.85 15.42
N ARG C 932 -15.29 -51.65 15.83
CA ARG C 932 -15.23 -53.08 15.69
C ARG C 932 -16.34 -53.58 14.80
N GLY C 933 -16.17 -54.83 14.28
CA GLY C 933 -17.15 -55.44 13.44
C GLY C 933 -16.78 -56.88 13.17
N PRO C 934 -17.77 -57.66 12.82
CA PRO C 934 -17.67 -59.08 12.55
C PRO C 934 -16.76 -59.40 11.40
N GLU C 935 -16.17 -60.62 11.41
CA GLU C 935 -15.21 -61.07 10.44
C GLU C 935 -15.84 -61.13 9.07
N SER C 936 -17.12 -61.50 9.00
CA SER C 936 -17.80 -61.64 7.75
C SER C 936 -17.87 -60.30 7.08
N GLY C 937 -17.93 -59.21 7.88
CA GLY C 937 -17.94 -57.87 7.33
C GLY C 937 -19.36 -57.41 7.17
N GLY C 938 -19.58 -56.44 6.25
CA GLY C 938 -20.88 -55.90 5.97
C GLY C 938 -21.27 -54.89 7.00
N THR C 939 -20.27 -54.16 7.54
CA THR C 939 -20.57 -53.23 8.60
C THR C 939 -20.57 -51.83 8.03
N MET C 940 -21.55 -51.00 8.44
CA MET C 940 -21.63 -49.67 7.92
C MET C 940 -20.69 -48.81 8.72
N VAL C 941 -19.57 -48.42 8.08
CA VAL C 941 -18.56 -47.65 8.75
C VAL C 941 -18.77 -46.20 8.49
N THR C 942 -18.52 -45.36 9.52
CA THR C 942 -18.64 -43.94 9.34
C THR C 942 -17.34 -43.31 9.71
N ILE C 943 -16.53 -42.94 8.71
CA ILE C 943 -15.26 -42.33 9.03
C ILE C 943 -15.41 -40.85 8.99
N THR C 944 -15.03 -40.21 10.12
CA THR C 944 -15.17 -38.78 10.26
C THR C 944 -13.85 -38.15 10.04
N GLY C 945 -13.85 -36.91 9.50
CA GLY C 945 -12.60 -36.24 9.23
C GLY C 945 -12.87 -34.90 8.63
N HIS C 946 -11.90 -34.40 7.84
CA HIS C 946 -11.98 -33.10 7.26
C HIS C 946 -11.60 -33.23 5.81
N TYR C 947 -12.25 -32.45 4.92
CA TYR C 947 -11.94 -32.37 3.52
C TYR C 947 -12.08 -33.71 2.85
N LEU C 948 -13.01 -34.55 3.32
CA LEU C 948 -13.20 -35.89 2.84
C LEU C 948 -13.72 -35.94 1.42
N GLY C 949 -14.46 -34.88 1.00
CA GLY C 949 -15.12 -34.72 -0.26
C GLY C 949 -14.20 -34.53 -1.45
N ALA C 950 -12.94 -34.14 -1.22
CA ALA C 950 -12.04 -33.71 -2.26
C ALA C 950 -11.76 -34.72 -3.34
N GLY C 951 -11.39 -34.19 -4.53
CA GLY C 951 -10.88 -34.95 -5.64
C GLY C 951 -11.95 -35.72 -6.36
N SER C 952 -11.49 -36.59 -7.29
CA SER C 952 -12.32 -37.48 -8.06
C SER C 952 -12.67 -38.77 -7.37
N SER C 953 -11.70 -39.73 -7.40
CA SER C 953 -11.95 -41.06 -6.94
C SER C 953 -11.61 -41.23 -5.50
N VAL C 954 -12.24 -42.24 -4.85
CA VAL C 954 -11.96 -42.56 -3.48
C VAL C 954 -11.86 -44.06 -3.39
N ALA C 955 -10.94 -44.56 -2.54
CA ALA C 955 -10.83 -45.98 -2.32
C ALA C 955 -10.58 -46.16 -0.85
N VAL C 956 -11.36 -47.03 -0.21
CA VAL C 956 -11.23 -47.20 1.21
C VAL C 956 -10.68 -48.55 1.44
N TYR C 957 -9.70 -48.56 2.33
CA TYR C 957 -8.91 -49.72 2.44
C TYR C 957 -8.91 -50.24 3.93
N LEU C 958 -9.41 -51.48 4.26
CA LEU C 958 -9.21 -52.09 5.58
C LEU C 958 -8.55 -53.47 5.53
N GLY C 959 -7.19 -53.62 5.69
CA GLY C 959 -6.41 -54.86 5.66
C GLY C 959 -6.10 -55.53 4.29
N ASN C 960 -5.68 -54.75 3.26
CA ASN C 960 -5.47 -54.96 1.83
C ASN C 960 -6.73 -55.10 0.90
N GLN C 961 -7.83 -55.82 1.31
CA GLN C 961 -9.16 -55.91 0.69
C GLN C 961 -10.08 -54.69 0.85
N THR C 962 -10.60 -54.17 -0.28
CA THR C 962 -11.30 -52.89 -0.37
C THR C 962 -12.70 -52.88 0.22
N CYS C 963 -13.12 -51.68 0.69
CA CYS C 963 -14.42 -51.40 1.27
C CYS C 963 -15.35 -50.99 0.17
N GLU C 964 -16.66 -51.31 0.31
CA GLU C 964 -17.61 -50.94 -0.70
C GLU C 964 -18.12 -49.56 -0.38
N PHE C 965 -17.88 -48.61 -1.30
CA PHE C 965 -18.19 -47.22 -1.12
C PHE C 965 -19.66 -46.97 -1.29
N TYR C 966 -20.16 -45.94 -0.58
CA TYR C 966 -21.55 -45.60 -0.61
C TYR C 966 -21.62 -44.14 -0.95
N GLY C 967 -21.54 -43.25 0.07
CA GLY C 967 -21.64 -41.83 -0.18
C GLY C 967 -20.49 -41.11 0.49
N ARG C 968 -20.20 -39.88 0.01
CA ARG C 968 -19.09 -39.11 0.52
C ARG C 968 -19.56 -37.74 0.91
N SER C 969 -18.91 -37.15 1.93
CA SER C 969 -19.29 -35.84 2.40
C SER C 969 -18.03 -35.14 2.84
N MET C 970 -18.15 -33.83 3.13
CA MET C 970 -16.97 -33.13 3.58
C MET C 970 -16.55 -33.73 4.88
N ASN C 971 -17.52 -33.95 5.78
CA ASN C 971 -17.32 -34.49 7.11
C ASN C 971 -17.16 -35.98 7.16
N GLU C 972 -17.88 -36.76 6.32
CA GLU C 972 -17.75 -38.18 6.56
C GLU C 972 -17.80 -38.97 5.30
N ILE C 973 -17.26 -40.21 5.39
CA ILE C 973 -17.32 -41.16 4.32
C ILE C 973 -17.97 -42.39 4.87
N VAL C 974 -18.95 -42.94 4.14
CA VAL C 974 -19.62 -44.11 4.63
C VAL C 974 -19.40 -45.22 3.63
N CYS C 975 -18.91 -46.39 4.11
CA CYS C 975 -18.72 -47.51 3.23
C CYS C 975 -19.03 -48.77 3.97
N VAL C 976 -19.14 -49.91 3.24
CA VAL C 976 -19.48 -51.17 3.84
C VAL C 976 -18.26 -52.05 3.83
N SER C 977 -17.92 -52.63 5.00
CA SER C 977 -16.70 -53.38 5.18
C SER C 977 -16.73 -54.71 4.48
N PRO C 978 -15.55 -55.07 4.03
CA PRO C 978 -15.31 -56.34 3.38
C PRO C 978 -15.09 -57.40 4.41
N PRO C 979 -15.14 -58.65 4.04
CA PRO C 979 -14.87 -59.66 5.00
C PRO C 979 -13.45 -59.64 5.39
N SER C 980 -13.16 -59.85 6.68
CA SER C 980 -11.78 -59.90 7.00
C SER C 980 -11.40 -61.23 6.46
N SER C 981 -10.63 -61.20 5.37
CA SER C 981 -10.09 -62.40 4.78
C SER C 981 -9.04 -62.80 5.74
N ASN C 982 -8.71 -61.85 6.63
CA ASN C 982 -7.67 -62.02 7.59
C ASN C 982 -8.24 -62.69 8.77
N GLY C 983 -7.58 -62.45 9.91
CA GLY C 983 -7.99 -63.02 11.14
C GLY C 983 -8.50 -61.91 11.96
N LEU C 984 -9.13 -62.25 13.09
CA LEU C 984 -9.71 -61.26 13.95
C LEU C 984 -8.61 -60.44 14.50
N GLY C 985 -8.86 -59.13 14.68
CA GLY C 985 -7.83 -58.33 15.27
C GLY C 985 -7.80 -56.99 14.60
N PRO C 986 -6.78 -56.26 14.96
CA PRO C 986 -6.61 -54.92 14.44
C PRO C 986 -6.27 -54.92 12.98
N VAL C 987 -6.75 -53.90 12.24
CA VAL C 987 -6.47 -53.83 10.82
C VAL C 987 -6.27 -52.40 10.43
N PRO C 988 -5.40 -52.17 9.48
CA PRO C 988 -5.12 -50.81 9.05
C PRO C 988 -6.16 -50.27 8.12
N VAL C 989 -6.40 -48.94 8.15
CA VAL C 989 -7.34 -48.33 7.27
C VAL C 989 -6.59 -47.40 6.37
N SER C 990 -6.61 -47.66 5.06
CA SER C 990 -5.91 -46.79 4.15
C SER C 990 -6.93 -46.14 3.28
N VAL C 991 -6.89 -44.81 3.15
CA VAL C 991 -7.80 -44.20 2.22
C VAL C 991 -6.99 -43.46 1.21
N SER C 992 -7.28 -43.70 -0.09
CA SER C 992 -6.50 -43.02 -1.08
C SER C 992 -7.41 -42.26 -1.98
N VAL C 993 -7.15 -40.94 -2.11
CA VAL C 993 -7.93 -40.14 -3.03
C VAL C 993 -6.97 -39.69 -4.09
N ASP C 994 -7.21 -40.14 -5.33
CA ASP C 994 -6.34 -39.78 -6.40
C ASP C 994 -4.94 -40.20 -6.02
N ARG C 995 -3.98 -39.27 -6.19
CA ARG C 995 -2.58 -39.43 -5.92
C ARG C 995 -2.28 -39.45 -4.45
N ALA C 996 -3.16 -38.92 -3.58
CA ALA C 996 -2.86 -38.81 -2.18
C ALA C 996 -3.31 -40.03 -1.44
N ARG C 997 -2.42 -40.55 -0.55
CA ARG C 997 -2.72 -41.70 0.27
C ARG C 997 -2.55 -41.29 1.70
N VAL C 998 -3.65 -41.24 2.48
CA VAL C 998 -3.49 -40.81 3.85
C VAL C 998 -3.72 -41.96 4.78
N ASP C 999 -2.91 -42.03 5.87
CA ASP C 999 -3.00 -43.11 6.82
C ASP C 999 -3.15 -42.55 8.21
N SER C 1000 -3.52 -43.40 9.20
CA SER C 1000 -3.67 -42.90 10.54
C SER C 1000 -3.69 -44.01 11.55
N SER C 1001 -3.45 -43.62 12.83
CA SER C 1001 -3.36 -44.46 14.01
C SER C 1001 -4.70 -45.06 14.35
N LEU C 1002 -5.82 -44.51 13.84
CA LEU C 1002 -7.05 -45.15 14.22
C LEU C 1002 -7.13 -46.44 13.48
N GLN C 1003 -7.54 -47.52 14.19
CA GLN C 1003 -7.52 -48.83 13.60
C GLN C 1003 -8.88 -49.46 13.70
N PHE C 1004 -9.09 -50.59 13.00
CA PHE C 1004 -10.36 -51.27 12.98
C PHE C 1004 -10.15 -52.66 13.52
N GLU C 1005 -11.00 -53.10 14.47
CA GLU C 1005 -10.81 -54.39 15.07
C GLU C 1005 -11.85 -55.35 14.59
N TYR C 1006 -11.40 -56.49 14.00
CA TYR C 1006 -12.29 -57.52 13.54
C TYR C 1006 -12.60 -58.45 14.67
N ILE C 1007 -13.89 -58.82 14.81
CA ILE C 1007 -14.33 -59.62 15.92
C ILE C 1007 -14.89 -60.92 15.41
N ASP C 1008 -14.88 -61.97 16.27
CA ASP C 1008 -15.37 -63.27 15.90
C ASP C 1008 -16.86 -63.16 15.70
N PRO D 5 47.58 25.32 -9.44
CA PRO D 5 48.68 24.38 -9.23
C PRO D 5 48.55 23.63 -7.90
N GLN D 6 47.35 23.57 -7.34
CA GLN D 6 47.16 23.04 -6.00
C GLN D 6 46.53 21.65 -5.94
N TYR D 7 47.27 20.70 -5.35
CA TYR D 7 46.81 19.33 -5.23
C TYR D 7 45.88 19.13 -4.03
N SER D 8 45.10 18.05 -4.05
CA SER D 8 44.27 17.67 -2.91
C SER D 8 45.16 17.35 -1.70
N THR D 9 44.78 17.89 -0.54
CA THR D 9 45.61 17.74 0.65
C THR D 9 44.79 17.55 1.94
N PHE D 10 45.39 16.89 2.93
CA PHE D 10 44.76 16.70 4.23
C PHE D 10 45.75 17.03 5.35
N HIS D 11 45.32 17.88 6.28
CA HIS D 11 46.18 18.32 7.39
C HIS D 11 45.87 17.60 8.70
N SER D 12 46.89 17.43 9.53
CA SER D 12 46.71 16.85 10.86
C SER D 12 45.88 17.78 11.76
N GLU D 13 45.01 17.19 12.58
CA GLU D 13 44.15 17.95 13.48
C GLU D 13 44.94 18.81 14.44
N ASN D 14 46.23 18.51 14.61
CA ASN D 14 47.04 19.17 15.61
C ASN D 14 48.52 19.11 15.26
N ARG D 15 49.27 20.14 15.65
CA ARG D 15 50.67 20.28 15.25
C ARG D 15 51.59 19.21 15.85
N ASP D 16 51.11 18.50 16.85
CA ASP D 16 51.92 17.48 17.52
C ASP D 16 51.45 16.08 17.15
N TRP D 17 50.26 15.99 16.59
CA TRP D 17 49.67 14.71 16.20
C TRP D 17 50.14 14.33 14.81
N THR D 18 51.44 14.03 14.69
CA THR D 18 52.06 13.82 13.39
C THR D 18 51.61 12.53 12.69
N PHE D 19 51.64 12.55 11.36
CA PHE D 19 51.30 11.39 10.57
C PHE D 19 52.43 10.35 10.60
N ASN D 20 52.04 9.08 10.55
CA ASN D 20 53.01 8.01 10.71
C ASN D 20 53.06 7.04 9.53
N HIS D 21 51.90 6.56 9.11
CA HIS D 21 51.83 5.56 8.06
C HIS D 21 50.62 5.83 7.16
N LEU D 22 50.62 5.21 5.99
CA LEU D 22 49.58 5.44 5.00
C LEU D 22 49.40 4.23 4.10
N THR D 23 48.15 3.89 3.82
CA THR D 23 47.83 2.76 2.96
C THR D 23 46.55 3.05 2.21
N VAL D 24 46.45 2.55 0.97
CA VAL D 24 45.28 2.78 0.13
C VAL D 24 44.62 1.45 -0.23
N HIS D 25 43.31 1.35 -0.03
CA HIS D 25 42.62 0.10 -0.33
C HIS D 25 42.58 -0.13 -1.84
N ARG D 26 43.30 -1.15 -2.29
CA ARG D 26 43.48 -1.41 -3.72
C ARG D 26 42.17 -1.43 -4.50
N ARG D 27 41.09 -1.88 -3.86
CA ARG D 27 39.82 -2.03 -4.55
C ARG D 27 38.89 -0.82 -4.40
N THR D 28 38.85 -0.25 -3.20
CA THR D 28 37.93 0.85 -2.93
C THR D 28 38.55 2.23 -3.21
N GLY D 29 39.86 2.32 -3.11
CA GLY D 29 40.53 3.60 -3.24
C GLY D 29 40.50 4.36 -1.94
N ALA D 30 39.86 3.78 -0.92
CA ALA D 30 39.82 4.38 0.40
C ALA D 30 41.25 4.63 0.88
N VAL D 31 41.47 5.78 1.51
CA VAL D 31 42.79 6.15 1.98
C VAL D 31 42.83 6.11 3.51
N TYR D 32 43.73 5.30 4.06
CA TYR D 32 43.85 5.17 5.51
C TYR D 32 45.18 5.75 6.01
N VAL D 33 45.07 6.67 6.97
CA VAL D 33 46.24 7.34 7.52
C VAL D 33 46.45 6.98 8.98
N GLY D 34 47.62 6.43 9.29
CA GLY D 34 47.97 6.10 10.67
C GLY D 34 48.70 7.26 11.29
N ALA D 35 48.08 7.88 12.29
CA ALA D 35 48.63 9.08 12.89
C ALA D 35 48.66 9.00 14.41
N ILE D 36 49.39 9.92 15.03
CA ILE D 36 49.40 10.03 16.48
C ILE D 36 48.00 10.33 16.99
N ASN D 37 47.53 9.49 17.91
CA ASN D 37 46.22 9.66 18.53
C ASN D 37 45.02 9.50 17.59
N ARG D 38 45.28 9.20 16.31
CA ARG D 38 44.21 9.09 15.33
C ARG D 38 44.48 8.05 14.25
N VAL D 39 43.43 7.36 13.83
CA VAL D 39 43.44 6.59 12.59
C VAL D 39 42.37 7.20 11.70
N TYR D 40 42.77 7.67 10.52
CA TYR D 40 41.82 8.33 9.63
C TYR D 40 41.44 7.48 8.41
N LYS D 41 40.17 7.53 8.05
CA LYS D 41 39.70 7.00 6.78
C LYS D 41 39.30 8.19 5.90
N LEU D 42 39.83 8.25 4.69
CA LEU D 42 39.52 9.36 3.79
C LEU D 42 39.10 8.89 2.40
N THR D 43 38.41 9.78 1.68
CA THR D 43 37.99 9.53 0.31
C THR D 43 39.19 9.72 -0.62
N GLY D 44 39.01 9.37 -1.88
CA GLY D 44 40.06 9.52 -2.87
C GLY D 44 40.67 10.91 -2.87
N ASN D 45 39.83 11.94 -2.75
CA ASN D 45 40.31 13.32 -2.78
C ASN D 45 40.65 13.85 -1.38
N LEU D 46 40.79 12.92 -0.44
CA LEU D 46 41.26 13.24 0.91
C LEU D 46 40.24 14.02 1.73
N THR D 47 38.98 13.62 1.63
CA THR D 47 37.92 14.14 2.49
C THR D 47 37.70 13.15 3.63
N ILE D 48 37.90 13.60 4.87
CA ILE D 48 37.80 12.69 6.00
C ILE D 48 36.40 12.12 6.16
N GLN D 49 36.32 10.81 6.34
CA GLN D 49 35.04 10.13 6.58
C GLN D 49 34.94 9.66 8.03
N VAL D 50 35.97 8.96 8.49
CA VAL D 50 36.01 8.53 9.88
C VAL D 50 37.32 8.95 10.56
N ALA D 51 37.20 9.47 11.76
CA ALA D 51 38.37 9.77 12.58
C ALA D 51 38.35 8.91 13.84
N HIS D 52 39.06 7.79 13.80
CA HIS D 52 39.11 6.89 14.95
C HIS D 52 40.15 7.35 15.96
N LYS D 53 39.71 7.53 17.20
CA LYS D 53 40.58 8.03 18.26
C LYS D 53 41.34 6.89 18.93
N THR D 54 42.62 7.11 19.21
CA THR D 54 43.46 6.08 19.80
C THR D 54 44.24 6.64 20.99
N GLY D 55 44.09 7.93 21.23
CA GLY D 55 44.76 8.59 22.33
C GLY D 55 44.39 10.07 22.37
N PRO D 56 45.06 10.84 23.24
CA PRO D 56 46.09 10.37 24.17
C PRO D 56 45.48 9.66 25.38
N GLU D 57 46.33 8.97 26.14
CA GLU D 57 45.92 8.34 27.38
C GLU D 57 47.06 8.43 28.37
N GLU D 58 46.71 8.50 29.65
CA GLU D 58 47.69 8.49 30.73
C GLU D 58 48.46 7.18 30.67
N ASP D 59 49.78 7.26 30.75
CA ASP D 59 50.62 6.08 30.67
C ASP D 59 52.03 6.38 31.17
N ASN D 60 52.83 5.33 31.24
CA ASN D 60 54.24 5.42 31.59
C ASN D 60 54.91 4.20 30.98
N LYS D 61 56.01 4.39 30.27
CA LYS D 61 56.66 3.27 29.61
C LYS D 61 57.26 2.28 30.60
N ALA D 62 57.48 2.74 31.83
CA ALA D 62 57.97 1.87 32.90
C ALA D 62 56.89 0.91 33.37
N CYS D 63 55.65 1.18 33.00
CA CYS D 63 54.52 0.37 33.43
C CYS D 63 54.40 -0.91 32.61
N TYR D 64 54.94 -2.00 33.15
CA TYR D 64 54.84 -3.30 32.49
C TYR D 64 54.61 -4.40 33.52
N PRO D 65 53.58 -5.23 33.30
CA PRO D 65 52.59 -5.16 32.21
C PRO D 65 51.84 -3.83 32.19
N PRO D 66 51.15 -3.53 31.08
CA PRO D 66 50.47 -2.26 30.86
C PRO D 66 49.37 -1.99 31.89
N LEU D 67 48.86 -0.76 31.89
CA LEU D 67 47.77 -0.37 32.79
C LEU D 67 46.51 -1.18 32.56
N ILE D 68 46.33 -1.70 31.36
CA ILE D 68 45.15 -2.47 31.02
C ILE D 68 45.25 -3.92 31.51
N VAL D 69 46.39 -4.24 32.12
CA VAL D 69 46.60 -5.58 32.67
C VAL D 69 46.90 -5.50 34.17
N GLN D 70 47.63 -4.47 34.56
CA GLN D 70 48.06 -4.26 35.93
C GLN D 70 47.94 -2.81 36.33
N PRO D 71 47.60 -2.56 37.60
CA PRO D 71 47.71 -1.20 38.14
C PRO D 71 49.18 -0.86 38.23
N CYS D 72 49.55 0.39 37.99
CA CYS D 72 50.95 0.79 38.03
C CYS D 72 51.24 1.76 39.17
N SER D 73 52.42 1.63 39.77
CA SER D 73 52.83 2.51 40.85
C SER D 73 53.54 3.75 40.32
N GLU D 74 54.07 3.65 39.11
CA GLU D 74 54.75 4.77 38.47
C GLU D 74 53.78 5.92 38.26
N VAL D 75 54.31 7.14 38.30
CA VAL D 75 53.51 8.34 38.02
C VAL D 75 53.15 8.42 36.54
N LEU D 76 51.87 8.63 36.25
CA LEU D 76 51.38 8.63 34.87
C LEU D 76 51.42 10.01 34.23
N THR D 77 51.64 10.04 32.91
CA THR D 77 51.59 11.27 32.14
C THR D 77 50.68 11.07 30.95
N LEU D 78 49.94 12.11 30.58
CA LEU D 78 49.16 12.07 29.34
C LEU D 78 50.13 11.77 28.20
N THR D 79 49.94 10.62 27.56
CA THR D 79 50.90 10.13 26.57
C THR D 79 50.30 10.03 25.18
N ASN D 80 51.07 10.49 24.18
CA ASN D 80 50.65 10.36 22.79
C ASN D 80 50.77 8.92 22.31
N ASN D 81 49.76 8.45 21.59
CA ASN D 81 49.77 7.12 21.00
C ASN D 81 50.24 7.13 19.54
N VAL D 82 51.50 6.77 19.34
CA VAL D 82 52.10 6.75 18.01
C VAL D 82 51.64 5.54 17.21
N ASN D 83 51.18 5.76 15.98
CA ASN D 83 50.90 4.65 15.08
C ASN D 83 52.21 3.99 14.66
N LYS D 84 52.29 2.69 14.89
CA LYS D 84 53.53 1.94 14.71
C LYS D 84 53.37 0.93 13.59
N LEU D 85 52.13 0.62 13.26
CA LEU D 85 51.84 -0.35 12.24
C LEU D 85 50.42 -0.13 11.70
N LEU D 86 50.29 -0.19 10.39
CA LEU D 86 49.00 0.02 9.73
C LEU D 86 48.93 -0.87 8.52
N ILE D 87 48.10 -1.90 8.60
CA ILE D 87 48.04 -2.90 7.53
C ILE D 87 46.63 -3.33 7.20
N ILE D 88 46.28 -3.29 5.93
CA ILE D 88 44.97 -3.76 5.48
C ILE D 88 44.97 -5.27 5.38
N ASP D 89 44.00 -5.89 6.02
CA ASP D 89 43.80 -7.34 5.95
C ASP D 89 42.70 -7.60 4.95
N TYR D 90 43.08 -7.70 3.68
CA TYR D 90 42.12 -7.72 2.58
C TYR D 90 41.12 -8.87 2.65
N SER D 91 41.61 -10.07 2.98
CA SER D 91 40.75 -11.23 3.05
C SER D 91 39.54 -11.00 3.97
N GLU D 92 39.77 -10.27 5.06
CA GLU D 92 38.76 -10.11 6.10
C GLU D 92 38.21 -8.69 6.23
N ASN D 93 38.36 -7.90 5.18
CA ASN D 93 37.82 -6.54 5.16
C ASN D 93 38.03 -5.78 6.47
N ARG D 94 39.25 -5.84 6.99
CA ARG D 94 39.56 -5.14 8.23
C ARG D 94 40.95 -4.51 8.16
N LEU D 95 41.28 -3.74 9.19
CA LEU D 95 42.55 -3.01 9.24
C LEU D 95 43.23 -3.22 10.58
N LEU D 96 44.53 -3.54 10.53
CA LEU D 96 45.29 -3.74 11.75
C LEU D 96 46.06 -2.47 12.11
N ALA D 97 45.81 -1.94 13.31
CA ALA D 97 46.49 -0.73 13.77
C ALA D 97 47.08 -0.95 15.15
N CYS D 98 48.39 -0.72 15.28
CA CYS D 98 49.08 -0.94 16.55
C CYS D 98 49.81 0.34 16.95
N GLY D 99 49.58 0.80 18.18
CA GLY D 99 50.20 2.02 18.66
C GLY D 99 51.40 1.76 19.55
N SER D 100 51.93 2.83 20.16
CA SER D 100 53.00 2.71 21.13
C SER D 100 52.44 2.69 22.55
N LEU D 101 51.17 3.03 22.67
CA LEU D 101 50.49 3.12 23.95
C LEU D 101 50.36 1.75 24.61
N TYR D 102 50.50 1.70 25.94
CA TYR D 102 50.35 0.45 26.68
C TYR D 102 51.25 -0.66 26.15
N GLN D 103 52.54 -0.38 26.00
CA GLN D 103 53.50 -1.41 25.59
C GLN D 103 53.23 -1.97 24.20
N GLY D 104 52.52 -1.21 23.37
CA GLY D 104 52.35 -1.55 21.97
C GLY D 104 51.25 -2.57 21.66
N VAL D 105 50.09 -2.38 22.26
CA VAL D 105 48.93 -3.23 21.99
C VAL D 105 48.35 -2.93 20.60
N CYS D 106 47.60 -3.87 20.04
CA CYS D 106 47.04 -3.71 18.70
C CYS D 106 45.51 -3.69 18.67
N LYS D 107 44.95 -3.17 17.59
CA LYS D 107 43.51 -3.15 17.37
C LYS D 107 43.19 -3.67 15.98
N LEU D 108 42.03 -4.31 15.84
CA LEU D 108 41.49 -4.61 14.51
C LEU D 108 40.27 -3.72 14.28
N LEU D 109 40.27 -3.02 13.16
CA LEU D 109 39.17 -2.11 12.84
C LEU D 109 38.48 -2.53 11.55
N ARG D 110 37.16 -2.36 11.52
CA ARG D 110 36.39 -2.65 10.32
C ARG D 110 36.67 -1.55 9.30
N LEU D 111 36.86 -1.92 8.04
CA LEU D 111 37.27 -0.96 7.02
C LEU D 111 36.28 0.18 6.78
N ASP D 112 34.99 -0.13 6.80
CA ASP D 112 33.98 0.86 6.44
C ASP D 112 33.77 1.96 7.47
N ASP D 113 33.83 1.62 8.75
CA ASP D 113 33.53 2.59 9.82
C ASP D 113 34.61 2.68 10.90
N LEU D 114 35.64 1.85 10.77
CA LEU D 114 36.73 1.81 11.74
C LEU D 114 36.23 1.47 13.14
N PHE D 115 35.14 0.72 13.20
CA PHE D 115 34.61 0.23 14.47
C PHE D 115 35.48 -0.90 15.00
N ILE D 116 35.89 -0.80 16.27
CA ILE D 116 36.80 -1.79 16.85
C ILE D 116 36.19 -3.19 16.86
N LEU D 117 36.86 -4.12 16.18
CA LEU D 117 36.41 -5.51 16.13
C LEU D 117 36.95 -6.30 17.33
N VAL D 118 38.19 -6.01 17.70
CA VAL D 118 38.84 -6.71 18.79
C VAL D 118 40.15 -6.02 19.14
N GLU D 119 40.60 -6.23 20.37
CA GLU D 119 41.87 -5.66 20.83
C GLU D 119 42.55 -6.61 21.80
N PRO D 120 43.24 -7.63 21.25
CA PRO D 120 43.96 -8.64 22.03
C PRO D 120 44.83 -7.99 23.11
N SER D 121 44.68 -8.40 24.36
CA SER D 121 45.38 -7.74 25.45
C SER D 121 45.52 -8.56 26.73
N HIS D 122 45.33 -9.87 26.66
CA HIS D 122 45.47 -10.71 27.84
C HIS D 122 46.77 -11.50 27.88
N LYS D 123 47.32 -11.80 26.71
CA LYS D 123 48.58 -12.56 26.65
C LYS D 123 49.79 -11.64 26.52
N LYS D 124 50.92 -12.11 27.04
CA LYS D 124 52.16 -11.36 27.02
C LYS D 124 52.51 -10.85 25.62
N GLU D 125 52.46 -11.74 24.62
CA GLU D 125 52.88 -11.37 23.28
C GLU D 125 51.90 -10.42 22.58
N HIS D 126 50.72 -10.24 23.15
CA HIS D 126 49.77 -9.27 22.61
C HIS D 126 50.31 -7.85 22.69
N TYR D 127 51.42 -7.68 23.40
CA TYR D 127 52.08 -6.39 23.51
C TYR D 127 53.41 -6.42 22.75
N LEU D 128 53.48 -5.63 21.69
CA LEU D 128 54.53 -5.78 20.69
C LEU D 128 55.86 -5.11 21.03
N SER D 129 55.80 -3.99 21.75
CA SER D 129 56.98 -3.17 22.00
C SER D 129 56.58 -1.82 22.57
N SER D 130 57.40 -1.30 23.48
CA SER D 130 57.14 0.00 24.11
C SER D 130 57.76 1.15 23.32
N VAL D 131 58.56 0.81 22.31
CA VAL D 131 59.20 1.82 21.47
C VAL D 131 58.17 2.80 20.90
N ASN D 132 58.43 4.10 21.05
CA ASN D 132 57.51 5.13 20.56
C ASN D 132 58.07 5.92 19.37
N LYS D 133 59.01 5.32 18.66
CA LYS D 133 59.62 5.95 17.49
C LYS D 133 59.23 5.24 16.21
N THR D 134 58.75 6.02 15.25
CA THR D 134 58.32 5.46 13.97
C THR D 134 59.50 4.95 13.15
N GLY D 135 59.22 4.11 12.16
CA GLY D 135 60.25 3.60 11.28
C GLY D 135 61.10 2.52 11.91
N THR D 136 60.54 1.80 12.88
CA THR D 136 61.28 0.78 13.61
C THR D 136 60.53 -0.54 13.62
N MET D 137 59.26 -0.49 13.23
CA MET D 137 58.42 -1.66 13.19
C MET D 137 57.80 -1.86 11.80
N TYR D 138 57.76 -3.10 11.33
CA TYR D 138 57.06 -3.42 10.09
C TYR D 138 56.43 -4.81 10.14
N GLY D 139 55.26 -4.95 9.54
CA GLY D 139 54.58 -6.22 9.50
C GLY D 139 54.18 -6.67 8.11
N VAL D 140 53.96 -7.97 7.95
CA VAL D 140 53.47 -8.54 6.71
C VAL D 140 52.42 -9.61 7.01
N ILE D 141 51.23 -9.43 6.46
CA ILE D 141 50.16 -10.42 6.57
C ILE D 141 50.28 -11.44 5.45
N VAL D 142 50.22 -12.72 5.80
CA VAL D 142 50.30 -13.79 4.82
C VAL D 142 49.17 -14.79 5.02
N ARG D 143 48.26 -14.85 4.06
CA ARG D 143 47.14 -15.79 4.13
C ARG D 143 46.87 -16.45 2.78
N SER D 144 47.28 -17.70 2.64
CA SER D 144 46.96 -18.48 1.45
C SER D 144 45.46 -18.77 1.39
N GLU D 145 45.07 -19.82 0.68
CA GLU D 145 43.66 -20.15 0.53
C GLU D 145 43.15 -21.03 1.66
N GLY D 146 43.92 -22.05 2.01
CA GLY D 146 43.50 -23.04 3.00
C GLY D 146 43.88 -22.68 4.42
N GLU D 147 44.50 -21.51 4.59
CA GLU D 147 44.92 -21.07 5.92
C GLU D 147 44.05 -19.93 6.43
N ASP D 148 43.88 -19.86 7.75
CA ASP D 148 43.04 -18.84 8.37
C ASP D 148 43.73 -17.49 8.44
N GLY D 149 45.05 -17.49 8.39
CA GLY D 149 45.81 -16.24 8.39
C GLY D 149 47.06 -16.25 9.26
N LYS D 150 48.03 -15.42 8.87
CA LYS D 150 49.32 -15.37 9.53
C LYS D 150 49.86 -13.94 9.51
N LEU D 151 50.50 -13.50 10.60
CA LEU D 151 51.11 -12.18 10.62
C LEU D 151 52.57 -12.21 11.05
N PHE D 152 53.44 -11.74 10.16
CA PHE D 152 54.86 -11.60 10.49
C PHE D 152 55.11 -10.18 10.96
N ILE D 153 55.83 -10.04 12.06
CA ILE D 153 56.09 -8.72 12.62
C ILE D 153 57.49 -8.60 13.20
N GLY D 154 58.20 -7.56 12.77
CA GLY D 154 59.53 -7.26 13.28
C GLY D 154 59.54 -5.89 13.94
N THR D 155 60.25 -5.76 15.04
CA THR D 155 60.24 -4.52 15.80
C THR D 155 61.48 -4.31 16.66
N ALA D 156 61.92 -3.05 16.76
CA ALA D 156 62.91 -2.68 17.77
C ALA D 156 62.29 -2.95 19.13
N VAL D 157 63.10 -3.30 20.12
CA VAL D 157 62.56 -3.69 21.43
C VAL D 157 62.98 -2.79 22.57
N ASP D 158 63.93 -1.89 22.32
CA ASP D 158 64.30 -0.88 23.29
C ASP D 158 65.02 -1.48 24.51
N GLY D 159 65.68 -2.60 24.31
CA GLY D 159 66.44 -3.24 25.38
C GLY D 159 65.62 -4.18 26.25
N LYS D 160 64.29 -4.13 26.07
CA LYS D 160 63.39 -5.02 26.79
C LYS D 160 63.36 -6.38 26.12
N GLN D 161 64.52 -7.01 26.01
CA GLN D 161 64.67 -8.24 25.22
C GLN D 161 63.84 -9.42 25.75
N ASP D 162 63.44 -9.36 27.00
CA ASP D 162 62.62 -10.42 27.58
C ASP D 162 61.13 -10.09 27.49
N TYR D 163 60.83 -8.83 27.26
CA TYR D 163 59.45 -8.38 27.12
C TYR D 163 58.93 -8.66 25.71
N PHE D 164 59.79 -8.47 24.72
CA PHE D 164 59.37 -8.47 23.32
C PHE D 164 60.36 -9.18 22.41
N PRO D 165 59.86 -10.09 21.58
CA PRO D 165 60.68 -10.67 20.51
C PRO D 165 60.95 -9.59 19.46
N THR D 166 62.10 -9.65 18.80
CA THR D 166 62.44 -8.69 17.75
C THR D 166 61.77 -9.05 16.43
N LEU D 167 61.53 -10.34 16.22
CA LEU D 167 60.83 -10.83 15.04
C LEU D 167 59.99 -12.05 15.43
N SER D 168 58.76 -12.11 14.91
CA SER D 168 57.90 -13.25 15.23
C SER D 168 56.74 -13.39 14.26
N SER D 169 56.10 -14.56 14.31
CA SER D 169 54.92 -14.83 13.51
C SER D 169 53.73 -15.09 14.42
N ARG D 170 52.59 -14.48 14.09
CA ARG D 170 51.39 -14.60 14.92
C ARG D 170 50.20 -15.13 14.13
N LYS D 171 49.22 -15.66 14.85
CA LYS D 171 47.99 -16.11 14.24
C LYS D 171 47.09 -14.93 13.88
N LEU D 172 46.60 -14.91 12.65
CA LEU D 172 45.59 -13.94 12.24
C LEU D 172 44.34 -14.67 11.77
N PRO D 173 43.60 -15.28 12.70
CA PRO D 173 42.43 -16.09 12.34
C PRO D 173 41.38 -15.23 11.64
N ARG D 174 40.64 -15.83 10.71
CA ARG D 174 39.58 -15.11 10.02
C ARG D 174 38.54 -14.58 11.00
N ASP D 175 38.26 -15.35 12.04
CA ASP D 175 37.31 -14.95 13.07
C ASP D 175 37.93 -13.94 14.04
N PRO D 176 37.40 -12.71 14.05
CA PRO D 176 37.91 -11.63 14.90
C PRO D 176 37.85 -12.00 16.38
N GLU D 177 36.84 -12.77 16.76
CA GLU D 177 36.63 -13.12 18.15
C GLU D 177 37.33 -14.41 18.55
N SER D 178 38.30 -14.83 17.74
CA SER D 178 39.11 -15.99 18.07
C SER D 178 39.95 -15.66 19.30
N SER D 179 40.05 -16.62 20.21
CA SER D 179 40.82 -16.44 21.44
C SER D 179 42.31 -16.45 21.15
N ALA D 180 42.69 -17.01 20.01
CA ALA D 180 44.09 -17.13 19.63
C ALA D 180 44.57 -15.98 18.75
N MET D 181 43.75 -14.95 18.59
CA MET D 181 44.12 -13.80 17.78
C MET D 181 45.42 -13.16 18.26
N LEU D 182 46.39 -13.09 17.35
CA LEU D 182 47.69 -12.50 17.62
C LEU D 182 48.55 -13.33 18.58
N ASP D 183 48.14 -14.57 18.83
CA ASP D 183 48.97 -15.50 19.58
C ASP D 183 50.15 -15.92 18.70
N TYR D 184 51.26 -16.32 19.33
CA TYR D 184 52.37 -16.88 18.59
C TYR D 184 51.86 -18.01 17.72
N GLU D 185 52.39 -18.12 16.51
CA GLU D 185 52.03 -19.22 15.62
C GLU D 185 52.48 -20.53 16.26
N LEU D 186 53.63 -20.47 16.92
CA LEU D 186 54.15 -21.61 17.67
C LEU D 186 54.83 -21.08 18.92
N HIS D 187 54.59 -21.72 20.05
CA HIS D 187 55.16 -21.27 21.31
C HIS D 187 55.46 -22.43 22.26
N SER D 188 56.74 -22.76 22.39
CA SER D 188 57.21 -23.75 23.36
C SER D 188 58.48 -23.23 24.00
N ASP D 189 59.08 -24.03 24.88
CA ASP D 189 60.25 -23.58 25.61
C ASP D 189 61.44 -23.26 24.72
N PHE D 190 61.72 -24.13 23.76
CA PHE D 190 62.93 -23.98 22.94
C PHE D 190 62.63 -23.94 21.44
N VAL D 191 61.35 -24.01 21.08
CA VAL D 191 60.95 -23.92 19.69
C VAL D 191 59.71 -23.04 19.55
N SER D 192 59.91 -21.81 19.11
CA SER D 192 58.81 -20.89 18.92
C SER D 192 58.98 -20.11 17.63
N SER D 193 57.88 -19.54 17.16
CA SER D 193 57.90 -18.72 15.96
C SER D 193 58.31 -17.30 16.35
N LEU D 194 59.53 -17.16 16.84
CA LEU D 194 60.01 -15.87 17.31
C LEU D 194 61.53 -15.86 17.45
N ILE D 195 62.11 -14.67 17.33
CA ILE D 195 63.53 -14.48 17.58
C ILE D 195 63.67 -13.46 18.70
N LYS D 196 64.47 -13.79 19.71
CA LYS D 196 64.71 -12.86 20.81
C LYS D 196 66.15 -12.38 20.80
N ILE D 197 66.36 -11.09 21.05
CA ILE D 197 67.70 -10.55 21.16
C ILE D 197 68.34 -11.04 22.46
N PRO D 198 69.46 -11.77 22.35
CA PRO D 198 70.14 -12.31 23.52
C PRO D 198 70.52 -11.23 24.53
N SER D 199 70.36 -11.56 25.81
CA SER D 199 70.73 -10.65 26.89
C SER D 199 72.20 -10.24 26.80
N ASP D 200 73.07 -11.20 26.50
CA ASP D 200 74.50 -10.96 26.43
C ASP D 200 74.86 -9.93 25.37
N THR D 201 74.05 -9.84 24.33
CA THR D 201 74.33 -8.91 23.23
C THR D 201 74.07 -7.47 23.66
N LEU D 202 73.01 -7.26 24.43
CA LEU D 202 72.69 -5.92 24.94
C LEU D 202 73.71 -5.51 26.00
N ALA D 203 74.16 -6.48 26.80
CA ALA D 203 75.18 -6.22 27.81
C ALA D 203 76.46 -5.79 27.11
N LEU D 204 76.90 -6.59 26.14
CA LEU D 204 78.09 -6.27 25.38
C LEU D 204 77.95 -4.90 24.73
N VAL D 205 76.90 -4.75 23.93
CA VAL D 205 76.69 -3.53 23.17
C VAL D 205 75.31 -2.92 23.42
N SER D 206 75.29 -1.65 23.78
CA SER D 206 74.05 -0.90 23.92
C SER D 206 74.35 0.51 23.41
N HIS D 207 73.37 1.20 22.88
CA HIS D 207 71.98 0.77 22.88
C HIS D 207 71.63 -0.14 21.70
N PHE D 208 72.15 -1.36 21.69
CA PHE D 208 71.89 -2.29 20.60
C PHE D 208 70.40 -2.51 20.40
N ASP D 209 69.97 -2.45 19.14
CA ASP D 209 68.59 -2.74 18.79
C ASP D 209 68.50 -3.05 17.30
N ILE D 210 67.36 -3.57 16.86
CA ILE D 210 67.17 -3.89 15.46
C ILE D 210 65.98 -3.14 14.91
N PHE D 211 66.21 -2.30 13.91
CA PHE D 211 65.15 -1.49 13.33
C PHE D 211 64.65 -2.11 12.03
N TYR D 212 63.34 -2.30 11.97
CA TYR D 212 62.71 -2.91 10.80
C TYR D 212 62.11 -1.83 9.88
N ILE D 213 62.83 -1.56 8.79
CA ILE D 213 62.49 -0.45 7.89
C ILE D 213 61.35 -0.81 6.96
N TYR D 214 61.40 -2.04 6.43
CA TYR D 214 60.45 -2.48 5.42
C TYR D 214 60.30 -4.00 5.46
N GLY D 215 59.20 -4.50 4.90
CA GLY D 215 58.96 -5.92 4.81
C GLY D 215 58.05 -6.22 3.63
N PHE D 216 58.18 -7.42 3.06
CA PHE D 216 57.33 -7.80 1.93
C PHE D 216 57.27 -9.30 1.70
N ALA D 217 56.23 -9.74 1.01
CA ALA D 217 56.08 -11.14 0.62
C ALA D 217 56.36 -11.29 -0.88
N SER D 218 57.21 -12.25 -1.22
CA SER D 218 57.52 -12.54 -2.61
C SER D 218 57.72 -14.04 -2.80
N GLY D 219 56.89 -14.65 -3.64
CA GLY D 219 56.95 -16.08 -3.83
C GLY D 219 56.60 -16.82 -2.54
N GLY D 220 57.42 -17.79 -2.17
CA GLY D 220 57.17 -18.57 -0.97
C GLY D 220 57.90 -18.06 0.26
N PHE D 221 58.24 -16.78 0.27
CA PHE D 221 59.01 -16.22 1.38
C PHE D 221 58.47 -14.88 1.85
N VAL D 222 58.85 -14.50 3.07
CA VAL D 222 58.69 -13.15 3.56
C VAL D 222 60.06 -12.55 3.75
N TYR D 223 60.18 -11.24 3.57
CA TYR D 223 61.46 -10.56 3.67
C TYR D 223 61.34 -9.35 4.57
N PHE D 224 62.33 -9.17 5.42
CA PHE D 224 62.41 -7.97 6.24
C PHE D 224 63.75 -7.29 6.02
N LEU D 225 63.70 -5.97 5.90
CA LEU D 225 64.90 -5.18 5.71
C LEU D 225 65.18 -4.42 6.99
N THR D 226 66.35 -4.65 7.58
CA THR D 226 66.67 -4.09 8.88
C THR D 226 67.94 -3.29 8.91
N VAL D 227 68.04 -2.42 9.91
CA VAL D 227 69.28 -1.74 10.25
C VAL D 227 69.57 -2.03 11.73
N GLN D 228 70.84 -2.28 12.06
CA GLN D 228 71.22 -2.53 13.44
C GLN D 228 72.71 -2.27 13.61
N PRO D 229 73.11 -1.90 14.84
CA PRO D 229 74.53 -1.68 15.15
C PRO D 229 75.32 -2.96 14.95
N GLU D 230 76.57 -2.84 14.53
CA GLU D 230 77.41 -4.00 14.31
C GLU D 230 78.04 -4.40 15.64
N THR D 231 78.37 -5.68 15.78
CA THR D 231 78.95 -6.19 17.01
C THR D 231 80.41 -6.64 16.82
N PRO D 232 81.24 -6.45 17.86
CA PRO D 232 82.64 -6.92 17.88
C PRO D 232 82.75 -8.43 17.72
N ASP D 242 83.49 5.25 17.35
CA ASP D 242 82.34 5.38 16.45
C ASP D 242 81.52 4.10 16.39
N LEU D 243 80.22 4.26 16.12
CA LEU D 243 79.30 3.14 16.05
C LEU D 243 78.98 2.83 14.59
N PHE D 244 79.22 1.59 14.19
CA PHE D 244 78.92 1.15 12.82
C PHE D 244 77.61 0.35 12.79
N TYR D 245 76.78 0.63 11.79
CA TYR D 245 75.52 -0.08 11.62
C TYR D 245 75.53 -0.94 10.38
N THR D 246 74.70 -1.97 10.38
CA THR D 246 74.57 -2.86 9.22
C THR D 246 73.13 -2.98 8.77
N SER D 247 72.91 -2.88 7.47
CA SER D 247 71.60 -3.06 6.87
C SER D 247 71.51 -4.47 6.30
N ARG D 248 70.43 -5.18 6.61
CA ARG D 248 70.34 -6.58 6.23
C ARG D 248 69.01 -6.98 5.59
N ILE D 249 69.06 -8.06 4.83
CA ILE D 249 67.87 -8.73 4.33
C ILE D 249 67.66 -9.98 5.17
N VAL D 250 66.52 -10.06 5.84
CA VAL D 250 66.15 -11.24 6.63
C VAL D 250 65.05 -12.00 5.91
N ARG D 251 65.30 -13.26 5.59
CA ARG D 251 64.28 -14.06 4.88
C ARG D 251 63.75 -15.22 5.73
N LEU D 252 62.46 -15.49 5.56
CA LEU D 252 61.81 -16.64 6.18
C LEU D 252 60.84 -17.24 5.16
N CYS D 253 60.63 -18.55 5.23
CA CYS D 253 59.60 -19.20 4.44
C CYS D 253 58.23 -18.84 5.00
N LYS D 254 57.26 -18.64 4.11
CA LYS D 254 55.90 -18.34 4.54
C LYS D 254 55.35 -19.41 5.49
N ASP D 255 55.81 -20.65 5.32
CA ASP D 255 55.34 -21.76 6.14
C ASP D 255 56.49 -22.38 6.92
N ASP D 256 56.71 -21.90 8.14
CA ASP D 256 57.85 -22.34 8.95
C ASP D 256 57.75 -21.87 10.40
N PRO D 257 56.81 -22.47 11.17
CA PRO D 257 56.58 -22.13 12.57
C PRO D 257 57.85 -22.14 13.40
N LYS D 258 58.79 -23.02 13.05
CA LYS D 258 60.00 -23.19 13.85
C LYS D 258 61.04 -22.10 13.60
N PHE D 259 60.81 -21.29 12.58
CA PHE D 259 61.76 -20.23 12.22
C PHE D 259 63.14 -20.80 11.89
N HIS D 260 63.16 -22.06 11.45
CA HIS D 260 64.40 -22.70 11.04
C HIS D 260 64.94 -22.15 9.72
N SER D 261 64.08 -21.47 8.96
CA SER D 261 64.45 -20.95 7.65
C SER D 261 65.17 -19.60 7.73
N TYR D 262 65.32 -19.08 8.95
CA TYR D 262 65.91 -17.77 9.17
C TYR D 262 67.30 -17.65 8.54
N VAL D 263 67.46 -16.64 7.68
CA VAL D 263 68.75 -16.34 7.08
C VAL D 263 68.89 -14.83 6.87
N SER D 264 70.10 -14.31 7.06
CA SER D 264 70.31 -12.87 7.10
C SER D 264 71.62 -12.43 6.43
N LEU D 265 71.49 -11.61 5.39
CA LEU D 265 72.66 -11.10 4.67
C LEU D 265 72.68 -9.58 4.62
N PRO D 266 73.87 -8.98 4.63
CA PRO D 266 74.00 -7.54 4.46
C PRO D 266 73.60 -7.17 3.04
N PHE D 267 73.24 -5.91 2.81
CA PHE D 267 73.07 -5.45 1.43
C PHE D 267 73.25 -3.93 1.33
N GLY D 268 73.44 -3.48 0.10
CA GLY D 268 73.70 -2.08 -0.16
C GLY D 268 74.08 -1.92 -1.61
N CYS D 269 74.73 -0.82 -1.94
CA CYS D 269 75.14 -0.59 -3.31
C CYS D 269 76.27 0.43 -3.37
N THR D 270 76.92 0.50 -4.54
CA THR D 270 78.09 1.32 -4.71
C THR D 270 78.07 2.03 -6.05
N ARG D 271 78.56 3.27 -6.07
CA ARG D 271 78.78 3.98 -7.32
C ARG D 271 79.72 5.16 -7.14
N ALA D 272 80.62 5.33 -8.11
CA ALA D 272 81.51 6.49 -8.14
C ALA D 272 82.31 6.65 -6.85
N GLY D 273 82.81 5.53 -6.33
CA GLY D 273 83.67 5.56 -5.16
C GLY D 273 82.96 5.85 -3.86
N VAL D 274 81.65 5.60 -3.83
CA VAL D 274 80.88 5.78 -2.59
C VAL D 274 80.05 4.53 -2.25
N GLU D 275 80.24 4.02 -1.05
CA GLU D 275 79.46 2.89 -0.56
C GLU D 275 78.20 3.36 0.16
N TYR D 276 77.05 2.90 -0.31
CA TYR D 276 75.78 3.25 0.33
C TYR D 276 75.24 2.05 1.13
N ARG D 277 75.35 2.13 2.45
CA ARG D 277 75.10 0.97 3.30
C ARG D 277 74.03 1.18 4.37
N LEU D 278 73.58 2.41 4.56
CA LEU D 278 72.54 2.71 5.56
C LEU D 278 71.16 2.75 4.94
N LEU D 279 70.36 1.71 5.17
CA LEU D 279 69.03 1.62 4.61
C LEU D 279 68.09 2.70 5.14
N GLN D 280 67.40 3.38 4.22
CA GLN D 280 66.50 4.47 4.57
C GLN D 280 65.05 4.12 4.26
N ALA D 281 64.84 3.41 3.15
CA ALA D 281 63.49 3.11 2.69
C ALA D 281 63.52 2.06 1.57
N ALA D 282 62.35 1.46 1.30
CA ALA D 282 62.25 0.44 0.26
C ALA D 282 60.82 0.23 -0.24
N TYR D 283 60.70 -0.49 -1.36
CA TYR D 283 59.41 -0.69 -2.02
C TYR D 283 59.53 -1.81 -3.07
N LEU D 284 58.66 -2.81 -2.98
CA LEU D 284 58.64 -3.89 -3.95
C LEU D 284 57.81 -3.48 -5.17
N ALA D 285 58.36 -3.69 -6.35
CA ALA D 285 57.63 -3.40 -7.59
C ALA D 285 58.05 -4.34 -8.72
N LYS D 286 57.53 -4.09 -9.92
CA LYS D 286 57.95 -4.83 -11.10
C LYS D 286 59.06 -4.07 -11.83
N PRO D 287 59.87 -4.80 -12.60
CA PRO D 287 61.12 -4.29 -13.18
C PRO D 287 60.93 -3.21 -14.25
N GLY D 288 59.99 -3.40 -15.15
CA GLY D 288 59.97 -2.62 -16.38
C GLY D 288 60.93 -3.27 -17.36
N GLU D 289 60.72 -3.04 -18.65
CA GLU D 289 61.47 -3.76 -19.68
C GLU D 289 62.98 -3.60 -19.58
N ALA D 290 63.45 -2.37 -19.42
CA ALA D 290 64.88 -2.10 -19.39
C ALA D 290 65.62 -2.84 -18.27
N LEU D 291 65.04 -2.85 -17.07
CA LEU D 291 65.65 -3.53 -15.93
C LEU D 291 65.52 -5.04 -16.03
N ALA D 292 64.39 -5.48 -16.57
CA ALA D 292 64.17 -6.91 -16.75
C ALA D 292 65.27 -7.50 -17.62
N GLN D 293 65.64 -6.77 -18.66
CA GLN D 293 66.73 -7.20 -19.54
C GLN D 293 68.04 -7.07 -18.80
N ALA D 294 68.22 -5.94 -18.12
CA ALA D 294 69.44 -5.68 -17.36
C ALA D 294 69.68 -6.75 -16.29
N PHE D 295 68.59 -7.24 -15.69
CA PHE D 295 68.69 -8.24 -14.62
C PHE D 295 68.50 -9.68 -15.11
N ASN D 296 68.18 -9.84 -16.39
CA ASN D 296 67.95 -11.18 -16.92
C ASN D 296 66.82 -11.88 -16.15
N ILE D 297 65.67 -11.22 -16.09
CA ILE D 297 64.50 -11.79 -15.41
C ILE D 297 63.24 -11.49 -16.18
N SER D 298 62.18 -12.25 -15.91
CA SER D 298 60.89 -12.00 -16.52
C SER D 298 60.35 -10.64 -16.06
N SER D 299 59.55 -10.00 -16.91
CA SER D 299 59.04 -8.67 -16.64
C SER D 299 58.00 -8.64 -15.52
N ASP D 300 57.57 -9.82 -15.07
CA ASP D 300 56.59 -9.88 -13.99
C ASP D 300 57.19 -10.50 -12.72
N GLU D 301 58.53 -10.46 -12.63
CA GLU D 301 59.20 -10.87 -11.40
C GLU D 301 59.41 -9.64 -10.51
N ASP D 302 59.66 -9.88 -9.23
CA ASP D 302 59.69 -8.79 -8.27
C ASP D 302 61.06 -8.11 -8.19
N VAL D 303 61.04 -6.78 -8.05
CA VAL D 303 62.26 -6.02 -7.84
C VAL D 303 62.14 -5.13 -6.60
N LEU D 304 63.18 -5.18 -5.76
CA LEU D 304 63.20 -4.37 -4.56
C LEU D 304 63.89 -3.04 -4.81
N PHE D 305 63.13 -1.96 -4.74
CA PHE D 305 63.69 -0.62 -4.88
C PHE D 305 63.99 -0.06 -3.48
N ALA D 306 65.21 0.41 -3.28
CA ALA D 306 65.67 0.81 -1.96
C ALA D 306 66.47 2.09 -1.95
N ILE D 307 66.32 2.87 -0.88
CA ILE D 307 67.13 4.06 -0.63
C ILE D 307 68.20 3.76 0.42
N PHE D 308 69.44 4.11 0.13
CA PHE D 308 70.54 3.98 1.09
C PHE D 308 71.29 5.30 1.24
N SER D 309 71.73 5.60 2.46
CA SER D 309 72.64 6.72 2.69
C SER D 309 74.08 6.24 2.67
N LYS D 310 75.00 7.14 2.35
CA LYS D 310 76.43 6.85 2.36
C LYS D 310 76.91 6.27 3.69
N GLY D 311 77.79 5.27 3.62
CA GLY D 311 78.49 4.78 4.79
C GLY D 311 77.69 3.85 5.66
N GLN D 312 78.18 3.65 6.89
CA GLN D 312 77.53 2.76 7.84
C GLN D 312 77.44 3.40 9.23
N LYS D 313 77.48 4.73 9.27
CA LYS D 313 77.44 5.47 10.52
C LYS D 313 76.37 6.57 10.49
N GLN D 314 76.16 7.21 11.63
CA GLN D 314 75.19 8.30 11.74
C GLN D 314 73.77 7.84 11.45
N TYR D 315 73.37 6.73 12.06
CA TYR D 315 72.04 6.17 11.83
C TYR D 315 70.92 7.16 12.11
N HIS D 316 71.06 7.95 13.16
CA HIS D 316 70.00 8.87 13.57
C HIS D 316 69.95 10.14 12.73
N HIS D 317 71.08 10.49 12.12
CA HIS D 317 71.13 11.61 11.18
C HIS D 317 71.98 11.24 9.96
N PRO D 318 71.43 10.39 9.09
CA PRO D 318 72.14 9.82 7.93
C PRO D 318 72.67 10.92 7.01
N PRO D 319 73.84 10.68 6.41
CA PRO D 319 74.45 11.62 5.46
C PRO D 319 73.48 12.00 4.34
N ASP D 320 73.57 13.23 3.84
CA ASP D 320 72.71 13.68 2.75
C ASP D 320 72.99 12.86 1.50
N ASP D 321 74.25 12.50 1.32
CA ASP D 321 74.67 11.71 0.16
C ASP D 321 73.95 10.36 0.17
N SER D 322 73.04 10.18 -0.77
CA SER D 322 72.17 9.01 -0.76
C SER D 322 71.87 8.46 -2.16
N ALA D 323 71.39 7.22 -2.21
CA ALA D 323 71.26 6.51 -3.47
C ALA D 323 69.96 5.71 -3.58
N LEU D 324 69.46 5.59 -4.81
CA LEU D 324 68.36 4.69 -5.12
C LEU D 324 68.91 3.45 -5.80
N CYS D 325 68.60 2.27 -5.26
CA CYS D 325 69.14 1.01 -5.77
C CYS D 325 68.04 0.00 -6.04
N ALA D 326 68.38 -1.00 -6.85
CA ALA D 326 67.42 -2.02 -7.23
C ALA D 326 68.00 -3.42 -7.01
N PHE D 327 67.21 -4.27 -6.37
CA PHE D 327 67.60 -5.65 -6.11
C PHE D 327 66.55 -6.60 -6.68
N PRO D 328 66.94 -7.40 -7.67
CA PRO D 328 66.01 -8.42 -8.17
C PRO D 328 65.83 -9.48 -7.09
N ILE D 329 64.59 -9.83 -6.77
CA ILE D 329 64.34 -10.85 -5.77
C ILE D 329 65.09 -12.13 -6.11
N ARG D 330 65.16 -12.44 -7.40
CA ARG D 330 65.84 -13.64 -7.87
C ARG D 330 67.32 -13.61 -7.51
N ALA D 331 67.97 -12.48 -7.74
CA ALA D 331 69.38 -12.32 -7.37
C ALA D 331 69.57 -12.50 -5.87
N ILE D 332 68.58 -12.07 -5.10
CA ILE D 332 68.65 -12.22 -3.65
C ILE D 332 68.54 -13.68 -3.24
N ASN D 333 67.52 -14.36 -3.77
CA ASN D 333 67.31 -15.76 -3.45
C ASN D 333 68.51 -16.61 -3.83
N LEU D 334 69.13 -16.28 -4.95
CA LEU D 334 70.29 -17.01 -5.43
C LEU D 334 71.45 -16.88 -4.46
N GLN D 335 71.74 -15.65 -4.03
CA GLN D 335 72.84 -15.43 -3.10
C GLN D 335 72.56 -16.09 -1.76
N ILE D 336 71.28 -16.21 -1.41
CA ILE D 336 70.90 -16.92 -0.19
C ILE D 336 71.10 -18.42 -0.37
N LYS D 337 70.69 -18.96 -1.51
CA LYS D 337 70.90 -20.37 -1.80
C LYS D 337 72.38 -20.73 -1.75
N GLU D 338 73.20 -19.94 -2.43
CA GLU D 338 74.63 -20.18 -2.48
C GLU D 338 75.23 -20.20 -1.07
N ARG D 339 74.67 -19.38 -0.20
CA ARG D 339 75.12 -19.31 1.18
C ARG D 339 74.74 -20.59 1.92
N LEU D 340 73.48 -21.00 1.76
CA LEU D 340 73.00 -22.24 2.35
C LEU D 340 73.85 -23.43 1.89
N GLN D 341 74.11 -23.49 0.58
CA GLN D 341 74.88 -24.58 0.01
C GLN D 341 76.29 -24.67 0.60
N SER D 342 77.00 -23.55 0.59
CA SER D 342 78.37 -23.56 1.08
C SER D 342 78.43 -23.93 2.56
N CYS D 343 77.40 -23.55 3.31
CA CYS D 343 77.33 -23.86 4.73
C CYS D 343 77.08 -25.35 4.94
N TYR D 344 76.14 -25.90 4.18
CA TYR D 344 75.83 -27.32 4.25
C TYR D 344 76.90 -28.17 3.58
N HIS D 345 78.00 -27.54 3.21
CA HIS D 345 79.17 -28.25 2.74
C HIS D 345 80.25 -28.19 3.81
N GLY D 346 79.95 -27.49 4.89
CA GLY D 346 80.85 -27.40 6.03
C GLY D 346 81.82 -26.24 5.96
N GLU D 347 81.54 -25.29 5.08
CA GLU D 347 82.43 -24.16 4.85
C GLU D 347 82.11 -22.96 5.74
N GLY D 348 83.07 -22.57 6.58
CA GLY D 348 82.95 -21.37 7.38
C GLY D 348 82.02 -21.49 8.58
N ASN D 349 81.60 -20.34 9.10
CA ASN D 349 80.71 -20.28 10.25
C ASN D 349 79.34 -19.75 9.86
N LEU D 350 78.43 -19.73 10.83
CA LEU D 350 77.10 -19.19 10.58
C LEU D 350 77.15 -17.67 10.50
N GLU D 351 78.04 -17.06 11.27
CA GLU D 351 78.33 -15.63 11.20
C GLU D 351 77.12 -14.74 11.49
N LEU D 352 76.56 -14.88 12.68
CA LEU D 352 75.46 -14.03 13.13
C LEU D 352 75.64 -13.81 14.64
N ASN D 353 76.68 -13.07 14.98
CA ASN D 353 77.13 -12.91 16.36
C ASN D 353 76.10 -12.35 17.34
N TRP D 354 75.34 -11.36 16.91
CA TRP D 354 74.37 -10.73 17.81
C TRP D 354 73.35 -11.73 18.33
N LEU D 355 73.12 -12.80 17.57
CA LEU D 355 72.13 -13.79 17.95
C LEU D 355 72.77 -15.05 18.50
N LEU D 356 73.72 -15.61 17.75
CA LEU D 356 74.41 -16.83 18.17
C LEU D 356 75.36 -16.52 19.32
N GLY D 357 75.77 -15.27 19.45
CA GLY D 357 76.63 -14.84 20.54
C GLY D 357 78.10 -15.13 20.29
N LYS D 358 78.38 -16.19 19.54
CA LYS D 358 79.75 -16.64 19.35
C LYS D 358 79.98 -17.14 17.93
N ASP D 359 81.18 -17.68 17.68
CA ASP D 359 81.49 -18.33 16.41
C ASP D 359 80.95 -19.75 16.40
N VAL D 360 80.06 -20.04 15.47
CA VAL D 360 79.52 -21.39 15.31
C VAL D 360 79.81 -21.91 13.92
N GLN D 361 80.52 -23.03 13.86
CA GLN D 361 80.93 -23.59 12.58
C GLN D 361 79.78 -24.25 11.83
N CYS D 362 79.73 -24.03 10.53
CA CYS D 362 78.75 -24.69 9.68
C CYS D 362 78.94 -26.20 9.75
N THR D 363 77.84 -26.93 9.65
CA THR D 363 77.89 -28.39 9.71
C THR D 363 77.64 -29.02 8.36
N LYS D 364 78.63 -29.76 7.85
CA LYS D 364 78.47 -30.44 6.57
C LYS D 364 77.43 -31.54 6.68
N ALA D 365 76.49 -31.55 5.75
CA ALA D 365 75.47 -32.58 5.70
C ALA D 365 74.95 -32.72 4.28
N PRO D 366 74.87 -33.95 3.78
CA PRO D 366 74.46 -34.26 2.40
C PRO D 366 72.98 -33.95 2.16
N VAL D 367 72.60 -32.70 2.37
CA VAL D 367 71.22 -32.27 2.14
C VAL D 367 71.15 -31.40 0.90
N PRO D 368 70.27 -31.78 -0.05
CA PRO D 368 70.10 -31.00 -1.28
C PRO D 368 69.40 -29.68 -0.96
N ILE D 369 70.00 -28.56 -1.35
CA ILE D 369 69.39 -27.27 -1.10
C ILE D 369 68.56 -26.81 -2.29
N ASP D 370 67.25 -27.03 -2.18
CA ASP D 370 66.29 -26.68 -3.22
C ASP D 370 66.10 -25.16 -3.27
N ASP D 371 65.38 -24.69 -4.28
CA ASP D 371 65.00 -23.28 -4.34
C ASP D 371 64.10 -22.95 -3.14
N ASN D 372 63.25 -23.90 -2.77
CA ASN D 372 62.33 -23.70 -1.65
C ASN D 372 62.73 -24.45 -0.39
N PHE D 373 64.03 -24.52 -0.14
CA PHE D 373 64.55 -25.10 1.09
C PHE D 373 64.16 -24.22 2.28
N CYS D 374 63.53 -24.82 3.29
CA CYS D 374 63.03 -24.06 4.42
C CYS D 374 63.76 -24.35 5.73
N GLY D 375 64.99 -24.84 5.62
CA GLY D 375 65.84 -25.02 6.79
C GLY D 375 65.59 -26.31 7.57
N LEU D 376 66.55 -26.65 8.42
CA LEU D 376 66.44 -27.78 9.33
C LEU D 376 66.91 -27.31 10.70
N ASP D 377 67.18 -28.24 11.61
CA ASP D 377 67.65 -27.88 12.95
C ASP D 377 69.07 -27.34 12.92
N ILE D 378 69.92 -27.94 12.08
CA ILE D 378 71.31 -27.51 11.97
C ILE D 378 71.43 -26.25 11.12
N ASN D 379 72.59 -25.61 11.21
CA ASN D 379 72.91 -24.46 10.35
C ASN D 379 71.82 -23.39 10.34
N GLN D 380 71.30 -23.07 11.52
CA GLN D 380 70.27 -22.03 11.64
C GLN D 380 70.18 -21.55 13.08
N PRO D 381 69.93 -20.26 13.28
CA PRO D 381 69.77 -19.22 12.24
C PRO D 381 71.08 -19.01 11.48
N LEU D 382 70.99 -18.43 10.28
CA LEU D 382 72.16 -18.27 9.43
C LEU D 382 72.41 -16.82 9.04
N GLY D 383 73.63 -16.35 9.28
CA GLY D 383 74.04 -15.01 8.89
C GLY D 383 74.94 -15.02 7.67
N GLY D 384 75.93 -14.13 7.65
CA GLY D 384 76.82 -13.98 6.51
C GLY D 384 77.45 -12.60 6.49
N SER D 385 78.60 -12.48 5.84
CA SER D 385 79.33 -11.21 5.82
C SER D 385 79.33 -10.53 4.45
N THR D 386 79.36 -11.32 3.38
CA THR D 386 79.43 -10.78 2.03
C THR D 386 78.07 -10.21 1.59
N PRO D 387 78.03 -8.91 1.29
CA PRO D 387 76.81 -8.15 0.98
C PRO D 387 76.16 -8.52 -0.34
N VAL D 388 74.84 -8.37 -0.40
CA VAL D 388 74.11 -8.46 -1.65
C VAL D 388 74.18 -7.09 -2.32
N GLU D 389 74.87 -7.01 -3.45
CA GLU D 389 75.05 -5.74 -4.14
C GLU D 389 73.87 -5.42 -5.06
N GLY D 390 73.33 -4.22 -4.91
CA GLY D 390 72.25 -3.78 -5.78
C GLY D 390 72.76 -2.96 -6.94
N LEU D 391 71.89 -2.72 -7.91
CA LEU D 391 72.21 -1.85 -9.03
C LEU D 391 71.87 -0.41 -8.67
N THR D 392 72.87 0.46 -8.63
CA THR D 392 72.63 1.86 -8.30
C THR D 392 72.00 2.56 -9.50
N LEU D 393 70.81 3.13 -9.30
CA LEU D 393 70.07 3.80 -10.37
C LEU D 393 70.29 5.31 -10.40
N TYR D 394 70.46 5.91 -9.23
CA TYR D 394 70.49 7.36 -9.11
C TYR D 394 71.04 7.79 -7.75
N THR D 395 71.77 8.90 -7.71
CA THR D 395 72.30 9.42 -6.45
C THR D 395 72.12 10.94 -6.33
N THR D 396 72.06 11.42 -5.09
CA THR D 396 72.01 12.85 -4.82
C THR D 396 73.05 13.19 -3.76
N SER D 397 73.43 14.47 -3.70
CA SER D 397 74.51 14.88 -2.82
C SER D 397 74.07 15.70 -1.60
N ARG D 398 72.92 16.37 -1.70
CA ARG D 398 72.51 17.32 -0.66
C ARG D 398 71.06 17.16 -0.22
N ASP D 399 70.15 16.99 -1.17
CA ASP D 399 68.75 16.82 -0.85
C ASP D 399 68.49 15.34 -0.58
N ARG D 400 68.87 14.90 0.61
CA ARG D 400 68.83 13.49 1.00
C ARG D 400 67.51 12.79 0.64
N LEU D 401 67.62 11.66 -0.03
CA LEU D 401 66.47 10.85 -0.39
C LEU D 401 65.89 10.19 0.86
N THR D 402 64.56 10.16 0.97
CA THR D 402 63.91 9.68 2.18
C THR D 402 62.84 8.61 1.97
N SER D 403 62.32 8.49 0.75
CA SER D 403 61.29 7.49 0.47
C SER D 403 61.30 7.06 -0.99
N VAL D 404 60.54 6.01 -1.29
CA VAL D 404 60.53 5.42 -2.62
C VAL D 404 59.25 4.64 -2.90
N ALA D 405 58.78 4.78 -4.14
CA ALA D 405 57.67 4.01 -4.66
C ALA D 405 57.89 3.90 -6.16
N SER D 406 57.34 2.86 -6.78
CA SER D 406 57.60 2.64 -8.20
C SER D 406 56.46 1.89 -8.87
N TYR D 407 56.32 2.09 -10.17
CA TYR D 407 55.40 1.28 -10.95
C TYR D 407 55.80 1.29 -12.42
N VAL D 408 55.10 0.51 -13.23
CA VAL D 408 55.46 0.40 -14.64
C VAL D 408 54.39 1.03 -15.53
N TYR D 409 54.81 2.01 -16.32
CA TYR D 409 53.93 2.61 -17.33
C TYR D 409 54.50 2.35 -18.71
N ASN D 410 53.73 1.69 -19.56
CA ASN D 410 54.15 1.41 -20.94
C ASN D 410 55.54 0.78 -21.02
N GLY D 411 55.82 -0.16 -20.12
CA GLY D 411 57.10 -0.84 -20.10
C GLY D 411 58.23 -0.05 -19.45
N TYR D 412 57.93 1.17 -19.01
CA TYR D 412 58.94 1.99 -18.35
C TYR D 412 58.78 1.93 -16.84
N SER D 413 59.86 1.62 -16.15
CA SER D 413 59.87 1.69 -14.70
C SER D 413 60.02 3.14 -14.26
N VAL D 414 58.98 3.66 -13.62
CA VAL D 414 58.98 5.02 -13.08
C VAL D 414 59.13 4.97 -11.58
N VAL D 415 60.19 5.58 -11.06
CA VAL D 415 60.47 5.55 -9.63
C VAL D 415 60.30 6.92 -8.99
N PHE D 416 59.46 6.98 -7.96
CA PHE D 416 59.23 8.22 -7.24
C PHE D 416 60.05 8.24 -5.94
N VAL D 417 60.83 9.28 -5.75
CA VAL D 417 61.70 9.35 -4.58
C VAL D 417 61.49 10.64 -3.80
N GLY D 418 61.08 10.51 -2.54
CA GLY D 418 60.90 11.66 -1.68
C GLY D 418 62.23 12.18 -1.17
N THR D 419 62.25 13.46 -0.79
CA THR D 419 63.47 14.07 -0.27
C THR D 419 63.22 14.72 1.09
N LYS D 420 64.30 14.99 1.82
CA LYS D 420 64.20 15.57 3.15
C LYS D 420 63.63 16.98 3.13
N SER D 421 63.61 17.61 1.95
CA SER D 421 63.11 18.98 1.86
C SER D 421 61.71 19.08 1.26
N GLY D 422 61.03 17.93 1.15
CA GLY D 422 59.66 17.93 0.65
C GLY D 422 59.52 17.87 -0.86
N LYS D 423 60.62 17.53 -1.53
CA LYS D 423 60.59 17.37 -2.98
C LYS D 423 60.33 15.92 -3.37
N LEU D 424 59.67 15.75 -4.52
CA LEU D 424 59.44 14.42 -5.07
C LEU D 424 60.11 14.31 -6.44
N LYS D 425 61.05 13.39 -6.57
CA LYS D 425 61.76 13.17 -7.83
C LYS D 425 61.11 12.08 -8.66
N LYS D 426 61.01 12.31 -9.96
CA LYS D 426 60.53 11.28 -10.88
C LYS D 426 61.71 10.74 -11.67
N ILE D 427 62.07 9.49 -11.42
CA ILE D 427 63.21 8.86 -12.06
C ILE D 427 62.74 7.81 -13.06
N ARG D 428 63.25 7.87 -14.28
CA ARG D 428 62.97 6.84 -15.27
C ARG D 428 64.09 5.81 -15.21
N ALA D 429 63.73 4.56 -14.90
CA ALA D 429 64.75 3.53 -14.74
C ALA D 429 65.15 2.87 -16.05
N ASP D 430 66.45 2.95 -16.35
CA ASP D 430 67.04 2.20 -17.45
C ASP D 430 68.24 1.48 -16.86
N GLY D 431 68.60 0.32 -17.41
CA GLY D 431 69.74 -0.41 -16.89
C GLY D 431 71.03 0.36 -17.07
N PRO D 432 72.17 -0.33 -16.98
CA PRO D 432 73.47 0.31 -17.27
C PRO D 432 73.47 0.87 -18.70
N PRO D 433 74.42 1.78 -19.00
CA PRO D 433 75.44 2.28 -18.07
C PRO D 433 74.93 3.44 -17.22
N HIS D 434 73.79 4.00 -17.57
CA HIS D 434 73.27 5.18 -16.88
C HIS D 434 72.57 4.84 -15.57
N GLY D 435 71.74 3.81 -15.59
CA GLY D 435 71.07 3.34 -14.40
C GLY D 435 69.70 3.95 -14.17
N GLY D 436 69.64 5.28 -14.16
CA GLY D 436 68.39 5.97 -13.95
C GLY D 436 68.53 7.43 -14.31
N VAL D 437 67.42 8.07 -14.65
CA VAL D 437 67.44 9.45 -15.06
C VAL D 437 66.28 10.21 -14.43
N GLN D 438 66.60 11.28 -13.72
CA GLN D 438 65.57 12.14 -13.16
C GLN D 438 65.05 13.06 -14.25
N TYR D 439 63.77 12.94 -14.57
CA TYR D 439 63.21 13.78 -15.62
C TYR D 439 62.33 14.87 -15.06
N GLU D 440 62.11 14.84 -13.75
CA GLU D 440 61.35 15.89 -13.09
C GLU D 440 61.50 15.86 -11.57
N MET D 441 61.43 17.03 -10.95
CA MET D 441 61.35 17.13 -9.51
C MET D 441 60.26 18.12 -9.11
N VAL D 442 59.28 17.63 -8.36
CA VAL D 442 58.16 18.46 -7.92
C VAL D 442 58.42 18.96 -6.50
N SER D 443 57.99 20.18 -6.23
CA SER D 443 58.01 20.68 -4.86
C SER D 443 56.65 20.36 -4.25
N VAL D 444 56.60 19.38 -3.36
CA VAL D 444 55.31 18.94 -2.82
C VAL D 444 54.89 19.67 -1.55
N PHE D 445 55.80 19.82 -0.60
CA PHE D 445 55.47 20.50 0.66
C PHE D 445 56.16 21.86 0.78
N LYS D 446 55.35 22.91 0.84
CA LYS D 446 55.87 24.27 0.85
C LYS D 446 56.69 24.56 2.11
N ASP D 447 56.39 23.87 3.20
CA ASP D 447 57.09 24.12 4.46
C ASP D 447 58.43 23.41 4.50
N GLY D 448 58.73 22.66 3.45
CA GLY D 448 59.99 21.95 3.33
C GLY D 448 60.09 20.71 4.20
N SER D 449 58.95 20.25 4.70
CA SER D 449 58.91 19.05 5.54
C SER D 449 59.35 17.81 4.77
N PRO D 450 60.20 16.97 5.39
CA PRO D 450 60.67 15.74 4.76
C PRO D 450 59.51 14.82 4.36
N ILE D 451 59.68 14.11 3.25
CA ILE D 451 58.68 13.13 2.81
C ILE D 451 58.85 11.83 3.58
N LEU D 452 57.76 11.33 4.15
CA LEU D 452 57.81 10.09 4.93
C LEU D 452 57.87 8.86 4.01
N ARG D 453 58.16 7.71 4.61
CA ARG D 453 58.38 6.48 3.88
C ARG D 453 57.16 5.98 3.10
N ASP D 454 55.99 6.02 3.73
CA ASP D 454 54.77 5.47 3.11
C ASP D 454 54.22 6.34 1.98
N MET D 455 54.35 5.84 0.75
CA MET D 455 53.70 6.45 -0.40
C MET D 455 52.90 5.34 -1.08
N ALA D 456 51.74 5.70 -1.63
CA ALA D 456 50.90 4.70 -2.29
C ALA D 456 50.09 5.30 -3.44
N PHE D 457 49.88 4.50 -4.48
CA PHE D 457 49.15 4.93 -5.66
C PHE D 457 47.65 4.83 -5.47
N SER D 458 46.91 5.72 -6.14
CA SER D 458 45.47 5.52 -6.31
C SER D 458 45.27 4.22 -7.07
N ILE D 459 44.06 3.69 -7.05
CA ILE D 459 43.81 2.36 -7.60
C ILE D 459 44.23 2.20 -9.08
N ASN D 460 44.16 3.28 -9.84
CA ASN D 460 44.54 3.23 -11.25
C ASN D 460 45.82 4.02 -11.54
N GLN D 461 46.60 4.27 -10.50
CA GLN D 461 47.94 4.86 -10.63
C GLN D 461 47.99 6.23 -11.32
N LEU D 462 46.90 6.97 -11.27
CA LEU D 462 46.94 8.34 -11.79
C LEU D 462 47.53 9.30 -10.76
N TYR D 463 47.44 8.92 -9.49
CA TYR D 463 47.95 9.74 -8.41
C TYR D 463 48.91 8.97 -7.52
N LEU D 464 49.78 9.70 -6.85
CA LEU D 464 50.62 9.12 -5.80
C LEU D 464 50.41 9.88 -4.51
N TYR D 465 49.93 9.16 -3.49
CA TYR D 465 49.74 9.77 -2.18
C TYR D 465 51.06 9.84 -1.43
N VAL D 466 51.37 11.04 -0.94
CA VAL D 466 52.65 11.30 -0.29
C VAL D 466 52.38 12.07 1.00
N MET D 467 53.19 11.83 2.02
CA MET D 467 52.92 12.44 3.32
C MET D 467 54.15 13.04 4.00
N SER D 468 53.91 14.10 4.75
CA SER D 468 54.88 14.62 5.71
C SER D 468 54.33 14.35 7.11
N GLU D 469 55.04 14.79 8.14
CA GLU D 469 54.53 14.63 9.50
C GLU D 469 53.23 15.39 9.73
N ARG D 470 53.01 16.43 8.93
CA ARG D 470 51.89 17.34 9.14
C ARG D 470 50.82 17.25 8.06
N GLN D 471 51.06 16.46 7.03
CA GLN D 471 50.25 16.59 5.81
C GLN D 471 50.27 15.38 4.87
N VAL D 472 49.09 15.04 4.36
CA VAL D 472 48.97 14.06 3.29
C VAL D 472 48.54 14.79 2.01
N THR D 473 49.24 14.52 0.92
CA THR D 473 48.99 15.20 -0.35
C THR D 473 48.89 14.24 -1.54
N ARG D 474 47.85 14.42 -2.35
CA ARG D 474 47.65 13.59 -3.53
C ARG D 474 48.35 14.22 -4.73
N VAL D 475 49.43 13.60 -5.19
CA VAL D 475 50.25 14.16 -6.26
C VAL D 475 50.04 13.42 -7.58
N PRO D 476 49.59 14.16 -8.62
CA PRO D 476 49.43 13.59 -9.95
C PRO D 476 50.73 12.96 -10.44
N VAL D 477 50.65 11.71 -10.87
CA VAL D 477 51.78 10.99 -11.43
C VAL D 477 52.38 11.76 -12.62
N GLU D 478 51.49 11.68 -13.02
CA GLU D 478 51.90 12.39 -14.22
C GLU D 478 51.32 13.79 -14.29
N SER D 479 52.11 14.73 -14.80
CA SER D 479 51.63 16.08 -15.08
C SER D 479 52.13 16.55 -16.45
N CYS D 480 51.95 15.68 -17.44
CA CYS D 480 52.48 15.91 -18.78
C CYS D 480 52.14 17.28 -19.39
N GLU D 481 50.99 17.83 -19.01
CA GLU D 481 50.53 19.11 -19.53
C GLU D 481 51.53 20.25 -19.28
N GLN D 482 52.51 20.00 -18.43
CA GLN D 482 53.51 21.03 -18.10
C GLN D 482 54.47 21.28 -19.25
N TYR D 483 54.57 20.32 -20.17
CA TYR D 483 55.40 20.47 -21.35
C TYR D 483 54.59 21.07 -22.48
N THR D 484 55.03 22.22 -22.99
CA THR D 484 54.22 23.04 -23.86
C THR D 484 54.59 22.95 -25.34
N THR D 485 55.72 22.29 -25.63
CA THR D 485 56.08 22.03 -27.02
C THR D 485 56.38 20.55 -27.22
N CYS D 486 56.05 20.05 -28.40
CA CYS D 486 56.33 18.67 -28.76
C CYS D 486 57.76 18.29 -28.37
N GLY D 487 58.68 19.23 -28.55
CA GLY D 487 60.08 19.03 -28.21
C GLY D 487 60.31 18.78 -26.74
N GLU D 488 59.77 19.64 -25.89
CA GLU D 488 59.90 19.48 -24.44
C GLU D 488 59.24 18.17 -23.99
N CYS D 489 58.01 17.96 -24.46
CA CYS D 489 57.24 16.79 -24.10
C CYS D 489 57.99 15.50 -24.38
N LEU D 490 58.47 15.34 -25.61
CA LEU D 490 59.08 14.08 -26.03
C LEU D 490 60.57 13.97 -25.77
N SER D 491 61.11 14.88 -24.96
CA SER D 491 62.50 14.79 -24.53
C SER D 491 62.59 14.96 -23.02
N SER D 492 61.44 15.00 -22.35
CA SER D 492 61.39 15.09 -20.90
C SER D 492 61.95 13.81 -20.29
N GLY D 493 61.67 12.69 -20.94
CA GLY D 493 62.10 11.40 -20.44
C GLY D 493 61.02 10.77 -19.59
N ASP D 494 59.82 11.35 -19.63
CA ASP D 494 58.70 10.89 -18.84
C ASP D 494 57.88 9.87 -19.62
N PRO D 495 57.90 8.61 -19.17
CA PRO D 495 57.29 7.47 -19.87
C PRO D 495 55.80 7.67 -20.11
N HIS D 496 55.17 8.54 -19.34
CA HIS D 496 53.73 8.75 -19.49
C HIS D 496 53.40 9.74 -20.61
N CYS D 497 54.37 10.55 -21.02
CA CYS D 497 54.09 11.73 -21.85
C CYS D 497 54.30 11.55 -23.35
N GLY D 498 53.24 11.80 -24.12
CA GLY D 498 53.34 11.89 -25.56
C GLY D 498 52.82 13.23 -26.03
N TRP D 499 52.94 13.52 -27.32
CA TRP D 499 52.47 14.79 -27.86
C TRP D 499 51.17 14.64 -28.65
N CYS D 500 50.12 15.31 -28.19
CA CYS D 500 48.83 15.28 -28.85
C CYS D 500 48.83 16.36 -29.92
N ALA D 501 49.12 15.95 -31.16
CA ALA D 501 49.42 16.87 -32.24
C ALA D 501 48.40 18.00 -32.48
N LEU D 502 47.15 17.65 -32.71
CA LEU D 502 46.15 18.63 -33.13
C LEU D 502 45.66 19.50 -31.98
N HIS D 503 45.79 19.00 -30.76
CA HIS D 503 45.38 19.78 -29.59
C HIS D 503 46.55 20.53 -28.99
N ASN D 504 47.72 20.38 -29.61
CA ASN D 504 48.92 21.08 -29.15
C ASN D 504 49.12 20.87 -27.65
N MET D 505 49.17 19.61 -27.23
CA MET D 505 49.12 19.28 -25.82
C MET D 505 49.97 18.06 -25.48
N CYS D 506 50.71 18.15 -24.38
CA CYS D 506 51.47 17.01 -23.87
C CYS D 506 50.61 16.21 -22.88
N SER D 507 50.35 14.95 -23.19
CA SER D 507 49.45 14.16 -22.35
C SER D 507 49.68 12.66 -22.46
N ARG D 508 48.92 11.90 -21.66
CA ARG D 508 48.85 10.45 -21.79
C ARG D 508 48.15 10.12 -23.10
N ARG D 509 48.47 8.98 -23.69
CA ARG D 509 47.82 8.57 -24.93
C ARG D 509 46.30 8.56 -24.80
N ASP D 510 45.81 7.92 -23.74
CA ASP D 510 44.37 7.80 -23.51
C ASP D 510 43.73 9.14 -23.17
N LYS D 511 44.55 10.15 -22.94
CA LYS D 511 44.05 11.52 -22.74
C LYS D 511 44.02 12.33 -24.04
N CYS D 512 44.60 11.79 -25.10
CA CYS D 512 44.62 12.49 -26.39
C CYS D 512 43.50 12.01 -27.29
N GLN D 513 42.59 12.91 -27.62
CA GLN D 513 41.45 12.58 -28.47
C GLN D 513 41.88 12.16 -29.89
N ARG D 514 41.32 11.06 -30.38
CA ARG D 514 41.63 10.54 -31.71
C ARG D 514 43.09 10.07 -31.84
N ALA D 515 43.68 9.69 -30.73
CA ALA D 515 45.10 9.33 -30.71
C ALA D 515 45.40 8.16 -31.64
N TRP D 516 44.38 7.35 -31.90
CA TRP D 516 44.55 6.14 -32.70
C TRP D 516 44.56 6.44 -34.20
N GLU D 517 44.28 7.70 -34.56
CA GLU D 517 44.26 8.10 -35.97
C GLU D 517 45.61 8.63 -36.42
N ALA D 518 45.86 8.57 -37.73
CA ALA D 518 47.17 8.89 -38.27
C ALA D 518 47.80 10.15 -37.68
N ASN D 519 48.99 9.98 -37.10
CA ASN D 519 49.83 11.11 -36.69
C ASN D 519 49.20 12.06 -35.67
N ARG D 520 48.17 11.59 -34.97
CA ARG D 520 47.52 12.40 -33.94
C ARG D 520 48.33 12.40 -32.65
N PHE D 521 49.16 11.38 -32.46
CA PHE D 521 49.93 11.23 -31.22
C PHE D 521 51.37 10.85 -31.50
N ALA D 522 52.29 11.73 -31.13
CA ALA D 522 53.72 11.46 -31.32
C ALA D 522 54.33 10.88 -30.05
N ALA D 523 54.95 9.72 -30.18
CA ALA D 523 55.60 9.06 -29.04
C ALA D 523 57.11 9.25 -29.11
N SER D 524 57.58 9.83 -30.20
CA SER D 524 59.00 10.02 -30.41
C SER D 524 59.29 11.41 -30.96
N ILE D 525 60.39 12.00 -30.50
CA ILE D 525 60.81 13.31 -30.94
C ILE D 525 60.81 13.44 -32.48
N SER D 526 61.16 12.35 -33.17
CA SER D 526 61.20 12.36 -34.63
C SER D 526 59.81 12.50 -35.26
N GLN D 527 58.77 12.28 -34.46
CA GLN D 527 57.39 12.35 -34.94
C GLN D 527 56.79 13.74 -34.72
N CYS D 528 57.60 14.67 -34.21
CA CYS D 528 57.16 16.05 -34.06
C CYS D 528 57.04 16.72 -35.42
N MET D 529 57.03 18.00 -36.15
CA MET D 529 56.76 18.66 -37.43
C MET D 529 57.57 19.93 -37.59
N SER D 530 57.85 20.26 -38.84
CA SER D 530 58.40 21.56 -39.19
C SER D 530 57.61 22.09 -40.37
N LEU D 531 57.68 23.39 -40.60
CA LEU D 531 56.88 24.02 -41.65
C LEU D 531 57.78 24.79 -42.62
N GLU D 532 57.68 24.44 -43.90
CA GLU D 532 58.44 25.15 -44.94
C GLU D 532 57.52 26.00 -45.81
N VAL D 533 57.89 27.27 -45.98
CA VAL D 533 57.09 28.22 -46.76
C VAL D 533 57.89 28.76 -47.93
N HIS D 534 57.26 28.81 -49.10
CA HIS D 534 57.88 29.49 -50.23
C HIS D 534 56.87 30.36 -50.99
N PRO D 535 57.18 31.65 -51.14
CA PRO D 535 58.40 32.26 -50.58
C PRO D 535 58.28 32.43 -49.08
N ASN D 536 59.41 32.61 -48.39
CA ASN D 536 59.38 32.80 -46.94
C ASN D 536 59.33 34.28 -46.57
N SER D 537 59.21 35.12 -47.58
CA SER D 537 59.09 36.56 -47.40
C SER D 537 58.55 37.22 -48.66
N ILE D 538 57.72 38.25 -48.48
CA ILE D 538 57.17 38.98 -49.61
C ILE D 538 57.20 40.49 -49.39
N SER D 539 57.23 41.23 -50.49
CA SER D 539 57.11 42.68 -50.43
C SER D 539 55.75 43.01 -49.84
N VAL D 540 55.71 44.04 -48.99
CA VAL D 540 54.46 44.49 -48.40
C VAL D 540 53.44 44.89 -49.48
N SER D 541 53.94 45.41 -50.60
CA SER D 541 53.08 45.83 -51.70
C SER D 541 52.57 44.63 -52.51
N ASP D 542 53.23 43.48 -52.33
CA ASP D 542 52.89 42.28 -53.07
C ASP D 542 51.88 41.46 -52.29
N HIS D 543 50.68 42.02 -52.12
CA HIS D 543 49.65 41.39 -51.30
C HIS D 543 48.88 40.31 -52.04
N SER D 544 48.08 39.55 -51.30
CA SER D 544 47.25 38.49 -51.89
C SER D 544 48.08 37.50 -52.70
N ARG D 545 49.29 37.22 -52.22
CA ARG D 545 50.14 36.21 -52.85
C ARG D 545 49.67 34.81 -52.49
N LEU D 546 49.92 33.87 -53.39
CA LEU D 546 49.75 32.46 -53.10
C LEU D 546 51.06 31.95 -52.51
N LEU D 547 51.00 31.28 -51.36
CA LEU D 547 52.19 30.72 -50.75
C LEU D 547 52.11 29.20 -50.74
N SER D 548 53.25 28.54 -50.84
CA SER D 548 53.30 27.10 -50.77
C SER D 548 53.87 26.65 -49.43
N LEU D 549 53.01 26.08 -48.60
CA LEU D 549 53.39 25.57 -47.28
C LEU D 549 53.55 24.06 -47.33
N VAL D 550 54.69 23.57 -46.86
CA VAL D 550 54.89 22.13 -46.75
C VAL D 550 55.08 21.74 -45.28
N VAL D 551 54.32 20.75 -44.83
CA VAL D 551 54.41 20.27 -43.46
C VAL D 551 55.18 18.96 -43.39
N ASN D 552 56.39 19.02 -42.83
CA ASN D 552 57.20 17.83 -42.67
C ASN D 552 56.72 16.96 -41.51
N ASP D 553 56.74 15.64 -41.70
CA ASP D 553 56.38 14.71 -40.64
C ASP D 553 54.96 14.95 -40.15
N ALA D 554 54.09 15.31 -41.08
CA ALA D 554 52.71 15.62 -40.72
C ALA D 554 51.81 14.38 -40.78
N PRO D 555 50.66 14.46 -40.10
CA PRO D 555 49.62 13.44 -40.19
C PRO D 555 48.65 13.85 -41.29
N ASN D 556 47.59 13.07 -41.48
CA ASN D 556 46.56 13.46 -42.43
C ASN D 556 46.03 14.86 -42.12
N LEU D 557 46.17 15.77 -43.08
CA LEU D 557 45.65 17.12 -42.93
C LEU D 557 44.35 17.28 -43.70
N SER D 558 43.93 16.22 -44.39
CA SER D 558 42.82 16.30 -45.34
C SER D 558 41.51 16.80 -44.74
N GLU D 559 41.39 16.77 -43.42
CA GLU D 559 40.17 17.24 -42.78
C GLU D 559 39.99 18.73 -43.00
N GLY D 560 41.09 19.44 -43.21
CA GLY D 560 41.07 20.86 -43.44
C GLY D 560 42.18 21.60 -42.71
N ILE D 561 42.68 22.66 -43.33
CA ILE D 561 43.71 23.49 -42.74
C ILE D 561 43.39 24.96 -42.97
N ALA D 562 43.70 25.80 -41.99
CA ALA D 562 43.56 27.24 -42.13
C ALA D 562 44.90 27.88 -41.80
N CYS D 563 45.24 28.95 -42.52
CA CYS D 563 46.47 29.67 -42.27
C CYS D 563 46.20 30.92 -41.45
N ALA D 564 46.98 31.10 -40.38
CA ALA D 564 46.86 32.29 -39.56
C ALA D 564 48.13 33.11 -39.66
N PHE D 565 47.99 34.34 -40.13
CA PHE D 565 49.12 35.27 -40.21
C PHE D 565 49.13 36.12 -38.96
N GLY D 566 49.88 35.68 -37.95
CA GLY D 566 49.86 36.34 -36.66
C GLY D 566 48.44 36.64 -36.24
N ASN D 567 48.19 37.87 -35.79
CA ASN D 567 46.84 38.33 -35.47
C ASN D 567 46.08 38.78 -36.70
N LEU D 568 46.82 39.08 -37.75
CA LEU D 568 46.29 39.79 -38.91
C LEU D 568 45.16 39.07 -39.65
N THR D 569 45.35 37.77 -39.87
CA THR D 569 44.50 37.06 -40.83
C THR D 569 44.35 35.58 -40.51
N GLU D 570 43.22 35.02 -40.91
CA GLU D 570 43.05 33.57 -40.95
C GLU D 570 42.17 33.17 -42.13
N VAL D 571 42.78 32.50 -43.10
CA VAL D 571 42.06 32.08 -44.29
C VAL D 571 42.15 30.58 -44.49
N GLU D 572 41.11 30.00 -45.08
CA GLU D 572 41.09 28.57 -45.35
C GLU D 572 42.12 28.21 -46.41
N GLY D 573 42.97 27.24 -46.09
CA GLY D 573 43.99 26.78 -47.01
C GLY D 573 43.50 25.66 -47.90
N GLN D 574 44.18 25.47 -49.03
CA GLN D 574 43.91 24.36 -49.92
C GLN D 574 44.90 23.24 -49.60
N VAL D 575 44.40 22.03 -49.36
CA VAL D 575 45.25 20.93 -48.92
C VAL D 575 45.42 19.81 -49.96
N SER D 576 46.69 19.50 -50.26
CA SER D 576 47.03 18.37 -51.10
C SER D 576 48.18 17.64 -50.42
N GLY D 577 47.88 16.51 -49.78
CA GLY D 577 48.88 15.79 -49.02
C GLY D 577 49.44 16.64 -47.90
N SER D 578 50.77 16.73 -47.83
CA SER D 578 51.41 17.54 -46.82
C SER D 578 51.69 18.96 -47.33
N GLN D 579 51.05 19.32 -48.44
CA GLN D 579 51.21 20.66 -48.98
C GLN D 579 49.97 21.50 -48.76
N VAL D 580 50.18 22.73 -48.27
CA VAL D 580 49.10 23.67 -48.07
C VAL D 580 49.37 24.93 -48.87
N ILE D 581 48.32 25.45 -49.51
CA ILE D 581 48.42 26.68 -50.26
C ILE D 581 47.46 27.71 -49.67
N CYS D 582 47.98 28.91 -49.42
CA CYS D 582 47.18 29.93 -48.78
C CYS D 582 47.44 31.31 -49.35
N ILE D 583 46.42 32.16 -49.27
CA ILE D 583 46.51 33.53 -49.76
C ILE D 583 47.01 34.46 -48.65
N SER D 584 48.04 35.24 -48.96
CA SER D 584 48.62 36.16 -48.00
C SER D 584 47.68 37.35 -47.77
N PRO D 585 47.87 38.07 -46.66
CA PRO D 585 46.97 39.16 -46.29
C PRO D 585 46.74 40.16 -47.41
N GLY D 586 45.53 40.71 -47.48
CA GLY D 586 45.19 41.74 -48.45
C GLY D 586 45.64 43.12 -47.99
N PRO D 587 45.56 44.11 -48.90
CA PRO D 587 46.06 45.47 -48.70
C PRO D 587 45.70 46.05 -47.34
N LYS D 588 44.44 45.95 -46.93
CA LYS D 588 44.00 46.49 -45.65
C LYS D 588 44.68 45.80 -44.47
N ASP D 589 45.02 44.52 -44.64
CA ASP D 589 45.45 43.71 -43.51
C ASP D 589 46.96 43.51 -43.36
N VAL D 590 47.73 43.89 -44.38
CA VAL D 590 49.18 43.76 -44.29
C VAL D 590 49.72 44.66 -43.18
N PRO D 591 50.78 44.22 -42.51
CA PRO D 591 51.38 44.97 -41.39
C PRO D 591 52.05 46.24 -41.88
N VAL D 592 52.24 47.19 -40.98
CA VAL D 592 53.03 48.38 -41.29
C VAL D 592 54.44 48.20 -40.73
N ILE D 593 55.44 48.64 -41.50
CA ILE D 593 56.83 48.42 -41.13
C ILE D 593 57.40 49.60 -40.34
N PRO D 594 58.08 49.31 -39.22
CA PRO D 594 58.81 50.30 -38.41
C PRO D 594 60.13 50.68 -39.06
N LEU D 595 60.30 51.95 -39.41
CA LEU D 595 61.54 52.40 -40.05
C LEU D 595 62.61 52.65 -38.99
N ASP D 598 62.69 48.20 -42.12
CA ASP D 598 62.91 47.55 -43.42
C ASP D 598 62.01 46.33 -43.59
N TRP D 599 61.80 45.59 -42.51
CA TRP D 599 60.96 44.40 -42.57
C TRP D 599 60.13 44.24 -41.31
N PHE D 600 59.30 43.20 -41.30
CA PHE D 600 58.41 42.93 -40.19
C PHE D 600 58.06 41.45 -40.19
N GLY D 601 58.48 40.74 -39.16
CA GLY D 601 58.24 39.32 -39.06
C GLY D 601 57.00 38.98 -38.24
N LEU D 602 56.41 37.83 -38.53
CA LEU D 602 55.32 37.30 -37.73
C LEU D 602 55.27 35.78 -37.89
N GLU D 603 54.52 35.12 -37.02
CA GLU D 603 54.40 33.68 -37.09
C GLU D 603 53.23 33.29 -37.98
N LEU D 604 53.53 32.56 -39.04
CA LEU D 604 52.52 31.98 -39.91
C LEU D 604 52.16 30.62 -39.34
N GLN D 605 50.88 30.40 -39.11
CA GLN D 605 50.42 29.24 -38.37
C GLN D 605 49.35 28.47 -39.11
N LEU D 606 49.34 27.15 -38.91
CA LEU D 606 48.30 26.29 -39.44
C LEU D 606 47.38 25.80 -38.33
N ARG D 607 46.08 25.97 -38.53
CA ARG D 607 45.08 25.42 -37.61
C ARG D 607 44.43 24.21 -38.24
N SER D 608 44.42 23.10 -37.51
CA SER D 608 43.76 21.88 -37.94
C SER D 608 42.24 22.06 -37.83
N LYS D 609 41.53 21.77 -38.92
CA LYS D 609 40.07 21.84 -38.88
C LYS D 609 39.49 20.64 -38.13
N GLU D 610 40.24 19.54 -38.10
CA GLU D 610 39.80 18.34 -37.38
C GLU D 610 39.72 18.60 -35.88
N THR D 611 40.74 19.28 -35.35
CA THR D 611 40.85 19.46 -33.90
C THR D 611 40.56 20.89 -33.47
N GLY D 612 40.80 21.85 -34.37
CA GLY D 612 40.56 23.25 -34.08
C GLY D 612 41.79 23.94 -33.50
N LYS D 613 42.91 23.23 -33.46
CA LYS D 613 44.11 23.72 -32.80
C LYS D 613 45.22 24.11 -33.77
N ILE D 614 45.90 25.21 -33.47
CA ILE D 614 47.16 25.55 -34.11
C ILE D 614 48.20 24.53 -33.69
N PHE D 615 48.89 23.92 -34.65
CA PHE D 615 49.80 22.83 -34.32
C PHE D 615 51.21 22.99 -34.91
N VAL D 616 51.37 23.93 -35.84
CA VAL D 616 52.69 24.24 -36.39
C VAL D 616 52.81 25.71 -36.74
N SER D 617 54.04 26.19 -36.85
CA SER D 617 54.28 27.58 -37.14
C SER D 617 55.67 27.78 -37.73
N THR D 618 55.88 28.92 -38.35
CA THR D 618 57.21 29.32 -38.82
C THR D 618 57.19 30.81 -39.10
N GLU D 619 58.38 31.42 -39.15
CA GLU D 619 58.46 32.85 -39.36
C GLU D 619 58.17 33.24 -40.81
N PHE D 620 57.37 34.29 -40.97
CA PHE D 620 57.09 34.86 -42.27
C PHE D 620 57.31 36.37 -42.20
N LYS D 621 58.09 36.90 -43.14
CA LYS D 621 58.51 38.31 -43.07
C LYS D 621 57.99 39.13 -44.24
N PHE D 622 57.54 40.34 -43.94
CA PHE D 622 57.14 41.31 -44.95
C PHE D 622 58.24 42.36 -45.06
N TYR D 623 58.58 42.77 -46.28
CA TYR D 623 59.62 43.78 -46.45
C TYR D 623 59.19 44.96 -47.31
N ASN D 624 59.92 46.06 -47.16
CA ASN D 624 59.64 47.30 -47.86
C ASN D 624 60.87 47.75 -48.62
N CYS D 625 60.93 47.41 -49.51
CA CYS D 625 62.05 47.85 -50.34
C CYS D 625 62.13 49.38 -50.40
N SER D 626 60.97 50.03 -50.39
CA SER D 626 60.92 51.49 -50.46
C SER D 626 61.66 52.13 -49.28
N ALA D 627 61.86 51.36 -48.23
CA ALA D 627 62.57 51.84 -47.04
C ALA D 627 64.00 52.26 -47.38
N HIS D 628 64.57 51.63 -48.39
CA HIS D 628 65.91 51.98 -48.85
C HIS D 628 65.82 53.08 -49.89
N GLN D 629 66.67 54.10 -49.75
CA GLN D 629 66.62 55.25 -50.65
C GLN D 629 67.97 55.56 -51.27
N LEU D 630 68.89 54.62 -51.15
CA LEU D 630 70.18 54.69 -51.83
C LEU D 630 70.43 53.35 -52.50
N CYS D 631 71.10 53.36 -53.65
CA CYS D 631 71.32 52.14 -54.41
C CYS D 631 71.98 51.05 -53.56
N LEU D 632 73.11 51.38 -52.96
CA LEU D 632 73.86 50.42 -52.15
C LEU D 632 73.00 49.84 -51.02
N SER D 633 72.19 50.69 -50.40
CA SER D 633 71.29 50.27 -49.34
C SER D 633 70.26 49.28 -49.87
N CYS D 634 69.61 49.65 -50.97
CA CYS D 634 68.59 48.80 -51.60
C CYS D 634 69.16 47.44 -52.01
N VAL D 635 70.28 47.48 -52.71
CA VAL D 635 70.89 46.26 -53.24
C VAL D 635 71.32 45.29 -52.14
N ASN D 636 71.92 45.82 -51.09
CA ASN D 636 72.46 44.99 -50.02
C ASN D 636 71.41 44.55 -49.00
N SER D 637 70.17 44.91 -49.25
CA SER D 637 69.07 44.48 -48.37
C SER D 637 69.13 42.96 -48.20
N ALA D 638 68.67 42.48 -47.05
CA ALA D 638 68.61 41.06 -46.80
C ALA D 638 67.52 40.43 -47.66
N PHE D 639 66.57 41.25 -48.10
CA PHE D 639 65.46 40.78 -48.92
C PHE D 639 65.67 41.12 -50.38
N ARG D 640 64.85 40.55 -51.25
CA ARG D 640 64.99 40.74 -52.69
C ARG D 640 64.48 42.11 -53.16
N CYS D 641 65.40 43.07 -53.21
CA CYS D 641 65.06 44.42 -53.65
C CYS D 641 65.86 44.79 -54.89
N HIS D 642 65.31 45.69 -55.69
CA HIS D 642 65.97 46.13 -56.92
C HIS D 642 65.99 47.65 -56.98
N TRP D 643 67.14 48.20 -57.33
CA TRP D 643 67.26 49.64 -57.50
C TRP D 643 66.93 50.05 -58.93
N CYS D 644 65.95 50.94 -59.08
CA CYS D 644 65.61 51.49 -60.39
C CYS D 644 66.48 52.70 -60.67
N LYS D 645 67.52 52.48 -61.46
CA LYS D 645 68.51 53.51 -61.77
C LYS D 645 67.89 54.86 -62.08
N TYR D 646 66.99 54.89 -63.06
CA TYR D 646 66.41 56.14 -63.55
C TYR D 646 65.32 56.70 -62.63
N ARG D 647 64.39 55.84 -62.24
CA ARG D 647 63.31 56.27 -61.34
C ARG D 647 63.88 56.64 -59.98
N ASN D 648 65.13 56.28 -59.75
CA ASN D 648 65.82 56.60 -58.50
C ASN D 648 65.06 56.13 -57.27
N LEU D 649 64.72 54.85 -57.22
CA LEU D 649 64.05 54.26 -56.06
C LEU D 649 64.29 52.76 -55.92
N CYS D 650 64.05 52.25 -54.72
CA CYS D 650 64.18 50.82 -54.46
C CYS D 650 62.81 50.15 -54.55
N THR D 651 62.76 48.98 -55.18
CA THR D 651 61.49 48.28 -55.39
C THR D 651 61.66 46.78 -55.26
N HIS D 652 60.55 46.07 -55.10
CA HIS D 652 60.55 44.61 -55.07
C HIS D 652 60.21 44.09 -56.46
N ASP D 653 59.55 44.93 -57.26
CA ASP D 653 59.06 44.52 -58.58
C ASP D 653 59.84 45.21 -59.70
N PRO D 654 60.84 44.51 -60.24
CA PRO D 654 61.77 45.06 -61.25
C PRO D 654 61.06 45.58 -62.49
N THR D 655 59.87 45.07 -62.77
CA THR D 655 59.13 45.49 -63.97
C THR D 655 58.54 46.90 -63.82
N THR D 656 58.80 47.54 -62.68
CA THR D 656 58.31 48.89 -62.45
C THR D 656 59.41 49.93 -62.65
N CYS D 657 60.63 49.46 -62.86
CA CYS D 657 61.71 50.35 -63.28
C CYS D 657 61.29 50.98 -64.62
N SER D 658 61.79 52.17 -64.91
CA SER D 658 61.38 52.89 -66.11
C SER D 658 61.79 52.17 -67.39
N PHE D 659 63.07 51.83 -67.50
CA PHE D 659 63.56 51.03 -68.61
C PHE D 659 64.24 49.77 -68.08
N GLN D 660 64.22 48.72 -68.87
CA GLN D 660 64.88 47.48 -68.52
C GLN D 660 66.35 47.73 -68.18
N GLU D 661 66.92 48.78 -68.76
CA GLU D 661 68.31 49.14 -68.53
C GLU D 661 68.53 49.78 -67.15
N GLY D 662 67.44 50.20 -66.51
CA GLY D 662 67.54 50.85 -65.23
C GLY D 662 67.70 49.92 -64.04
N ARG D 663 67.44 48.64 -64.25
CA ARG D 663 67.49 47.65 -63.16
C ARG D 663 68.90 47.42 -62.65
N ILE D 664 69.10 47.63 -61.35
CA ILE D 664 70.37 47.32 -60.70
C ILE D 664 70.14 46.34 -59.55
N ASN D 665 70.89 45.25 -59.54
CA ASN D 665 70.70 44.18 -58.56
C ASN D 665 71.87 44.05 -57.60
N VAL D 666 73.07 44.32 -58.10
CA VAL D 666 74.28 44.20 -57.30
C VAL D 666 74.88 45.58 -57.03
N SER D 667 75.57 45.72 -55.90
CA SER D 667 76.13 47.00 -55.50
C SER D 667 77.30 47.41 -56.39
N GLU D 668 77.94 46.42 -57.02
CA GLU D 668 79.11 46.69 -57.82
C GLU D 668 78.86 47.77 -58.89
N ASP D 669 77.66 47.78 -59.44
CA ASP D 669 77.31 48.78 -60.45
C ASP D 669 76.31 49.82 -59.91
N CYS D 670 76.56 50.28 -58.69
CA CYS D 670 75.79 51.38 -58.10
C CYS D 670 76.48 52.71 -58.36
N PRO D 671 75.22 53.19 -58.54
CA PRO D 671 75.85 54.48 -58.86
C PRO D 671 76.13 55.30 -57.61
N GLN D 672 79.35 55.86 -56.86
CA GLN D 672 80.05 55.95 -55.62
C GLN D 672 81.10 57.01 -55.74
N LEU D 673 81.61 57.50 -54.59
CA LEU D 673 82.64 58.51 -54.64
C LEU D 673 83.95 57.87 -54.27
N VAL D 674 84.96 58.01 -55.16
CA VAL D 674 86.27 57.46 -54.95
C VAL D 674 87.12 58.45 -54.22
N PRO D 675 88.02 57.95 -53.42
CA PRO D 675 88.90 58.79 -52.64
C PRO D 675 90.07 59.33 -53.39
N THR D 676 90.58 60.48 -52.92
CA THR D 676 91.75 61.12 -53.46
C THR D 676 92.57 61.48 -52.26
N GLU D 677 93.72 62.16 -52.46
CA GLU D 677 94.51 62.54 -51.33
C GLU D 677 93.62 63.39 -50.48
N GLU D 678 93.87 63.43 -49.16
CA GLU D 678 93.00 64.07 -48.21
C GLU D 678 92.59 65.44 -48.66
N ILE D 679 91.30 65.77 -48.44
CA ILE D 679 90.79 67.04 -48.85
C ILE D 679 91.02 68.01 -47.72
N LEU D 680 91.94 68.96 -47.96
CA LEU D 680 92.28 69.92 -46.94
C LEU D 680 91.56 71.20 -47.24
N ILE D 681 90.84 71.75 -46.23
CA ILE D 681 90.16 73.00 -46.47
C ILE D 681 90.43 73.96 -45.34
N PRO D 682 91.01 75.09 -45.67
CA PRO D 682 91.26 76.11 -44.69
C PRO D 682 89.99 76.87 -44.44
N VAL D 683 89.79 77.39 -43.21
CA VAL D 683 88.60 78.13 -42.95
C VAL D 683 88.80 79.54 -43.44
N GLY D 684 87.78 80.10 -44.10
CA GLY D 684 87.80 81.47 -44.54
C GLY D 684 88.60 81.64 -45.81
N GLU D 685 88.79 80.57 -46.60
CA GLU D 685 89.49 80.75 -47.85
C GLU D 685 88.66 80.20 -48.95
N VAL D 686 88.63 80.91 -50.10
CA VAL D 686 87.84 80.48 -51.22
C VAL D 686 88.58 79.38 -51.92
N LYS D 687 87.99 78.18 -52.01
CA LYS D 687 88.67 77.11 -52.69
C LYS D 687 87.67 76.19 -53.33
N PRO D 688 88.06 75.63 -54.45
CA PRO D 688 87.27 74.62 -55.11
C PRO D 688 87.63 73.27 -54.56
N ILE D 689 86.71 72.28 -54.60
CA ILE D 689 87.06 70.98 -54.11
C ILE D 689 86.78 69.99 -55.20
N THR D 690 87.83 69.52 -55.91
CA THR D 690 87.60 68.59 -56.98
C THR D 690 87.44 67.23 -56.38
N LEU D 691 86.52 66.43 -56.96
CA LEU D 691 86.34 65.09 -56.49
C LEU D 691 86.39 64.15 -57.65
N LYS D 692 86.66 62.86 -57.34
CA LYS D 692 86.65 61.81 -58.31
C LYS D 692 85.58 60.86 -57.86
N ALA D 693 85.06 60.00 -58.77
CA ALA D 693 83.99 59.11 -58.42
C ALA D 693 83.79 58.15 -59.56
N ARG D 694 82.70 57.34 -59.51
CA ARG D 694 82.43 56.40 -60.57
C ARG D 694 80.95 56.35 -60.87
N ASN D 695 80.63 56.11 -62.15
CA ASN D 695 79.28 55.90 -62.63
C ASN D 695 78.32 56.92 -62.14
N LEU D 696 78.67 58.22 -62.21
CA LEU D 696 77.75 59.27 -61.85
C LEU D 696 76.71 59.35 -62.93
N PRO D 697 75.46 59.40 -62.54
CA PRO D 697 74.37 59.43 -63.49
C PRO D 697 74.16 60.76 -64.14
N GLN D 698 73.64 60.76 -65.39
CA GLN D 698 73.30 62.02 -65.99
C GLN D 698 71.88 62.24 -65.59
N PRO D 699 71.65 63.34 -64.92
CA PRO D 699 70.33 63.64 -64.44
C PRO D 699 69.38 63.59 -65.60
N GLN D 700 68.22 62.94 -65.40
CA GLN D 700 67.27 62.79 -66.46
C GLN D 700 66.25 63.87 -66.37
N SER D 701 65.20 63.76 -67.21
CA SER D 701 64.22 64.78 -67.28
C SER D 701 63.59 64.99 -65.94
N GLY D 702 63.37 66.27 -65.58
CA GLY D 702 62.72 66.64 -64.36
C GLY D 702 63.67 66.48 -63.23
N GLN D 703 64.98 66.33 -63.51
CA GLN D 703 65.89 66.13 -62.42
C GLN D 703 66.92 67.21 -62.42
N ARG D 704 67.28 67.71 -61.22
CA ARG D 704 68.22 68.79 -61.09
C ARG D 704 69.63 68.26 -61.00
N GLY D 705 70.59 69.19 -60.86
CA GLY D 705 72.00 68.90 -60.83
C GLY D 705 72.50 68.60 -59.45
N TYR D 706 73.84 68.55 -59.32
CA TYR D 706 74.58 68.12 -58.15
C TYR D 706 74.95 69.24 -57.23
N GLU D 707 75.00 68.92 -55.92
CA GLU D 707 75.39 69.86 -54.90
C GLU D 707 76.25 69.13 -53.91
N CYS D 708 77.05 69.88 -53.13
CA CYS D 708 77.81 69.23 -52.09
C CYS D 708 77.33 69.80 -50.80
N VAL D 709 76.99 68.91 -49.84
CA VAL D 709 76.50 69.34 -48.58
C VAL D 709 77.52 69.00 -47.54
N LEU D 710 77.89 70.00 -46.72
CA LEU D 710 78.86 69.76 -45.70
C LEU D 710 78.12 69.72 -44.40
N SER D 711 78.32 68.64 -43.62
CA SER D 711 77.61 68.55 -42.39
C SER D 711 78.51 69.06 -41.31
N ILE D 712 78.38 70.37 -41.02
CA ILE D 712 79.12 71.01 -39.98
C ILE D 712 78.09 71.40 -38.97
N GLN D 713 78.33 71.05 -37.70
CA GLN D 713 77.35 71.28 -36.68
C GLN D 713 77.04 72.74 -36.64
N GLY D 714 78.09 73.60 -36.67
CA GLY D 714 77.86 75.00 -36.57
C GLY D 714 77.09 75.49 -37.75
N ALA D 715 77.52 75.11 -38.97
CA ALA D 715 76.78 75.58 -40.11
C ALA D 715 76.95 74.58 -41.21
N VAL D 716 75.84 74.26 -41.91
CA VAL D 716 75.88 73.34 -43.00
C VAL D 716 75.82 74.14 -44.25
N HIS D 717 76.77 73.91 -45.18
CA HIS D 717 76.80 74.72 -46.37
C HIS D 717 76.32 73.93 -47.55
N ARG D 718 75.51 74.57 -48.41
CA ARG D 718 75.04 73.93 -49.60
C ARG D 718 75.69 74.61 -50.76
N VAL D 719 76.56 73.89 -51.49
CA VAL D 719 77.22 74.47 -52.63
C VAL D 719 76.92 73.63 -53.83
N PRO D 720 76.47 74.25 -54.88
CA PRO D 720 76.16 73.53 -56.09
C PRO D 720 77.41 73.11 -56.80
N ALA D 721 77.36 72.04 -57.59
CA ALA D 721 78.55 71.55 -58.23
C ALA D 721 78.23 71.14 -59.63
N LEU D 722 79.29 70.82 -60.42
CA LEU D 722 79.07 70.42 -61.79
C LEU D 722 79.63 69.05 -61.98
N ARG D 723 78.88 68.14 -62.65
CA ARG D 723 79.45 66.85 -62.89
C ARG D 723 79.99 66.87 -64.28
N PHE D 724 81.32 66.81 -64.39
CA PHE D 724 82.00 66.89 -65.65
C PHE D 724 81.70 65.67 -66.45
N ASN D 725 81.81 64.50 -65.82
CA ASN D 725 81.57 63.26 -66.50
C ASN D 725 81.24 62.25 -65.45
N SER D 726 81.19 60.97 -65.84
CA SER D 726 80.79 59.93 -64.94
C SER D 726 81.75 59.86 -63.78
N SER D 727 83.04 60.23 -64.01
CA SER D 727 84.08 60.12 -63.02
C SER D 727 84.42 61.34 -62.18
N SER D 728 83.94 62.58 -62.45
CA SER D 728 84.49 63.67 -61.65
C SER D 728 83.45 64.68 -61.24
N VAL D 729 83.70 65.38 -60.11
CA VAL D 729 82.77 66.37 -59.60
C VAL D 729 83.58 67.54 -59.06
N GLN D 730 82.94 68.70 -58.79
CA GLN D 730 83.66 69.81 -58.21
C GLN D 730 82.71 70.82 -57.63
N CYS D 731 82.87 71.13 -56.32
CA CYS D 731 82.09 72.15 -55.65
C CYS D 731 82.67 73.45 -56.09
N GLN D 732 81.84 74.51 -56.19
CA GLN D 732 82.33 75.77 -56.67
C GLN D 732 82.99 76.55 -55.59
N ASN D 733 83.77 77.57 -56.01
CA ASN D 733 84.57 78.38 -55.12
C ASN D 733 83.73 78.90 -54.00
N SER D 734 84.15 78.59 -52.76
CA SER D 734 83.45 79.04 -51.59
C SER D 734 84.37 78.91 -50.41
N SER D 735 84.01 79.55 -49.27
CA SER D 735 84.80 79.51 -48.06
C SER D 735 83.95 78.90 -46.98
N TYR D 736 84.58 78.24 -45.99
CA TYR D 736 83.85 77.53 -44.98
C TYR D 736 84.34 77.93 -43.62
N GLN D 737 83.48 77.79 -42.58
CA GLN D 737 83.93 78.15 -41.25
C GLN D 737 83.10 77.42 -40.23
N TYR D 738 83.64 77.28 -39.00
CA TYR D 738 82.91 76.72 -37.90
C TYR D 738 83.19 77.56 -36.70
N ASP D 739 82.24 77.62 -35.74
CA ASP D 739 82.44 78.45 -34.59
C ASP D 739 82.98 77.60 -33.47
N GLY D 740 83.88 78.19 -32.66
CA GLY D 740 84.42 77.48 -31.53
C GLY D 740 85.89 77.71 -31.37
N MET D 741 86.71 77.53 -32.41
CA MET D 741 88.13 77.76 -32.31
C MET D 741 88.70 76.81 -31.30
N ASP D 742 87.94 75.75 -30.96
CA ASP D 742 88.33 74.74 -30.04
C ASP D 742 89.28 73.71 -30.62
N ILE D 743 89.08 73.30 -31.89
CA ILE D 743 89.88 72.25 -32.46
C ILE D 743 90.44 72.68 -33.77
N SER D 744 91.76 72.44 -33.98
CA SER D 744 92.43 72.81 -35.19
C SER D 744 91.97 71.98 -36.35
N ASN D 745 91.93 70.65 -36.19
CA ASN D 745 91.60 69.81 -37.31
C ASN D 745 90.25 69.19 -37.07
N LEU D 746 89.25 69.59 -37.89
CA LEU D 746 87.92 69.06 -37.74
C LEU D 746 87.53 68.36 -39.01
N ALA D 747 87.37 67.03 -38.95
CA ALA D 747 86.93 66.30 -40.12
C ALA D 747 85.44 66.45 -40.20
N VAL D 748 84.90 66.64 -41.42
CA VAL D 748 83.48 66.82 -41.55
C VAL D 748 82.93 65.89 -42.58
N ASP D 749 81.80 65.24 -42.26
CA ASP D 749 81.20 64.37 -43.23
C ASP D 749 80.60 65.21 -44.31
N PHE D 750 80.78 64.79 -45.58
CA PHE D 750 80.17 65.53 -46.65
C PHE D 750 79.30 64.58 -47.41
N ALA D 751 78.15 65.09 -47.91
CA ALA D 751 77.28 64.26 -48.70
C ALA D 751 77.13 64.91 -50.04
N VAL D 752 77.25 64.11 -51.11
CA VAL D 752 77.09 64.62 -52.45
C VAL D 752 75.70 64.28 -52.87
N VAL D 753 74.90 65.30 -53.20
CA VAL D 753 73.51 65.07 -53.52
C VAL D 753 73.22 65.60 -54.89
N TRP D 754 72.19 65.01 -55.53
CA TRP D 754 71.71 65.52 -56.78
C TRP D 754 70.22 65.38 -56.76
N ASN D 755 69.53 66.26 -57.51
CA ASN D 755 68.09 66.26 -57.59
C ASN D 755 67.49 66.48 -56.24
N GLY D 756 68.22 67.19 -55.34
CA GLY D 756 67.66 67.66 -54.11
C GLY D 756 67.86 66.72 -52.96
N ASN D 757 67.60 65.41 -53.13
CA ASN D 757 67.69 64.60 -51.95
C ASN D 757 68.34 63.28 -52.26
N PHE D 758 68.75 63.04 -53.53
CA PHE D 758 69.35 61.76 -53.81
C PHE D 758 70.79 61.87 -53.40
N ILE D 759 71.21 61.07 -52.40
CA ILE D 759 72.56 61.16 -51.94
C ILE D 759 73.33 60.01 -52.52
N ILE D 760 74.48 60.35 -53.13
CA ILE D 760 75.36 59.39 -53.75
C ILE D 760 76.04 58.64 -52.65
N ASP D 761 76.28 57.33 -52.84
CA ASP D 761 76.89 56.55 -51.79
C ASP D 761 78.33 56.90 -51.60
N ASN D 762 78.79 56.86 -50.32
CA ASN D 762 80.16 57.14 -50.00
C ASN D 762 80.67 56.01 -49.13
N PRO D 763 81.18 54.97 -49.73
CA PRO D 763 81.69 53.80 -49.05
C PRO D 763 82.83 54.08 -48.11
N GLN D 764 83.82 54.85 -48.59
CA GLN D 764 85.01 55.22 -47.86
C GLN D 764 84.60 56.17 -46.77
N ASP D 765 83.45 56.84 -46.98
CA ASP D 765 82.98 57.86 -46.07
C ASP D 765 83.98 58.96 -46.04
N LEU D 766 84.31 59.48 -47.25
CA LEU D 766 85.28 60.53 -47.41
C LEU D 766 84.81 61.76 -46.70
N LYS D 767 85.74 62.47 -46.05
CA LYS D 767 85.38 63.65 -45.32
C LYS D 767 86.29 64.78 -45.69
N VAL D 768 85.85 66.01 -45.37
CA VAL D 768 86.62 67.18 -45.65
C VAL D 768 87.18 67.67 -44.35
N HIS D 769 88.50 67.95 -44.33
CA HIS D 769 89.13 68.40 -43.12
C HIS D 769 89.15 69.90 -43.16
N LEU D 770 88.45 70.54 -42.20
CA LEU D 770 88.49 71.97 -42.11
C LEU D 770 89.52 72.28 -41.08
N TYR D 771 90.60 72.98 -41.48
CA TYR D 771 91.60 73.28 -40.50
C TYR D 771 91.77 74.76 -40.41
N LYS D 772 92.01 75.24 -39.18
CA LYS D 772 92.27 76.64 -38.98
C LYS D 772 93.68 76.75 -38.53
N CYS D 773 94.36 77.14 -39.77
CA CYS D 773 95.67 77.43 -39.26
C CYS D 773 95.49 77.64 -37.80
N ALA D 774 96.46 77.08 -37.06
CA ALA D 774 96.40 76.64 -35.69
C ALA D 774 95.46 77.31 -34.75
N ALA D 775 94.37 76.58 -34.47
CA ALA D 775 93.54 76.75 -33.33
C ALA D 775 94.26 76.01 -32.24
N GLN D 776 94.92 74.90 -32.66
CA GLN D 776 95.69 73.96 -31.88
C GLN D 776 97.09 74.38 -31.53
N ARG D 777 97.81 75.12 -32.39
CA ARG D 777 99.21 75.30 -32.12
C ARG D 777 99.59 76.74 -31.92
N GLU D 778 99.95 77.03 -30.66
CA GLU D 778 100.39 78.28 -30.11
C GLU D 778 101.85 78.52 -30.37
N SER D 779 102.60 77.47 -30.75
CA SER D 779 104.03 77.65 -30.84
C SER D 779 104.54 77.24 -32.19
N CYS D 780 105.62 77.93 -32.62
CA CYS D 780 106.25 77.80 -33.89
C CYS D 780 106.63 76.37 -34.14
N GLY D 781 107.14 75.67 -33.12
CA GLY D 781 107.59 74.31 -33.26
C GLY D 781 106.47 73.40 -33.64
N LEU D 782 105.24 73.64 -33.12
CA LEU D 782 104.14 72.78 -33.46
C LEU D 782 103.68 72.92 -34.88
N CYS D 783 103.71 74.14 -35.46
CA CYS D 783 103.23 74.35 -36.81
C CYS D 783 104.07 73.66 -37.83
N LEU D 784 105.39 73.86 -37.73
CA LEU D 784 106.33 73.31 -38.67
C LEU D 784 106.30 71.82 -38.51
N LYS D 785 105.89 71.36 -37.32
CA LYS D 785 105.76 69.97 -37.03
C LYS D 785 104.69 69.35 -37.90
N ALA D 786 103.58 70.07 -38.12
CA ALA D 786 102.42 69.60 -38.85
C ALA D 786 102.76 69.39 -40.30
N ASP D 787 101.77 68.87 -41.06
CA ASP D 787 101.92 68.49 -42.44
C ASP D 787 102.39 69.64 -43.28
N HIS D 788 103.25 69.29 -44.25
CA HIS D 788 103.75 70.18 -45.25
C HIS D 788 102.61 70.48 -46.18
N LYS D 789 101.65 69.54 -46.25
CA LYS D 789 100.52 69.62 -47.15
C LYS D 789 99.69 70.83 -46.85
N PHE D 790 99.43 71.10 -45.56
CA PHE D 790 98.54 72.15 -45.15
C PHE D 790 99.06 73.47 -45.66
N GLU D 791 100.39 73.61 -45.74
CA GLU D 791 101.05 74.80 -46.18
C GLU D 791 100.94 75.81 -45.09
N CYS D 792 100.42 75.39 -43.93
CA CYS D 792 100.30 76.28 -42.82
C CYS D 792 101.69 76.49 -42.28
N GLY D 793 102.02 77.73 -41.87
CA GLY D 793 103.35 78.02 -41.38
C GLY D 793 103.30 79.12 -40.37
N TRP D 794 104.40 79.28 -39.59
CA TRP D 794 104.51 80.25 -38.53
C TRP D 794 104.87 81.61 -39.05
N CYS D 795 104.16 82.67 -38.58
CA CYS D 795 104.43 84.02 -39.02
C CYS D 795 104.92 84.83 -37.84
N SER D 796 106.17 85.30 -37.89
CA SER D 796 106.85 85.91 -36.78
C SER D 796 106.13 87.09 -36.20
N GLY D 797 105.76 88.10 -37.03
CA GLY D 797 105.26 89.33 -36.47
C GLY D 797 104.02 89.12 -35.66
N GLU D 798 103.07 88.30 -36.17
CA GLU D 798 101.83 88.09 -35.48
C GLU D 798 102.08 87.35 -34.20
N ARG D 799 103.12 86.49 -34.18
CA ARG D 799 103.34 85.61 -33.07
C ARG D 799 102.27 84.57 -33.15
N ARG D 800 101.74 84.36 -34.38
CA ARG D 800 100.70 83.41 -34.64
C ARG D 800 101.10 82.65 -35.86
N CYS D 801 100.24 81.72 -36.32
CA CYS D 801 100.63 80.83 -37.38
C CYS D 801 99.52 80.71 -38.40
N THR D 802 99.81 81.11 -39.66
CA THR D 802 98.86 80.99 -40.73
C THR D 802 99.60 80.95 -42.04
N LEU D 803 98.86 80.75 -43.15
CA LEU D 803 99.40 80.61 -44.47
C LEU D 803 100.00 81.91 -44.90
N HIS D 804 100.75 81.86 -46.02
CA HIS D 804 101.40 83.00 -46.58
C HIS D 804 100.32 83.97 -46.94
N GLN D 805 99.20 83.47 -47.47
CA GLN D 805 98.14 84.32 -47.90
C GLN D 805 97.64 85.13 -46.74
N HIS D 806 97.52 84.49 -45.58
CA HIS D 806 96.99 85.06 -44.37
C HIS D 806 97.93 86.01 -43.68
N CYS D 807 99.25 85.96 -43.94
CA CYS D 807 100.09 86.85 -43.18
C CYS D 807 100.84 87.78 -44.10
N PRO D 808 100.76 89.06 -43.80
CA PRO D 808 101.36 90.13 -44.57
C PRO D 808 102.85 90.03 -44.63
N SER D 809 103.47 90.43 -45.77
CA SER D 809 104.89 90.30 -45.84
C SER D 809 105.50 91.65 -45.65
N THR D 810 105.90 91.94 -44.40
CA THR D 810 106.63 93.15 -44.16
C THR D 810 107.92 92.91 -44.86
N SER D 811 108.40 91.65 -44.73
CA SER D 811 109.62 91.23 -45.35
C SER D 811 109.38 89.85 -45.89
N SER D 812 110.37 89.31 -46.62
CA SER D 812 110.33 87.98 -47.15
C SER D 812 110.32 86.92 -46.05
N PRO D 813 110.64 87.17 -44.79
CA PRO D 813 110.67 86.07 -43.83
C PRO D 813 109.59 85.12 -43.27
N TRP D 814 108.21 85.22 -43.38
CA TRP D 814 107.23 84.26 -42.84
C TRP D 814 107.83 82.90 -42.98
N LEU D 815 107.84 82.12 -41.88
CA LEU D 815 108.67 80.95 -41.92
C LEU D 815 107.92 79.66 -41.96
N ASP D 816 108.40 78.76 -42.85
CA ASP D 816 107.89 77.43 -42.98
C ASP D 816 109.05 76.50 -42.96
N TRP D 817 108.88 75.34 -42.31
CA TRP D 817 109.95 74.38 -42.27
C TRP D 817 110.12 73.86 -43.66
N SER D 818 111.23 74.21 -44.33
CA SER D 818 111.39 73.79 -45.69
C SER D 818 111.38 72.28 -45.70
N SER D 819 112.53 71.68 -45.34
CA SER D 819 112.60 70.26 -45.18
C SER D 819 112.36 69.94 -43.74
N HIS D 820 112.76 70.90 -42.87
CA HIS D 820 112.75 70.78 -41.45
C HIS D 820 113.98 71.53 -41.02
N ASN D 821 114.69 72.10 -42.00
CA ASN D 821 115.89 72.80 -41.66
C ASN D 821 115.53 74.18 -41.26
N VAL D 822 114.61 74.29 -40.27
CA VAL D 822 114.23 75.58 -39.81
C VAL D 822 114.31 75.62 -38.32
N LYS D 823 115.23 76.43 -37.78
CA LYS D 823 115.36 76.55 -36.36
C LYS D 823 114.20 77.35 -35.89
N CYS D 824 113.73 77.08 -34.66
CA CYS D 824 112.54 77.70 -34.15
C CYS D 824 112.90 78.48 -32.91
N SER D 825 112.50 83.41 -30.27
CA SER D 825 112.87 84.46 -29.35
C SER D 825 112.09 84.45 -28.06
N ASN D 826 112.65 85.18 -27.07
CA ASN D 826 112.12 85.50 -25.78
C ASN D 826 111.60 84.31 -25.01
N PRO D 827 112.39 83.29 -24.80
CA PRO D 827 111.97 82.13 -24.03
C PRO D 827 111.57 82.54 -22.64
N GLN D 828 110.52 81.90 -22.06
CA GLN D 828 110.10 82.25 -20.74
C GLN D 828 109.83 80.98 -19.96
N ILE D 829 110.02 81.04 -18.62
CA ILE D 829 109.78 79.87 -17.80
C ILE D 829 108.61 80.18 -16.91
N THR D 830 107.53 79.37 -17.03
CA THR D 830 106.39 79.51 -16.18
C THR D 830 106.63 78.98 -14.79
N GLU D 831 107.03 77.69 -14.68
CA GLU D 831 107.15 77.06 -13.39
C GLU D 831 107.97 75.82 -13.52
N ILE D 832 108.64 75.40 -12.43
CA ILE D 832 109.44 74.20 -12.46
C ILE D 832 109.15 73.36 -11.25
N LEU D 833 109.15 72.01 -11.45
CA LEU D 833 108.91 71.03 -10.42
C LEU D 833 110.21 70.75 -9.74
N THR D 834 110.12 70.11 -8.55
CA THR D 834 111.17 69.97 -7.59
C THR D 834 111.71 71.34 -7.34
N VAL D 835 111.03 72.07 -6.42
CA VAL D 835 111.43 73.38 -6.00
C VAL D 835 112.73 73.28 -5.27
N SER D 836 112.88 72.22 -4.45
CA SER D 836 114.09 72.04 -3.67
C SER D 836 114.78 70.81 -4.15
N GLY D 837 116.06 70.64 -3.77
CA GLY D 837 116.81 69.48 -4.17
C GLY D 837 117.99 69.30 -3.25
N PRO D 838 118.60 68.14 -3.33
CA PRO D 838 119.76 67.85 -2.51
C PRO D 838 121.00 68.45 -3.10
N PRO D 839 121.96 68.80 -2.27
CA PRO D 839 123.20 69.40 -2.70
C PRO D 839 123.96 68.45 -3.56
N GLU D 840 123.84 67.13 -3.32
CA GLU D 840 124.60 66.16 -4.05
C GLU D 840 124.19 66.16 -5.49
N GLY D 841 122.93 66.50 -5.79
CA GLY D 841 122.49 66.53 -7.16
C GLY D 841 121.84 65.22 -7.50
N GLY D 842 121.59 65.00 -8.82
CA GLY D 842 120.98 63.80 -9.33
C GLY D 842 119.51 64.04 -9.50
N THR D 843 119.02 65.21 -9.06
CA THR D 843 117.61 65.50 -9.10
C THR D 843 117.15 65.66 -10.51
N ARG D 844 115.88 65.29 -10.76
CA ARG D 844 115.35 65.46 -12.08
C ARG D 844 114.48 66.68 -12.01
N VAL D 845 114.92 67.77 -12.65
CA VAL D 845 114.21 69.02 -12.65
C VAL D 845 113.26 69.02 -13.80
N THR D 846 111.99 69.43 -13.56
CA THR D 846 111.04 69.47 -14.63
C THR D 846 110.69 70.90 -14.91
N ILE D 847 111.19 71.44 -16.04
CA ILE D 847 111.01 72.84 -16.35
C ILE D 847 109.94 72.99 -17.41
N HIS D 848 108.93 73.86 -17.16
CA HIS D 848 107.89 74.07 -18.13
C HIS D 848 107.91 75.52 -18.55
N GLY D 849 108.00 75.79 -19.88
CA GLY D 849 108.08 77.14 -20.40
C GLY D 849 107.21 77.26 -21.62
N VAL D 850 107.12 78.49 -22.21
CA VAL D 850 106.38 78.80 -23.42
C VAL D 850 107.12 78.76 -24.75
N ASN D 851 108.28 79.45 -24.84
CA ASN D 851 108.94 79.63 -26.13
C ASN D 851 110.34 79.13 -26.08
N LEU D 852 110.53 77.81 -26.16
CA LEU D 852 111.84 77.22 -26.06
C LEU D 852 112.31 76.81 -27.43
N GLY D 853 113.43 76.06 -27.49
CA GLY D 853 114.00 75.61 -28.73
C GLY D 853 113.21 74.46 -29.29
N LEU D 854 113.26 74.33 -30.64
CA LEU D 854 112.62 73.31 -31.41
C LEU D 854 113.32 71.97 -31.37
N ASP D 855 114.67 71.96 -31.24
CA ASP D 855 115.43 70.74 -31.26
C ASP D 855 116.00 70.48 -29.89
N PHE D 856 116.28 69.20 -29.58
CA PHE D 856 116.88 68.81 -28.34
C PHE D 856 118.32 69.25 -28.28
N SER D 857 119.05 69.09 -29.40
CA SER D 857 120.47 69.30 -29.42
C SER D 857 120.83 70.70 -29.02
N GLU D 858 119.95 71.68 -29.26
CA GLU D 858 120.20 73.05 -28.89
C GLU D 858 120.06 73.27 -27.40
N ILE D 859 118.99 72.69 -26.81
CA ILE D 859 118.69 72.84 -25.41
C ILE D 859 119.74 72.15 -24.62
N ALA D 860 120.25 71.01 -25.10
CA ALA D 860 121.27 70.36 -24.34
C ALA D 860 122.42 71.33 -24.21
N HIS D 861 123.01 71.36 -23.00
CA HIS D 861 124.07 72.23 -22.56
C HIS D 861 123.55 73.63 -22.34
N HIS D 862 122.25 73.87 -22.60
CA HIS D 862 121.62 75.16 -22.38
C HIS D 862 121.36 75.37 -20.93
N VAL D 863 120.88 74.29 -20.29
CA VAL D 863 120.29 74.33 -18.98
C VAL D 863 121.34 74.49 -17.92
N GLN D 864 121.07 75.38 -16.95
CA GLN D 864 121.97 75.55 -15.85
C GLN D 864 121.17 76.01 -14.65
N VAL D 865 121.54 75.54 -13.44
CA VAL D 865 120.88 76.04 -12.27
C VAL D 865 121.88 76.90 -11.60
N ALA D 866 121.85 78.23 -11.87
CA ALA D 866 122.90 79.03 -11.32
C ALA D 866 124.11 78.56 -12.05
N GLY D 867 125.23 78.37 -11.34
CA GLY D 867 126.44 77.88 -11.91
C GLY D 867 126.35 76.42 -12.33
N VAL D 868 125.57 75.60 -11.58
CA VAL D 868 125.59 74.16 -11.70
C VAL D 868 125.10 73.69 -13.04
N PRO D 869 125.90 72.86 -13.67
CA PRO D 869 125.53 72.31 -14.94
C PRO D 869 124.44 71.30 -14.83
N CYS D 870 123.47 71.31 -15.77
CA CYS D 870 122.37 70.40 -15.70
C CYS D 870 122.26 69.73 -17.04
N THR D 871 122.09 68.38 -17.06
CA THR D 871 122.03 67.67 -18.30
C THR D 871 120.62 67.20 -18.56
N PRO D 872 120.10 67.62 -19.69
CA PRO D 872 118.73 67.30 -20.06
C PRO D 872 118.55 65.90 -20.57
N ILE D 873 117.30 65.37 -20.50
CA ILE D 873 117.03 64.03 -20.95
C ILE D 873 116.18 64.09 -22.19
N PRO D 874 116.58 63.35 -23.19
CA PRO D 874 115.89 63.34 -24.45
C PRO D 874 114.46 62.88 -24.51
N GLY D 875 114.14 61.70 -23.93
CA GLY D 875 112.82 61.15 -24.06
C GLY D 875 111.80 62.01 -23.39
N GLU D 876 112.16 62.51 -22.21
CA GLU D 876 111.33 63.28 -21.32
C GLU D 876 111.09 64.67 -21.84
N TYR D 877 111.85 65.11 -22.84
CA TYR D 877 111.80 66.46 -23.34
C TYR D 877 110.73 66.62 -24.39
N ILE D 878 109.79 67.56 -24.13
CA ILE D 878 108.71 67.88 -25.02
C ILE D 878 109.04 69.23 -25.60
N ILE D 879 109.16 69.30 -26.94
CA ILE D 879 109.64 70.45 -27.66
C ILE D 879 108.89 71.72 -27.35
N ALA D 880 109.68 72.73 -26.94
CA ALA D 880 109.31 74.10 -26.66
C ALA D 880 108.31 74.22 -25.56
N GLU D 881 107.74 73.10 -25.05
CA GLU D 881 106.89 73.16 -23.90
C GLU D 881 107.59 72.85 -22.61
N GLN D 882 108.43 71.80 -22.59
CA GLN D 882 108.94 71.31 -21.32
C GLN D 882 110.28 70.65 -21.47
N ILE D 883 111.15 70.82 -20.45
CA ILE D 883 112.46 70.22 -20.45
C ILE D 883 112.64 69.49 -19.15
N VAL D 884 113.06 68.21 -19.22
CA VAL D 884 113.36 67.49 -18.02
C VAL D 884 114.84 67.40 -17.98
N CYS D 885 115.45 67.80 -16.83
CA CYS D 885 116.89 67.87 -16.80
C CYS D 885 117.40 67.30 -15.51
N GLU D 886 118.64 66.73 -15.56
CA GLU D 886 119.23 66.11 -14.40
C GLU D 886 120.35 66.99 -13.91
N MET D 887 120.26 67.45 -12.63
CA MET D 887 121.23 68.34 -12.06
C MET D 887 122.46 67.58 -11.63
N GLY D 888 123.63 68.24 -11.71
CA GLY D 888 124.91 67.66 -11.37
C GLY D 888 125.27 67.97 -9.94
N HIS D 889 126.54 67.69 -9.56
CA HIS D 889 127.02 67.85 -8.21
C HIS D 889 127.10 69.31 -7.83
N ALA D 890 126.22 69.68 -6.89
CA ALA D 890 125.95 70.96 -6.29
C ALA D 890 126.82 71.49 -5.19
N VAL D 891 127.70 70.72 -4.52
CA VAL D 891 128.41 71.38 -3.43
C VAL D 891 129.16 72.58 -4.02
N ILE D 892 128.59 73.81 -3.87
CA ILE D 892 128.94 75.10 -4.40
C ILE D 892 128.64 76.08 -3.29
N GLY D 893 129.05 77.35 -3.46
CA GLY D 893 128.89 78.35 -2.43
C GLY D 893 127.45 78.71 -2.14
N THR D 894 126.61 78.87 -3.18
CA THR D 894 125.29 79.41 -2.96
C THR D 894 124.32 78.37 -2.47
N THR D 895 123.37 78.83 -1.62
CA THR D 895 122.29 78.04 -1.10
C THR D 895 121.23 77.83 -2.14
N SER D 896 120.89 78.91 -2.89
CA SER D 896 119.86 78.78 -3.88
C SER D 896 120.24 79.58 -5.08
N GLY D 897 119.71 79.23 -6.27
CA GLY D 897 120.06 79.93 -7.47
C GLY D 897 118.94 79.82 -8.46
N PRO D 898 118.87 80.78 -9.34
CA PRO D 898 117.85 80.78 -10.37
C PRO D 898 118.19 79.85 -11.48
N VAL D 899 117.19 79.43 -12.26
CA VAL D 899 117.38 78.48 -13.34
C VAL D 899 117.48 79.24 -14.62
N ARG D 900 118.43 78.82 -15.50
CA ARG D 900 118.66 79.50 -16.73
C ARG D 900 118.59 78.54 -17.88
N LEU D 901 117.97 79.00 -18.99
CA LEU D 901 117.79 78.29 -20.22
C LEU D 901 118.39 79.14 -21.29
N CYS D 902 119.30 78.54 -22.08
CA CYS D 902 119.97 79.21 -23.15
C CYS D 902 119.55 78.47 -24.39
N ILE D 903 118.75 79.06 -25.30
CA ILE D 903 118.13 78.31 -26.38
C ILE D 903 119.13 77.55 -27.19
N GLY D 904 120.33 78.10 -27.39
CA GLY D 904 121.33 77.46 -28.19
C GLY D 904 122.53 78.32 -28.05
N GLU D 905 122.35 79.65 -28.09
CA GLU D 905 123.42 80.56 -27.82
C GLU D 905 122.92 81.39 -26.69
N CYS D 906 123.83 81.79 -25.76
CA CYS D 906 123.33 82.51 -24.64
C CYS D 906 123.29 83.95 -25.00
N LYS D 907 122.42 84.29 -25.96
CA LYS D 907 122.30 85.65 -26.40
C LYS D 907 121.42 86.38 -25.42
N PRO D 908 121.55 87.68 -25.39
CA PRO D 908 120.79 88.47 -24.47
C PRO D 908 119.30 88.40 -24.65
N GLU D 909 118.81 88.26 -25.90
CA GLU D 909 117.41 88.12 -26.18
C GLU D 909 116.94 86.72 -25.88
N PHE D 910 117.85 85.75 -26.12
CA PHE D 910 117.73 84.32 -26.12
C PHE D 910 117.74 83.64 -24.78
N MET D 911 117.84 84.35 -23.64
CA MET D 911 117.93 83.62 -22.38
C MET D 911 116.68 83.79 -21.54
N THR D 912 116.37 82.77 -20.70
CA THR D 912 115.24 82.83 -19.83
C THR D 912 115.71 82.54 -18.42
N LYS D 913 115.11 83.23 -17.43
CA LYS D 913 115.46 83.07 -16.04
C LYS D 913 114.21 82.74 -15.29
N SER D 914 114.30 81.84 -14.30
CA SER D 914 113.14 81.39 -13.58
C SER D 914 112.63 82.47 -12.67
N HIS D 915 111.29 82.57 -12.54
CA HIS D 915 110.65 83.57 -11.74
C HIS D 915 111.00 83.38 -10.29
N GLN D 916 110.96 82.11 -9.83
CA GLN D 916 111.31 81.77 -8.47
C GLN D 916 112.53 80.92 -8.57
N GLN D 917 113.36 80.87 -7.52
CA GLN D 917 114.63 80.19 -7.60
C GLN D 917 114.58 78.85 -6.92
N TYR D 918 115.46 77.95 -7.40
CA TYR D 918 115.63 76.58 -6.98
C TYR D 918 116.45 76.59 -5.73
N THR D 919 116.05 75.80 -4.70
CA THR D 919 116.76 75.86 -3.44
C THR D 919 117.47 74.56 -3.19
N PHE D 920 118.71 74.66 -2.69
CA PHE D 920 119.51 73.49 -2.39
C PHE D 920 119.49 73.32 -0.90
N VAL D 921 119.37 72.06 -0.43
CA VAL D 921 119.36 71.82 0.98
C VAL D 921 119.99 70.48 1.22
N ASN D 922 119.85 69.36 2.43
CA ASN D 922 120.36 68.06 2.79
C ASN D 922 119.36 67.49 3.76
N PRO D 923 118.63 66.50 3.32
CA PRO D 923 117.60 65.91 4.13
C PRO D 923 118.16 65.13 5.27
N SER D 924 117.43 65.06 6.40
CA SER D 924 117.90 64.34 7.54
C SER D 924 116.73 63.66 8.20
N VAL D 925 116.98 62.55 8.94
CA VAL D 925 115.93 61.83 9.61
C VAL D 925 116.34 61.55 11.04
N LEU D 926 115.48 61.94 12.00
CA LEU D 926 115.60 61.75 13.42
C LEU D 926 115.10 60.45 13.98
N SER D 927 113.90 59.99 13.56
CA SER D 927 113.32 58.87 14.27
C SER D 927 112.34 58.12 13.43
N LEU D 928 111.97 56.90 13.90
CA LEU D 928 111.02 56.05 13.24
C LEU D 928 109.90 55.75 14.18
N SER D 929 108.65 55.79 13.65
CA SER D 929 107.46 55.60 14.43
C SER D 929 107.43 54.23 15.01
N PRO D 930 107.44 53.15 14.29
CA PRO D 930 107.65 51.95 15.02
C PRO D 930 109.13 51.71 14.98
N ILE D 931 109.77 51.49 16.14
CA ILE D 931 111.16 51.15 16.24
C ILE D 931 111.30 49.69 15.88
N ARG D 932 110.31 48.88 16.29
CA ARG D 932 110.39 47.46 16.16
C ARG D 932 109.29 46.94 15.28
N GLY D 933 109.49 45.69 14.77
CA GLY D 933 108.52 45.04 13.92
C GLY D 933 108.92 43.61 13.67
N PRO D 934 107.93 42.82 13.31
CA PRO D 934 108.06 41.40 13.07
C PRO D 934 108.99 41.07 11.93
N GLU D 935 109.59 39.86 11.96
CA GLU D 935 110.56 39.40 11.01
C GLU D 935 109.96 39.32 9.64
N SER D 936 108.67 38.93 9.56
CA SER D 936 108.01 38.78 8.29
C SER D 936 107.93 40.11 7.61
N GLY D 937 107.86 41.21 8.40
CA GLY D 937 107.83 42.53 7.83
C GLY D 937 106.41 42.98 7.65
N GLY D 938 106.20 43.94 6.71
CA GLY D 938 104.89 44.46 6.41
C GLY D 938 104.48 45.48 7.42
N THR D 939 105.46 46.22 7.97
CA THR D 939 105.14 47.16 9.01
C THR D 939 105.13 48.55 8.43
N MET D 940 104.14 49.38 8.82
CA MET D 940 104.05 50.71 8.27
C MET D 940 104.97 51.59 9.07
N VAL D 941 106.10 51.97 8.45
CA VAL D 941 107.09 52.76 9.13
C VAL D 941 106.86 54.22 8.84
N THR D 942 107.09 55.07 9.87
CA THR D 942 106.96 56.48 9.67
C THR D 942 108.25 57.14 10.06
N ILE D 943 109.07 57.50 9.06
CA ILE D 943 110.32 58.13 9.38
C ILE D 943 110.15 59.61 9.33
N THR D 944 110.51 60.27 10.44
CA THR D 944 110.36 61.69 10.57
C THR D 944 111.68 62.34 10.36
N GLY D 945 111.67 63.56 9.80
CA GLY D 945 112.91 64.24 9.55
C GLY D 945 112.63 65.58 8.93
N HIS D 946 113.62 66.07 8.14
CA HIS D 946 113.52 67.37 7.54
C HIS D 946 113.93 67.23 6.10
N TYR D 947 113.27 68.00 5.20
CA TYR D 947 113.61 68.06 3.80
C TYR D 947 113.48 66.71 3.14
N LEU D 948 112.56 65.86 3.62
CA LEU D 948 112.39 64.52 3.15
C LEU D 948 111.89 64.45 1.72
N GLY D 949 111.14 65.49 1.28
CA GLY D 949 110.49 65.64 -0.01
C GLY D 949 111.43 65.82 -1.17
N ALA D 950 112.69 66.24 -0.93
CA ALA D 950 113.59 66.66 -1.97
C ALA D 950 113.89 65.63 -3.02
N GLY D 951 114.28 66.15 -4.22
CA GLY D 951 114.81 65.38 -5.31
C GLY D 951 113.76 64.59 -6.04
N SER D 952 114.24 63.72 -6.96
CA SER D 952 113.43 62.82 -7.73
C SER D 952 113.09 61.53 -7.02
N SER D 953 114.05 60.59 -7.03
CA SER D 953 113.82 59.25 -6.55
C SER D 953 114.15 59.10 -5.11
N VAL D 954 113.53 58.09 -4.46
CA VAL D 954 113.79 57.79 -3.07
C VAL D 954 113.89 56.30 -2.97
N ALA D 955 114.82 55.81 -2.11
CA ALA D 955 114.94 54.40 -1.86
C ALA D 955 115.17 54.25 -0.39
N VAL D 956 114.39 53.36 0.25
CA VAL D 956 114.51 53.21 1.67
C VAL D 956 115.06 51.87 1.92
N TYR D 957 116.04 51.88 2.83
CA TYR D 957 116.84 50.74 2.96
C TYR D 957 116.82 50.24 4.47
N LEU D 958 116.32 48.99 4.79
CA LEU D 958 116.53 48.39 6.12
C LEU D 958 117.20 47.01 6.10
N GLY D 959 118.56 46.89 6.27
CA GLY D 959 119.36 45.65 6.27
C GLY D 959 119.69 44.98 4.92
N ASN D 960 120.11 45.74 3.88
CA ASN D 960 120.34 45.53 2.45
C ASN D 960 119.10 45.36 1.51
N GLN D 961 117.99 44.64 1.92
CA GLN D 961 116.68 44.52 1.27
C GLN D 961 115.74 45.74 1.41
N THR D 962 115.23 46.25 0.27
CA THR D 962 114.52 47.50 0.16
C THR D 962 113.11 47.50 0.73
N CYS D 963 112.67 48.72 1.18
CA CYS D 963 111.37 48.98 1.74
C CYS D 963 110.44 49.38 0.63
N GLU D 964 109.13 49.04 0.75
CA GLU D 964 108.18 49.39 -0.28
C GLU D 964 107.67 50.76 0.03
N PHE D 965 107.90 51.70 -0.90
CA PHE D 965 107.58 53.09 -0.75
C PHE D 965 106.11 53.33 -0.94
N TYR D 966 105.58 54.36 -0.25
CA TYR D 966 104.19 54.68 -0.29
C TYR D 966 104.10 56.14 -0.66
N GLY D 967 104.17 57.04 0.35
CA GLY D 967 104.06 58.45 0.09
C GLY D 967 105.18 59.19 0.77
N ARG D 968 105.47 60.42 0.28
CA ARG D 968 106.57 61.20 0.79
C ARG D 968 106.08 62.57 1.16
N SER D 969 106.70 63.19 2.18
CA SER D 969 106.32 64.49 2.63
C SER D 969 107.55 65.22 3.07
N MET D 970 107.42 66.54 3.35
CA MET D 970 108.58 67.24 3.80
C MET D 970 109.00 66.66 5.12
N ASN D 971 108.01 66.44 6.02
CA ASN D 971 108.19 65.92 7.34
C ASN D 971 108.38 64.44 7.41
N GLU D 972 107.68 63.63 6.57
CA GLU D 972 107.82 62.23 6.83
C GLU D 972 107.80 61.41 5.58
N ILE D 973 108.34 60.18 5.69
CA ILE D 973 108.32 59.23 4.63
C ILE D 973 107.67 57.99 5.19
N VAL D 974 106.70 57.43 4.45
CA VAL D 974 106.05 56.24 4.94
C VAL D 974 106.27 55.13 3.97
N CYS D 975 106.78 53.98 4.46
CA CYS D 975 107.00 52.85 3.60
C CYS D 975 106.69 51.59 4.35
N VAL D 976 106.60 50.44 3.64
CA VAL D 976 106.26 49.18 4.24
C VAL D 976 107.50 48.32 4.26
N SER D 977 107.83 47.76 5.44
CA SER D 977 109.06 47.03 5.65
C SER D 977 109.06 45.69 4.96
N PRO D 978 110.24 45.32 4.53
CA PRO D 978 110.50 44.05 3.90
C PRO D 978 110.72 43.01 4.94
N PRO D 979 110.68 41.76 4.57
CA PRO D 979 110.95 40.76 5.56
C PRO D 979 112.37 40.79 5.97
N SER D 980 112.64 40.61 7.27
CA SER D 980 114.02 40.57 7.61
C SER D 980 114.42 39.25 7.08
N SER D 981 115.21 39.27 6.00
CA SER D 981 115.76 38.08 5.43
C SER D 981 116.81 37.69 6.41
N ASN D 982 117.12 38.64 7.30
CA ASN D 982 118.14 38.51 8.26
C ASN D 982 117.57 37.85 9.45
N GLY D 983 118.22 38.11 10.59
CA GLY D 983 117.80 37.54 11.82
C GLY D 983 117.26 38.66 12.63
N LEU D 984 116.62 38.33 13.76
CA LEU D 984 116.01 39.31 14.59
C LEU D 984 117.11 40.16 15.15
N GLY D 985 116.84 41.47 15.31
CA GLY D 985 117.85 42.29 15.89
C GLY D 985 117.87 43.61 15.20
N PRO D 986 118.87 44.36 15.57
CA PRO D 986 119.04 45.69 15.04
C PRO D 986 119.40 45.69 13.60
N VAL D 987 118.92 46.69 12.82
CA VAL D 987 119.21 46.74 11.42
C VAL D 987 119.41 48.17 11.01
N PRO D 988 120.29 48.41 10.08
CA PRO D 988 120.55 49.75 9.63
C PRO D 988 119.51 50.27 8.68
N VAL D 989 119.26 51.61 8.70
CA VAL D 989 118.33 52.19 7.78
C VAL D 989 119.08 53.13 6.90
N SER D 990 119.08 52.85 5.58
CA SER D 990 119.78 53.72 4.68
C SER D 990 118.76 54.35 3.78
N VAL D 991 118.80 55.68 3.63
CA VAL D 991 117.89 56.26 2.69
C VAL D 991 118.71 57.00 1.68
N SER D 992 118.44 56.74 0.38
CA SER D 992 119.22 57.41 -0.61
C SER D 992 118.31 58.16 -1.53
N VAL D 993 118.56 59.48 -1.67
CA VAL D 993 117.79 60.26 -2.60
C VAL D 993 118.75 60.71 -3.66
N ASP D 994 118.53 60.24 -4.90
CA ASP D 994 119.41 60.60 -5.96
C ASP D 994 120.81 60.21 -5.56
N ARG D 995 121.75 61.14 -5.73
CA ARG D 995 123.15 60.99 -5.44
C ARG D 995 123.45 61.00 -3.96
N ALA D 996 122.54 61.54 -3.11
CA ALA D 996 122.84 61.66 -1.71
C ALA D 996 122.39 60.45 -0.95
N ARG D 997 123.26 59.94 -0.06
CA ARG D 997 122.96 58.80 0.77
C ARG D 997 123.12 59.23 2.20
N VAL D 998 122.01 59.27 2.97
CA VAL D 998 122.15 59.72 4.33
C VAL D 998 121.91 58.58 5.28
N ASP D 999 122.70 58.53 6.38
CA ASP D 999 122.62 57.46 7.34
C ASP D 999 122.44 58.04 8.72
N SER D 1000 122.07 57.19 9.71
CA SER D 1000 121.89 57.71 11.05
C SER D 1000 121.88 56.60 12.07
N SER D 1001 122.09 57.01 13.35
CA SER D 1001 122.18 56.19 14.54
C SER D 1001 120.85 55.58 14.87
N LEU D 1002 119.72 56.11 14.34
CA LEU D 1002 118.49 55.47 14.71
C LEU D 1002 118.44 54.15 13.99
N GLN D 1003 118.03 53.08 14.70
CA GLN D 1003 118.08 51.77 14.12
C GLN D 1003 116.72 51.13 14.22
N PHE D 1004 116.54 49.98 13.53
CA PHE D 1004 115.27 49.29 13.50
C PHE D 1004 115.49 47.91 14.06
N GLU D 1005 114.63 47.47 15.00
CA GLU D 1005 114.84 46.18 15.61
C GLU D 1005 113.81 45.20 15.14
N TYR D 1006 114.28 44.07 14.56
CA TYR D 1006 113.40 43.02 14.10
C TYR D 1006 113.09 42.11 15.25
N ILE D 1007 111.80 41.72 15.38
CA ILE D 1007 111.35 40.93 16.49
C ILE D 1007 110.81 39.61 15.98
N ASP D 1008 110.83 38.57 16.84
CA ASP D 1008 110.35 37.27 16.50
C ASP D 1008 108.88 37.35 16.27
#